data_2JX9
#
_entry.id   2JX9
#
loop_
_entity.id
_entity.type
_entity.pdbx_description
1 polymer 'Latrophilin 1'
2 non-polymer 2-acetamido-2-deoxy-beta-D-glucopyranose
#
_entity_poly.entity_id   1
_entity_poly.type   'polypeptide(L)'
_entity_poly.pdbx_seq_one_letter_code
;GLPFGLMRRELACEGYPIELRCPGSDVIMVENANYGRTDDKICDADPFQMENVQCYLPDAFKIMSQRCNNRTQCVVVAGS
DAFPDPCPGTYKYLEVQYDCVPYKVE
;
_entity_poly.pdbx_strand_id   A
#
loop_
_chem_comp.id
_chem_comp.type
_chem_comp.name
_chem_comp.formula
NAG D-saccharide, beta linking 2-acetamido-2-deoxy-beta-D-glucopyranose 'C8 H15 N O6'
#
# COMPACT_ATOMS: atom_id res chain seq x y z
N GLY A 1 11.07 14.36 0.05
CA GLY A 1 10.82 15.71 -0.53
C GLY A 1 10.69 15.59 -2.05
N LEU A 2 10.62 16.72 -2.73
CA LEU A 2 10.51 16.71 -4.20
C LEU A 2 9.31 15.89 -4.65
N PRO A 3 8.10 16.39 -4.46
CA PRO A 3 6.85 15.69 -4.86
C PRO A 3 6.90 15.16 -6.29
N PHE A 4 6.09 14.13 -6.57
CA PHE A 4 6.06 13.53 -7.89
C PHE A 4 5.19 14.34 -8.84
N GLY A 5 4.33 15.17 -8.29
CA GLY A 5 3.45 16.00 -9.10
C GLY A 5 2.26 15.17 -9.59
N LEU A 6 2.09 14.00 -8.99
CA LEU A 6 0.98 13.10 -9.35
C LEU A 6 0.68 12.13 -8.20
N MET A 7 0.23 12.67 -7.08
CA MET A 7 -0.08 11.82 -5.93
C MET A 7 1.11 10.97 -5.54
N ARG A 8 1.20 10.65 -4.27
CA ARG A 8 2.27 9.80 -3.78
C ARG A 8 1.81 8.35 -3.82
N ARG A 9 2.73 7.43 -4.04
CA ARG A 9 2.36 6.02 -4.09
C ARG A 9 3.48 5.11 -3.63
N GLU A 10 3.11 4.12 -2.84
CA GLU A 10 4.08 3.16 -2.35
C GLU A 10 3.57 1.76 -2.60
N LEU A 11 4.50 0.86 -2.90
CA LEU A 11 4.16 -0.52 -3.15
C LEU A 11 5.21 -1.40 -2.49
N ALA A 12 4.78 -2.53 -1.92
CA ALA A 12 5.72 -3.41 -1.25
C ALA A 12 5.36 -4.87 -1.47
N CYS A 13 6.40 -5.69 -1.63
CA CYS A 13 6.22 -7.11 -1.87
C CYS A 13 5.61 -7.80 -0.65
N GLU A 14 4.62 -8.65 -0.90
CA GLU A 14 3.96 -9.37 0.18
C GLU A 14 4.96 -9.98 1.14
N GLY A 15 4.68 -9.81 2.44
CA GLY A 15 5.54 -10.37 3.48
C GLY A 15 6.56 -9.39 4.04
N TYR A 16 6.81 -8.28 3.34
CA TYR A 16 7.77 -7.29 3.83
C TYR A 16 7.00 -6.06 4.29
N PRO A 17 7.54 -5.27 5.17
CA PRO A 17 6.84 -4.05 5.68
C PRO A 17 6.91 -2.89 4.68
N ILE A 18 5.93 -1.99 4.75
CA ILE A 18 5.88 -0.85 3.84
C ILE A 18 6.02 0.47 4.64
N GLU A 19 6.59 1.49 4.00
CA GLU A 19 6.80 2.77 4.69
C GLU A 19 6.21 3.96 3.94
N LEU A 20 5.45 4.76 4.67
CA LEU A 20 4.86 5.96 4.12
C LEU A 20 5.34 7.17 4.92
N ARG A 21 5.71 8.25 4.24
CA ARG A 21 6.18 9.45 4.92
C ARG A 21 5.76 10.71 4.16
N CYS A 22 5.25 11.69 4.89
CA CYS A 22 4.84 12.94 4.29
C CYS A 22 5.87 14.03 4.56
N PRO A 23 6.07 14.93 3.64
CA PRO A 23 7.05 16.04 3.80
C PRO A 23 6.61 17.06 4.84
N GLY A 24 7.57 17.76 5.41
CA GLY A 24 7.29 18.81 6.38
C GLY A 24 6.33 18.34 7.47
N SER A 25 5.31 19.17 7.72
CA SER A 25 4.31 18.88 8.75
C SER A 25 3.01 18.38 8.13
N ASP A 26 3.09 17.84 6.92
CA ASP A 26 1.91 17.32 6.28
C ASP A 26 1.59 15.96 6.87
N VAL A 27 0.38 15.49 6.62
CA VAL A 27 -0.03 14.19 7.12
C VAL A 27 -0.52 13.32 5.99
N ILE A 28 -0.27 12.03 6.10
CA ILE A 28 -0.68 11.09 5.07
C ILE A 28 -2.19 10.98 5.02
N MET A 29 -2.73 10.98 3.81
CA MET A 29 -4.16 10.84 3.65
C MET A 29 -4.40 9.78 2.58
N VAL A 30 -4.67 8.58 3.06
CA VAL A 30 -4.88 7.44 2.18
C VAL A 30 -6.10 7.68 1.28
N GLU A 31 -5.88 7.63 -0.03
CA GLU A 31 -6.96 7.83 -1.00
C GLU A 31 -7.45 6.49 -1.49
N ASN A 32 -6.52 5.65 -1.95
CA ASN A 32 -6.88 4.34 -2.44
C ASN A 32 -5.73 3.35 -2.24
N ALA A 33 -6.09 2.08 -2.06
CA ALA A 33 -5.08 1.04 -1.84
C ALA A 33 -5.73 -0.33 -1.96
N ASN A 34 -4.92 -1.33 -2.31
CA ASN A 34 -5.43 -2.68 -2.47
C ASN A 34 -4.36 -3.71 -2.12
N TYR A 35 -4.78 -4.82 -1.55
CA TYR A 35 -3.85 -5.89 -1.19
C TYR A 35 -4.14 -7.12 -2.05
N GLY A 36 -3.17 -7.53 -2.85
CA GLY A 36 -3.40 -8.67 -3.73
C GLY A 36 -2.36 -8.71 -4.84
N ARG A 37 -2.83 -9.05 -6.04
CA ARG A 37 -1.95 -9.13 -7.20
C ARG A 37 -2.70 -8.83 -8.49
N THR A 38 -2.25 -7.79 -9.19
CA THR A 38 -2.89 -7.39 -10.44
C THR A 38 -1.84 -7.28 -11.54
N ASP A 39 -0.62 -7.67 -11.20
CA ASP A 39 0.46 -7.62 -12.15
C ASP A 39 1.43 -8.76 -11.87
N ASP A 40 2.15 -9.20 -12.90
CA ASP A 40 3.12 -10.27 -12.73
C ASP A 40 4.53 -9.72 -12.87
N LYS A 41 4.63 -8.40 -13.03
CA LYS A 41 5.93 -7.75 -13.19
C LYS A 41 6.39 -7.06 -11.93
N ILE A 42 5.64 -7.18 -10.86
CA ILE A 42 6.00 -6.52 -9.61
C ILE A 42 6.43 -7.56 -8.58
N CYS A 43 7.54 -7.32 -7.91
CA CYS A 43 8.02 -8.26 -6.90
C CYS A 43 8.24 -9.63 -7.54
N ASP A 44 9.27 -9.72 -8.38
CA ASP A 44 9.57 -10.96 -9.08
C ASP A 44 9.75 -12.12 -8.09
N ALA A 45 8.91 -13.15 -8.27
CA ALA A 45 8.94 -14.35 -7.42
C ALA A 45 8.74 -15.57 -8.30
N ASP A 46 8.36 -16.71 -7.71
CA ASP A 46 8.15 -17.91 -8.51
C ASP A 46 7.02 -17.67 -9.51
N PRO A 47 7.18 -18.10 -10.73
CA PRO A 47 6.16 -17.90 -11.79
C PRO A 47 4.77 -18.44 -11.41
N PHE A 48 4.74 -19.55 -10.69
CA PHE A 48 3.48 -20.15 -10.29
C PHE A 48 2.70 -19.21 -9.38
N GLN A 49 3.42 -18.45 -8.57
CA GLN A 49 2.78 -17.52 -7.67
C GLN A 49 2.49 -16.21 -8.38
N MET A 50 3.16 -15.98 -9.50
CA MET A 50 2.97 -14.74 -10.25
C MET A 50 2.01 -14.94 -11.43
N GLU A 51 1.51 -16.14 -11.62
CA GLU A 51 0.61 -16.40 -12.73
C GLU A 51 -0.70 -15.61 -12.63
N ASN A 52 -1.34 -15.63 -11.46
CA ASN A 52 -2.61 -14.92 -11.30
C ASN A 52 -2.41 -13.43 -11.13
N VAL A 53 -2.86 -12.65 -12.12
CA VAL A 53 -2.75 -11.21 -12.08
C VAL A 53 -4.11 -10.58 -11.80
N GLN A 54 -4.95 -11.30 -11.05
CA GLN A 54 -6.29 -10.80 -10.73
C GLN A 54 -6.71 -11.16 -9.30
N CYS A 55 -6.28 -10.33 -8.36
CA CYS A 55 -6.63 -10.52 -6.95
C CYS A 55 -6.79 -9.15 -6.30
N TYR A 56 -7.98 -8.85 -5.77
CA TYR A 56 -8.22 -7.55 -5.13
C TYR A 56 -8.78 -7.73 -3.72
N LEU A 57 -8.55 -6.72 -2.89
CA LEU A 57 -9.03 -6.75 -1.52
C LEU A 57 -9.41 -5.34 -1.07
N PRO A 58 -10.64 -4.95 -1.27
CA PRO A 58 -11.12 -3.59 -0.90
C PRO A 58 -10.78 -3.18 0.53
N ASP A 59 -11.03 -4.06 1.50
CA ASP A 59 -10.76 -3.74 2.90
C ASP A 59 -9.31 -3.30 3.12
N ALA A 60 -8.44 -3.69 2.21
CA ALA A 60 -7.04 -3.31 2.34
C ALA A 60 -6.93 -1.79 2.51
N PHE A 61 -7.84 -1.07 1.86
CA PHE A 61 -7.88 0.39 1.93
C PHE A 61 -8.20 0.91 3.32
N LYS A 62 -9.19 0.32 3.97
CA LYS A 62 -9.58 0.78 5.30
C LYS A 62 -8.46 0.55 6.30
N ILE A 63 -7.77 -0.58 6.17
CA ILE A 63 -6.68 -0.89 7.08
C ILE A 63 -5.57 0.15 7.02
N MET A 64 -5.14 0.49 5.81
CA MET A 64 -4.07 1.47 5.65
C MET A 64 -4.52 2.87 6.02
N SER A 65 -5.76 3.19 5.68
CA SER A 65 -6.30 4.49 5.96
C SER A 65 -6.30 4.76 7.46
N GLN A 66 -6.77 3.80 8.23
CA GLN A 66 -6.81 3.95 9.68
C GLN A 66 -5.41 4.04 10.26
N ARG A 67 -4.50 3.29 9.66
CA ARG A 67 -3.12 3.25 10.14
C ARG A 67 -2.27 4.45 9.72
N CYS A 68 -2.53 5.04 8.55
CA CYS A 68 -1.70 6.17 8.09
C CYS A 68 -2.45 7.50 8.03
N ASN A 69 -3.77 7.48 8.10
CA ASN A 69 -4.53 8.73 8.02
C ASN A 69 -4.16 9.69 9.15
N ASN A 70 -3.93 10.95 8.77
CA ASN A 70 -3.59 12.01 9.73
C ASN A 70 -2.23 11.81 10.38
N ARG A 71 -1.40 10.93 9.83
CA ARG A 71 -0.08 10.71 10.39
C ARG A 71 0.99 11.12 9.39
N THR A 72 2.10 11.61 9.93
CA THR A 72 3.20 12.05 9.08
C THR A 72 3.91 10.84 8.46
N GLN A 73 3.95 9.73 9.22
CA GLN A 73 4.57 8.51 8.74
C GLN A 73 3.88 7.29 9.35
N CYS A 74 3.90 6.17 8.62
CA CYS A 74 3.26 4.94 9.11
C CYS A 74 3.94 3.70 8.51
N VAL A 75 3.99 2.63 9.29
CA VAL A 75 4.58 1.38 8.81
C VAL A 75 3.61 0.22 9.03
N VAL A 76 3.39 -0.55 7.97
CA VAL A 76 2.48 -1.68 8.05
C VAL A 76 3.07 -2.91 7.40
N VAL A 77 2.71 -4.07 7.91
CA VAL A 77 3.20 -5.31 7.34
C VAL A 77 2.34 -5.67 6.13
N ALA A 78 2.94 -5.67 4.96
CA ALA A 78 2.22 -5.97 3.73
C ALA A 78 1.87 -7.45 3.66
N GLY A 79 1.49 -8.04 4.78
CA GLY A 79 1.15 -9.44 4.79
C GLY A 79 0.71 -9.88 6.18
N SER A 80 1.35 -10.93 6.67
CA SER A 80 1.05 -11.47 7.99
C SER A 80 -0.40 -11.21 8.39
N ASP A 81 -0.63 -11.23 9.69
CA ASP A 81 -1.97 -11.02 10.25
C ASP A 81 -2.46 -9.59 10.00
N ALA A 82 -1.65 -8.76 9.34
CA ALA A 82 -2.06 -7.39 9.08
C ALA A 82 -2.93 -7.30 7.84
N PHE A 83 -2.99 -8.39 7.08
CA PHE A 83 -3.82 -8.41 5.88
C PHE A 83 -4.46 -9.79 5.69
N PRO A 84 -5.75 -9.86 5.51
CA PRO A 84 -6.44 -11.15 5.28
C PRO A 84 -5.77 -11.95 4.17
N ASP A 85 -6.55 -12.74 3.45
CA ASP A 85 -6.02 -13.55 2.36
C ASP A 85 -7.03 -13.64 1.22
N PRO A 86 -6.89 -12.80 0.23
CA PRO A 86 -7.82 -12.77 -0.92
C PRO A 86 -7.39 -13.73 -2.03
N CYS A 87 -6.18 -14.27 -1.91
CA CYS A 87 -5.67 -15.19 -2.93
C CYS A 87 -4.43 -15.94 -2.44
N PRO A 88 -4.62 -17.08 -1.82
CA PRO A 88 -3.50 -17.90 -1.33
C PRO A 88 -2.80 -18.65 -2.45
N GLY A 89 -1.54 -19.00 -2.22
CA GLY A 89 -0.76 -19.71 -3.22
C GLY A 89 -0.23 -18.77 -4.29
N THR A 90 -0.45 -17.47 -4.12
CA THR A 90 0.02 -16.48 -5.08
C THR A 90 0.84 -15.42 -4.36
N TYR A 91 1.85 -14.87 -5.04
CA TYR A 91 2.68 -13.83 -4.45
C TYR A 91 1.93 -12.51 -4.51
N LYS A 92 1.47 -12.02 -3.37
CA LYS A 92 0.70 -10.78 -3.35
C LYS A 92 1.56 -9.53 -3.24
N TYR A 93 0.88 -8.44 -2.95
CA TYR A 93 1.52 -7.15 -2.73
C TYR A 93 0.53 -6.13 -2.22
N LEU A 94 1.04 -4.95 -1.89
CA LEU A 94 0.20 -3.88 -1.38
C LEU A 94 0.53 -2.58 -2.09
N GLU A 95 -0.49 -1.95 -2.67
CA GLU A 95 -0.29 -0.69 -3.36
C GLU A 95 -1.14 0.37 -2.69
N VAL A 96 -0.53 1.47 -2.27
CA VAL A 96 -1.27 2.51 -1.59
C VAL A 96 -0.99 3.89 -2.19
N GLN A 97 -2.06 4.55 -2.61
CA GLN A 97 -1.94 5.88 -3.18
C GLN A 97 -2.49 6.89 -2.19
N TYR A 98 -1.71 7.94 -1.93
CA TYR A 98 -2.14 8.94 -0.96
C TYR A 98 -1.49 10.29 -1.20
N ASP A 99 -2.06 11.31 -0.57
CA ASP A 99 -1.55 12.67 -0.69
C ASP A 99 -1.13 13.20 0.69
N CYS A 100 -0.23 14.18 0.70
CA CYS A 100 0.22 14.75 1.96
C CYS A 100 -0.35 16.15 2.13
N VAL A 101 -1.10 16.34 3.20
CA VAL A 101 -1.70 17.64 3.46
C VAL A 101 -1.24 18.18 4.82
N PRO A 102 -1.22 19.48 4.99
CA PRO A 102 -0.80 20.11 6.27
C PRO A 102 -1.62 19.60 7.45
N TYR A 103 -0.97 19.49 8.61
CA TYR A 103 -1.65 19.02 9.80
C TYR A 103 -2.60 20.08 10.36
N LYS A 104 -2.59 21.27 9.76
CA LYS A 104 -3.47 22.34 10.22
C LYS A 104 -3.89 23.26 9.07
N VAL A 105 -3.12 24.33 8.89
CA VAL A 105 -3.41 25.30 7.83
C VAL A 105 -2.13 26.01 7.40
N GLU A 106 -1.84 25.95 6.09
CA GLU A 106 -0.64 26.60 5.56
C GLU A 106 0.62 26.03 6.21
C1 NAG B . -8.23 13.32 10.46
C2 NAG B . -9.34 12.33 10.74
C3 NAG B . -10.64 12.86 10.18
C4 NAG B . -10.93 14.20 10.81
C5 NAG B . -9.77 15.14 10.55
C6 NAG B . -9.96 16.48 11.24
C7 NAG B . -9.79 9.98 10.42
C8 NAG B . -9.45 8.67 9.75
N2 NAG B . -9.04 11.03 10.12
O3 NAG B . -11.70 11.94 10.46
O4 NAG B . -12.13 14.75 10.26
O5 NAG B . -8.53 14.57 11.04
O6 NAG B . -9.70 16.39 12.65
O7 NAG B . -10.74 10.04 11.21
H1 NAG B . -8.15 13.47 9.39
H2 NAG B . -9.44 12.21 11.81
H3 NAG B . -10.54 13.00 9.11
H4 NAG B . -11.04 14.07 11.88
H5 NAG B . -9.66 15.29 9.49
H61 NAG B . -10.96 16.83 11.07
H62 NAG B . -9.28 17.20 10.80
H81 NAG B . -10.17 8.45 8.97
H82 NAG B . -9.47 7.86 10.48
H83 NAG B . -8.46 8.71 9.32
HN2 NAG B . -8.42 10.99 9.36
HO3 NAG B . -12.36 11.99 9.76
HO4 NAG B . -11.92 15.23 9.45
HO6 NAG B . -9.35 15.52 12.85
N GLY A 1 9.94 17.37 -14.46
CA GLY A 1 10.93 18.01 -13.55
C GLY A 1 10.44 17.92 -12.11
N LEU A 2 9.48 17.03 -11.86
CA LEU A 2 8.96 16.88 -10.50
C LEU A 2 9.14 15.45 -10.00
N PRO A 3 9.06 15.26 -8.71
CA PRO A 3 9.21 13.92 -8.06
C PRO A 3 8.01 13.00 -8.33
N PHE A 4 7.02 13.04 -7.44
CA PHE A 4 5.84 12.19 -7.59
C PHE A 4 4.87 12.79 -8.61
N GLY A 5 5.08 14.07 -8.93
CA GLY A 5 4.25 14.75 -9.92
C GLY A 5 2.80 14.90 -9.49
N LEU A 6 2.18 13.81 -9.03
CA LEU A 6 0.78 13.85 -8.62
C LEU A 6 0.46 12.66 -7.71
N MET A 7 0.03 12.95 -6.49
CA MET A 7 -0.28 11.89 -5.55
C MET A 7 0.94 11.04 -5.31
N ARG A 8 1.16 10.70 -4.04
CA ARG A 8 2.30 9.86 -3.68
C ARG A 8 1.88 8.40 -3.77
N ARG A 9 2.83 7.51 -4.05
CA ARG A 9 2.50 6.10 -4.16
C ARG A 9 3.64 5.21 -3.69
N GLU A 10 3.30 4.25 -2.85
CA GLU A 10 4.27 3.29 -2.34
C GLU A 10 3.74 1.89 -2.56
N LEU A 11 4.63 0.97 -2.87
CA LEU A 11 4.25 -0.41 -3.10
C LEU A 11 5.27 -1.34 -2.46
N ALA A 12 4.80 -2.39 -1.78
CA ALA A 12 5.72 -3.30 -1.13
C ALA A 12 5.34 -4.75 -1.40
N CYS A 13 6.36 -5.58 -1.62
CA CYS A 13 6.13 -6.98 -1.93
C CYS A 13 5.50 -7.70 -0.73
N GLU A 14 4.53 -8.55 -1.02
CA GLU A 14 3.84 -9.28 0.04
C GLU A 14 4.83 -9.86 1.05
N GLY A 15 4.55 -9.60 2.31
CA GLY A 15 5.37 -10.12 3.40
C GLY A 15 6.42 -9.14 3.90
N TYR A 16 6.68 -8.04 3.18
CA TYR A 16 7.67 -7.09 3.64
C TYR A 16 6.99 -5.80 4.11
N PRO A 17 7.57 -5.12 5.05
CA PRO A 17 6.97 -3.86 5.58
C PRO A 17 6.92 -2.76 4.53
N ILE A 18 5.94 -1.89 4.67
CA ILE A 18 5.76 -0.78 3.76
C ILE A 18 5.83 0.51 4.57
N GLU A 19 6.45 1.55 4.01
CA GLU A 19 6.59 2.79 4.76
C GLU A 19 6.15 4.00 3.95
N LEU A 20 5.31 4.81 4.58
CA LEU A 20 4.80 6.03 3.97
C LEU A 20 5.29 7.22 4.77
N ARG A 21 5.69 8.29 4.10
CA ARG A 21 6.16 9.48 4.80
C ARG A 21 5.79 10.76 4.07
N CYS A 22 5.30 11.74 4.83
CA CYS A 22 4.90 13.01 4.24
C CYS A 22 5.99 14.06 4.48
N PRO A 23 6.15 14.97 3.55
CA PRO A 23 7.19 16.04 3.65
C PRO A 23 6.84 17.08 4.72
N GLY A 24 7.85 17.82 5.15
CA GLY A 24 7.66 18.86 6.15
C GLY A 24 6.88 18.36 7.35
N SER A 25 5.74 18.99 7.61
CA SER A 25 4.89 18.61 8.73
C SER A 25 3.50 18.22 8.25
N ASP A 26 3.41 17.79 7.00
CA ASP A 26 2.13 17.36 6.44
C ASP A 26 1.77 15.98 6.97
N VAL A 27 0.54 15.56 6.71
CA VAL A 27 0.12 14.24 7.18
C VAL A 27 -0.38 13.40 6.01
N ILE A 28 -0.13 12.11 6.10
CA ILE A 28 -0.55 11.18 5.06
C ILE A 28 -2.05 11.04 5.03
N MET A 29 -2.62 11.02 3.82
CA MET A 29 -4.04 10.85 3.67
C MET A 29 -4.31 9.77 2.63
N VAL A 30 -4.60 8.58 3.12
CA VAL A 30 -4.85 7.44 2.25
C VAL A 30 -6.08 7.66 1.38
N GLU A 31 -5.89 7.58 0.07
CA GLU A 31 -6.98 7.77 -0.89
C GLU A 31 -7.49 6.42 -1.36
N ASN A 32 -6.55 5.60 -1.81
CA ASN A 32 -6.89 4.28 -2.30
C ASN A 32 -5.71 3.33 -2.10
N ALA A 33 -6.03 2.06 -1.89
CA ALA A 33 -5.00 1.05 -1.69
C ALA A 33 -5.62 -0.34 -1.78
N ASN A 34 -4.81 -1.33 -2.14
CA ASN A 34 -5.31 -2.69 -2.24
C ASN A 34 -4.24 -3.70 -1.89
N TYR A 35 -4.66 -4.82 -1.32
CA TYR A 35 -3.74 -5.89 -0.97
C TYR A 35 -4.07 -7.11 -1.84
N GLY A 36 -3.15 -7.49 -2.71
CA GLY A 36 -3.42 -8.63 -3.60
C GLY A 36 -2.41 -8.68 -4.74
N ARG A 37 -2.90 -9.05 -5.93
CA ARG A 37 -2.04 -9.15 -7.11
C ARG A 37 -2.81 -8.88 -8.39
N THR A 38 -2.39 -7.85 -9.10
CA THR A 38 -3.03 -7.47 -10.36
C THR A 38 -1.99 -7.39 -11.46
N ASP A 39 -0.76 -7.81 -11.13
CA ASP A 39 0.32 -7.77 -12.08
C ASP A 39 1.19 -9.01 -11.95
N ASP A 40 2.27 -9.05 -12.69
CA ASP A 40 3.19 -10.18 -12.65
C ASP A 40 4.61 -9.67 -12.83
N LYS A 41 4.72 -8.37 -13.01
CA LYS A 41 6.01 -7.74 -13.21
C LYS A 41 6.51 -7.07 -11.94
N ILE A 42 5.77 -7.22 -10.84
CA ILE A 42 6.17 -6.61 -9.58
C ILE A 42 6.55 -7.68 -8.57
N CYS A 43 7.65 -7.47 -7.88
CA CYS A 43 8.10 -8.42 -6.88
C CYS A 43 8.36 -9.78 -7.53
N ASP A 44 9.34 -9.81 -8.41
CA ASP A 44 9.68 -11.04 -9.11
C ASP A 44 9.85 -12.20 -8.15
N ALA A 45 8.78 -12.98 -8.00
CA ALA A 45 8.79 -14.16 -7.14
C ALA A 45 8.69 -15.40 -8.02
N ASP A 46 8.35 -16.54 -7.45
CA ASP A 46 8.22 -17.73 -8.28
C ASP A 46 7.13 -17.48 -9.33
N PRO A 47 7.35 -17.91 -10.54
CA PRO A 47 6.38 -17.69 -11.65
C PRO A 47 4.99 -18.23 -11.35
N PHE A 48 4.92 -19.39 -10.70
CA PHE A 48 3.64 -19.99 -10.38
C PHE A 48 2.83 -19.07 -9.46
N GLN A 49 3.51 -18.34 -8.59
CA GLN A 49 2.81 -17.43 -7.68
C GLN A 49 2.57 -16.08 -8.36
N MET A 50 3.11 -15.92 -9.56
CA MET A 50 2.95 -14.67 -10.29
C MET A 50 2.05 -14.86 -11.51
N GLU A 51 1.61 -16.09 -11.75
CA GLU A 51 0.76 -16.36 -12.92
C GLU A 51 -0.59 -15.66 -12.81
N ASN A 52 -1.24 -15.73 -11.66
CA ASN A 52 -2.54 -15.10 -11.50
C ASN A 52 -2.40 -13.59 -11.24
N VAL A 53 -2.84 -12.79 -12.21
CA VAL A 53 -2.76 -11.34 -12.09
C VAL A 53 -4.13 -10.73 -11.84
N GLN A 54 -5.00 -11.48 -11.15
CA GLN A 54 -6.34 -10.99 -10.86
C GLN A 54 -6.77 -11.33 -9.43
N CYS A 55 -6.38 -10.48 -8.49
CA CYS A 55 -6.73 -10.66 -7.09
C CYS A 55 -6.92 -9.30 -6.43
N TYR A 56 -8.08 -9.08 -5.81
CA TYR A 56 -8.35 -7.80 -5.15
C TYR A 56 -8.93 -7.97 -3.75
N LEU A 57 -8.72 -6.95 -2.91
CA LEU A 57 -9.24 -6.95 -1.55
C LEU A 57 -9.58 -5.51 -1.14
N PRO A 58 -10.81 -5.10 -1.33
CA PRO A 58 -11.28 -3.71 -1.01
C PRO A 58 -10.96 -3.24 0.41
N ASP A 59 -11.26 -4.07 1.41
CA ASP A 59 -11.05 -3.69 2.80
C ASP A 59 -9.59 -3.32 3.10
N ALA A 60 -8.67 -3.75 2.26
CA ALA A 60 -7.27 -3.44 2.50
C ALA A 60 -7.07 -1.93 2.61
N PHE A 61 -7.89 -1.18 1.87
CA PHE A 61 -7.83 0.27 1.88
C PHE A 61 -8.16 0.84 3.26
N LYS A 62 -9.19 0.30 3.88
CA LYS A 62 -9.62 0.78 5.19
C LYS A 62 -8.55 0.50 6.24
N ILE A 63 -7.91 -0.67 6.15
CA ILE A 63 -6.89 -1.04 7.11
C ILE A 63 -5.75 -0.01 7.11
N MET A 64 -5.24 0.30 5.94
CA MET A 64 -4.16 1.26 5.83
C MET A 64 -4.67 2.67 6.14
N SER A 65 -5.91 2.94 5.77
CA SER A 65 -6.49 4.24 6.03
C SER A 65 -6.46 4.55 7.52
N GLN A 66 -6.88 3.58 8.32
CA GLN A 66 -6.89 3.73 9.77
C GLN A 66 -5.46 3.87 10.29
N ARG A 67 -4.55 3.17 9.64
CA ARG A 67 -3.14 3.16 10.06
C ARG A 67 -2.32 4.38 9.59
N CYS A 68 -2.62 4.95 8.42
CA CYS A 68 -1.80 6.08 7.94
C CYS A 68 -2.53 7.42 7.92
N ASN A 69 -3.86 7.41 7.92
CA ASN A 69 -4.60 8.67 7.87
C ASN A 69 -4.20 9.61 9.00
N ASN A 70 -4.00 10.87 8.64
CA ASN A 70 -3.63 11.91 9.60
C ASN A 70 -2.28 11.67 10.25
N ARG A 71 -1.48 10.76 9.70
CA ARG A 71 -0.17 10.50 10.27
C ARG A 71 0.93 10.95 9.31
N THR A 72 2.01 11.47 9.87
CA THR A 72 3.13 11.92 9.07
C THR A 72 3.80 10.72 8.41
N GLN A 73 3.77 9.59 9.11
CA GLN A 73 4.35 8.36 8.59
C GLN A 73 3.68 7.13 9.19
N CYS A 74 3.80 6.00 8.51
CA CYS A 74 3.20 4.76 9.00
C CYS A 74 3.93 3.54 8.43
N VAL A 75 4.19 2.58 9.31
CA VAL A 75 4.86 1.35 8.90
C VAL A 75 3.92 0.18 9.09
N VAL A 76 3.74 -0.64 8.06
CA VAL A 76 2.83 -1.78 8.15
C VAL A 76 3.36 -3.00 7.39
N VAL A 77 3.08 -4.18 7.93
CA VAL A 77 3.50 -5.42 7.29
C VAL A 77 2.55 -5.73 6.14
N ALA A 78 3.08 -5.73 4.92
CA ALA A 78 2.25 -5.98 3.75
C ALA A 78 1.79 -7.43 3.66
N GLY A 79 1.39 -8.01 4.79
CA GLY A 79 0.92 -9.38 4.81
C GLY A 79 0.52 -9.82 6.21
N SER A 80 1.24 -10.81 6.74
CA SER A 80 0.98 -11.32 8.08
C SER A 80 -0.49 -11.15 8.48
N ASP A 81 -0.75 -11.20 9.79
CA ASP A 81 -2.10 -11.07 10.30
C ASP A 81 -2.63 -9.64 10.10
N ALA A 82 -1.81 -8.80 9.47
CA ALA A 82 -2.22 -7.42 9.25
C ALA A 82 -3.03 -7.31 7.97
N PHE A 83 -3.01 -8.37 7.15
CA PHE A 83 -3.78 -8.37 5.91
C PHE A 83 -4.38 -9.76 5.69
N PRO A 84 -5.67 -9.85 5.47
CA PRO A 84 -6.35 -11.16 5.24
C PRO A 84 -5.67 -11.96 4.14
N ASP A 85 -6.45 -12.77 3.43
CA ASP A 85 -5.90 -13.58 2.34
C ASP A 85 -6.93 -13.70 1.23
N PRO A 86 -6.90 -12.79 0.29
CA PRO A 86 -7.86 -12.77 -0.86
C PRO A 86 -7.49 -13.74 -1.97
N CYS A 87 -6.33 -14.35 -1.88
CA CYS A 87 -5.89 -15.29 -2.90
C CYS A 87 -4.61 -16.00 -2.49
N PRO A 88 -4.70 -17.01 -1.67
CA PRO A 88 -3.50 -17.78 -1.23
C PRO A 88 -2.91 -18.59 -2.36
N GLY A 89 -1.64 -18.96 -2.23
CA GLY A 89 -0.98 -19.75 -3.27
C GLY A 89 -0.38 -18.85 -4.33
N THR A 90 -0.62 -17.54 -4.20
CA THR A 90 -0.09 -16.57 -5.15
C THR A 90 0.68 -15.50 -4.39
N TYR A 91 1.73 -14.95 -4.99
CA TYR A 91 2.51 -13.93 -4.33
C TYR A 91 1.87 -12.56 -4.57
N LYS A 92 1.47 -11.92 -3.49
CA LYS A 92 0.76 -10.66 -3.58
C LYS A 92 1.65 -9.41 -3.45
N TYR A 93 0.99 -8.34 -3.06
CA TYR A 93 1.64 -7.07 -2.80
C TYR A 93 0.64 -6.06 -2.25
N LEU A 94 1.13 -4.88 -1.90
CA LEU A 94 0.28 -3.83 -1.37
C LEU A 94 0.61 -2.51 -2.06
N GLU A 95 -0.42 -1.86 -2.61
CA GLU A 95 -0.23 -0.58 -3.29
C GLU A 95 -1.06 0.50 -2.62
N VAL A 96 -0.44 1.63 -2.32
CA VAL A 96 -1.17 2.70 -1.65
C VAL A 96 -0.94 4.06 -2.28
N GLN A 97 -2.04 4.70 -2.69
CA GLN A 97 -1.99 6.03 -3.27
C GLN A 97 -2.53 7.04 -2.26
N TYR A 98 -1.74 8.06 -1.96
CA TYR A 98 -2.16 9.04 -0.95
C TYR A 98 -1.51 10.41 -1.17
N ASP A 99 -1.99 11.40 -0.43
CA ASP A 99 -1.46 12.77 -0.54
C ASP A 99 -1.05 13.30 0.84
N CYS A 100 -0.23 14.33 0.82
CA CYS A 100 0.23 14.95 2.07
C CYS A 100 -0.35 16.35 2.21
N VAL A 101 -1.18 16.53 3.23
CA VAL A 101 -1.82 17.83 3.45
C VAL A 101 -1.39 18.43 4.79
N PRO A 102 -1.53 19.73 4.96
CA PRO A 102 -1.16 20.41 6.24
C PRO A 102 -1.97 19.89 7.43
N TYR A 103 -1.34 19.86 8.60
CA TYR A 103 -2.02 19.37 9.80
C TYR A 103 -2.93 20.45 10.38
N LYS A 104 -4.15 20.06 10.76
CA LYS A 104 -5.13 21.00 11.30
C LYS A 104 -5.11 20.98 12.83
N VAL A 105 -5.15 22.17 13.44
CA VAL A 105 -5.15 22.28 14.90
C VAL A 105 -6.55 22.61 15.42
N GLU A 106 -7.03 21.81 16.36
CA GLU A 106 -8.37 22.01 16.93
C GLU A 106 -9.44 21.97 15.85
C1 NAG B . -8.17 13.55 10.35
C2 NAG B . -9.36 12.69 10.66
C3 NAG B . -10.61 13.32 10.10
C4 NAG B . -10.77 14.70 10.69
C5 NAG B . -9.53 15.52 10.41
C6 NAG B . -9.57 16.88 11.11
C7 NAG B . -9.28 10.28 10.86
C8 NAG B . -9.09 8.93 10.20
N2 NAG B . -9.18 11.35 10.08
O3 NAG B . -11.75 12.50 10.41
O4 NAG B . -11.91 15.35 10.09
O5 NAG B . -8.35 14.84 10.90
O6 NAG B . -8.75 17.84 10.43
O7 NAG B . -9.53 10.34 12.06
H1 NAG B . -8.09 13.67 9.28
H2 NAG B . -9.46 12.61 11.74
H3 NAG B . -10.50 13.41 9.03
H4 NAG B . -10.91 14.61 11.75
H5 NAG B . -9.41 15.66 9.35
H61 NAG B . -9.25 16.76 12.13
H62 NAG B . -10.60 17.22 11.11
H81 NAG B . -9.99 8.61 9.72
H82 NAG B . -8.81 8.19 10.95
H83 NAG B . -8.29 8.98 9.47
HN2 NAG B . -8.83 11.26 9.17
HO3 NAG B . -12.54 13.05 10.44
HO4 NAG B . -12.18 16.08 10.65
HO6 NAG B . -8.06 17.37 9.95
N GLY A 1 13.20 13.91 -1.38
CA GLY A 1 13.41 15.38 -1.32
C GLY A 1 12.46 16.04 -2.30
N LEU A 2 12.65 15.76 -3.58
CA LEU A 2 11.79 16.31 -4.62
C LEU A 2 11.11 15.20 -5.40
N PRO A 3 10.08 14.62 -4.85
CA PRO A 3 9.32 13.53 -5.52
C PRO A 3 8.87 13.94 -6.92
N PHE A 4 7.88 13.22 -7.47
CA PHE A 4 7.38 13.53 -8.81
C PHE A 4 6.44 14.73 -8.80
N GLY A 5 6.01 15.14 -7.62
CA GLY A 5 5.11 16.29 -7.51
C GLY A 5 3.71 15.95 -8.02
N LEU A 6 3.33 14.67 -7.93
CA LEU A 6 2.00 14.24 -8.38
C LEU A 6 1.57 12.99 -7.64
N MET A 7 0.74 13.18 -6.61
CA MET A 7 0.24 12.05 -5.82
C MET A 7 1.39 11.15 -5.38
N ARG A 8 1.38 10.80 -4.10
CA ARG A 8 2.41 9.92 -3.57
C ARG A 8 1.93 8.48 -3.64
N ARG A 9 2.84 7.55 -3.90
CA ARG A 9 2.43 6.16 -4.00
C ARG A 9 3.57 5.21 -3.63
N GLU A 10 3.21 4.16 -2.89
CA GLU A 10 4.18 3.16 -2.49
C GLU A 10 3.61 1.76 -2.72
N LEU A 11 4.49 0.84 -3.05
CA LEU A 11 4.09 -0.52 -3.27
C LEU A 11 5.11 -1.41 -2.56
N ALA A 12 4.62 -2.38 -1.79
CA ALA A 12 5.54 -3.25 -1.08
C ALA A 12 5.17 -4.70 -1.31
N CYS A 13 6.21 -5.52 -1.48
CA CYS A 13 6.02 -6.93 -1.74
C CYS A 13 5.46 -7.66 -0.54
N GLU A 14 4.50 -8.54 -0.80
CA GLU A 14 3.87 -9.31 0.26
C GLU A 14 4.88 -9.94 1.20
N GLY A 15 4.62 -9.80 2.49
CA GLY A 15 5.50 -10.37 3.50
C GLY A 15 6.49 -9.37 4.06
N TYR A 16 6.72 -8.26 3.38
CA TYR A 16 7.66 -7.26 3.90
C TYR A 16 6.91 -6.00 4.30
N PRO A 17 7.40 -5.31 5.30
CA PRO A 17 6.77 -4.06 5.80
C PRO A 17 6.75 -2.94 4.76
N ILE A 18 5.75 -2.06 4.87
CA ILE A 18 5.61 -0.92 3.97
C ILE A 18 5.69 0.37 4.78
N GLU A 19 6.25 1.43 4.20
CA GLU A 19 6.40 2.69 4.92
C GLU A 19 6.01 3.90 4.08
N LEU A 20 5.10 4.71 4.61
CA LEU A 20 4.67 5.93 3.93
C LEU A 20 5.16 7.13 4.71
N ARG A 21 5.50 8.22 4.02
CA ARG A 21 5.99 9.40 4.71
C ARG A 21 5.62 10.70 3.99
N CYS A 22 5.18 11.69 4.76
CA CYS A 22 4.81 12.98 4.21
C CYS A 22 5.89 14.01 4.52
N PRO A 23 6.13 14.92 3.61
CA PRO A 23 7.15 15.99 3.81
C PRO A 23 6.71 17.03 4.83
N GLY A 24 7.67 17.77 5.35
CA GLY A 24 7.38 18.84 6.31
C GLY A 24 6.51 18.35 7.47
N SER A 25 5.48 19.13 7.77
CA SER A 25 4.56 18.81 8.85
C SER A 25 3.23 18.35 8.28
N ASP A 26 3.25 17.86 7.06
CA ASP A 26 2.05 17.38 6.43
C ASP A 26 1.74 15.99 6.95
N VAL A 27 0.55 15.51 6.67
CA VAL A 27 0.15 14.19 7.12
C VAL A 27 -0.42 13.40 5.96
N ILE A 28 -0.17 12.11 5.97
CA ILE A 28 -0.63 11.23 4.91
C ILE A 28 -2.15 11.09 4.92
N MET A 29 -2.73 11.09 3.72
CA MET A 29 -4.16 10.92 3.55
C MET A 29 -4.41 9.86 2.47
N VAL A 30 -4.69 8.65 2.93
CA VAL A 30 -4.93 7.52 2.03
C VAL A 30 -6.16 7.75 1.15
N GLU A 31 -5.95 7.67 -0.17
CA GLU A 31 -7.05 7.86 -1.11
C GLU A 31 -7.53 6.50 -1.62
N ASN A 32 -6.58 5.67 -2.03
CA ASN A 32 -6.90 4.35 -2.55
C ASN A 32 -5.76 3.37 -2.30
N ALA A 33 -6.11 2.11 -2.08
CA ALA A 33 -5.11 1.10 -1.83
C ALA A 33 -5.71 -0.29 -1.95
N ASN A 34 -4.86 -1.27 -2.25
CA ASN A 34 -5.33 -2.63 -2.41
C ASN A 34 -4.25 -3.65 -2.06
N TYR A 35 -4.67 -4.78 -1.50
CA TYR A 35 -3.73 -5.84 -1.15
C TYR A 35 -4.08 -7.07 -1.98
N GLY A 36 -3.15 -7.49 -2.80
CA GLY A 36 -3.38 -8.64 -3.66
C GLY A 36 -2.37 -8.69 -4.80
N ARG A 37 -2.86 -9.01 -6.00
CA ARG A 37 -1.98 -9.08 -7.15
C ARG A 37 -2.74 -8.79 -8.44
N THR A 38 -2.31 -7.74 -9.14
CA THR A 38 -2.94 -7.35 -10.39
C THR A 38 -1.93 -7.34 -11.54
N ASP A 39 -0.73 -7.83 -11.26
CA ASP A 39 0.31 -7.88 -12.27
C ASP A 39 1.14 -9.14 -12.10
N ASP A 40 2.30 -9.15 -12.73
CA ASP A 40 3.19 -10.30 -12.64
C ASP A 40 4.65 -9.84 -12.75
N LYS A 41 4.86 -8.53 -12.94
CA LYS A 41 6.21 -7.99 -13.07
C LYS A 41 6.67 -7.30 -11.79
N ILE A 42 5.86 -7.35 -10.74
CA ILE A 42 6.23 -6.71 -9.49
C ILE A 42 6.63 -7.75 -8.47
N CYS A 43 7.73 -7.49 -7.79
CA CYS A 43 8.21 -8.42 -6.79
C CYS A 43 8.51 -9.76 -7.45
N ASP A 44 9.51 -9.78 -8.32
CA ASP A 44 9.85 -11.00 -9.05
C ASP A 44 9.95 -12.21 -8.12
N ALA A 45 8.97 -13.10 -8.23
CA ALA A 45 8.94 -14.33 -7.45
C ALA A 45 8.70 -15.51 -8.37
N ASP A 46 8.30 -16.65 -7.83
CA ASP A 46 8.03 -17.82 -8.66
C ASP A 46 6.87 -17.51 -9.60
N PRO A 47 6.96 -17.92 -10.84
CA PRO A 47 5.91 -17.64 -11.86
C PRO A 47 4.56 -18.22 -11.44
N PHE A 48 4.58 -19.33 -10.74
CA PHE A 48 3.35 -19.98 -10.27
C PHE A 48 2.58 -19.05 -9.35
N GLN A 49 3.29 -18.29 -8.53
CA GLN A 49 2.66 -17.37 -7.62
C GLN A 49 2.41 -16.03 -8.30
N MET A 50 2.99 -15.85 -9.49
CA MET A 50 2.81 -14.60 -10.22
C MET A 50 1.92 -14.79 -11.46
N GLU A 51 1.43 -16.00 -11.71
CA GLU A 51 0.59 -16.21 -12.89
C GLU A 51 -0.72 -15.43 -12.78
N ASN A 52 -1.35 -15.46 -11.62
CA ASN A 52 -2.64 -14.78 -11.42
C ASN A 52 -2.46 -13.28 -11.22
N VAL A 53 -2.97 -12.51 -12.17
CA VAL A 53 -2.91 -11.06 -12.10
C VAL A 53 -4.29 -10.51 -11.78
N GLN A 54 -5.05 -11.28 -10.99
CA GLN A 54 -6.39 -10.88 -10.62
C GLN A 54 -6.67 -11.24 -9.17
N CYS A 55 -6.30 -10.35 -8.27
CA CYS A 55 -6.52 -10.54 -6.85
C CYS A 55 -6.77 -9.20 -6.19
N TYR A 56 -7.93 -9.02 -5.55
CA TYR A 56 -8.24 -7.73 -4.92
C TYR A 56 -8.76 -7.92 -3.50
N LEU A 57 -8.56 -6.90 -2.66
CA LEU A 57 -9.03 -6.94 -1.28
C LEU A 57 -9.48 -5.53 -0.85
N PRO A 58 -10.75 -5.24 -0.99
CA PRO A 58 -11.34 -3.90 -0.64
C PRO A 58 -10.94 -3.39 0.76
N ASP A 59 -11.09 -4.25 1.77
CA ASP A 59 -10.77 -3.85 3.15
C ASP A 59 -9.33 -3.37 3.30
N ALA A 60 -8.45 -3.81 2.41
CA ALA A 60 -7.05 -3.40 2.49
C ALA A 60 -6.99 -1.88 2.59
N PHE A 61 -7.96 -1.24 1.96
CA PHE A 61 -8.05 0.20 1.98
C PHE A 61 -8.35 0.74 3.37
N LYS A 62 -9.32 0.12 4.05
CA LYS A 62 -9.71 0.58 5.38
C LYS A 62 -8.55 0.41 6.36
N ILE A 63 -7.84 -0.69 6.24
CA ILE A 63 -6.71 -0.97 7.13
C ILE A 63 -5.63 0.11 7.04
N MET A 64 -5.16 0.40 5.84
CA MET A 64 -4.11 1.38 5.65
C MET A 64 -4.61 2.80 5.93
N SER A 65 -5.86 3.06 5.59
CA SER A 65 -6.44 4.37 5.82
C SER A 65 -6.41 4.70 7.30
N GLN A 66 -6.85 3.75 8.11
CA GLN A 66 -6.87 3.93 9.55
C GLN A 66 -5.45 4.02 10.13
N ARG A 67 -4.55 3.25 9.54
CA ARG A 67 -3.16 3.18 10.01
C ARG A 67 -2.29 4.38 9.59
N CYS A 68 -2.53 4.97 8.42
CA CYS A 68 -1.66 6.07 7.98
C CYS A 68 -2.36 7.43 7.93
N ASN A 69 -3.69 7.45 7.93
CA ASN A 69 -4.41 8.71 7.86
C ASN A 69 -4.03 9.65 9.00
N ASN A 70 -3.83 10.92 8.65
CA ASN A 70 -3.49 11.96 9.61
C ASN A 70 -2.13 11.72 10.27
N ARG A 71 -1.34 10.81 9.71
CA ARG A 71 -0.01 10.56 10.26
C ARG A 71 1.05 11.02 9.27
N THR A 72 2.14 11.51 9.81
CA THR A 72 3.26 11.99 9.00
C THR A 72 3.95 10.79 8.35
N GLN A 73 3.96 9.68 9.07
CA GLN A 73 4.56 8.45 8.56
C GLN A 73 3.86 7.25 9.18
N CYS A 74 3.91 6.14 8.47
CA CYS A 74 3.24 4.93 8.95
C CYS A 74 3.88 3.68 8.38
N VAL A 75 4.03 2.65 9.22
CA VAL A 75 4.59 1.39 8.77
C VAL A 75 3.62 0.24 9.03
N VAL A 76 3.46 -0.64 8.03
CA VAL A 76 2.55 -1.78 8.15
C VAL A 76 3.13 -3.02 7.47
N VAL A 77 2.74 -4.20 7.93
CA VAL A 77 3.21 -5.45 7.34
C VAL A 77 2.34 -5.81 6.13
N ALA A 78 2.95 -5.83 4.93
CA ALA A 78 2.19 -6.13 3.71
C ALA A 78 1.80 -7.60 3.60
N GLY A 79 1.46 -8.22 4.72
CA GLY A 79 1.05 -9.62 4.71
C GLY A 79 0.64 -10.09 6.10
N SER A 80 1.36 -11.08 6.62
CA SER A 80 1.09 -11.61 7.96
C SER A 80 -0.38 -11.44 8.36
N ASP A 81 -0.63 -11.47 9.66
CA ASP A 81 -1.98 -11.34 10.19
C ASP A 81 -2.48 -9.92 10.00
N ALA A 82 -1.66 -9.08 9.36
CA ALA A 82 -2.05 -7.70 9.16
C ALA A 82 -2.92 -7.56 7.92
N PHE A 83 -3.00 -8.63 7.14
CA PHE A 83 -3.83 -8.61 5.94
C PHE A 83 -4.46 -9.98 5.69
N PRO A 84 -5.74 -10.05 5.41
CA PRO A 84 -6.43 -11.34 5.12
C PRO A 84 -5.69 -12.10 4.03
N ASP A 85 -6.44 -12.83 3.22
CA ASP A 85 -5.84 -13.61 2.15
C ASP A 85 -6.75 -13.63 0.94
N PRO A 86 -6.57 -12.69 0.04
CA PRO A 86 -7.40 -12.57 -1.19
C PRO A 86 -6.98 -13.50 -2.32
N CYS A 87 -5.82 -14.13 -2.18
CA CYS A 87 -5.33 -15.06 -3.20
C CYS A 87 -4.17 -15.92 -2.68
N PRO A 88 -4.50 -16.90 -1.89
CA PRO A 88 -3.49 -17.83 -1.30
C PRO A 88 -2.65 -18.52 -2.35
N GLY A 89 -1.45 -18.89 -1.96
CA GLY A 89 -0.55 -19.57 -2.85
C GLY A 89 -0.09 -18.66 -3.97
N THR A 90 -0.42 -17.37 -3.87
CA THR A 90 0.00 -16.41 -4.88
C THR A 90 0.87 -15.34 -4.23
N TYR A 91 1.83 -14.78 -4.96
CA TYR A 91 2.67 -13.75 -4.39
C TYR A 91 1.94 -12.42 -4.50
N LYS A 92 1.48 -11.91 -3.37
CA LYS A 92 0.70 -10.68 -3.38
C LYS A 92 1.58 -9.42 -3.24
N TYR A 93 0.90 -8.35 -2.89
CA TYR A 93 1.55 -7.08 -2.64
C TYR A 93 0.56 -6.06 -2.10
N LEU A 94 1.07 -4.89 -1.76
CA LEU A 94 0.22 -3.83 -1.22
C LEU A 94 0.57 -2.53 -1.93
N GLU A 95 -0.44 -1.88 -2.48
CA GLU A 95 -0.24 -0.64 -3.20
C GLU A 95 -1.12 0.46 -2.61
N VAL A 96 -0.52 1.60 -2.26
CA VAL A 96 -1.31 2.68 -1.64
C VAL A 96 -1.05 4.06 -2.28
N GLN A 97 -2.12 4.72 -2.68
CA GLN A 97 -2.04 6.05 -3.28
C GLN A 97 -2.56 7.09 -2.30
N TYR A 98 -1.78 8.14 -2.04
CA TYR A 98 -2.21 9.15 -1.09
C TYR A 98 -1.54 10.51 -1.35
N ASP A 99 -1.95 11.49 -0.57
CA ASP A 99 -1.39 12.83 -0.70
C ASP A 99 -1.00 13.38 0.67
N CYS A 100 -0.14 14.38 0.69
CA CYS A 100 0.30 14.98 1.94
C CYS A 100 -0.32 16.36 2.10
N VAL A 101 -1.05 16.54 3.19
CA VAL A 101 -1.69 17.82 3.44
C VAL A 101 -1.20 18.41 4.77
N PRO A 102 -1.27 19.72 4.92
CA PRO A 102 -0.83 20.39 6.16
C PRO A 102 -1.62 19.95 7.37
N TYR A 103 -0.95 19.86 8.51
CA TYR A 103 -1.62 19.46 9.74
C TYR A 103 -2.32 20.65 10.38
N LYS A 104 -3.37 20.38 11.15
CA LYS A 104 -4.10 21.45 11.82
C LYS A 104 -3.50 21.73 13.19
N VAL A 105 -2.91 22.91 13.37
CA VAL A 105 -2.31 23.26 14.66
C VAL A 105 -3.27 24.09 15.50
N GLU A 106 -3.46 23.68 16.74
CA GLU A 106 -4.36 24.40 17.63
C GLU A 106 -5.76 24.43 17.03
C1 NAG B . -8.06 13.48 10.24
C2 NAG B . -9.23 12.59 10.54
C3 NAG B . -10.48 13.17 9.93
C4 NAG B . -10.70 14.54 10.51
C5 NAG B . -9.48 15.41 10.25
C6 NAG B . -9.59 16.77 10.92
C7 NAG B . -9.56 10.20 10.57
C8 NAG B . -9.24 8.85 9.98
N2 NAG B . -8.98 11.25 10.00
O3 NAG B . -11.60 12.32 10.22
O4 NAG B . -11.85 15.15 9.89
O5 NAG B . -8.29 14.77 10.78
O6 NAG B . -8.29 17.35 11.16
O7 NAG B . -10.31 10.30 11.54
H1 NAG B . -7.94 13.60 9.18
H2 NAG B . -9.36 12.53 11.61
H3 NAG B . -10.33 13.26 8.86
H4 NAG B . -10.85 14.45 11.56
H5 NAG B . -9.34 15.53 9.18
H61 NAG B . -10.13 16.67 11.84
H62 NAG B . -10.17 17.42 10.27
H81 NAG B . -8.18 8.76 9.83
H82 NAG B . -9.74 8.73 9.04
H83 NAG B . -9.56 8.07 10.66
HN2 NAG B . -8.40 11.13 9.22
HO3 NAG B . -12.16 12.25 9.43
HO4 NAG B . -12.45 15.45 10.58
HO6 NAG B . -8.20 17.53 12.09
N GLY A 1 5.60 25.00 -2.39
CA GLY A 1 6.00 23.72 -3.03
C GLY A 1 5.24 22.56 -2.38
N LEU A 2 4.63 22.84 -1.23
CA LEU A 2 3.87 21.81 -0.52
C LEU A 2 3.10 20.93 -1.51
N PRO A 3 2.33 21.52 -2.37
CA PRO A 3 1.53 20.76 -3.38
C PRO A 3 2.43 19.79 -4.15
N PHE A 4 1.83 19.08 -5.10
CA PHE A 4 2.60 18.11 -5.89
C PHE A 4 1.98 17.97 -7.28
N GLY A 5 0.74 17.50 -7.32
CA GLY A 5 0.05 17.31 -8.58
C GLY A 5 0.55 16.05 -9.27
N LEU A 6 0.69 14.98 -8.51
CA LEU A 6 1.16 13.72 -9.05
C LEU A 6 0.74 12.56 -8.15
N MET A 7 0.26 12.89 -6.96
CA MET A 7 -0.16 11.88 -6.00
C MET A 7 1.02 10.98 -5.67
N ARG A 8 1.14 10.61 -4.40
CA ARG A 8 2.23 9.75 -3.96
C ARG A 8 1.80 8.29 -4.04
N ARG A 9 2.76 7.40 -4.29
CA ARG A 9 2.44 5.99 -4.37
C ARG A 9 3.59 5.13 -3.86
N GLU A 10 3.22 4.15 -3.06
CA GLU A 10 4.19 3.22 -2.50
C GLU A 10 3.70 1.79 -2.70
N LEU A 11 4.64 0.90 -2.95
CA LEU A 11 4.33 -0.50 -3.16
C LEU A 11 5.35 -1.36 -2.44
N ALA A 12 4.90 -2.45 -1.84
CA ALA A 12 5.83 -3.33 -1.14
C ALA A 12 5.45 -4.78 -1.37
N CYS A 13 6.46 -5.62 -1.51
CA CYS A 13 6.24 -7.04 -1.75
C CYS A 13 5.60 -7.70 -0.53
N GLU A 14 4.58 -8.51 -0.77
CA GLU A 14 3.89 -9.18 0.32
C GLU A 14 4.85 -9.82 1.32
N GLY A 15 4.53 -9.67 2.60
CA GLY A 15 5.33 -10.26 3.66
C GLY A 15 6.35 -9.29 4.24
N TYR A 16 6.64 -8.21 3.52
CA TYR A 16 7.60 -7.24 4.01
C TYR A 16 6.90 -5.95 4.43
N PRO A 17 7.44 -5.26 5.39
CA PRO A 17 6.83 -3.99 5.90
C PRO A 17 6.91 -2.84 4.91
N ILE A 18 5.95 -1.92 5.00
CA ILE A 18 5.93 -0.76 4.12
C ILE A 18 5.89 0.50 4.99
N GLU A 19 6.60 1.53 4.54
CA GLU A 19 6.66 2.77 5.30
C GLU A 19 6.32 3.96 4.44
N LEU A 20 5.41 4.78 4.97
CA LEU A 20 4.98 5.99 4.30
C LEU A 20 5.49 7.20 5.07
N ARG A 21 5.82 8.27 4.36
CA ARG A 21 6.31 9.47 5.02
C ARG A 21 5.94 10.72 4.24
N CYS A 22 5.33 11.67 4.91
CA CYS A 22 4.94 12.92 4.28
C CYS A 22 5.95 14.01 4.62
N PRO A 23 6.22 14.89 3.70
CA PRO A 23 7.19 15.99 3.91
C PRO A 23 6.67 17.09 4.84
N GLY A 24 7.58 17.85 5.44
CA GLY A 24 7.20 18.94 6.32
C GLY A 24 6.25 18.48 7.44
N SER A 25 5.26 19.32 7.72
CA SER A 25 4.27 19.03 8.75
C SER A 25 3.00 18.49 8.13
N ASP A 26 3.13 17.92 6.94
CA ASP A 26 1.98 17.37 6.24
C ASP A 26 1.67 15.98 6.78
N VAL A 27 0.49 15.47 6.46
CA VAL A 27 0.10 14.14 6.91
C VAL A 27 -0.42 13.31 5.75
N ILE A 28 -0.15 12.02 5.82
CA ILE A 28 -0.58 11.09 4.79
C ILE A 28 -2.09 10.94 4.80
N MET A 29 -2.69 10.93 3.61
CA MET A 29 -4.12 10.73 3.49
C MET A 29 -4.37 9.67 2.45
N VAL A 30 -4.62 8.46 2.93
CA VAL A 30 -4.85 7.33 2.05
C VAL A 30 -6.11 7.54 1.24
N GLU A 31 -5.96 7.49 -0.08
CA GLU A 31 -7.09 7.67 -0.98
C GLU A 31 -7.51 6.31 -1.53
N ASN A 32 -6.54 5.53 -1.96
CA ASN A 32 -6.83 4.21 -2.51
C ASN A 32 -5.68 3.25 -2.19
N ALA A 33 -6.03 2.00 -1.93
CA ALA A 33 -5.04 0.98 -1.62
C ALA A 33 -5.66 -0.41 -1.77
N ASN A 34 -4.83 -1.38 -2.13
CA ASN A 34 -5.32 -2.74 -2.30
C ASN A 34 -4.25 -3.76 -1.94
N TYR A 35 -4.69 -4.89 -1.41
CA TYR A 35 -3.78 -5.97 -1.06
C TYR A 35 -4.12 -7.20 -1.89
N GLY A 36 -3.16 -7.66 -2.68
CA GLY A 36 -3.41 -8.83 -3.53
C GLY A 36 -2.40 -8.89 -4.67
N ARG A 37 -2.90 -9.23 -5.86
CA ARG A 37 -2.05 -9.32 -7.04
C ARG A 37 -2.85 -9.10 -8.31
N THR A 38 -2.54 -8.03 -9.03
CA THR A 38 -3.23 -7.70 -10.27
C THR A 38 -2.23 -7.62 -11.41
N ASP A 39 -1.00 -8.04 -11.13
CA ASP A 39 0.05 -8.02 -12.13
C ASP A 39 1.02 -9.18 -11.91
N ASP A 40 2.08 -9.18 -12.68
CA ASP A 40 3.10 -10.22 -12.56
C ASP A 40 4.48 -9.64 -12.83
N LYS A 41 4.52 -8.34 -13.09
CA LYS A 41 5.77 -7.66 -13.35
C LYS A 41 6.23 -6.90 -12.12
N ILE A 42 5.50 -7.06 -11.01
CA ILE A 42 5.84 -6.35 -9.77
C ILE A 42 6.24 -7.35 -8.69
N CYS A 43 7.29 -7.01 -7.95
CA CYS A 43 7.76 -7.90 -6.89
C CYS A 43 7.99 -9.29 -7.47
N ASP A 44 9.09 -9.44 -8.19
CA ASP A 44 9.41 -10.71 -8.84
C ASP A 44 9.47 -11.86 -7.83
N ALA A 45 8.65 -12.87 -8.08
CA ALA A 45 8.60 -14.07 -7.24
C ALA A 45 8.55 -15.30 -8.16
N ASP A 46 8.25 -16.46 -7.60
CA ASP A 46 8.15 -17.65 -8.43
C ASP A 46 7.04 -17.44 -9.46
N PRO A 47 7.28 -17.75 -10.72
CA PRO A 47 6.27 -17.53 -11.78
C PRO A 47 4.90 -18.13 -11.47
N PHE A 48 4.89 -19.27 -10.78
CA PHE A 48 3.62 -19.92 -10.44
C PHE A 48 2.80 -19.03 -9.53
N GLN A 49 3.50 -18.30 -8.67
CA GLN A 49 2.82 -17.39 -7.75
C GLN A 49 2.54 -16.07 -8.46
N MET A 50 3.20 -15.86 -9.60
CA MET A 50 2.99 -14.64 -10.37
C MET A 50 2.04 -14.89 -11.53
N GLU A 51 1.57 -16.13 -11.68
CA GLU A 51 0.67 -16.47 -12.78
C GLU A 51 -0.64 -15.69 -12.75
N ASN A 52 -1.33 -15.71 -11.62
CA ASN A 52 -2.62 -15.03 -11.53
C ASN A 52 -2.47 -13.54 -11.26
N VAL A 53 -2.92 -12.74 -12.24
CA VAL A 53 -2.85 -11.28 -12.11
C VAL A 53 -4.24 -10.70 -11.82
N GLN A 54 -5.03 -11.44 -11.05
CA GLN A 54 -6.38 -11.02 -10.70
C GLN A 54 -6.68 -11.34 -9.24
N CYS A 55 -6.29 -10.44 -8.35
CA CYS A 55 -6.54 -10.63 -6.92
C CYS A 55 -6.73 -9.27 -6.26
N TYR A 56 -7.91 -9.03 -5.68
CA TYR A 56 -8.18 -7.74 -5.05
C TYR A 56 -8.74 -7.90 -3.63
N LEU A 57 -8.52 -6.89 -2.81
CA LEU A 57 -9.02 -6.89 -1.44
C LEU A 57 -9.38 -5.46 -1.02
N PRO A 58 -10.58 -5.05 -1.33
CA PRO A 58 -11.06 -3.66 -1.02
C PRO A 58 -10.76 -3.23 0.42
N ASP A 59 -11.07 -4.09 1.38
CA ASP A 59 -10.89 -3.75 2.79
C ASP A 59 -9.45 -3.36 3.13
N ALA A 60 -8.49 -3.78 2.31
CA ALA A 60 -7.10 -3.46 2.58
C ALA A 60 -6.94 -1.93 2.68
N PHE A 61 -7.77 -1.21 1.94
CA PHE A 61 -7.75 0.25 1.93
C PHE A 61 -8.11 0.83 3.30
N LYS A 62 -9.14 0.26 3.93
CA LYS A 62 -9.59 0.76 5.22
C LYS A 62 -8.52 0.55 6.29
N ILE A 63 -7.89 -0.62 6.28
CA ILE A 63 -6.87 -0.94 7.26
C ILE A 63 -5.72 0.07 7.23
N MET A 64 -5.20 0.33 6.04
CA MET A 64 -4.10 1.28 5.91
C MET A 64 -4.57 2.70 6.15
N SER A 65 -5.81 2.98 5.77
CA SER A 65 -6.37 4.30 5.96
C SER A 65 -6.35 4.67 7.44
N GLN A 66 -6.78 3.73 8.26
CA GLN A 66 -6.80 3.93 9.71
C GLN A 66 -5.38 4.06 10.27
N ARG A 67 -4.46 3.28 9.69
CA ARG A 67 -3.07 3.25 10.13
C ARG A 67 -2.22 4.44 9.67
N CYS A 68 -2.46 4.96 8.48
CA CYS A 68 -1.63 6.08 7.97
C CYS A 68 -2.36 7.42 7.92
N ASN A 69 -3.68 7.41 7.89
CA ASN A 69 -4.42 8.67 7.80
C ASN A 69 -4.07 9.62 8.95
N ASN A 70 -3.85 10.87 8.58
CA ASN A 70 -3.53 11.94 9.54
C ASN A 70 -2.18 11.75 10.20
N ARG A 71 -1.36 10.85 9.67
CA ARG A 71 -0.04 10.65 10.24
C ARG A 71 1.03 11.08 9.25
N THR A 72 2.11 11.61 9.77
CA THR A 72 3.21 12.06 8.94
C THR A 72 3.95 10.84 8.39
N GLN A 73 3.92 9.75 9.15
CA GLN A 73 4.57 8.51 8.71
C GLN A 73 3.86 7.30 9.32
N CYS A 74 3.93 6.17 8.63
CA CYS A 74 3.28 4.95 9.11
C CYS A 74 3.97 3.69 8.59
N VAL A 75 4.05 2.67 9.44
CA VAL A 75 4.67 1.41 9.07
C VAL A 75 3.68 0.25 9.25
N VAL A 76 3.48 -0.53 8.19
CA VAL A 76 2.54 -1.65 8.25
C VAL A 76 3.09 -2.87 7.53
N VAL A 77 2.76 -4.06 8.04
CA VAL A 77 3.22 -5.29 7.41
C VAL A 77 2.34 -5.59 6.20
N ALA A 78 2.94 -5.54 5.01
CA ALA A 78 2.19 -5.78 3.78
C ALA A 78 1.81 -7.26 3.64
N GLY A 79 1.38 -7.86 4.74
CA GLY A 79 0.99 -9.27 4.71
C GLY A 79 0.59 -9.75 6.11
N SER A 80 1.30 -10.79 6.58
CA SER A 80 1.03 -11.36 7.90
C SER A 80 -0.42 -11.18 8.32
N ASP A 81 -0.64 -11.24 9.62
CA ASP A 81 -1.98 -11.11 10.18
C ASP A 81 -2.54 -9.70 9.97
N ALA A 82 -1.75 -8.85 9.32
CA ALA A 82 -2.18 -7.49 9.07
C ALA A 82 -3.03 -7.41 7.80
N PHE A 83 -3.02 -8.49 7.03
CA PHE A 83 -3.81 -8.55 5.80
C PHE A 83 -4.36 -9.96 5.55
N PRO A 84 -5.64 -10.08 5.33
CA PRO A 84 -6.29 -11.40 5.05
C PRO A 84 -5.56 -12.17 3.95
N ASP A 85 -6.34 -12.93 3.18
CA ASP A 85 -5.79 -13.74 2.10
C ASP A 85 -6.76 -13.74 0.92
N PRO A 86 -6.68 -12.74 0.08
CA PRO A 86 -7.58 -12.61 -1.11
C PRO A 86 -7.18 -13.50 -2.28
N CYS A 87 -6.04 -14.17 -2.16
CA CYS A 87 -5.58 -15.04 -3.24
C CYS A 87 -4.48 -15.99 -2.75
N PRO A 88 -4.86 -16.95 -1.96
CA PRO A 88 -3.91 -17.96 -1.42
C PRO A 88 -3.21 -18.69 -2.56
N GLY A 89 -1.92 -18.95 -2.40
CA GLY A 89 -1.17 -19.65 -3.43
C GLY A 89 -0.48 -18.70 -4.40
N THR A 90 -0.69 -17.40 -4.21
CA THR A 90 -0.06 -16.40 -5.09
C THR A 90 0.75 -15.40 -4.28
N TYR A 91 1.86 -14.91 -4.85
CA TYR A 91 2.67 -13.93 -4.13
C TYR A 91 2.01 -12.58 -4.34
N LYS A 92 1.56 -11.99 -3.26
CA LYS A 92 0.81 -10.75 -3.34
C LYS A 92 1.69 -9.49 -3.26
N TYR A 93 1.00 -8.40 -3.04
CA TYR A 93 1.62 -7.10 -2.87
C TYR A 93 0.63 -6.08 -2.34
N LEU A 94 1.15 -4.92 -1.95
CA LEU A 94 0.31 -3.87 -1.43
C LEU A 94 0.63 -2.56 -2.13
N GLU A 95 -0.39 -1.97 -2.73
CA GLU A 95 -0.21 -0.71 -3.44
C GLU A 95 -1.05 0.36 -2.78
N VAL A 96 -0.43 1.50 -2.44
CA VAL A 96 -1.18 2.55 -1.75
C VAL A 96 -0.95 3.94 -2.32
N GLN A 97 -2.04 4.61 -2.70
CA GLN A 97 -1.95 5.98 -3.23
C GLN A 97 -2.50 6.97 -2.20
N TYR A 98 -1.72 8.00 -1.91
CA TYR A 98 -2.15 8.99 -0.92
C TYR A 98 -1.50 10.35 -1.16
N ASP A 99 -1.98 11.37 -0.45
CA ASP A 99 -1.42 12.72 -0.60
C ASP A 99 -0.93 13.25 0.75
N CYS A 100 -0.04 14.25 0.69
CA CYS A 100 0.48 14.86 1.92
C CYS A 100 -0.08 16.27 2.07
N VAL A 101 -0.92 16.46 3.08
CA VAL A 101 -1.52 17.76 3.33
C VAL A 101 -1.15 18.24 4.72
N PRO A 102 -1.21 19.53 4.98
CA PRO A 102 -0.86 20.08 6.33
C PRO A 102 -1.65 19.42 7.45
N TYR A 103 -1.02 19.27 8.60
CA TYR A 103 -1.67 18.66 9.75
C TYR A 103 -2.73 19.60 10.31
N LYS A 104 -2.49 20.89 10.18
CA LYS A 104 -3.43 21.88 10.70
C LYS A 104 -4.37 22.40 9.61
N VAL A 105 -5.62 22.59 9.98
CA VAL A 105 -6.63 23.07 9.02
C VAL A 105 -6.67 24.59 9.00
N GLU A 106 -6.67 25.14 7.78
CA GLU A 106 -6.70 26.60 7.61
C GLU A 106 -5.50 27.26 8.27
C1 NAG B . -8.09 13.49 10.26
C2 NAG B . -9.26 12.58 10.54
C3 NAG B . -10.51 13.19 9.95
C4 NAG B . -10.74 14.56 10.52
C5 NAG B . -9.51 15.42 10.32
C6 NAG B . -9.62 16.76 11.04
C7 NAG B . -8.90 10.22 10.80
C8 NAG B . -8.66 8.86 10.17
N2 NAG B . -9.03 11.26 9.97
O3 NAG B . -11.64 12.35 10.22
O4 NAG B . -11.87 15.17 9.88
O5 NAG B . -8.33 14.76 10.83
O6 NAG B . -9.65 16.60 12.46
O7 NAG B . -8.95 10.33 12.02
H1 NAG B . -7.99 13.62 9.20
H2 NAG B . -9.39 12.50 11.61
H3 NAG B . -10.38 13.28 8.88
H4 NAG B . -10.93 14.47 11.59
H5 NAG B . -9.36 15.59 9.26
H61 NAG B . -10.52 17.26 10.71
H62 NAG B . -8.78 17.38 10.75
H81 NAG B . -9.44 8.65 9.45
H82 NAG B . -8.67 8.10 10.93
H83 NAG B . -7.70 8.84 9.67
HN2 NAG B . -8.78 11.16 9.03
HO3 NAG B . -11.78 12.31 11.17
HO4 NAG B . -12.35 15.70 10.52
HO6 NAG B . -8.74 16.60 12.80
N GLY A 1 16.17 12.07 -10.63
CA GLY A 1 15.02 11.88 -9.70
C GLY A 1 13.80 11.40 -10.47
N LEU A 2 12.80 10.93 -9.75
CA LEU A 2 11.58 10.43 -10.39
C LEU A 2 10.32 11.02 -9.75
N PRO A 3 10.02 12.26 -10.04
CA PRO A 3 8.81 12.93 -9.49
C PRO A 3 7.57 12.07 -9.72
N PHE A 4 6.61 12.11 -8.78
CA PHE A 4 5.40 11.31 -8.94
C PHE A 4 4.39 12.00 -9.84
N GLY A 5 4.65 13.26 -10.16
CA GLY A 5 3.74 14.02 -11.02
C GLY A 5 2.48 14.38 -10.25
N LEU A 6 1.93 13.40 -9.54
CA LEU A 6 0.72 13.63 -8.76
C LEU A 6 0.52 12.54 -7.72
N MET A 7 0.40 12.94 -6.46
CA MET A 7 0.21 11.99 -5.38
C MET A 7 1.41 11.07 -5.22
N ARG A 8 1.61 10.66 -3.99
CA ARG A 8 2.69 9.74 -3.67
C ARG A 8 2.19 8.30 -3.73
N ARG A 9 3.06 7.36 -4.06
CA ARG A 9 2.64 5.97 -4.11
C ARG A 9 3.77 5.06 -3.65
N GLU A 10 3.43 4.13 -2.78
CA GLU A 10 4.41 3.16 -2.28
C GLU A 10 3.90 1.76 -2.55
N LEU A 11 4.81 0.85 -2.84
CA LEU A 11 4.43 -0.53 -3.11
C LEU A 11 5.42 -1.47 -2.41
N ALA A 12 4.93 -2.57 -1.84
CA ALA A 12 5.82 -3.50 -1.15
C ALA A 12 5.45 -4.95 -1.43
N CYS A 13 6.47 -5.77 -1.61
CA CYS A 13 6.25 -7.18 -1.90
C CYS A 13 5.63 -7.86 -0.68
N GLU A 14 4.62 -8.68 -0.95
CA GLU A 14 3.92 -9.36 0.12
C GLU A 14 4.86 -9.97 1.14
N GLY A 15 4.53 -9.76 2.40
CA GLY A 15 5.31 -10.31 3.50
C GLY A 15 6.34 -9.34 4.05
N TYR A 16 6.61 -8.23 3.37
CA TYR A 16 7.57 -7.25 3.86
C TYR A 16 6.86 -5.96 4.25
N PRO A 17 7.36 -5.27 5.23
CA PRO A 17 6.74 -3.99 5.71
C PRO A 17 6.87 -2.85 4.68
N ILE A 18 5.90 -1.95 4.70
CA ILE A 18 5.89 -0.81 3.80
C ILE A 18 5.99 0.48 4.60
N GLU A 19 6.62 1.50 4.02
CA GLU A 19 6.79 2.76 4.74
C GLU A 19 6.24 3.94 3.95
N LEU A 20 5.39 4.72 4.62
CA LEU A 20 4.80 5.92 4.01
C LEU A 20 5.27 7.15 4.79
N ARG A 21 5.61 8.23 4.09
CA ARG A 21 6.04 9.43 4.81
C ARG A 21 5.66 10.71 4.06
N CYS A 22 5.15 11.68 4.81
CA CYS A 22 4.76 12.96 4.24
C CYS A 22 5.84 14.02 4.48
N PRO A 23 6.04 14.89 3.54
CA PRO A 23 7.05 15.98 3.64
C PRO A 23 6.64 17.08 4.62
N GLY A 24 7.61 17.84 5.09
CA GLY A 24 7.34 18.94 6.01
C GLY A 24 6.46 18.51 7.18
N SER A 25 5.41 19.29 7.43
CA SER A 25 4.49 18.99 8.50
C SER A 25 3.15 18.51 7.96
N ASP A 26 3.18 17.97 6.75
CA ASP A 26 1.97 17.45 6.13
C ASP A 26 1.66 16.09 6.74
N VAL A 27 0.46 15.59 6.53
CA VAL A 27 0.10 14.29 7.08
C VAL A 27 -0.45 13.39 5.98
N ILE A 28 -0.20 12.10 6.12
CA ILE A 28 -0.64 11.13 5.13
C ILE A 28 -2.16 10.95 5.14
N MET A 29 -2.74 10.90 3.95
CA MET A 29 -4.17 10.68 3.79
C MET A 29 -4.39 9.64 2.70
N VAL A 30 -4.74 8.45 3.13
CA VAL A 30 -4.96 7.33 2.19
C VAL A 30 -6.12 7.61 1.25
N GLU A 31 -5.84 7.54 -0.05
CA GLU A 31 -6.87 7.78 -1.06
C GLU A 31 -7.35 6.46 -1.66
N ASN A 32 -6.40 5.64 -2.13
CA ASN A 32 -6.73 4.36 -2.73
C ASN A 32 -5.64 3.35 -2.45
N ALA A 33 -6.02 2.09 -2.23
CA ALA A 33 -5.05 1.05 -1.95
C ALA A 33 -5.69 -0.34 -2.09
N ASN A 34 -4.86 -1.34 -2.38
CA ASN A 34 -5.36 -2.70 -2.54
C ASN A 34 -4.31 -3.72 -2.15
N TYR A 35 -4.77 -4.84 -1.58
CA TYR A 35 -3.86 -5.91 -1.19
C TYR A 35 -4.18 -7.15 -2.01
N GLY A 36 -3.21 -7.60 -2.80
CA GLY A 36 -3.42 -8.77 -3.65
C GLY A 36 -2.39 -8.80 -4.77
N ARG A 37 -2.88 -9.04 -5.99
CA ARG A 37 -2.02 -9.10 -7.15
C ARG A 37 -2.82 -8.86 -8.42
N THR A 38 -2.49 -7.77 -9.12
CA THR A 38 -3.18 -7.45 -10.35
C THR A 38 -2.18 -7.36 -11.49
N ASP A 39 -0.95 -7.77 -11.21
CA ASP A 39 0.09 -7.74 -12.21
C ASP A 39 1.01 -8.95 -12.02
N ASP A 40 2.14 -8.95 -12.71
CA ASP A 40 3.08 -10.05 -12.60
C ASP A 40 4.51 -9.54 -12.80
N LYS A 41 4.65 -8.24 -13.02
CA LYS A 41 5.96 -7.63 -13.23
C LYS A 41 6.42 -6.93 -11.96
N ILE A 42 5.69 -7.09 -10.87
CA ILE A 42 6.06 -6.43 -9.62
C ILE A 42 6.52 -7.44 -8.58
N CYS A 43 7.61 -7.10 -7.90
CA CYS A 43 8.13 -7.97 -6.87
C CYS A 43 8.34 -9.38 -7.43
N ASP A 44 9.42 -9.53 -8.17
CA ASP A 44 9.75 -10.80 -8.81
C ASP A 44 9.82 -11.96 -7.82
N ALA A 45 9.03 -12.99 -8.12
CA ALA A 45 8.96 -14.20 -7.31
C ALA A 45 8.75 -15.40 -8.23
N ASP A 46 8.35 -16.54 -7.67
CA ASP A 46 8.13 -17.73 -8.49
C ASP A 46 6.96 -17.51 -9.46
N PRO A 47 7.07 -18.04 -10.66
CA PRO A 47 6.02 -17.86 -11.70
C PRO A 47 4.66 -18.42 -11.32
N PHE A 48 4.64 -19.53 -10.58
CA PHE A 48 3.38 -20.14 -10.17
C PHE A 48 2.61 -19.19 -9.25
N GLN A 49 3.34 -18.45 -8.42
CA GLN A 49 2.72 -17.50 -7.52
C GLN A 49 2.51 -16.17 -8.21
N MET A 50 3.16 -15.99 -9.35
CA MET A 50 3.05 -14.74 -10.09
C MET A 50 2.19 -14.91 -11.34
N GLU A 51 1.72 -16.12 -11.62
CA GLU A 51 0.94 -16.34 -12.82
C GLU A 51 -0.40 -15.60 -12.77
N ASN A 52 -1.10 -15.65 -11.64
CA ASN A 52 -2.42 -15.00 -11.51
C ASN A 52 -2.30 -13.50 -11.24
N VAL A 53 -2.88 -12.70 -12.14
CA VAL A 53 -2.86 -11.24 -12.01
C VAL A 53 -4.25 -10.70 -11.69
N GLN A 54 -5.05 -11.44 -10.91
CA GLN A 54 -6.39 -10.99 -10.56
C GLN A 54 -6.71 -11.32 -9.10
N CYS A 55 -6.39 -10.39 -8.23
CA CYS A 55 -6.63 -10.56 -6.80
C CYS A 55 -6.82 -9.19 -6.13
N TYR A 56 -7.99 -8.95 -5.54
CA TYR A 56 -8.26 -7.66 -4.91
C TYR A 56 -8.84 -7.83 -3.51
N LEU A 57 -8.63 -6.83 -2.66
CA LEU A 57 -9.16 -6.84 -1.31
C LEU A 57 -9.57 -5.42 -0.92
N PRO A 58 -10.82 -5.09 -1.07
CA PRO A 58 -11.33 -3.71 -0.77
C PRO A 58 -10.94 -3.24 0.64
N ASP A 59 -11.07 -4.13 1.63
CA ASP A 59 -10.76 -3.78 3.00
C ASP A 59 -9.32 -3.32 3.16
N ALA A 60 -8.46 -3.69 2.23
CA ALA A 60 -7.07 -3.28 2.33
C ALA A 60 -6.98 -1.77 2.48
N PHE A 61 -7.90 -1.08 1.80
CA PHE A 61 -7.93 0.37 1.85
C PHE A 61 -8.21 0.91 3.25
N LYS A 62 -9.23 0.32 3.90
CA LYS A 62 -9.62 0.79 5.22
C LYS A 62 -8.53 0.51 6.25
N ILE A 63 -7.88 -0.65 6.15
CA ILE A 63 -6.83 -1.00 7.09
C ILE A 63 -5.69 0.02 7.06
N MET A 64 -5.25 0.38 5.85
CA MET A 64 -4.17 1.35 5.73
C MET A 64 -4.62 2.74 6.15
N SER A 65 -5.87 3.07 5.82
CA SER A 65 -6.43 4.37 6.16
C SER A 65 -6.43 4.62 7.67
N GLN A 66 -6.93 3.64 8.41
CA GLN A 66 -6.98 3.76 9.86
C GLN A 66 -5.58 3.81 10.47
N ARG A 67 -4.67 3.03 9.88
CA ARG A 67 -3.30 2.95 10.37
C ARG A 67 -2.42 4.16 9.99
N CYS A 68 -2.64 4.75 8.82
CA CYS A 68 -1.78 5.86 8.38
C CYS A 68 -2.47 7.23 8.28
N ASN A 69 -3.80 7.27 8.25
CA ASN A 69 -4.50 8.55 8.13
C ASN A 69 -4.12 9.52 9.26
N ASN A 70 -3.92 10.79 8.89
CA ASN A 70 -3.59 11.84 9.86
C ASN A 70 -2.19 11.70 10.47
N ARG A 71 -1.34 10.87 9.87
CA ARG A 71 0.01 10.71 10.39
C ARG A 71 1.06 11.16 9.38
N THR A 72 2.18 11.66 9.88
CA THR A 72 3.26 12.13 9.02
C THR A 72 3.94 10.92 8.37
N GLN A 73 3.96 9.81 9.10
CA GLN A 73 4.58 8.58 8.59
C GLN A 73 3.77 7.36 9.05
N CYS A 74 3.89 6.26 8.30
CA CYS A 74 3.14 5.04 8.63
C CYS A 74 3.86 3.78 8.15
N VAL A 75 3.90 2.77 9.02
CA VAL A 75 4.54 1.50 8.68
C VAL A 75 3.54 0.35 8.88
N VAL A 76 3.45 -0.54 7.91
CA VAL A 76 2.52 -1.66 8.00
C VAL A 76 3.05 -2.89 7.27
N VAL A 77 2.73 -4.07 7.79
CA VAL A 77 3.15 -5.32 7.16
C VAL A 77 2.23 -5.64 5.98
N ALA A 78 2.81 -5.66 4.77
CA ALA A 78 2.03 -5.94 3.58
C ALA A 78 1.60 -7.40 3.50
N GLY A 79 1.32 -8.00 4.66
CA GLY A 79 0.91 -9.39 4.71
C GLY A 79 0.63 -9.82 6.14
N SER A 80 1.35 -10.84 6.61
CA SER A 80 1.16 -11.35 7.95
C SER A 80 -0.30 -11.23 8.39
N ASP A 81 -0.52 -11.38 9.68
CA ASP A 81 -1.87 -11.30 10.24
C ASP A 81 -2.45 -9.91 10.08
N ALA A 82 -1.71 -9.02 9.41
CA ALA A 82 -2.17 -7.64 9.21
C ALA A 82 -3.03 -7.52 7.96
N PHE A 83 -3.10 -8.59 7.19
CA PHE A 83 -3.91 -8.57 5.97
C PHE A 83 -4.50 -9.94 5.70
N PRO A 84 -5.76 -10.03 5.40
CA PRO A 84 -6.40 -11.32 5.06
C PRO A 84 -5.62 -12.05 3.98
N ASP A 85 -6.33 -12.79 3.16
CA ASP A 85 -5.71 -13.51 2.06
C ASP A 85 -6.69 -13.57 0.89
N PRO A 86 -6.62 -12.61 0.00
CA PRO A 86 -7.55 -12.52 -1.17
C PRO A 86 -7.16 -13.45 -2.31
N CYS A 87 -6.03 -14.14 -2.16
CA CYS A 87 -5.59 -15.06 -3.21
C CYS A 87 -4.46 -15.94 -2.72
N PRO A 88 -4.77 -16.81 -1.81
CA PRO A 88 -3.78 -17.76 -1.25
C PRO A 88 -3.08 -18.53 -2.38
N GLY A 89 -1.84 -18.91 -2.13
CA GLY A 89 -1.07 -19.64 -3.12
C GLY A 89 -0.44 -18.72 -4.17
N THR A 90 -0.74 -17.42 -4.09
CA THR A 90 -0.19 -16.46 -5.04
C THR A 90 0.71 -15.44 -4.32
N TYR A 91 1.73 -14.93 -5.01
CA TYR A 91 2.60 -13.93 -4.40
C TYR A 91 1.95 -12.56 -4.57
N LYS A 92 1.52 -11.97 -3.46
CA LYS A 92 0.80 -10.71 -3.50
C LYS A 92 1.68 -9.48 -3.37
N TYR A 93 1.00 -8.39 -3.02
CA TYR A 93 1.65 -7.11 -2.77
C TYR A 93 0.66 -6.09 -2.27
N LEU A 94 1.15 -4.92 -1.93
CA LEU A 94 0.31 -3.84 -1.44
C LEU A 94 0.64 -2.54 -2.16
N GLU A 95 -0.36 -1.95 -2.79
CA GLU A 95 -0.19 -0.69 -3.49
C GLU A 95 -1.03 0.39 -2.81
N VAL A 96 -0.38 1.48 -2.40
CA VAL A 96 -1.12 2.55 -1.71
C VAL A 96 -0.77 3.93 -2.23
N GLN A 97 -1.80 4.68 -2.60
CA GLN A 97 -1.62 6.05 -3.08
C GLN A 97 -2.25 7.00 -2.07
N TYR A 98 -1.48 8.01 -1.64
CA TYR A 98 -1.98 8.96 -0.65
C TYR A 98 -1.42 10.35 -0.90
N ASP A 99 -2.07 11.36 -0.31
CA ASP A 99 -1.63 12.73 -0.48
C ASP A 99 -1.13 13.29 0.85
N CYS A 100 -0.29 14.32 0.78
CA CYS A 100 0.25 14.91 1.98
C CYS A 100 -0.28 16.34 2.15
N VAL A 101 -1.16 16.53 3.11
CA VAL A 101 -1.71 17.86 3.35
C VAL A 101 -1.31 18.35 4.73
N PRO A 102 -1.37 19.64 4.99
CA PRO A 102 -1.00 20.18 6.31
C PRO A 102 -1.83 19.56 7.43
N TYR A 103 -1.24 19.50 8.61
CA TYR A 103 -1.91 18.91 9.76
C TYR A 103 -2.94 19.87 10.34
N LYS A 104 -3.22 20.95 9.62
CA LYS A 104 -4.20 21.94 10.08
C LYS A 104 -5.58 21.59 9.55
N VAL A 105 -6.28 22.60 9.02
CA VAL A 105 -7.63 22.40 8.50
C VAL A 105 -7.60 22.00 7.03
N GLU A 106 -8.39 21.00 6.68
CA GLU A 106 -8.46 20.51 5.31
C GLU A 106 -7.08 20.03 4.86
C1 NAG B . -8.23 13.13 10.83
C2 NAG B . -9.33 12.14 11.12
C3 NAG B . -10.65 12.70 10.62
C4 NAG B . -10.91 14.02 11.29
C5 NAG B . -9.75 14.96 11.04
C6 NAG B . -9.93 16.27 11.80
C7 NAG B . -9.37 9.72 11.06
C8 NAG B . -9.03 8.44 10.34
N2 NAG B . -9.04 10.86 10.47
O3 NAG B . -11.71 11.77 10.91
O4 NAG B . -12.12 14.60 10.77
O5 NAG B . -8.50 14.36 11.46
O6 NAG B . -8.80 16.55 12.65
O7 NAG B . -9.93 9.68 12.16
H1 NAG B . -8.18 13.31 9.76
H2 NAG B . -9.40 12.00 12.19
H3 NAG B . -10.58 12.86 9.56
H4 NAG B . -11.01 13.86 12.35
H5 NAG B . -9.69 15.17 9.99
H61 NAG B . -10.83 16.22 12.39
H62 NAG B . -10.05 17.08 11.08
H81 NAG B . -8.51 8.65 9.42
H82 NAG B . -9.93 7.89 10.10
H83 NAG B . -8.40 7.81 10.96
HN2 NAG B . -8.59 10.85 9.59
HO3 NAG B . -11.57 10.97 10.41
HO4 NAG B . -12.16 15.52 11.01
HO6 NAG B . -8.53 17.45 12.54
N GLY A 1 8.43 22.75 -4.38
CA GLY A 1 7.14 22.13 -4.76
C GLY A 1 7.38 21.11 -5.88
N LEU A 2 7.88 19.94 -5.51
CA LEU A 2 8.14 18.90 -6.50
C LEU A 2 7.48 17.59 -6.09
N PRO A 3 6.22 17.46 -6.35
CA PRO A 3 5.44 16.23 -6.01
C PRO A 3 6.09 14.95 -6.53
N PHE A 4 5.31 14.13 -7.23
CA PHE A 4 5.81 12.89 -7.77
C PHE A 4 5.10 12.54 -9.08
N GLY A 5 4.81 13.56 -9.89
CA GLY A 5 4.17 13.35 -11.19
C GLY A 5 2.70 12.94 -11.06
N LEU A 6 2.40 12.10 -10.09
CA LEU A 6 1.02 11.63 -9.90
C LEU A 6 0.81 11.21 -8.46
N MET A 7 0.51 12.18 -7.60
CA MET A 7 0.28 11.87 -6.20
C MET A 7 1.41 10.98 -5.65
N ARG A 8 1.33 10.66 -4.38
CA ARG A 8 2.33 9.81 -3.75
C ARG A 8 1.90 8.35 -3.85
N ARG A 9 2.85 7.47 -4.13
CA ARG A 9 2.51 6.05 -4.25
C ARG A 9 3.61 5.16 -3.68
N GLU A 10 3.20 4.13 -2.97
CA GLU A 10 4.13 3.18 -2.39
C GLU A 10 3.64 1.75 -2.62
N LEU A 11 4.57 0.87 -2.92
CA LEU A 11 4.22 -0.52 -3.16
C LEU A 11 5.24 -1.43 -2.49
N ALA A 12 4.77 -2.48 -1.83
CA ALA A 12 5.68 -3.40 -1.16
C ALA A 12 5.29 -4.86 -1.38
N CYS A 13 6.31 -5.70 -1.53
CA CYS A 13 6.11 -7.12 -1.79
C CYS A 13 5.45 -7.84 -0.61
N GLU A 14 4.55 -8.77 -0.95
CA GLU A 14 3.83 -9.55 0.06
C GLU A 14 4.76 -10.12 1.11
N GLY A 15 4.42 -9.90 2.37
CA GLY A 15 5.21 -10.43 3.48
C GLY A 15 6.25 -9.44 3.98
N TYR A 16 6.48 -8.35 3.25
CA TYR A 16 7.46 -7.37 3.69
C TYR A 16 6.74 -6.12 4.19
N PRO A 17 7.33 -5.42 5.13
CA PRO A 17 6.73 -4.19 5.71
C PRO A 17 6.80 -3.00 4.75
N ILE A 18 5.86 -2.06 4.90
CA ILE A 18 5.84 -0.88 4.05
C ILE A 18 5.88 0.37 4.92
N GLU A 19 6.61 1.37 4.46
CA GLU A 19 6.72 2.61 5.22
C GLU A 19 6.29 3.80 4.39
N LEU A 20 5.40 4.61 4.95
CA LEU A 20 4.91 5.80 4.28
C LEU A 20 5.38 7.04 5.02
N ARG A 21 5.68 8.11 4.29
CA ARG A 21 6.14 9.33 4.94
C ARG A 21 5.75 10.57 4.14
N CYS A 22 5.24 11.57 4.85
CA CYS A 22 4.84 12.83 4.23
C CYS A 22 5.90 13.90 4.50
N PRO A 23 6.05 14.83 3.59
CA PRO A 23 7.04 15.94 3.71
C PRO A 23 6.66 16.98 4.77
N GLY A 24 7.67 17.74 5.21
CA GLY A 24 7.45 18.80 6.18
C GLY A 24 6.66 18.33 7.40
N SER A 25 5.59 19.06 7.68
CA SER A 25 4.71 18.76 8.81
C SER A 25 3.35 18.31 8.32
N ASP A 26 3.30 17.82 7.09
CA ASP A 26 2.06 17.35 6.49
C ASP A 26 1.72 15.96 7.01
N VAL A 27 0.51 15.51 6.71
CA VAL A 27 0.08 14.19 7.15
C VAL A 27 -0.42 13.37 5.95
N ILE A 28 -0.19 12.06 6.04
CA ILE A 28 -0.60 11.14 4.98
C ILE A 28 -2.13 11.03 4.92
N MET A 29 -2.67 11.03 3.70
CA MET A 29 -4.11 10.87 3.52
C MET A 29 -4.36 9.84 2.44
N VAL A 30 -4.62 8.62 2.91
CA VAL A 30 -4.86 7.48 2.02
C VAL A 30 -6.12 7.68 1.19
N GLU A 31 -5.97 7.60 -0.13
CA GLU A 31 -7.10 7.73 -1.04
C GLU A 31 -7.52 6.37 -1.55
N ASN A 32 -6.54 5.61 -2.03
CA ASN A 32 -6.81 4.27 -2.55
C ASN A 32 -5.64 3.34 -2.27
N ALA A 33 -5.96 2.08 -1.98
CA ALA A 33 -4.95 1.08 -1.69
C ALA A 33 -5.55 -0.33 -1.80
N ASN A 34 -4.72 -1.30 -2.13
CA ASN A 34 -5.20 -2.68 -2.26
C ASN A 34 -4.11 -3.69 -1.94
N TYR A 35 -4.53 -4.87 -1.46
CA TYR A 35 -3.61 -5.94 -1.12
C TYR A 35 -3.93 -7.15 -2.00
N GLY A 36 -2.99 -7.52 -2.87
CA GLY A 36 -3.24 -8.65 -3.75
C GLY A 36 -2.24 -8.67 -4.90
N ARG A 37 -2.73 -8.99 -6.09
CA ARG A 37 -1.87 -9.06 -7.26
C ARG A 37 -2.63 -8.80 -8.55
N THR A 38 -2.23 -7.74 -9.25
CA THR A 38 -2.86 -7.39 -10.52
C THR A 38 -1.78 -7.28 -11.58
N ASP A 39 -0.56 -7.62 -11.19
CA ASP A 39 0.58 -7.59 -12.09
C ASP A 39 1.51 -8.74 -11.77
N ASP A 40 2.20 -9.25 -12.78
CA ASP A 40 3.12 -10.35 -12.59
C ASP A 40 4.56 -9.88 -12.76
N LYS A 41 4.72 -8.59 -13.04
CA LYS A 41 6.05 -8.02 -13.24
C LYS A 41 6.51 -7.23 -12.02
N ILE A 42 5.77 -7.33 -10.93
CA ILE A 42 6.13 -6.60 -9.73
C ILE A 42 6.63 -7.54 -8.64
N CYS A 43 7.68 -7.12 -7.97
CA CYS A 43 8.26 -7.94 -6.90
C CYS A 43 8.72 -9.26 -7.46
N ASP A 44 8.86 -9.31 -8.78
CA ASP A 44 9.30 -10.50 -9.48
C ASP A 44 9.47 -11.68 -8.54
N ALA A 45 8.43 -12.48 -8.40
CA ALA A 45 8.48 -13.66 -7.55
C ALA A 45 8.42 -14.89 -8.43
N ASP A 46 8.16 -16.05 -7.84
CA ASP A 46 8.07 -17.27 -8.63
C ASP A 46 6.94 -17.17 -9.65
N PRO A 47 7.11 -17.77 -10.79
CA PRO A 47 6.11 -17.71 -11.88
C PRO A 47 4.76 -18.26 -11.46
N PHE A 48 4.76 -19.34 -10.69
CA PHE A 48 3.52 -19.96 -10.24
C PHE A 48 2.76 -19.04 -9.30
N GLN A 49 3.47 -18.32 -8.45
CA GLN A 49 2.80 -17.42 -7.53
C GLN A 49 2.52 -16.10 -8.23
N MET A 50 3.06 -15.97 -9.44
CA MET A 50 2.84 -14.76 -10.24
C MET A 50 1.83 -15.01 -11.35
N GLU A 51 1.33 -16.25 -11.45
CA GLU A 51 0.37 -16.60 -12.50
C GLU A 51 -0.93 -15.81 -12.38
N ASN A 52 -1.55 -15.80 -11.21
CA ASN A 52 -2.83 -15.10 -11.05
C ASN A 52 -2.60 -13.60 -10.95
N VAL A 53 -3.02 -12.87 -11.98
CA VAL A 53 -2.87 -11.43 -12.03
C VAL A 53 -4.19 -10.74 -11.73
N GLN A 54 -5.06 -11.43 -10.98
CA GLN A 54 -6.36 -10.87 -10.61
C GLN A 54 -6.67 -11.24 -9.17
N CYS A 55 -6.23 -10.40 -8.25
CA CYS A 55 -6.46 -10.61 -6.83
C CYS A 55 -6.66 -9.25 -6.16
N TYR A 56 -7.82 -9.04 -5.52
CA TYR A 56 -8.09 -7.76 -4.88
C TYR A 56 -8.66 -7.93 -3.47
N LEU A 57 -8.48 -6.90 -2.65
CA LEU A 57 -8.99 -6.88 -1.29
C LEU A 57 -9.40 -5.45 -0.90
N PRO A 58 -10.61 -5.08 -1.20
CA PRO A 58 -11.12 -3.71 -0.89
C PRO A 58 -10.81 -3.25 0.52
N ASP A 59 -11.10 -4.12 1.50
CA ASP A 59 -10.87 -3.78 2.90
C ASP A 59 -9.42 -3.37 3.17
N ALA A 60 -8.52 -3.74 2.27
CA ALA A 60 -7.12 -3.38 2.44
C ALA A 60 -6.98 -1.87 2.59
N PHE A 61 -7.83 -1.15 1.88
CA PHE A 61 -7.84 0.31 1.92
C PHE A 61 -8.21 0.86 3.28
N LYS A 62 -9.26 0.29 3.89
CA LYS A 62 -9.73 0.79 5.17
C LYS A 62 -8.67 0.58 6.25
N ILE A 63 -8.03 -0.59 6.23
CA ILE A 63 -7.01 -0.91 7.24
C ILE A 63 -5.86 0.12 7.16
N MET A 64 -5.43 0.42 5.93
CA MET A 64 -4.34 1.37 5.73
C MET A 64 -4.77 2.78 6.07
N SER A 65 -5.98 3.13 5.68
CA SER A 65 -6.50 4.45 5.93
C SER A 65 -6.46 4.76 7.42
N GLN A 66 -6.84 3.80 8.24
CA GLN A 66 -6.82 4.01 9.69
C GLN A 66 -5.39 4.15 10.21
N ARG A 67 -4.51 3.31 9.67
CA ARG A 67 -3.12 3.29 10.10
C ARG A 67 -2.29 4.48 9.61
N CYS A 68 -2.57 5.00 8.42
CA CYS A 68 -1.76 6.11 7.90
C CYS A 68 -2.51 7.45 7.81
N ASN A 69 -3.83 7.43 7.91
CA ASN A 69 -4.59 8.69 7.80
C ASN A 69 -4.22 9.66 8.92
N ASN A 70 -4.00 10.91 8.52
CA ASN A 70 -3.68 11.99 9.45
C ASN A 70 -2.34 11.81 10.17
N ARG A 71 -1.50 10.91 9.67
CA ARG A 71 -0.19 10.71 10.28
C ARG A 71 0.93 11.10 9.32
N THR A 72 2.02 11.58 9.86
CA THR A 72 3.15 11.99 9.04
C THR A 72 3.81 10.76 8.42
N GLN A 73 3.77 9.65 9.15
CA GLN A 73 4.35 8.40 8.66
C GLN A 73 3.63 7.19 9.26
N CYS A 74 3.74 6.06 8.57
CA CYS A 74 3.10 4.83 9.06
C CYS A 74 3.82 3.59 8.54
N VAL A 75 3.96 2.60 9.41
CA VAL A 75 4.62 1.35 9.04
C VAL A 75 3.65 0.19 9.21
N VAL A 76 3.50 -0.61 8.16
CA VAL A 76 2.57 -1.74 8.22
C VAL A 76 3.14 -2.96 7.51
N VAL A 77 2.80 -4.13 8.03
CA VAL A 77 3.27 -5.37 7.43
C VAL A 77 2.40 -5.74 6.23
N ALA A 78 3.00 -5.73 5.04
CA ALA A 78 2.27 -6.05 3.81
C ALA A 78 1.87 -7.52 3.75
N GLY A 79 1.48 -8.10 4.88
CA GLY A 79 1.08 -9.50 4.89
C GLY A 79 0.66 -9.96 6.28
N SER A 80 1.36 -10.97 6.79
CA SER A 80 1.08 -11.52 8.13
C SER A 80 -0.39 -11.32 8.52
N ASP A 81 -0.65 -11.32 9.83
CA ASP A 81 -2.02 -11.15 10.32
C ASP A 81 -2.50 -9.73 10.07
N ALA A 82 -1.65 -8.90 9.48
CA ALA A 82 -2.01 -7.52 9.22
C ALA A 82 -2.86 -7.44 7.96
N PHE A 83 -2.87 -8.51 7.19
CA PHE A 83 -3.66 -8.55 5.96
C PHE A 83 -4.26 -9.94 5.74
N PRO A 84 -5.54 -10.02 5.49
CA PRO A 84 -6.20 -11.33 5.24
C PRO A 84 -5.50 -12.08 4.12
N ASP A 85 -6.28 -12.84 3.36
CA ASP A 85 -5.73 -13.61 2.26
C ASP A 85 -6.71 -13.63 1.09
N PRO A 86 -6.59 -12.68 0.20
CA PRO A 86 -7.49 -12.55 -0.98
C PRO A 86 -7.12 -13.47 -2.14
N CYS A 87 -5.98 -14.15 -2.02
CA CYS A 87 -5.56 -15.07 -3.09
C CYS A 87 -4.41 -15.98 -2.65
N PRO A 88 -4.72 -16.92 -1.81
CA PRO A 88 -3.73 -17.91 -1.30
C PRO A 88 -3.00 -18.63 -2.43
N GLY A 89 -1.71 -18.88 -2.25
CA GLY A 89 -0.94 -19.58 -3.26
C GLY A 89 -0.35 -18.64 -4.31
N THR A 90 -0.66 -17.35 -4.24
CA THR A 90 -0.13 -16.40 -5.20
C THR A 90 0.74 -15.36 -4.51
N TYR A 91 1.76 -14.84 -5.20
CA TYR A 91 2.63 -13.83 -4.60
C TYR A 91 1.94 -12.49 -4.73
N LYS A 92 1.54 -11.92 -3.59
CA LYS A 92 0.81 -10.67 -3.60
C LYS A 92 1.70 -9.43 -3.43
N TYR A 93 1.03 -8.37 -3.02
CA TYR A 93 1.69 -7.10 -2.72
C TYR A 93 0.68 -6.10 -2.19
N LEU A 94 1.18 -4.92 -1.85
CA LEU A 94 0.31 -3.87 -1.36
C LEU A 94 0.65 -2.56 -2.06
N GLU A 95 -0.38 -1.93 -2.61
CA GLU A 95 -0.18 -0.65 -3.30
C GLU A 95 -1.02 0.41 -2.61
N VAL A 96 -0.40 1.53 -2.28
CA VAL A 96 -1.11 2.60 -1.60
C VAL A 96 -0.85 3.96 -2.24
N GLN A 97 -1.92 4.62 -2.65
CA GLN A 97 -1.83 5.94 -3.26
C GLN A 97 -2.40 6.97 -2.29
N TYR A 98 -1.64 8.02 -2.02
CA TYR A 98 -2.10 9.02 -1.07
C TYR A 98 -1.44 10.38 -1.30
N ASP A 99 -1.94 11.38 -0.60
CA ASP A 99 -1.42 12.74 -0.73
C ASP A 99 -1.04 13.29 0.65
N CYS A 100 -0.18 14.30 0.67
CA CYS A 100 0.24 14.91 1.92
C CYS A 100 -0.33 16.31 2.06
N VAL A 101 -1.15 16.51 3.08
CA VAL A 101 -1.78 17.81 3.31
C VAL A 101 -1.34 18.41 4.65
N PRO A 102 -1.46 19.71 4.79
CA PRO A 102 -1.08 20.40 6.06
C PRO A 102 -1.89 19.90 7.26
N TYR A 103 -1.24 19.84 8.41
CA TYR A 103 -1.93 19.40 9.63
C TYR A 103 -2.81 20.52 10.16
N LYS A 104 -3.78 20.16 10.98
CA LYS A 104 -4.68 21.15 11.54
C LYS A 104 -4.10 21.74 12.82
N VAL A 105 -4.65 22.86 13.26
CA VAL A 105 -4.14 23.53 14.45
C VAL A 105 -4.72 22.92 15.72
N GLU A 106 -3.83 22.66 16.70
CA GLU A 106 -4.23 22.08 17.97
C GLU A 106 -5.11 20.85 17.77
C1 NAG B . -8.33 13.48 10.07
C2 NAG B . -9.46 12.56 10.44
C3 NAG B . -10.76 13.10 9.87
C4 NAG B . -11.00 14.48 10.40
C5 NAG B . -9.80 15.37 10.11
C6 NAG B . -9.94 16.74 10.76
C7 NAG B . -10.01 10.21 10.26
C8 NAG B . -9.71 8.85 9.69
N2 NAG B . -9.21 11.22 9.91
O3 NAG B . -11.84 12.23 10.24
O4 NAG B . -12.17 15.03 9.79
O5 NAG B . -8.59 14.77 10.59
O6 NAG B . -11.29 16.99 11.17
O7 NAG B . -10.97 10.36 11.02
H1 NAG B . -8.25 13.57 9.00
H2 NAG B . -9.55 12.52 11.51
H3 NAG B . -10.67 13.15 8.80
H4 NAG B . -11.13 14.43 11.48
H5 NAG B . -9.71 15.49 9.04
H61 NAG B . -9.62 17.50 10.06
H62 NAG B . -9.29 16.78 11.63
H81 NAG B . -10.52 8.17 9.90
H82 NAG B . -8.80 8.45 10.14
H83 NAG B . -9.56 8.91 8.63
HN2 NAG B . -8.51 11.07 9.24
HO3 NAG B . -12.49 12.23 9.53
HO4 NAG B . -12.72 15.45 10.46
HO6 NAG B . -11.89 16.60 10.53
N GLY A 1 5.88 23.58 -3.08
CA GLY A 1 6.07 22.12 -2.83
C GLY A 1 6.60 21.45 -4.09
N LEU A 2 6.73 20.13 -4.03
CA LEU A 2 7.22 19.36 -5.17
C LEU A 2 6.25 18.23 -5.48
N PRO A 3 5.27 18.49 -6.30
CA PRO A 3 4.24 17.47 -6.67
C PRO A 3 4.86 16.17 -7.19
N PHE A 4 4.21 15.05 -6.90
CA PHE A 4 4.70 13.76 -7.34
C PHE A 4 4.24 13.48 -8.77
N GLY A 5 3.59 14.48 -9.37
CA GLY A 5 3.08 14.34 -10.73
C GLY A 5 1.69 13.71 -10.72
N LEU A 6 1.48 12.79 -9.79
CA LEU A 6 0.19 12.12 -9.66
C LEU A 6 0.03 11.52 -8.27
N MET A 7 -0.01 12.38 -7.26
CA MET A 7 -0.16 11.89 -5.89
C MET A 7 0.98 10.95 -5.54
N ARG A 8 1.04 10.56 -4.27
CA ARG A 8 2.09 9.66 -3.81
C ARG A 8 1.63 8.21 -3.94
N ARG A 9 2.57 7.33 -4.21
CA ARG A 9 2.25 5.91 -4.35
C ARG A 9 3.39 5.05 -3.84
N GLU A 10 3.05 4.16 -2.95
CA GLU A 10 4.03 3.24 -2.39
C GLU A 10 3.54 1.83 -2.56
N LEU A 11 4.46 0.92 -2.83
CA LEU A 11 4.10 -0.46 -3.02
C LEU A 11 5.13 -1.34 -2.35
N ALA A 12 4.68 -2.47 -1.80
CA ALA A 12 5.60 -3.37 -1.12
C ALA A 12 5.25 -4.82 -1.38
N CYS A 13 6.27 -5.64 -1.55
CA CYS A 13 6.06 -7.05 -1.81
C CYS A 13 5.43 -7.74 -0.62
N GLU A 14 4.43 -8.56 -0.89
CA GLU A 14 3.74 -9.27 0.18
C GLU A 14 4.73 -9.92 1.15
N GLY A 15 4.46 -9.76 2.44
CA GLY A 15 5.29 -10.34 3.47
C GLY A 15 6.31 -9.36 4.04
N TYR A 16 6.56 -8.25 3.35
CA TYR A 16 7.52 -7.27 3.84
C TYR A 16 6.82 -5.98 4.28
N PRO A 17 7.36 -5.31 5.24
CA PRO A 17 6.80 -4.02 5.76
C PRO A 17 6.87 -2.88 4.76
N ILE A 18 5.90 -1.96 4.86
CA ILE A 18 5.86 -0.80 3.98
C ILE A 18 5.95 0.47 4.81
N GLU A 19 6.68 1.47 4.33
CA GLU A 19 6.82 2.72 5.07
C GLU A 19 6.32 3.90 4.26
N LEU A 20 5.44 4.70 4.86
CA LEU A 20 4.90 5.87 4.20
C LEU A 20 5.35 7.11 4.96
N ARG A 21 5.68 8.18 4.25
CA ARG A 21 6.13 9.37 4.93
C ARG A 21 5.79 10.65 4.15
N CYS A 22 5.25 11.63 4.86
CA CYS A 22 4.89 12.89 4.23
C CYS A 22 5.93 13.95 4.58
N PRO A 23 6.24 14.82 3.66
CA PRO A 23 7.25 15.90 3.88
C PRO A 23 6.75 17.00 4.83
N GLY A 24 7.70 17.73 5.40
CA GLY A 24 7.36 18.84 6.31
C GLY A 24 6.43 18.41 7.44
N SER A 25 5.43 19.24 7.71
CA SER A 25 4.46 18.97 8.77
C SER A 25 3.15 18.46 8.17
N ASP A 26 3.21 17.91 6.99
CA ASP A 26 2.03 17.39 6.33
C ASP A 26 1.68 16.00 6.88
N VAL A 27 0.47 15.53 6.60
CA VAL A 27 0.07 14.20 7.06
C VAL A 27 -0.48 13.37 5.90
N ILE A 28 -0.24 12.07 5.97
CA ILE A 28 -0.68 11.16 4.92
C ILE A 28 -2.19 11.04 4.87
N MET A 29 -2.73 11.03 3.66
CA MET A 29 -4.17 10.87 3.47
C MET A 29 -4.41 9.81 2.40
N VAL A 30 -4.72 8.61 2.86
CA VAL A 30 -4.97 7.48 1.98
C VAL A 30 -6.21 7.68 1.13
N GLU A 31 -6.05 7.56 -0.19
CA GLU A 31 -7.17 7.71 -1.11
C GLU A 31 -7.61 6.34 -1.60
N ASN A 32 -6.65 5.54 -2.03
CA ASN A 32 -6.97 4.21 -2.54
C ASN A 32 -5.79 3.26 -2.32
N ALA A 33 -6.09 1.99 -2.15
CA ALA A 33 -5.05 0.99 -1.94
C ALA A 33 -5.65 -0.41 -2.08
N ASN A 34 -4.79 -1.38 -2.36
CA ASN A 34 -5.27 -2.76 -2.53
C ASN A 34 -4.20 -3.77 -2.14
N TYR A 35 -4.63 -4.88 -1.53
CA TYR A 35 -3.73 -5.94 -1.13
C TYR A 35 -4.00 -7.18 -1.97
N GLY A 36 -3.04 -7.57 -2.80
CA GLY A 36 -3.23 -8.75 -3.66
C GLY A 36 -2.21 -8.77 -4.80
N ARG A 37 -2.70 -9.04 -6.00
CA ARG A 37 -1.86 -9.09 -7.19
C ARG A 37 -2.68 -8.84 -8.45
N THR A 38 -2.33 -7.77 -9.15
CA THR A 38 -3.01 -7.41 -10.38
C THR A 38 -1.98 -7.24 -11.49
N ASP A 39 -0.75 -7.58 -11.15
CA ASP A 39 0.36 -7.48 -12.07
C ASP A 39 1.35 -8.62 -11.81
N ASP A 40 2.06 -9.04 -12.85
CA ASP A 40 3.04 -10.12 -12.69
C ASP A 40 4.44 -9.57 -12.83
N LYS A 41 4.55 -8.25 -12.99
CA LYS A 41 5.84 -7.62 -13.17
C LYS A 41 6.32 -6.94 -11.89
N ILE A 42 5.53 -7.04 -10.82
CA ILE A 42 5.92 -6.41 -9.56
C ILE A 42 6.26 -7.47 -8.53
N CYS A 43 7.36 -7.25 -7.82
CA CYS A 43 7.76 -8.20 -6.81
C CYS A 43 7.99 -9.57 -7.43
N ASP A 44 8.99 -9.63 -8.30
CA ASP A 44 9.33 -10.86 -9.01
C ASP A 44 9.42 -12.07 -8.07
N ALA A 45 8.36 -12.86 -8.05
CA ALA A 45 8.31 -14.08 -7.23
C ALA A 45 8.33 -15.30 -8.16
N ASP A 46 8.02 -16.48 -7.60
CA ASP A 46 8.01 -17.69 -8.42
C ASP A 46 6.92 -17.60 -9.49
N PRO A 47 7.18 -18.14 -10.65
CA PRO A 47 6.21 -18.10 -11.79
C PRO A 47 4.82 -18.58 -11.39
N PHE A 48 4.74 -19.66 -10.61
CA PHE A 48 3.46 -20.19 -10.19
C PHE A 48 2.70 -19.19 -9.34
N GLN A 49 3.42 -18.43 -8.52
CA GLN A 49 2.78 -17.44 -7.69
C GLN A 49 2.63 -16.13 -8.45
N MET A 50 3.22 -16.09 -9.63
CA MET A 50 3.17 -14.89 -10.46
C MET A 50 2.20 -15.06 -11.62
N GLU A 51 1.66 -16.27 -11.79
CA GLU A 51 0.73 -16.51 -12.90
C GLU A 51 -0.56 -15.70 -12.77
N ASN A 52 -1.17 -15.70 -11.59
CA ASN A 52 -2.44 -14.99 -11.38
C ASN A 52 -2.26 -13.48 -11.23
N VAL A 53 -2.84 -12.74 -12.17
CA VAL A 53 -2.78 -11.28 -12.15
C VAL A 53 -4.13 -10.68 -11.81
N GLN A 54 -4.90 -11.39 -10.98
CA GLN A 54 -6.22 -10.93 -10.59
C GLN A 54 -6.52 -11.28 -9.13
N CYS A 55 -6.13 -10.40 -8.23
CA CYS A 55 -6.36 -10.60 -6.81
C CYS A 55 -6.62 -9.25 -6.15
N TYR A 56 -7.78 -9.08 -5.50
CA TYR A 56 -8.11 -7.80 -4.87
C TYR A 56 -8.67 -7.97 -3.46
N LEU A 57 -8.47 -6.94 -2.63
CA LEU A 57 -8.98 -6.94 -1.25
C LEU A 57 -9.38 -5.53 -0.85
N PRO A 58 -10.60 -5.16 -1.11
CA PRO A 58 -11.13 -3.80 -0.79
C PRO A 58 -10.80 -3.34 0.64
N ASP A 59 -11.09 -4.21 1.62
CA ASP A 59 -10.86 -3.85 3.03
C ASP A 59 -9.40 -3.44 3.26
N ALA A 60 -8.52 -3.81 2.34
CA ALA A 60 -7.11 -3.46 2.49
C ALA A 60 -6.95 -1.95 2.59
N PHE A 61 -7.80 -1.24 1.88
CA PHE A 61 -7.77 0.22 1.89
C PHE A 61 -8.10 0.80 3.26
N LYS A 62 -9.08 0.21 3.94
CA LYS A 62 -9.48 0.71 5.25
C LYS A 62 -8.37 0.51 6.26
N ILE A 63 -7.71 -0.63 6.20
CA ILE A 63 -6.63 -0.93 7.14
C ILE A 63 -5.51 0.11 7.03
N MET A 64 -5.09 0.40 5.81
CA MET A 64 -4.02 1.36 5.60
C MET A 64 -4.47 2.77 5.93
N SER A 65 -5.71 3.10 5.55
CA SER A 65 -6.23 4.43 5.81
C SER A 65 -6.24 4.73 7.30
N GLN A 66 -6.70 3.79 8.10
CA GLN A 66 -6.73 3.97 9.55
C GLN A 66 -5.30 4.07 10.11
N ARG A 67 -4.40 3.30 9.52
CA ARG A 67 -3.01 3.26 9.97
C ARG A 67 -2.18 4.48 9.54
N CYS A 68 -2.48 5.06 8.37
CA CYS A 68 -1.67 6.19 7.89
C CYS A 68 -2.43 7.53 7.84
N ASN A 69 -3.75 7.51 7.94
CA ASN A 69 -4.52 8.76 7.87
C ASN A 69 -4.16 9.71 9.00
N ASN A 70 -3.97 10.98 8.63
CA ASN A 70 -3.66 12.04 9.59
C ASN A 70 -2.32 11.81 10.26
N ARG A 71 -1.52 10.89 9.74
CA ARG A 71 -0.20 10.64 10.29
C ARG A 71 0.87 11.06 9.31
N THR A 72 1.96 11.57 9.84
CA THR A 72 3.07 12.02 9.02
C THR A 72 3.78 10.81 8.43
N GLN A 73 3.81 9.72 9.19
CA GLN A 73 4.44 8.49 8.72
C GLN A 73 3.80 7.29 9.39
N CYS A 74 3.87 6.15 8.71
CA CYS A 74 3.30 4.93 9.24
C CYS A 74 4.03 3.71 8.70
N VAL A 75 3.96 2.62 9.44
CA VAL A 75 4.61 1.38 9.02
C VAL A 75 3.61 0.24 9.15
N VAL A 76 3.40 -0.48 8.07
CA VAL A 76 2.45 -1.58 8.07
C VAL A 76 3.03 -2.82 7.42
N VAL A 77 2.65 -4.00 7.92
CA VAL A 77 3.12 -5.25 7.36
C VAL A 77 2.29 -5.63 6.14
N ALA A 78 2.92 -5.68 4.98
CA ALA A 78 2.22 -6.01 3.74
C ALA A 78 1.80 -7.48 3.70
N GLY A 79 1.40 -8.05 4.84
CA GLY A 79 1.00 -9.45 4.87
C GLY A 79 0.66 -9.89 6.28
N SER A 80 1.34 -10.93 6.75
CA SER A 80 1.13 -11.45 8.09
C SER A 80 -0.33 -11.26 8.52
N ASP A 81 -0.55 -11.33 9.83
CA ASP A 81 -1.90 -11.18 10.39
C ASP A 81 -2.45 -9.78 10.14
N ALA A 82 -1.67 -8.96 9.45
CA ALA A 82 -2.11 -7.59 9.18
C ALA A 82 -2.97 -7.54 7.93
N PHE A 83 -2.97 -8.61 7.15
CA PHE A 83 -3.77 -8.64 5.94
C PHE A 83 -4.32 -10.05 5.68
N PRO A 84 -5.60 -10.16 5.43
CA PRO A 84 -6.23 -11.49 5.13
C PRO A 84 -5.49 -12.21 4.01
N ASP A 85 -6.24 -12.91 3.20
CA ASP A 85 -5.65 -13.64 2.09
C ASP A 85 -6.61 -13.67 0.89
N PRO A 86 -6.56 -12.66 0.05
CA PRO A 86 -7.47 -12.55 -1.14
C PRO A 86 -7.05 -13.45 -2.31
N CYS A 87 -5.91 -14.12 -2.16
CA CYS A 87 -5.42 -14.98 -3.24
C CYS A 87 -4.31 -15.90 -2.75
N PRO A 88 -4.62 -16.76 -1.83
CA PRO A 88 -3.63 -17.73 -1.30
C PRO A 88 -3.02 -18.54 -2.43
N GLY A 89 -1.75 -18.89 -2.30
CA GLY A 89 -1.09 -19.66 -3.34
C GLY A 89 -0.42 -18.74 -4.36
N THR A 90 -0.69 -17.45 -4.26
CA THR A 90 -0.09 -16.49 -5.19
C THR A 90 0.69 -15.43 -4.42
N TYR A 91 1.75 -14.90 -5.03
CA TYR A 91 2.53 -13.87 -4.35
C TYR A 91 1.88 -12.52 -4.58
N LYS A 92 1.45 -11.91 -3.51
CA LYS A 92 0.73 -10.65 -3.58
C LYS A 92 1.61 -9.41 -3.43
N TYR A 93 0.94 -8.33 -3.09
CA TYR A 93 1.58 -7.04 -2.84
C TYR A 93 0.58 -6.04 -2.29
N LEU A 94 1.08 -4.88 -1.89
CA LEU A 94 0.23 -3.83 -1.37
C LEU A 94 0.57 -2.50 -2.05
N GLU A 95 -0.44 -1.87 -2.63
CA GLU A 95 -0.24 -0.59 -3.29
C GLU A 95 -1.11 0.46 -2.63
N VAL A 96 -0.50 1.57 -2.23
CA VAL A 96 -1.25 2.62 -1.55
C VAL A 96 -1.01 4.00 -2.16
N GLN A 97 -2.09 4.65 -2.59
CA GLN A 97 -1.98 5.97 -3.15
C GLN A 97 -2.52 6.99 -2.14
N TYR A 98 -1.72 8.03 -1.87
CA TYR A 98 -2.12 9.05 -0.89
C TYR A 98 -1.45 10.39 -1.18
N ASP A 99 -1.88 11.41 -0.43
CA ASP A 99 -1.35 12.76 -0.59
C ASP A 99 -0.92 13.32 0.76
N CYS A 100 -0.10 14.36 0.73
CA CYS A 100 0.35 14.98 1.97
C CYS A 100 -0.24 16.38 2.10
N VAL A 101 -0.86 16.65 3.25
CA VAL A 101 -1.48 17.95 3.48
C VAL A 101 -1.08 18.47 4.86
N PRO A 102 -1.06 19.77 5.06
CA PRO A 102 -0.66 20.35 6.38
C PRO A 102 -1.48 19.79 7.53
N TYR A 103 -0.83 19.60 8.66
CA TYR A 103 -1.52 19.07 9.84
C TYR A 103 -2.36 20.16 10.49
N LYS A 104 -3.07 20.92 9.65
CA LYS A 104 -3.92 21.99 10.13
C LYS A 104 -5.25 22.02 9.36
N VAL A 105 -5.23 22.39 8.08
CA VAL A 105 -6.48 22.44 7.30
C VAL A 105 -6.78 21.06 6.71
N GLU A 106 -8.04 20.63 6.84
CA GLU A 106 -8.45 19.32 6.34
C GLU A 106 -7.42 18.28 6.73
C1 NAG B . -8.41 13.18 10.09
C2 NAG B . -9.47 12.12 10.32
C3 NAG B . -10.77 12.57 9.69
C4 NAG B . -11.19 13.90 10.27
C5 NAG B . -10.06 14.91 10.11
C6 NAG B . -10.39 16.22 10.82
C7 NAG B . -9.61 9.72 10.14
C8 NAG B . -9.13 8.44 9.47
N2 NAG B . -9.05 10.85 9.73
O3 NAG B . -11.79 11.58 9.95
O4 NAG B . -12.35 14.37 9.59
O5 NAG B . -8.83 14.39 10.66
O6 NAG B . -11.46 16.92 10.15
O7 NAG B . -10.47 9.67 11.01
H1 NAG B . -8.27 13.33 9.03
H2 NAG B . -9.61 12.00 11.39
H3 NAG B . -10.63 12.68 8.63
H4 NAG B . -11.41 13.77 11.32
H5 NAG B . -9.90 15.09 9.06
H61 NAG B . -9.50 16.83 10.83
H62 NAG B . -10.68 16.01 11.84
H81 NAG B . -9.27 8.51 8.41
H82 NAG B . -9.70 7.60 9.84
H83 NAG B . -8.09 8.27 9.69
HN2 NAG B . -8.38 10.84 9.02
HO3 NAG B . -12.21 11.76 10.79
HO4 NAG B . -12.96 13.65 9.44
HO6 NAG B . -12.29 16.48 10.32
N GLY A 1 11.84 4.53 -12.70
CA GLY A 1 10.43 4.93 -12.42
C GLY A 1 10.17 6.33 -12.97
N LEU A 2 9.22 6.42 -13.89
CA LEU A 2 8.87 7.70 -14.51
C LEU A 2 8.43 8.73 -13.45
N PRO A 3 8.73 10.00 -13.67
CA PRO A 3 8.34 11.06 -12.70
C PRO A 3 6.88 10.96 -12.27
N PHE A 4 6.62 11.24 -11.00
CA PHE A 4 5.27 11.16 -10.45
C PHE A 4 4.45 12.38 -10.86
N GLY A 5 5.01 13.56 -10.62
CA GLY A 5 4.33 14.81 -10.97
C GLY A 5 3.13 15.08 -10.07
N LEU A 6 2.43 14.03 -9.64
CA LEU A 6 1.25 14.20 -8.79
C LEU A 6 0.94 12.94 -7.97
N MET A 7 0.47 13.14 -6.74
CA MET A 7 0.12 12.03 -5.85
C MET A 7 1.31 11.11 -5.59
N ARG A 8 1.49 10.75 -4.33
CA ARG A 8 2.58 9.85 -3.94
C ARG A 8 2.07 8.41 -3.93
N ARG A 9 2.96 7.46 -4.17
CA ARG A 9 2.55 6.07 -4.16
C ARG A 9 3.67 5.16 -3.70
N GLU A 10 3.31 4.18 -2.89
CA GLU A 10 4.28 3.21 -2.37
C GLU A 10 3.75 1.80 -2.59
N LEU A 11 4.65 0.88 -2.85
CA LEU A 11 4.28 -0.51 -3.05
C LEU A 11 5.28 -1.41 -2.33
N ALA A 12 4.80 -2.50 -1.75
CA ALA A 12 5.70 -3.40 -1.02
C ALA A 12 5.37 -4.86 -1.29
N CYS A 13 6.40 -5.68 -1.45
CA CYS A 13 6.21 -7.09 -1.74
C CYS A 13 5.55 -7.80 -0.57
N GLU A 14 4.59 -8.66 -0.90
CA GLU A 14 3.87 -9.41 0.13
C GLU A 14 4.80 -10.00 1.17
N GLY A 15 4.48 -9.75 2.43
CA GLY A 15 5.25 -10.29 3.54
C GLY A 15 6.29 -9.31 4.08
N TYR A 16 6.55 -8.21 3.36
CA TYR A 16 7.51 -7.24 3.85
C TYR A 16 6.80 -5.95 4.27
N PRO A 17 7.33 -5.28 5.25
CA PRO A 17 6.75 -4.00 5.75
C PRO A 17 6.76 -2.88 4.71
N ILE A 18 5.78 -1.98 4.82
CA ILE A 18 5.69 -0.86 3.89
C ILE A 18 5.86 0.44 4.67
N GLU A 19 6.41 1.47 4.02
CA GLU A 19 6.64 2.73 4.72
C GLU A 19 6.15 3.95 3.94
N LEU A 20 5.38 4.77 4.63
CA LEU A 20 4.85 6.00 4.05
C LEU A 20 5.34 7.20 4.88
N ARG A 21 5.73 8.27 4.21
CA ARG A 21 6.20 9.45 4.93
C ARG A 21 5.85 10.73 4.17
N CYS A 22 5.30 11.70 4.88
CA CYS A 22 4.92 12.96 4.27
C CYS A 22 6.00 14.02 4.52
N PRO A 23 6.19 14.91 3.57
CA PRO A 23 7.21 15.98 3.67
C PRO A 23 6.88 17.00 4.75
N GLY A 24 7.90 17.71 5.21
CA GLY A 24 7.73 18.73 6.23
C GLY A 24 6.92 18.23 7.42
N SER A 25 5.78 18.87 7.66
CA SER A 25 4.90 18.52 8.76
C SER A 25 3.52 18.15 8.25
N ASP A 26 3.45 17.73 7.00
CA ASP A 26 2.19 17.32 6.40
C ASP A 26 1.81 15.94 6.92
N VAL A 27 0.60 15.50 6.65
CA VAL A 27 0.16 14.18 7.11
C VAL A 27 -0.37 13.35 5.95
N ILE A 28 -0.19 12.04 6.05
CA ILE A 28 -0.65 11.12 5.03
C ILE A 28 -2.17 11.01 4.97
N MET A 29 -2.71 11.02 3.75
CA MET A 29 -4.13 10.89 3.54
C MET A 29 -4.37 9.83 2.45
N VAL A 30 -4.67 8.62 2.90
CA VAL A 30 -4.89 7.49 1.99
C VAL A 30 -6.12 7.72 1.12
N GLU A 31 -5.92 7.64 -0.19
CA GLU A 31 -7.03 7.83 -1.13
C GLU A 31 -7.49 6.45 -1.61
N ASN A 32 -6.54 5.61 -2.00
CA ASN A 32 -6.85 4.26 -2.47
C ASN A 32 -5.70 3.30 -2.21
N ALA A 33 -6.04 2.03 -2.01
CA ALA A 33 -5.03 1.00 -1.79
C ALA A 33 -5.67 -0.37 -1.93
N ASN A 34 -4.84 -1.36 -2.22
CA ASN A 34 -5.34 -2.71 -2.41
C ASN A 34 -4.29 -3.75 -2.05
N TYR A 35 -4.74 -4.84 -1.45
CA TYR A 35 -3.83 -5.92 -1.10
C TYR A 35 -4.17 -7.13 -1.97
N GLY A 36 -3.23 -7.54 -2.81
CA GLY A 36 -3.48 -8.65 -3.71
C GLY A 36 -2.45 -8.71 -4.83
N ARG A 37 -2.93 -9.01 -6.04
CA ARG A 37 -2.05 -9.11 -7.20
C ARG A 37 -2.79 -8.79 -8.50
N THR A 38 -2.34 -7.73 -9.16
CA THR A 38 -2.95 -7.32 -10.43
C THR A 38 -1.88 -7.25 -11.52
N ASP A 39 -0.66 -7.66 -11.19
CA ASP A 39 0.44 -7.64 -12.15
C ASP A 39 1.45 -8.76 -11.84
N ASP A 40 2.21 -9.15 -12.87
CA ASP A 40 3.23 -10.18 -12.71
C ASP A 40 4.62 -9.57 -12.89
N LYS A 41 4.66 -8.25 -13.04
CA LYS A 41 5.94 -7.56 -13.23
C LYS A 41 6.38 -6.82 -11.96
N ILE A 42 5.61 -6.96 -10.87
CA ILE A 42 5.95 -6.29 -9.61
C ILE A 42 6.36 -7.30 -8.55
N CYS A 43 7.42 -6.99 -7.82
CA CYS A 43 7.90 -7.90 -6.78
C CYS A 43 8.10 -9.28 -7.38
N ASP A 44 9.17 -9.42 -8.12
CA ASP A 44 9.49 -10.68 -8.78
C ASP A 44 9.53 -11.85 -7.81
N ALA A 45 8.66 -12.81 -8.06
CA ALA A 45 8.60 -14.02 -7.25
C ALA A 45 8.54 -15.22 -8.18
N ASP A 46 8.18 -16.37 -7.65
CA ASP A 46 8.10 -17.57 -8.48
C ASP A 46 6.97 -17.42 -9.50
N PRO A 47 7.20 -17.88 -10.71
CA PRO A 47 6.19 -17.77 -11.81
C PRO A 47 4.82 -18.33 -11.44
N PHE A 48 4.79 -19.44 -10.70
CA PHE A 48 3.51 -20.05 -10.33
C PHE A 48 2.68 -19.11 -9.45
N GLN A 49 3.35 -18.37 -8.58
CA GLN A 49 2.67 -17.44 -7.70
C GLN A 49 2.45 -16.11 -8.42
N MET A 50 3.09 -15.97 -9.57
CA MET A 50 2.98 -14.72 -10.35
C MET A 50 2.05 -14.88 -11.55
N GLU A 51 1.55 -16.08 -11.78
CA GLU A 51 0.66 -16.31 -12.93
C GLU A 51 -0.64 -15.55 -12.82
N ASN A 52 -1.32 -15.61 -11.69
CA ASN A 52 -2.59 -14.94 -11.54
C ASN A 52 -2.44 -13.45 -11.22
N VAL A 53 -2.92 -12.64 -12.15
CA VAL A 53 -2.87 -11.19 -12.03
C VAL A 53 -4.25 -10.63 -11.72
N GLN A 54 -5.00 -11.39 -10.91
CA GLN A 54 -6.36 -10.98 -10.53
C GLN A 54 -6.64 -11.32 -9.08
N CYS A 55 -6.29 -10.41 -8.18
CA CYS A 55 -6.52 -10.58 -6.77
C CYS A 55 -6.77 -9.21 -6.14
N TYR A 56 -7.95 -9.01 -5.55
CA TYR A 56 -8.27 -7.72 -4.93
C TYR A 56 -8.83 -7.91 -3.53
N LEU A 57 -8.65 -6.89 -2.70
CA LEU A 57 -9.16 -6.92 -1.34
C LEU A 57 -9.54 -5.50 -0.91
N PRO A 58 -10.76 -5.10 -1.18
CA PRO A 58 -11.24 -3.73 -0.82
C PRO A 58 -10.90 -3.37 0.62
N ASP A 59 -11.19 -4.27 1.57
CA ASP A 59 -10.93 -4.00 2.98
C ASP A 59 -9.48 -3.54 3.21
N ALA A 60 -8.58 -3.94 2.32
CA ALA A 60 -7.19 -3.55 2.44
C ALA A 60 -7.04 -2.03 2.54
N PHE A 61 -7.89 -1.31 1.81
CA PHE A 61 -7.86 0.14 1.81
C PHE A 61 -8.21 0.73 3.17
N LYS A 62 -9.21 0.17 3.82
CA LYS A 62 -9.64 0.69 5.09
C LYS A 62 -8.51 0.51 6.13
N ILE A 63 -7.84 -0.64 6.07
CA ILE A 63 -6.76 -0.92 7.02
C ILE A 63 -5.65 0.13 6.91
N MET A 64 -5.22 0.44 5.68
CA MET A 64 -4.15 1.41 5.49
C MET A 64 -4.63 2.81 5.89
N SER A 65 -5.88 3.11 5.61
CA SER A 65 -6.44 4.41 5.93
C SER A 65 -6.32 4.70 7.42
N GLN A 66 -6.68 3.72 8.24
CA GLN A 66 -6.59 3.89 9.68
C GLN A 66 -5.14 4.03 10.11
N ARG A 67 -4.28 3.22 9.49
CA ARG A 67 -2.86 3.21 9.83
C ARG A 67 -2.12 4.46 9.37
N CYS A 68 -2.49 5.03 8.23
CA CYS A 68 -1.76 6.19 7.72
C CYS A 68 -2.56 7.49 7.71
N ASN A 69 -3.87 7.43 7.87
CA ASN A 69 -4.66 8.66 7.83
C ASN A 69 -4.29 9.61 8.96
N ASN A 70 -4.09 10.88 8.61
CA ASN A 70 -3.77 11.92 9.58
C ASN A 70 -2.43 11.70 10.27
N ARG A 71 -1.62 10.78 9.75
CA ARG A 71 -0.31 10.52 10.35
C ARG A 71 0.80 10.95 9.38
N THR A 72 1.91 11.44 9.94
CA THR A 72 3.03 11.88 9.12
C THR A 72 3.70 10.68 8.46
N GLN A 73 3.67 9.57 9.16
CA GLN A 73 4.27 8.34 8.65
C GLN A 73 3.56 7.13 9.22
N CYS A 74 3.67 6.02 8.53
CA CYS A 74 3.05 4.79 8.98
C CYS A 74 3.76 3.59 8.39
N VAL A 75 3.93 2.55 9.20
CA VAL A 75 4.58 1.34 8.72
C VAL A 75 3.65 0.16 8.96
N VAL A 76 3.35 -0.58 7.90
CA VAL A 76 2.44 -1.71 8.03
C VAL A 76 2.96 -2.95 7.31
N VAL A 77 2.67 -4.13 7.87
CA VAL A 77 3.13 -5.37 7.26
C VAL A 77 2.24 -5.72 6.07
N ALA A 78 2.82 -5.79 4.89
CA ALA A 78 2.06 -6.11 3.70
C ALA A 78 1.63 -7.57 3.71
N GLY A 79 1.32 -8.11 4.88
CA GLY A 79 0.89 -9.50 4.97
C GLY A 79 0.58 -9.88 6.41
N SER A 80 1.34 -10.83 6.94
CA SER A 80 1.17 -11.31 8.31
C SER A 80 -0.29 -11.16 8.77
N ASP A 81 -0.48 -11.23 10.09
CA ASP A 81 -1.83 -11.11 10.65
C ASP A 81 -2.40 -9.73 10.38
N ALA A 82 -1.63 -8.90 9.67
CA ALA A 82 -2.07 -7.55 9.36
C ALA A 82 -2.93 -7.51 8.10
N PHE A 83 -2.92 -8.60 7.33
CA PHE A 83 -3.72 -8.64 6.11
C PHE A 83 -4.25 -10.05 5.85
N PRO A 84 -5.53 -10.20 5.60
CA PRO A 84 -6.14 -11.53 5.32
C PRO A 84 -5.39 -12.28 4.22
N ASP A 85 -6.13 -13.05 3.44
CA ASP A 85 -5.56 -13.81 2.34
C ASP A 85 -6.57 -13.85 1.19
N PRO A 86 -6.56 -12.84 0.37
CA PRO A 86 -7.53 -12.70 -0.77
C PRO A 86 -7.16 -13.54 -1.99
N CYS A 87 -6.00 -14.18 -1.92
CA CYS A 87 -5.56 -15.02 -3.03
C CYS A 87 -4.39 -15.91 -2.61
N PRO A 88 -4.60 -16.76 -1.64
CA PRO A 88 -3.56 -17.69 -1.16
C PRO A 88 -2.92 -18.46 -2.31
N GLY A 89 -1.65 -18.77 -2.17
CA GLY A 89 -0.97 -19.53 -3.21
C GLY A 89 -0.35 -18.61 -4.26
N THR A 90 -0.69 -17.33 -4.23
CA THR A 90 -0.13 -16.38 -5.19
C THR A 90 0.73 -15.35 -4.47
N TYR A 91 1.76 -14.83 -5.14
CA TYR A 91 2.60 -13.84 -4.53
C TYR A 91 1.92 -12.48 -4.66
N LYS A 92 1.48 -11.94 -3.52
CA LYS A 92 0.76 -10.67 -3.52
C LYS A 92 1.66 -9.45 -3.38
N TYR A 93 0.99 -8.36 -3.05
CA TYR A 93 1.63 -7.09 -2.78
C TYR A 93 0.64 -6.08 -2.27
N LEU A 94 1.14 -4.91 -1.92
CA LEU A 94 0.30 -3.85 -1.41
C LEU A 94 0.63 -2.54 -2.09
N GLU A 95 -0.38 -1.90 -2.65
CA GLU A 95 -0.21 -0.63 -3.33
C GLU A 95 -1.08 0.43 -2.67
N VAL A 96 -0.47 1.56 -2.33
CA VAL A 96 -1.22 2.61 -1.67
C VAL A 96 -0.97 3.99 -2.28
N GLN A 97 -2.04 4.65 -2.72
CA GLN A 97 -1.91 5.98 -3.29
C GLN A 97 -2.43 6.98 -2.26
N TYR A 98 -1.61 7.98 -1.96
CA TYR A 98 -2.00 8.97 -0.96
C TYR A 98 -1.35 10.32 -1.20
N ASP A 99 -1.84 11.34 -0.48
CA ASP A 99 -1.31 12.68 -0.62
C ASP A 99 -0.96 13.24 0.76
N CYS A 100 -0.13 14.29 0.78
CA CYS A 100 0.28 14.91 2.03
C CYS A 100 -0.32 16.30 2.17
N VAL A 101 -1.17 16.47 3.18
CA VAL A 101 -1.81 17.76 3.41
C VAL A 101 -1.37 18.36 4.74
N PRO A 102 -1.50 19.66 4.90
CA PRO A 102 -1.14 20.32 6.17
C PRO A 102 -1.98 19.80 7.33
N TYR A 103 -1.35 19.70 8.48
CA TYR A 103 -2.05 19.24 9.67
C TYR A 103 -2.90 20.37 10.25
N LYS A 104 -2.82 21.53 9.60
CA LYS A 104 -3.57 22.68 10.05
C LYS A 104 -4.89 22.80 9.28
N VAL A 105 -4.78 23.19 8.01
CA VAL A 105 -5.97 23.37 7.17
C VAL A 105 -6.30 22.08 6.41
N GLU A 106 -7.57 21.70 6.45
CA GLU A 106 -8.04 20.51 5.75
C GLU A 106 -7.22 19.28 6.12
C1 NAG B . -8.36 13.50 10.18
C2 NAG B . -9.53 12.59 10.42
C3 NAG B . -10.79 13.21 9.84
C4 NAG B . -11.00 14.56 10.47
C5 NAG B . -9.77 15.42 10.26
C6 NAG B . -9.89 16.76 10.96
C7 NAG B . -9.16 10.20 10.54
C8 NAG B . -8.92 8.89 9.81
N2 NAG B . -9.30 11.28 9.78
O3 NAG B . -11.92 12.35 10.09
O4 NAG B . -12.15 15.19 9.90
O5 NAG B . -8.59 14.75 10.78
O6 NAG B . -9.89 16.62 12.38
O7 NAG B . -9.20 10.22 11.76
H1 NAG B . -8.23 13.66 9.12
H2 NAG B . -9.67 12.45 11.48
H3 NAG B . -10.64 13.35 8.78
H4 NAG B . -11.14 14.43 11.54
H5 NAG B . -9.62 15.57 9.20
H61 NAG B . -10.80 17.24 10.63
H62 NAG B . -9.06 17.39 10.66
H81 NAG B . -8.95 9.04 8.74
H82 NAG B . -9.67 8.17 10.09
H83 NAG B . -7.95 8.50 10.07
HN2 NAG B . -9.44 11.19 8.81
HO3 NAG B . -11.92 12.10 11.01
HO4 NAG B . -12.73 15.50 10.60
HO6 NAG B . -9.60 17.44 12.79
N GLY A 1 8.20 6.55 -16.79
CA GLY A 1 8.95 7.08 -15.61
C GLY A 1 8.04 7.99 -14.79
N LEU A 2 8.17 9.29 -15.02
CA LEU A 2 7.36 10.26 -14.31
C LEU A 2 6.01 10.47 -15.01
N PRO A 3 4.92 10.14 -14.36
CA PRO A 3 3.55 10.27 -14.94
C PRO A 3 3.03 11.70 -14.91
N PHE A 4 2.02 11.95 -14.06
CA PHE A 4 1.43 13.28 -13.98
C PHE A 4 2.30 14.21 -13.13
N GLY A 5 3.31 13.63 -12.47
CA GLY A 5 4.23 14.41 -11.64
C GLY A 5 3.58 14.83 -10.32
N LEU A 6 2.75 13.96 -9.76
CA LEU A 6 2.09 14.27 -8.49
C LEU A 6 1.63 13.00 -7.77
N MET A 7 0.80 13.19 -6.74
CA MET A 7 0.28 12.08 -5.95
C MET A 7 1.41 11.17 -5.48
N ARG A 8 1.35 10.81 -4.21
CA ARG A 8 2.35 9.93 -3.62
C ARG A 8 1.90 8.48 -3.68
N ARG A 9 2.82 7.57 -3.90
CA ARG A 9 2.46 6.16 -3.96
C ARG A 9 3.59 5.24 -3.53
N GLU A 10 3.22 4.20 -2.81
CA GLU A 10 4.19 3.22 -2.37
C GLU A 10 3.68 1.81 -2.64
N LEU A 11 4.60 0.93 -2.97
CA LEU A 11 4.25 -0.45 -3.24
C LEU A 11 5.26 -1.35 -2.54
N ALA A 12 4.78 -2.37 -1.86
CA ALA A 12 5.68 -3.26 -1.14
C ALA A 12 5.32 -4.71 -1.38
N CYS A 13 6.36 -5.53 -1.53
CA CYS A 13 6.18 -6.95 -1.79
C CYS A 13 5.56 -7.66 -0.59
N GLU A 14 4.60 -8.53 -0.88
CA GLU A 14 3.91 -9.27 0.17
C GLU A 14 4.89 -9.90 1.15
N GLY A 15 4.58 -9.76 2.43
CA GLY A 15 5.42 -10.33 3.48
C GLY A 15 6.46 -9.36 4.01
N TYR A 16 6.77 -8.30 3.27
CA TYR A 16 7.74 -7.33 3.73
C TYR A 16 7.00 -6.08 4.21
N PRO A 17 7.56 -5.34 5.12
CA PRO A 17 6.92 -4.10 5.64
C PRO A 17 6.93 -2.96 4.62
N ILE A 18 5.96 -2.04 4.77
CA ILE A 18 5.86 -0.90 3.87
C ILE A 18 5.99 0.40 4.67
N GLU A 19 6.50 1.45 4.02
CA GLU A 19 6.71 2.71 4.73
C GLU A 19 6.17 3.92 3.98
N LEU A 20 5.40 4.74 4.70
CA LEU A 20 4.84 5.95 4.14
C LEU A 20 5.32 7.15 4.95
N ARG A 21 5.66 8.23 4.27
CA ARG A 21 6.14 9.42 4.96
C ARG A 21 5.74 10.68 4.20
N CYS A 22 5.15 11.63 4.91
CA CYS A 22 4.75 12.89 4.29
C CYS A 22 5.80 13.95 4.58
N PRO A 23 6.04 14.82 3.64
CA PRO A 23 7.06 15.90 3.77
C PRO A 23 6.70 16.94 4.84
N GLY A 24 7.71 17.71 5.26
CA GLY A 24 7.50 18.77 6.25
C GLY A 24 6.74 18.26 7.47
N SER A 25 5.60 18.90 7.72
CA SER A 25 4.75 18.52 8.84
C SER A 25 3.38 18.12 8.33
N ASP A 26 3.35 17.67 7.09
CA ASP A 26 2.12 17.24 6.47
C ASP A 26 1.75 15.85 6.96
N VAL A 27 0.54 15.42 6.64
CA VAL A 27 0.10 14.10 7.08
C VAL A 27 -0.47 13.32 5.90
N ILE A 28 -0.24 12.02 5.95
CA ILE A 28 -0.70 11.12 4.90
C ILE A 28 -2.22 10.99 4.89
N MET A 29 -2.79 10.99 3.69
CA MET A 29 -4.23 10.83 3.52
C MET A 29 -4.47 9.76 2.47
N VAL A 30 -4.86 8.57 2.94
CA VAL A 30 -5.09 7.45 2.02
C VAL A 30 -6.31 7.66 1.14
N GLU A 31 -6.08 7.57 -0.16
CA GLU A 31 -7.16 7.75 -1.14
C GLU A 31 -7.57 6.39 -1.70
N ASN A 32 -6.60 5.62 -2.19
CA ASN A 32 -6.88 4.30 -2.76
C ASN A 32 -5.74 3.34 -2.49
N ALA A 33 -6.08 2.09 -2.23
CA ALA A 33 -5.09 1.06 -1.95
C ALA A 33 -5.70 -0.32 -2.10
N ASN A 34 -4.86 -1.30 -2.43
CA ASN A 34 -5.33 -2.67 -2.61
C ASN A 34 -4.26 -3.68 -2.22
N TYR A 35 -4.68 -4.79 -1.64
CA TYR A 35 -3.74 -5.85 -1.29
C TYR A 35 -4.06 -7.08 -2.12
N GLY A 36 -3.08 -7.52 -2.90
CA GLY A 36 -3.31 -8.68 -3.75
C GLY A 36 -2.28 -8.74 -4.87
N ARG A 37 -2.75 -9.01 -6.08
CA ARG A 37 -1.88 -9.11 -7.24
C ARG A 37 -2.61 -8.79 -8.53
N THR A 38 -2.19 -7.72 -9.18
CA THR A 38 -2.80 -7.29 -10.44
C THR A 38 -1.74 -7.20 -11.52
N ASP A 39 -0.53 -7.60 -11.17
CA ASP A 39 0.59 -7.55 -12.10
C ASP A 39 1.51 -8.73 -11.85
N ASP A 40 2.20 -9.15 -12.90
CA ASP A 40 3.14 -10.26 -12.77
C ASP A 40 4.56 -9.75 -12.88
N LYS A 41 4.69 -8.43 -13.05
CA LYS A 41 6.01 -7.80 -13.21
C LYS A 41 6.49 -7.14 -11.92
N ILE A 42 5.72 -7.26 -10.83
CA ILE A 42 6.13 -6.63 -9.57
C ILE A 42 6.55 -7.68 -8.56
N CYS A 43 7.63 -7.41 -7.85
CA CYS A 43 8.14 -8.34 -6.86
C CYS A 43 8.37 -9.69 -7.52
N ASP A 44 9.33 -9.73 -8.43
CA ASP A 44 9.65 -10.96 -9.14
C ASP A 44 9.84 -12.12 -8.18
N ALA A 45 8.91 -13.05 -8.23
CA ALA A 45 8.95 -14.24 -7.38
C ALA A 45 8.69 -15.46 -8.25
N ASP A 46 8.33 -16.59 -7.65
CA ASP A 46 8.06 -17.79 -8.45
C ASP A 46 6.94 -17.50 -9.44
N PRO A 47 7.08 -17.95 -10.66
CA PRO A 47 6.06 -17.70 -11.71
C PRO A 47 4.69 -18.25 -11.34
N PHE A 48 4.68 -19.38 -10.63
CA PHE A 48 3.42 -20.00 -10.21
C PHE A 48 2.63 -19.07 -9.28
N GLN A 49 3.35 -18.30 -8.48
CA GLN A 49 2.69 -17.39 -7.55
C GLN A 49 2.38 -16.06 -8.24
N MET A 50 3.04 -15.82 -9.35
CA MET A 50 2.82 -14.60 -10.11
C MET A 50 1.85 -14.86 -11.27
N GLU A 51 1.39 -16.10 -11.41
CA GLU A 51 0.47 -16.46 -12.49
C GLU A 51 -0.84 -15.66 -12.38
N ASN A 52 -1.47 -15.65 -11.21
CA ASN A 52 -2.74 -14.93 -11.04
C ASN A 52 -2.53 -13.43 -10.93
N VAL A 53 -3.02 -12.69 -11.92
CA VAL A 53 -2.88 -11.24 -11.94
C VAL A 53 -4.23 -10.56 -11.71
N GLN A 54 -5.14 -11.26 -11.03
CA GLN A 54 -6.45 -10.71 -10.74
C GLN A 54 -6.86 -11.05 -9.31
N CYS A 55 -6.39 -10.25 -8.35
CA CYS A 55 -6.73 -10.47 -6.96
C CYS A 55 -6.87 -9.12 -6.27
N TYR A 56 -8.04 -8.87 -5.69
CA TYR A 56 -8.26 -7.60 -5.00
C TYR A 56 -8.84 -7.82 -3.61
N LEU A 57 -8.59 -6.84 -2.73
CA LEU A 57 -9.08 -6.89 -1.36
C LEU A 57 -9.45 -5.48 -0.89
N PRO A 58 -10.68 -5.09 -1.08
CA PRO A 58 -11.17 -3.72 -0.70
C PRO A 58 -10.73 -3.31 0.71
N ASP A 59 -10.87 -4.22 1.68
CA ASP A 59 -10.54 -3.93 3.06
C ASP A 59 -9.10 -3.42 3.22
N ALA A 60 -8.24 -3.71 2.26
CA ALA A 60 -6.86 -3.26 2.35
C ALA A 60 -6.79 -1.75 2.51
N PHE A 61 -7.70 -1.06 1.82
CA PHE A 61 -7.76 0.40 1.88
C PHE A 61 -8.14 0.89 3.27
N LYS A 62 -9.14 0.26 3.89
CA LYS A 62 -9.59 0.69 5.21
C LYS A 62 -8.48 0.52 6.25
N ILE A 63 -7.79 -0.61 6.20
CA ILE A 63 -6.70 -0.88 7.14
C ILE A 63 -5.61 0.19 7.07
N MET A 64 -5.15 0.48 5.87
CA MET A 64 -4.10 1.46 5.70
C MET A 64 -4.60 2.87 5.99
N SER A 65 -5.86 3.11 5.70
CA SER A 65 -6.44 4.43 5.93
C SER A 65 -6.39 4.78 7.41
N GLN A 66 -6.76 3.82 8.25
CA GLN A 66 -6.76 4.01 9.69
C GLN A 66 -5.34 4.16 10.22
N ARG A 67 -4.44 3.39 9.63
CA ARG A 67 -3.04 3.37 10.05
C ARG A 67 -2.22 4.57 9.55
N CYS A 68 -2.53 5.09 8.37
CA CYS A 68 -1.72 6.19 7.83
C CYS A 68 -2.46 7.54 7.76
N ASN A 69 -3.79 7.53 7.78
CA ASN A 69 -4.51 8.79 7.70
C ASN A 69 -4.18 9.71 8.86
N ASN A 70 -4.04 11.00 8.53
CA ASN A 70 -3.73 12.02 9.52
C ASN A 70 -2.38 11.79 10.20
N ARG A 71 -1.56 10.90 9.67
CA ARG A 71 -0.26 10.66 10.27
C ARG A 71 0.84 11.07 9.30
N THR A 72 1.94 11.54 9.85
CA THR A 72 3.06 11.96 9.04
C THR A 72 3.73 10.75 8.40
N GLN A 73 3.75 9.65 9.13
CA GLN A 73 4.36 8.43 8.62
C GLN A 73 3.68 7.20 9.22
N CYS A 74 3.76 6.07 8.51
CA CYS A 74 3.15 4.84 8.99
C CYS A 74 3.83 3.60 8.43
N VAL A 75 4.12 2.66 9.31
CA VAL A 75 4.76 1.41 8.92
C VAL A 75 3.80 0.24 9.15
N VAL A 76 3.67 -0.63 8.15
CA VAL A 76 2.75 -1.76 8.25
C VAL A 76 3.30 -2.99 7.53
N VAL A 77 2.92 -4.18 8.00
CA VAL A 77 3.35 -5.42 7.38
C VAL A 77 2.44 -5.76 6.18
N ALA A 78 3.00 -5.74 4.97
CA ALA A 78 2.21 -6.03 3.78
C ALA A 78 1.87 -7.51 3.68
N GLY A 79 1.53 -8.11 4.81
CA GLY A 79 1.19 -9.53 4.81
C GLY A 79 0.80 -10.00 6.21
N SER A 80 1.46 -11.04 6.67
CA SER A 80 1.18 -11.61 7.98
C SER A 80 -0.28 -11.37 8.39
N ASP A 81 -0.52 -11.38 9.69
CA ASP A 81 -1.88 -11.19 10.21
C ASP A 81 -2.37 -9.77 9.99
N ALA A 82 -1.57 -8.92 9.36
CA ALA A 82 -1.98 -7.54 9.13
C ALA A 82 -2.84 -7.43 7.88
N PHE A 83 -2.92 -8.50 7.10
CA PHE A 83 -3.72 -8.51 5.88
C PHE A 83 -4.37 -9.87 5.67
N PRO A 84 -5.65 -9.90 5.33
CA PRO A 84 -6.36 -11.19 5.07
C PRO A 84 -5.70 -11.99 3.95
N ASP A 85 -6.52 -12.76 3.24
CA ASP A 85 -6.02 -13.58 2.14
C ASP A 85 -7.07 -13.67 1.02
N PRO A 86 -7.00 -12.79 0.05
CA PRO A 86 -7.97 -12.77 -1.09
C PRO A 86 -7.65 -13.81 -2.15
N CYS A 87 -6.49 -14.43 -2.04
CA CYS A 87 -6.08 -15.46 -2.98
C CYS A 87 -4.81 -16.15 -2.50
N PRO A 88 -4.93 -17.17 -1.70
CA PRO A 88 -3.74 -17.90 -1.18
C PRO A 88 -2.94 -18.60 -2.29
N GLY A 89 -1.67 -18.87 -2.02
CA GLY A 89 -0.80 -19.54 -2.99
C GLY A 89 -0.28 -18.61 -4.08
N THR A 90 -0.46 -17.31 -3.89
CA THR A 90 0.01 -16.32 -4.87
C THR A 90 0.90 -15.29 -4.20
N TYR A 91 1.90 -14.79 -4.93
CA TYR A 91 2.76 -13.77 -4.37
C TYR A 91 2.07 -12.44 -4.55
N LYS A 92 1.59 -11.91 -3.45
CA LYS A 92 0.83 -10.69 -3.48
C LYS A 92 1.71 -9.44 -3.35
N TYR A 93 1.03 -8.36 -3.05
CA TYR A 93 1.67 -7.08 -2.82
C TYR A 93 0.68 -6.07 -2.30
N LEU A 94 1.19 -4.89 -1.95
CA LEU A 94 0.34 -3.84 -1.44
C LEU A 94 0.67 -2.55 -2.16
N GLU A 95 -0.34 -1.94 -2.75
CA GLU A 95 -0.14 -0.68 -3.46
C GLU A 95 -1.06 0.36 -2.86
N VAL A 96 -0.50 1.48 -2.42
CA VAL A 96 -1.32 2.50 -1.79
C VAL A 96 -1.02 3.90 -2.31
N GLN A 97 -2.08 4.61 -2.69
CA GLN A 97 -1.94 5.98 -3.19
C GLN A 97 -2.51 6.96 -2.16
N TYR A 98 -1.73 8.00 -1.88
CA TYR A 98 -2.16 8.99 -0.90
C TYR A 98 -1.56 10.36 -1.18
N ASP A 99 -2.07 11.36 -0.49
CA ASP A 99 -1.59 12.73 -0.63
C ASP A 99 -1.21 13.28 0.74
N CYS A 100 -0.35 14.29 0.75
CA CYS A 100 0.08 14.89 2.01
C CYS A 100 -0.55 16.28 2.19
N VAL A 101 -1.24 16.48 3.31
CA VAL A 101 -1.88 17.77 3.60
C VAL A 101 -1.43 18.28 4.98
N PRO A 102 -1.55 19.57 5.25
CA PRO A 102 -1.15 20.14 6.56
C PRO A 102 -1.91 19.49 7.72
N TYR A 103 -1.25 19.31 8.86
CA TYR A 103 -1.90 18.72 10.03
C TYR A 103 -2.81 19.73 10.72
N LYS A 104 -2.22 20.51 11.61
CA LYS A 104 -2.97 21.50 12.36
C LYS A 104 -2.13 22.76 12.50
N VAL A 105 -2.79 23.88 12.67
CA VAL A 105 -2.08 25.14 12.80
C VAL A 105 -1.63 25.33 14.25
N GLU A 106 -0.36 25.72 14.43
CA GLU A 106 0.19 25.93 15.76
C GLU A 106 -0.01 24.69 16.62
C1 NAG B . -8.45 13.14 10.16
C2 NAG B . -9.49 12.10 10.41
C3 NAG B . -10.81 12.56 9.84
C4 NAG B . -11.19 13.87 10.46
C5 NAG B . -10.08 14.88 10.25
C6 NAG B . -10.35 16.19 10.98
C7 NAG B . -9.68 9.70 10.17
C8 NAG B . -9.22 8.42 9.51
N2 NAG B . -9.09 10.82 9.80
O3 NAG B . -11.82 11.57 10.11
O4 NAG B . -12.41 14.35 9.87
O5 NAG B . -8.83 14.36 10.75
O6 NAG B . -11.75 16.50 11.01
O7 NAG B . -10.58 9.66 11.02
H1 NAG B . -8.35 13.31 9.10
H2 NAG B . -9.60 11.97 11.48
H3 NAG B . -10.70 12.69 8.78
H4 NAG B . -11.34 13.73 11.52
H5 NAG B . -9.96 15.08 9.20
H61 NAG B . -9.80 16.98 10.47
H62 NAG B . -9.96 16.12 11.99
H81 NAG B . -8.35 8.03 10.02
H82 NAG B . -8.98 8.61 8.48
H83 NAG B . -10.01 7.67 9.55
HN2 NAG B . -8.49 10.83 9.03
HO3 NAG B . -12.49 11.95 10.69
HO4 NAG B . -12.31 14.37 8.90
HO6 NAG B . -11.87 17.45 11.08
N GLY A 1 12.72 11.21 -6.72
CA GLY A 1 12.44 10.86 -8.14
C GLY A 1 11.47 11.86 -8.72
N LEU A 2 10.52 12.30 -7.89
CA LEU A 2 9.51 13.27 -8.32
C LEU A 2 9.04 12.97 -9.74
N PRO A 3 8.37 11.86 -9.93
CA PRO A 3 7.85 11.45 -11.25
C PRO A 3 6.52 12.13 -11.57
N PHE A 4 5.45 11.61 -10.99
CA PHE A 4 4.13 12.18 -11.22
C PHE A 4 3.97 13.44 -10.38
N GLY A 5 4.85 13.59 -9.41
CA GLY A 5 4.85 14.77 -8.53
C GLY A 5 3.59 14.81 -7.68
N LEU A 6 2.43 14.77 -8.34
CA LEU A 6 1.17 14.80 -7.63
C LEU A 6 0.83 13.40 -7.13
N MET A 7 0.24 13.32 -5.96
CA MET A 7 -0.14 12.04 -5.38
C MET A 7 1.08 11.15 -5.19
N ARG A 8 1.30 10.77 -3.94
CA ARG A 8 2.40 9.91 -3.58
C ARG A 8 1.98 8.45 -3.71
N ARG A 9 2.93 7.57 -3.98
CA ARG A 9 2.58 6.16 -4.12
C ARG A 9 3.67 5.23 -3.61
N GLU A 10 3.26 4.20 -2.90
CA GLU A 10 4.19 3.21 -2.40
C GLU A 10 3.66 1.80 -2.61
N LEU A 11 4.57 0.89 -2.90
CA LEU A 11 4.22 -0.49 -3.12
C LEU A 11 5.25 -1.38 -2.42
N ALA A 12 4.78 -2.44 -1.76
CA ALA A 12 5.70 -3.33 -1.05
C ALA A 12 5.33 -4.78 -1.33
N CYS A 13 6.35 -5.60 -1.53
CA CYS A 13 6.14 -7.01 -1.84
C CYS A 13 5.47 -7.73 -0.67
N GLU A 14 4.53 -8.63 -1.01
CA GLU A 14 3.81 -9.38 0.01
C GLU A 14 4.74 -9.93 1.08
N GLY A 15 4.39 -9.70 2.34
CA GLY A 15 5.18 -10.22 3.44
C GLY A 15 6.24 -9.26 3.96
N TYR A 16 6.52 -8.19 3.22
CA TYR A 16 7.51 -7.23 3.69
C TYR A 16 6.81 -5.98 4.22
N PRO A 17 7.42 -5.24 5.09
CA PRO A 17 6.81 -4.00 5.64
C PRO A 17 6.85 -2.84 4.65
N ILE A 18 5.90 -1.91 4.79
CA ILE A 18 5.82 -0.75 3.92
C ILE A 18 5.82 0.53 4.77
N GLU A 19 6.48 1.56 4.26
CA GLU A 19 6.57 2.82 5.01
C GLU A 19 6.11 4.01 4.19
N LEU A 20 5.23 4.82 4.77
CA LEU A 20 4.73 6.01 4.11
C LEU A 20 5.22 7.24 4.88
N ARG A 21 5.58 8.30 4.18
CA ARG A 21 6.08 9.49 4.86
C ARG A 21 5.73 10.75 4.12
N CYS A 22 5.19 11.73 4.85
CA CYS A 22 4.83 13.00 4.26
C CYS A 22 5.91 14.03 4.61
N PRO A 23 6.23 14.90 3.69
CA PRO A 23 7.27 15.94 3.90
C PRO A 23 6.82 16.99 4.91
N GLY A 24 7.78 17.74 5.45
CA GLY A 24 7.48 18.81 6.39
C GLY A 24 6.53 18.35 7.50
N SER A 25 5.57 19.21 7.79
CA SER A 25 4.58 18.95 8.82
C SER A 25 3.26 18.48 8.21
N ASP A 26 3.33 18.00 6.98
CA ASP A 26 2.14 17.50 6.31
C ASP A 26 1.73 16.16 6.88
N VAL A 27 0.52 15.73 6.60
CA VAL A 27 0.06 14.44 7.11
C VAL A 27 -0.40 13.55 5.96
N ILE A 28 -0.13 12.25 6.10
CA ILE A 28 -0.51 11.27 5.09
C ILE A 28 -2.03 11.14 5.03
N MET A 29 -2.57 11.12 3.82
CA MET A 29 -4.01 10.96 3.65
C MET A 29 -4.27 9.86 2.62
N VAL A 30 -4.59 8.68 3.12
CA VAL A 30 -4.84 7.55 2.24
C VAL A 30 -6.16 7.73 1.49
N GLU A 31 -6.10 7.66 0.16
CA GLU A 31 -7.29 7.79 -0.66
C GLU A 31 -7.68 6.42 -1.23
N ASN A 32 -6.68 5.68 -1.71
CA ASN A 32 -6.93 4.37 -2.30
C ASN A 32 -5.77 3.42 -2.02
N ALA A 33 -6.10 2.15 -1.79
CA ALA A 33 -5.09 1.13 -1.51
C ALA A 33 -5.70 -0.26 -1.68
N ASN A 34 -4.89 -1.22 -2.09
CA ASN A 34 -5.40 -2.57 -2.29
C ASN A 34 -4.33 -3.62 -1.99
N TYR A 35 -4.76 -4.79 -1.59
CA TYR A 35 -3.84 -5.88 -1.29
C TYR A 35 -4.14 -7.09 -2.16
N GLY A 36 -3.17 -7.51 -2.96
CA GLY A 36 -3.39 -8.64 -3.85
C GLY A 36 -2.35 -8.66 -4.96
N ARG A 37 -2.82 -8.89 -6.18
CA ARG A 37 -1.94 -8.96 -7.33
C ARG A 37 -2.70 -8.73 -8.63
N THR A 38 -2.30 -7.69 -9.35
CA THR A 38 -2.93 -7.37 -10.63
C THR A 38 -1.87 -7.29 -11.73
N ASP A 39 -0.65 -7.68 -11.38
CA ASP A 39 0.47 -7.68 -12.32
C ASP A 39 1.37 -8.88 -12.05
N ASP A 40 2.03 -9.38 -13.09
CA ASP A 40 2.92 -10.53 -12.95
C ASP A 40 4.38 -10.07 -12.98
N LYS A 41 4.58 -8.78 -13.16
CA LYS A 41 5.94 -8.23 -13.24
C LYS A 41 6.34 -7.50 -11.96
N ILE A 42 5.56 -7.62 -10.89
CA ILE A 42 5.91 -6.94 -9.64
C ILE A 42 6.40 -7.93 -8.61
N CYS A 43 7.49 -7.57 -7.93
CA CYS A 43 8.04 -8.47 -6.93
C CYS A 43 8.34 -9.82 -7.55
N ASP A 44 9.32 -9.83 -8.45
CA ASP A 44 9.69 -11.05 -9.16
C ASP A 44 9.81 -12.23 -8.18
N ALA A 45 8.73 -12.98 -8.05
CA ALA A 45 8.70 -14.15 -7.19
C ALA A 45 8.57 -15.40 -8.07
N ASP A 46 8.18 -16.53 -7.49
CA ASP A 46 8.04 -17.74 -8.28
C ASP A 46 6.94 -17.57 -9.35
N PRO A 47 7.16 -18.08 -10.53
CA PRO A 47 6.19 -17.95 -11.65
C PRO A 47 4.80 -18.50 -11.33
N PHE A 48 4.77 -19.61 -10.61
CA PHE A 48 3.50 -20.23 -10.25
C PHE A 48 2.67 -19.28 -9.40
N GLN A 49 3.33 -18.51 -8.54
CA GLN A 49 2.63 -17.57 -7.68
C GLN A 49 2.43 -16.24 -8.40
N MET A 50 3.11 -16.07 -9.53
CA MET A 50 3.02 -14.83 -10.29
C MET A 50 2.11 -14.97 -11.51
N GLU A 51 1.58 -16.17 -11.74
CA GLU A 51 0.70 -16.38 -12.91
C GLU A 51 -0.61 -15.63 -12.80
N ASN A 52 -1.26 -15.65 -11.64
CA ASN A 52 -2.54 -14.97 -11.50
C ASN A 52 -2.35 -13.47 -11.30
N VAL A 53 -2.82 -12.70 -12.28
CA VAL A 53 -2.73 -11.26 -12.24
C VAL A 53 -4.10 -10.64 -11.94
N GLN A 54 -4.89 -11.36 -11.15
CA GLN A 54 -6.23 -10.90 -10.80
C GLN A 54 -6.57 -11.23 -9.35
N CYS A 55 -6.17 -10.36 -8.42
CA CYS A 55 -6.46 -10.56 -7.01
C CYS A 55 -6.75 -9.20 -6.36
N TYR A 56 -7.90 -9.07 -5.71
CA TYR A 56 -8.26 -7.79 -5.09
C TYR A 56 -8.83 -7.94 -3.68
N LEU A 57 -8.60 -6.92 -2.85
CA LEU A 57 -9.11 -6.89 -1.47
C LEU A 57 -9.39 -5.44 -1.05
N PRO A 58 -10.57 -4.94 -1.31
CA PRO A 58 -10.94 -3.53 -0.97
C PRO A 58 -10.66 -3.16 0.49
N ASP A 59 -11.02 -4.04 1.43
CA ASP A 59 -10.82 -3.75 2.85
C ASP A 59 -9.37 -3.36 3.15
N ALA A 60 -8.46 -3.80 2.30
CA ALA A 60 -7.06 -3.47 2.48
C ALA A 60 -6.90 -1.96 2.64
N PHE A 61 -7.75 -1.22 1.93
CA PHE A 61 -7.75 0.24 1.98
C PHE A 61 -8.12 0.78 3.36
N LYS A 62 -9.13 0.18 3.99
CA LYS A 62 -9.56 0.66 5.30
C LYS A 62 -8.47 0.43 6.34
N ILE A 63 -7.75 -0.67 6.22
CA ILE A 63 -6.68 -0.96 7.17
C ILE A 63 -5.58 0.08 7.11
N MET A 64 -5.10 0.38 5.91
CA MET A 64 -4.03 1.36 5.75
C MET A 64 -4.53 2.75 6.11
N SER A 65 -5.76 3.05 5.75
CA SER A 65 -6.33 4.35 6.04
C SER A 65 -6.31 4.63 7.54
N GLN A 66 -6.72 3.64 8.32
CA GLN A 66 -6.74 3.79 9.77
C GLN A 66 -5.34 3.92 10.37
N ARG A 67 -4.39 3.20 9.79
CA ARG A 67 -3.02 3.20 10.29
C ARG A 67 -2.20 4.42 9.87
N CYS A 68 -2.48 4.99 8.70
CA CYS A 68 -1.68 6.12 8.21
C CYS A 68 -2.43 7.45 8.17
N ASN A 69 -3.76 7.42 8.15
CA ASN A 69 -4.51 8.67 8.07
C ASN A 69 -4.16 9.64 9.19
N ASN A 70 -3.95 10.90 8.79
CA ASN A 70 -3.62 11.97 9.73
C ASN A 70 -2.27 11.80 10.38
N ARG A 71 -1.46 10.90 9.84
CA ARG A 71 -0.14 10.70 10.39
C ARG A 71 0.90 11.13 9.38
N THR A 72 2.00 11.66 9.90
CA THR A 72 3.09 12.11 9.05
C THR A 72 3.77 10.90 8.42
N GLN A 73 3.82 9.80 9.16
CA GLN A 73 4.42 8.57 8.65
C GLN A 73 3.75 7.34 9.27
N CYS A 74 3.82 6.21 8.58
CA CYS A 74 3.22 4.98 9.07
C CYS A 74 3.91 3.75 8.50
N VAL A 75 3.97 2.69 9.31
CA VAL A 75 4.59 1.43 8.88
C VAL A 75 3.59 0.30 9.02
N VAL A 76 3.40 -0.45 7.95
CA VAL A 76 2.46 -1.56 7.98
C VAL A 76 3.02 -2.79 7.29
N VAL A 77 2.71 -3.96 7.82
CA VAL A 77 3.18 -5.21 7.25
C VAL A 77 2.34 -5.56 6.02
N ALA A 78 2.95 -5.58 4.86
CA ALA A 78 2.22 -5.89 3.63
C ALA A 78 1.77 -7.35 3.62
N GLY A 79 1.42 -7.90 4.78
CA GLY A 79 0.98 -9.28 4.84
C GLY A 79 0.61 -9.71 6.27
N SER A 80 1.31 -10.72 6.78
CA SER A 80 1.08 -11.25 8.12
C SER A 80 -0.39 -11.12 8.50
N ASP A 81 -0.66 -11.17 9.81
CA ASP A 81 -2.02 -11.08 10.31
C ASP A 81 -2.56 -9.67 10.08
N ALA A 82 -1.75 -8.83 9.46
CA ALA A 82 -2.16 -7.46 9.19
C ALA A 82 -2.98 -7.43 7.90
N PHE A 83 -2.94 -8.52 7.14
CA PHE A 83 -3.70 -8.59 5.90
C PHE A 83 -4.24 -10.00 5.64
N PRO A 84 -5.51 -10.11 5.30
CA PRO A 84 -6.12 -11.44 5.00
C PRO A 84 -5.39 -12.17 3.88
N ASP A 85 -6.15 -12.94 3.09
CA ASP A 85 -5.60 -13.70 1.98
C ASP A 85 -6.60 -13.77 0.83
N PRO A 86 -6.62 -12.80 -0.04
CA PRO A 86 -7.57 -12.76 -1.20
C PRO A 86 -7.22 -13.79 -2.28
N CYS A 87 -6.05 -14.40 -2.16
CA CYS A 87 -5.62 -15.41 -3.13
C CYS A 87 -4.42 -16.21 -2.60
N PRO A 88 -4.68 -17.12 -1.71
CA PRO A 88 -3.62 -17.98 -1.14
C PRO A 88 -2.84 -18.69 -2.22
N GLY A 89 -1.57 -18.97 -1.97
CA GLY A 89 -0.75 -19.67 -2.95
C GLY A 89 -0.23 -18.75 -4.04
N THR A 90 -0.65 -17.48 -4.04
CA THR A 90 -0.18 -16.53 -5.05
C THR A 90 0.67 -15.45 -4.37
N TYR A 91 1.67 -14.92 -5.08
CA TYR A 91 2.50 -13.88 -4.49
C TYR A 91 1.83 -12.53 -4.68
N LYS A 92 1.42 -11.92 -3.58
CA LYS A 92 0.71 -10.65 -3.65
C LYS A 92 1.61 -9.43 -3.51
N TYR A 93 0.93 -8.33 -3.22
CA TYR A 93 1.58 -7.05 -2.97
C TYR A 93 0.59 -6.06 -2.40
N LEU A 94 1.10 -4.93 -1.94
CA LEU A 94 0.24 -3.89 -1.38
C LEU A 94 0.57 -2.57 -2.06
N GLU A 95 -0.44 -1.94 -2.63
CA GLU A 95 -0.25 -0.66 -3.31
C GLU A 95 -1.13 0.38 -2.65
N VAL A 96 -0.53 1.50 -2.24
CA VAL A 96 -1.30 2.54 -1.56
C VAL A 96 -1.06 3.93 -2.14
N GLN A 97 -2.16 4.58 -2.53
CA GLN A 97 -2.09 5.93 -3.08
C GLN A 97 -2.59 6.92 -2.05
N TYR A 98 -1.78 7.96 -1.79
CA TYR A 98 -2.15 8.95 -0.81
C TYR A 98 -1.53 10.30 -1.13
N ASP A 99 -1.98 11.32 -0.40
CA ASP A 99 -1.48 12.67 -0.60
C ASP A 99 -1.01 13.26 0.73
N CYS A 100 -0.15 14.27 0.67
CA CYS A 100 0.33 14.91 1.89
C CYS A 100 -0.30 16.30 2.00
N VAL A 101 -1.13 16.49 3.03
CA VAL A 101 -1.80 17.77 3.22
C VAL A 101 -1.38 18.41 4.55
N PRO A 102 -1.51 19.71 4.69
CA PRO A 102 -1.14 20.42 5.97
C PRO A 102 -1.98 19.99 7.16
N TYR A 103 -1.39 20.03 8.35
CA TYR A 103 -2.10 19.65 9.56
C TYR A 103 -3.03 20.78 9.99
N LYS A 104 -3.24 21.76 9.11
CA LYS A 104 -4.11 22.89 9.43
C LYS A 104 -5.54 22.58 8.99
N VAL A 105 -6.50 23.37 9.48
CA VAL A 105 -7.91 23.16 9.14
C VAL A 105 -8.31 23.92 7.89
N GLU A 106 -9.07 23.26 7.02
CA GLU A 106 -9.53 23.90 5.81
C GLU A 106 -8.36 24.42 4.99
C1 NAG B . -8.08 13.76 10.47
C2 NAG B . -9.29 12.93 10.76
C3 NAG B . -10.51 13.59 10.20
C4 NAG B . -10.67 14.96 10.82
C5 NAG B . -9.39 15.76 10.59
C6 NAG B . -9.44 17.10 11.33
C7 NAG B . -9.19 10.51 10.94
C8 NAG B . -9.03 9.16 10.28
N2 NAG B . -9.14 11.59 10.16
O3 NAG B . -11.67 12.79 10.49
O4 NAG B . -11.78 15.63 10.23
O5 NAG B . -8.24 15.04 11.07
O6 NAG B . -9.80 18.19 10.45
O7 NAG B . -9.35 10.58 12.16
H1 NAG B . -7.98 13.90 9.41
H2 NAG B . -9.40 12.83 11.83
H3 NAG B . -10.39 13.71 9.13
H4 NAG B . -10.82 14.85 11.88
H5 NAG B . -9.26 15.95 9.54
H61 NAG B . -8.46 17.29 11.75
H62 NAG B . -10.14 17.03 12.14
H81 NAG B . -8.01 9.03 9.93
H82 NAG B . -9.69 9.07 9.44
H83 NAG B . -9.25 8.37 10.99
HN2 NAG B . -8.84 11.50 9.23
HO3 NAG B . -11.66 12.01 9.93
HO4 NAG B . -11.46 16.22 9.53
HO6 NAG B . -10.41 17.85 9.78
N GLY A 1 11.49 20.78 -11.68
CA GLY A 1 10.18 20.20 -11.27
C GLY A 1 10.41 19.09 -10.25
N LEU A 2 11.31 19.35 -9.30
CA LEU A 2 11.62 18.37 -8.26
C LEU A 2 10.36 17.67 -7.75
N PRO A 3 9.36 18.42 -7.35
CA PRO A 3 8.08 17.84 -6.84
C PRO A 3 7.48 16.81 -7.80
N PHE A 4 6.66 15.92 -7.25
CA PHE A 4 6.03 14.88 -8.05
C PHE A 4 4.90 15.43 -8.91
N GLY A 5 3.87 15.98 -8.26
CA GLY A 5 2.74 16.54 -8.99
C GLY A 5 1.96 15.43 -9.69
N LEU A 6 1.95 14.25 -9.08
CA LEU A 6 1.25 13.11 -9.66
C LEU A 6 0.92 12.09 -8.56
N MET A 7 0.39 12.59 -7.45
CA MET A 7 0.03 11.73 -6.33
C MET A 7 1.20 10.87 -5.88
N ARG A 8 1.21 10.56 -4.59
CA ARG A 8 2.26 9.73 -4.03
C ARG A 8 1.84 8.26 -4.13
N ARG A 9 2.80 7.38 -4.36
CA ARG A 9 2.50 5.96 -4.46
C ARG A 9 3.61 5.12 -3.88
N GLU A 10 3.20 4.11 -3.13
CA GLU A 10 4.14 3.18 -2.53
C GLU A 10 3.65 1.77 -2.73
N LEU A 11 4.58 0.87 -3.02
CA LEU A 11 4.25 -0.52 -3.23
C LEU A 11 5.27 -1.39 -2.52
N ALA A 12 4.81 -2.42 -1.82
CA ALA A 12 5.73 -3.29 -1.11
C ALA A 12 5.38 -4.75 -1.36
N CYS A 13 6.41 -5.58 -1.52
CA CYS A 13 6.22 -6.99 -1.79
C CYS A 13 5.57 -7.68 -0.60
N GLU A 14 4.59 -8.55 -0.87
CA GLU A 14 3.89 -9.26 0.19
C GLU A 14 4.84 -9.86 1.22
N GLY A 15 4.50 -9.63 2.49
CA GLY A 15 5.28 -10.18 3.59
C GLY A 15 6.32 -9.21 4.14
N TYR A 16 6.61 -8.12 3.43
CA TYR A 16 7.60 -7.17 3.92
C TYR A 16 6.94 -5.89 4.38
N PRO A 17 7.49 -5.26 5.39
CA PRO A 17 6.94 -3.99 5.93
C PRO A 17 7.02 -2.85 4.91
N ILE A 18 6.05 -1.95 4.98
CA ILE A 18 6.03 -0.80 4.06
C ILE A 18 6.13 0.49 4.86
N GLU A 19 6.77 1.50 4.28
CA GLU A 19 6.94 2.76 5.00
C GLU A 19 6.35 3.93 4.24
N LEU A 20 5.54 4.72 4.93
CA LEU A 20 4.95 5.91 4.34
C LEU A 20 5.43 7.13 5.11
N ARG A 21 5.78 8.19 4.40
CA ARG A 21 6.25 9.40 5.07
C ARG A 21 5.87 10.64 4.25
N CYS A 22 5.24 11.60 4.90
CA CYS A 22 4.85 12.83 4.23
C CYS A 22 5.90 13.91 4.46
N PRO A 23 6.05 14.80 3.50
CA PRO A 23 7.03 15.92 3.58
C PRO A 23 6.61 17.00 4.58
N GLY A 24 7.58 17.75 5.07
CA GLY A 24 7.31 18.84 6.00
C GLY A 24 6.41 18.39 7.14
N SER A 25 5.42 19.23 7.44
CA SER A 25 4.47 18.95 8.50
C SER A 25 3.15 18.44 7.92
N ASP A 26 3.21 17.88 6.73
CA ASP A 26 2.01 17.34 6.09
C ASP A 26 1.68 15.98 6.69
N VAL A 27 0.48 15.50 6.45
CA VAL A 27 0.09 14.20 6.99
C VAL A 27 -0.41 13.29 5.87
N ILE A 28 -0.15 11.99 6.02
CA ILE A 28 -0.57 11.03 5.02
C ILE A 28 -2.09 10.91 5.00
N MET A 29 -2.66 10.93 3.81
CA MET A 29 -4.10 10.80 3.66
C MET A 29 -4.39 9.73 2.60
N VAL A 30 -4.69 8.53 3.09
CA VAL A 30 -4.95 7.39 2.22
C VAL A 30 -6.23 7.58 1.42
N GLU A 31 -6.11 7.47 0.11
CA GLU A 31 -7.27 7.61 -0.77
C GLU A 31 -7.64 6.25 -1.37
N ASN A 32 -6.64 5.53 -1.89
CA ASN A 32 -6.90 4.22 -2.48
C ASN A 32 -5.71 3.29 -2.25
N ALA A 33 -6.02 2.02 -2.08
CA ALA A 33 -4.99 1.01 -1.84
C ALA A 33 -5.56 -0.37 -2.08
N ASN A 34 -4.70 -1.33 -2.40
CA ASN A 34 -5.15 -2.69 -2.66
C ASN A 34 -4.11 -3.71 -2.22
N TYR A 35 -4.57 -4.80 -1.60
CA TYR A 35 -3.67 -5.87 -1.18
C TYR A 35 -4.00 -7.12 -1.97
N GLY A 36 -3.04 -7.59 -2.74
CA GLY A 36 -3.28 -8.76 -3.57
C GLY A 36 -2.28 -8.82 -4.71
N ARG A 37 -2.79 -9.11 -5.90
CA ARG A 37 -1.92 -9.18 -7.07
C ARG A 37 -2.71 -8.92 -8.35
N THR A 38 -2.32 -7.87 -9.05
CA THR A 38 -2.96 -7.51 -10.30
C THR A 38 -1.90 -7.43 -11.39
N ASP A 39 -0.67 -7.81 -11.02
CA ASP A 39 0.44 -7.80 -11.95
C ASP A 39 1.40 -8.94 -11.63
N ASP A 40 2.14 -9.38 -12.65
CA ASP A 40 3.11 -10.45 -12.44
C ASP A 40 4.53 -9.93 -12.64
N LYS A 41 4.66 -8.63 -12.89
CA LYS A 41 5.97 -8.02 -13.11
C LYS A 41 6.41 -7.24 -11.88
N ILE A 42 5.65 -7.34 -10.79
CA ILE A 42 6.01 -6.62 -9.58
C ILE A 42 6.50 -7.60 -8.53
N CYS A 43 7.58 -7.24 -7.87
CA CYS A 43 8.16 -8.11 -6.86
C CYS A 43 8.36 -9.49 -7.46
N ASP A 44 9.36 -9.57 -8.35
CA ASP A 44 9.67 -10.80 -9.04
C ASP A 44 9.68 -12.00 -8.11
N ALA A 45 8.73 -12.90 -8.33
CA ALA A 45 8.63 -14.11 -7.52
C ALA A 45 8.52 -15.32 -8.45
N ASP A 46 8.20 -16.47 -7.87
CA ASP A 46 8.04 -17.67 -8.67
C ASP A 46 6.91 -17.45 -9.68
N PRO A 47 7.08 -17.90 -10.89
CA PRO A 47 6.06 -17.70 -11.97
C PRO A 47 4.70 -18.27 -11.61
N PHE A 48 4.68 -19.37 -10.88
CA PHE A 48 3.43 -20.01 -10.48
C PHE A 48 2.65 -19.10 -9.54
N GLN A 49 3.35 -18.37 -8.69
CA GLN A 49 2.69 -17.46 -7.77
C GLN A 49 2.46 -16.10 -8.42
N MET A 50 3.10 -15.86 -9.56
CA MET A 50 2.93 -14.58 -10.26
C MET A 50 2.04 -14.73 -11.49
N GLU A 51 1.55 -15.94 -11.75
CA GLU A 51 0.72 -16.16 -12.93
C GLU A 51 -0.62 -15.44 -12.84
N ASN A 52 -1.30 -15.49 -11.70
CA ASN A 52 -2.60 -14.84 -11.56
C ASN A 52 -2.45 -13.34 -11.34
N VAL A 53 -2.91 -12.55 -12.31
CA VAL A 53 -2.85 -11.11 -12.20
C VAL A 53 -4.24 -10.54 -11.89
N GLN A 54 -5.02 -11.31 -11.12
CA GLN A 54 -6.36 -10.88 -10.75
C GLN A 54 -6.68 -11.23 -9.31
N CYS A 55 -6.26 -10.35 -8.39
CA CYS A 55 -6.51 -10.54 -6.97
C CYS A 55 -6.70 -9.17 -6.32
N TYR A 56 -7.87 -8.92 -5.73
CA TYR A 56 -8.12 -7.63 -5.11
C TYR A 56 -8.72 -7.78 -3.71
N LEU A 57 -8.47 -6.79 -2.86
CA LEU A 57 -9.00 -6.79 -1.49
C LEU A 57 -9.42 -5.37 -1.10
N PRO A 58 -10.62 -5.00 -1.40
CA PRO A 58 -11.16 -3.64 -1.08
C PRO A 58 -10.85 -3.21 0.36
N ASP A 59 -11.17 -4.07 1.33
CA ASP A 59 -10.96 -3.76 2.76
C ASP A 59 -9.52 -3.35 3.07
N ALA A 60 -8.58 -3.83 2.28
CA ALA A 60 -7.18 -3.49 2.53
C ALA A 60 -6.98 -1.98 2.64
N PHE A 61 -7.78 -1.23 1.89
CA PHE A 61 -7.70 0.23 1.91
C PHE A 61 -8.09 0.81 3.26
N LYS A 62 -9.17 0.29 3.84
CA LYS A 62 -9.65 0.79 5.13
C LYS A 62 -8.59 0.56 6.20
N ILE A 63 -7.94 -0.60 6.15
CA ILE A 63 -6.92 -0.95 7.12
C ILE A 63 -5.77 0.06 7.12
N MET A 64 -5.21 0.32 5.94
CA MET A 64 -4.09 1.26 5.86
C MET A 64 -4.55 2.68 6.17
N SER A 65 -5.77 3.00 5.80
CA SER A 65 -6.30 4.32 6.05
C SER A 65 -6.30 4.63 7.54
N GLN A 66 -6.76 3.67 8.34
CA GLN A 66 -6.79 3.86 9.79
C GLN A 66 -5.37 3.98 10.35
N ARG A 67 -4.47 3.20 9.77
CA ARG A 67 -3.08 3.17 10.22
C ARG A 67 -2.26 4.39 9.79
N CYS A 68 -2.54 4.96 8.62
CA CYS A 68 -1.74 6.09 8.14
C CYS A 68 -2.53 7.41 8.05
N ASN A 69 -3.86 7.37 8.12
CA ASN A 69 -4.64 8.61 8.02
C ASN A 69 -4.27 9.59 9.13
N ASN A 70 -4.02 10.84 8.74
CA ASN A 70 -3.69 11.91 9.68
C ASN A 70 -2.34 11.70 10.35
N ARG A 71 -1.54 10.77 9.83
CA ARG A 71 -0.22 10.54 10.41
C ARG A 71 0.85 10.99 9.42
N THR A 72 1.94 11.53 9.94
CA THR A 72 3.02 12.00 9.09
C THR A 72 3.73 10.80 8.48
N GLN A 73 3.74 9.70 9.22
CA GLN A 73 4.36 8.47 8.75
C GLN A 73 3.68 7.26 9.36
N CYS A 74 3.75 6.13 8.66
CA CYS A 74 3.12 4.90 9.14
C CYS A 74 3.84 3.68 8.56
N VAL A 75 4.06 2.67 9.40
CA VAL A 75 4.73 1.44 8.98
C VAL A 75 3.80 0.24 9.22
N VAL A 76 3.62 -0.57 8.18
CA VAL A 76 2.75 -1.75 8.30
C VAL A 76 3.31 -2.95 7.56
N VAL A 77 2.95 -4.14 8.06
CA VAL A 77 3.38 -5.39 7.42
C VAL A 77 2.44 -5.70 6.25
N ALA A 78 2.99 -5.71 5.05
CA ALA A 78 2.18 -5.98 3.86
C ALA A 78 1.75 -7.44 3.80
N GLY A 79 1.40 -8.01 4.95
CA GLY A 79 0.97 -9.39 4.99
C GLY A 79 0.63 -9.82 6.41
N SER A 80 1.33 -10.83 6.90
CA SER A 80 1.10 -11.34 8.24
C SER A 80 -0.38 -11.18 8.63
N ASP A 81 -0.65 -11.24 9.93
CA ASP A 81 -2.01 -11.13 10.44
C ASP A 81 -2.57 -9.71 10.24
N ALA A 82 -1.78 -8.85 9.61
CA ALA A 82 -2.21 -7.47 9.38
C ALA A 82 -3.00 -7.37 8.08
N PHE A 83 -2.97 -8.43 7.27
CA PHE A 83 -3.70 -8.44 6.01
C PHE A 83 -4.29 -9.82 5.72
N PRO A 84 -5.56 -9.89 5.47
CA PRO A 84 -6.24 -11.18 5.16
C PRO A 84 -5.51 -11.95 4.06
N ASP A 85 -6.27 -12.71 3.28
CA ASP A 85 -5.70 -13.49 2.20
C ASP A 85 -6.67 -13.53 1.02
N PRO A 86 -6.61 -12.54 0.17
CA PRO A 86 -7.53 -12.43 -1.01
C PRO A 86 -7.12 -13.33 -2.18
N CYS A 87 -5.98 -14.00 -2.06
CA CYS A 87 -5.52 -14.88 -3.13
C CYS A 87 -4.41 -15.80 -2.66
N PRO A 88 -4.72 -16.70 -1.77
CA PRO A 88 -3.73 -17.68 -1.26
C PRO A 88 -3.16 -18.50 -2.41
N GLY A 89 -1.88 -18.82 -2.35
CA GLY A 89 -1.25 -19.61 -3.40
C GLY A 89 -0.58 -18.70 -4.42
N THR A 90 -0.83 -17.40 -4.31
CA THR A 90 -0.23 -16.45 -5.23
C THR A 90 0.55 -15.40 -4.43
N TYR A 91 1.65 -14.88 -4.98
CA TYR A 91 2.45 -13.88 -4.28
C TYR A 91 1.80 -12.52 -4.47
N LYS A 92 1.39 -11.92 -3.37
CA LYS A 92 0.68 -10.66 -3.43
C LYS A 92 1.58 -9.43 -3.33
N TYR A 93 0.92 -8.34 -3.02
CA TYR A 93 1.58 -7.07 -2.81
C TYR A 93 0.62 -6.05 -2.25
N LEU A 94 1.16 -4.91 -1.88
CA LEU A 94 0.34 -3.85 -1.33
C LEU A 94 0.70 -2.54 -2.02
N GLU A 95 -0.30 -1.90 -2.60
CA GLU A 95 -0.10 -0.65 -3.29
C GLU A 95 -0.99 0.41 -2.64
N VAL A 96 -0.38 1.52 -2.23
CA VAL A 96 -1.16 2.56 -1.57
C VAL A 96 -0.96 3.92 -2.22
N GLN A 97 -2.06 4.51 -2.67
CA GLN A 97 -2.03 5.82 -3.28
C GLN A 97 -2.55 6.84 -2.28
N TYR A 98 -1.77 7.87 -2.00
CA TYR A 98 -2.20 8.87 -1.03
C TYR A 98 -1.56 10.22 -1.29
N ASP A 99 -2.07 11.23 -0.60
CA ASP A 99 -1.55 12.60 -0.73
C ASP A 99 -1.14 13.14 0.63
N CYS A 100 -0.28 14.15 0.61
CA CYS A 100 0.19 14.76 1.85
C CYS A 100 -0.41 16.15 2.01
N VAL A 101 -1.10 16.38 3.12
CA VAL A 101 -1.71 17.68 3.38
C VAL A 101 -1.22 18.24 4.72
N PRO A 102 -1.22 19.54 4.88
CA PRO A 102 -0.75 20.16 6.16
C PRO A 102 -1.55 19.62 7.35
N TYR A 103 -0.87 19.48 8.48
CA TYR A 103 -1.54 18.97 9.68
C TYR A 103 -2.45 20.04 10.28
N LYS A 104 -2.43 21.23 9.68
CA LYS A 104 -3.27 22.32 10.16
C LYS A 104 -4.54 22.44 9.32
N VAL A 105 -5.53 23.14 9.85
CA VAL A 105 -6.78 23.33 9.13
C VAL A 105 -6.67 24.49 8.16
N GLU A 106 -6.97 24.22 6.89
CA GLU A 106 -6.88 25.26 5.86
C GLU A 106 -5.46 25.81 5.77
C1 NAG B . -8.24 13.55 10.28
C2 NAG B . -9.41 12.64 10.52
C3 NAG B . -10.65 13.25 9.93
C4 NAG B . -10.88 14.61 10.54
C5 NAG B . -9.65 15.47 10.34
C6 NAG B . -9.77 16.81 11.06
C7 NAG B . -9.72 10.24 10.46
C8 NAG B . -9.44 8.91 9.79
N2 NAG B . -9.17 11.32 9.92
O3 NAG B . -11.78 12.40 10.17
O4 NAG B . -12.02 15.24 9.93
O5 NAG B . -8.48 14.81 10.86
O6 NAG B . -9.72 16.65 12.49
O7 NAG B . -10.44 10.28 11.45
H1 NAG B . -8.10 13.69 9.22
H2 NAG B . -9.56 12.53 11.59
H3 NAG B . -10.50 13.38 8.86
H4 NAG B . -11.05 14.48 11.60
H5 NAG B . -9.49 15.64 9.29
H61 NAG B . -10.70 17.29 10.77
H62 NAG B . -8.96 17.46 10.73
H81 NAG B . -9.79 8.91 8.77
H82 NAG B . -9.93 8.11 10.32
H83 NAG B . -8.38 8.70 9.79
HN2 NAG B . -8.52 11.23 9.19
HO3 NAG B . -11.87 12.25 11.11
HO4 NAG B . -12.22 14.80 9.10
HO6 NAG B . -9.55 17.51 12.90
N GLY A 1 13.43 8.59 -6.72
CA GLY A 1 14.39 8.75 -7.85
C GLY A 1 13.82 9.75 -8.85
N LEU A 2 12.72 9.39 -9.48
CA LEU A 2 12.08 10.27 -10.45
C LEU A 2 10.59 10.42 -10.14
N PRO A 3 10.26 11.01 -9.01
CA PRO A 3 8.85 11.23 -8.61
C PRO A 3 8.07 12.01 -9.67
N PHE A 4 6.77 11.75 -9.74
CA PHE A 4 5.92 12.41 -10.72
C PHE A 4 5.54 13.83 -10.26
N GLY A 5 5.81 14.13 -9.00
CA GLY A 5 5.49 15.44 -8.46
C GLY A 5 3.98 15.57 -8.23
N LEU A 6 3.31 14.44 -8.06
CA LEU A 6 1.86 14.43 -7.84
C LEU A 6 1.43 13.10 -7.23
N MET A 7 0.82 13.17 -6.05
CA MET A 7 0.33 11.97 -5.38
C MET A 7 1.46 11.01 -5.09
N ARG A 8 1.53 10.56 -3.85
CA ARG A 8 2.55 9.63 -3.43
C ARG A 8 2.06 8.21 -3.59
N ARG A 9 2.98 7.31 -3.88
CA ARG A 9 2.62 5.92 -4.05
C ARG A 9 3.72 5.01 -3.55
N GLU A 10 3.33 4.05 -2.74
CA GLU A 10 4.28 3.09 -2.20
C GLU A 10 3.79 1.68 -2.45
N LEU A 11 4.71 0.79 -2.75
CA LEU A 11 4.35 -0.59 -3.01
C LEU A 11 5.35 -1.52 -2.33
N ALA A 12 4.85 -2.56 -1.67
CA ALA A 12 5.74 -3.49 -1.00
C ALA A 12 5.38 -4.94 -1.33
N CYS A 13 6.41 -5.76 -1.55
CA CYS A 13 6.20 -7.16 -1.88
C CYS A 13 5.58 -7.88 -0.69
N GLU A 14 4.59 -8.72 -0.96
CA GLU A 14 3.90 -9.42 0.11
C GLU A 14 4.86 -10.01 1.13
N GLY A 15 4.56 -9.78 2.40
CA GLY A 15 5.36 -10.32 3.48
C GLY A 15 6.39 -9.32 4.01
N TYR A 16 6.63 -8.21 3.31
CA TYR A 16 7.59 -7.24 3.78
C TYR A 16 6.89 -5.95 4.21
N PRO A 17 7.44 -5.27 5.17
CA PRO A 17 6.84 -3.99 5.68
C PRO A 17 6.83 -2.89 4.63
N ILE A 18 5.85 -1.98 4.76
CA ILE A 18 5.72 -0.85 3.85
C ILE A 18 5.85 0.44 4.64
N GLU A 19 6.47 1.45 4.05
CA GLU A 19 6.67 2.71 4.76
C GLU A 19 6.19 3.91 3.97
N LEU A 20 5.36 4.72 4.62
CA LEU A 20 4.81 5.93 4.02
C LEU A 20 5.32 7.14 4.79
N ARG A 21 5.65 8.22 4.09
CA ARG A 21 6.13 9.42 4.79
C ARG A 21 5.73 10.69 4.06
N CYS A 22 5.25 11.66 4.84
CA CYS A 22 4.85 12.94 4.28
C CYS A 22 5.92 13.99 4.57
N PRO A 23 6.19 14.85 3.63
CA PRO A 23 7.21 15.92 3.79
C PRO A 23 6.83 16.95 4.84
N GLY A 24 7.84 17.64 5.38
CA GLY A 24 7.61 18.68 6.37
C GLY A 24 6.65 18.23 7.48
N SER A 25 5.72 19.12 7.79
CA SER A 25 4.72 18.87 8.82
C SER A 25 3.39 18.43 8.22
N ASP A 26 3.43 17.91 6.99
CA ASP A 26 2.22 17.43 6.33
C ASP A 26 1.86 16.04 6.86
N VAL A 27 0.66 15.57 6.55
CA VAL A 27 0.24 14.25 7.01
C VAL A 27 -0.30 13.41 5.86
N ILE A 28 -0.11 12.09 5.98
CA ILE A 28 -0.57 11.16 4.96
C ILE A 28 -2.08 11.01 4.98
N MET A 29 -2.67 10.97 3.79
CA MET A 29 -4.11 10.78 3.66
C MET A 29 -4.37 9.71 2.61
N VAL A 30 -4.71 8.52 3.07
CA VAL A 30 -4.95 7.40 2.17
C VAL A 30 -6.18 7.64 1.32
N GLU A 31 -6.00 7.55 0.01
CA GLU A 31 -7.10 7.75 -0.92
C GLU A 31 -7.54 6.41 -1.49
N ASN A 32 -6.57 5.65 -2.01
CA ASN A 32 -6.88 4.34 -2.58
C ASN A 32 -5.72 3.39 -2.34
N ALA A 33 -6.05 2.11 -2.16
CA ALA A 33 -5.03 1.08 -1.91
C ALA A 33 -5.63 -0.31 -2.05
N ASN A 34 -4.77 -1.31 -2.30
CA ASN A 34 -5.26 -2.68 -2.46
C ASN A 34 -4.21 -3.72 -2.04
N TYR A 35 -4.69 -4.86 -1.53
CA TYR A 35 -3.81 -5.95 -1.14
C TYR A 35 -4.16 -7.17 -1.99
N GLY A 36 -3.22 -7.58 -2.82
CA GLY A 36 -3.46 -8.71 -3.70
C GLY A 36 -2.44 -8.74 -4.82
N ARG A 37 -2.93 -9.00 -6.03
CA ARG A 37 -2.07 -9.04 -7.19
C ARG A 37 -2.88 -8.77 -8.45
N THR A 38 -2.55 -7.68 -9.13
CA THR A 38 -3.25 -7.32 -10.35
C THR A 38 -2.24 -7.24 -11.49
N ASP A 39 -1.02 -7.70 -11.21
CA ASP A 39 0.05 -7.69 -12.19
C ASP A 39 0.94 -8.90 -12.01
N ASP A 40 2.01 -8.96 -12.78
CA ASP A 40 2.96 -10.05 -12.69
C ASP A 40 4.39 -9.54 -12.85
N LYS A 41 4.51 -8.23 -13.04
CA LYS A 41 5.82 -7.62 -13.20
C LYS A 41 6.27 -6.95 -11.91
N ILE A 42 5.51 -7.10 -10.83
CA ILE A 42 5.87 -6.46 -9.57
C ILE A 42 6.36 -7.49 -8.56
N CYS A 43 7.48 -7.16 -7.92
CA CYS A 43 8.05 -8.06 -6.95
C CYS A 43 8.23 -9.43 -7.57
N ASP A 44 9.23 -9.54 -8.41
CA ASP A 44 9.51 -10.77 -9.12
C ASP A 44 9.67 -11.95 -8.17
N ALA A 45 8.66 -12.80 -8.17
CA ALA A 45 8.66 -14.00 -7.35
C ALA A 45 8.57 -15.20 -8.28
N ASP A 46 8.24 -16.36 -7.72
CA ASP A 46 8.12 -17.55 -8.55
C ASP A 46 7.02 -17.36 -9.59
N PRO A 47 7.23 -17.87 -10.77
CA PRO A 47 6.25 -17.74 -11.89
C PRO A 47 4.87 -18.27 -11.50
N PHE A 48 4.84 -19.37 -10.76
CA PHE A 48 3.57 -19.96 -10.34
C PHE A 48 2.81 -19.02 -9.40
N GLN A 49 3.54 -18.31 -8.56
CA GLN A 49 2.92 -17.39 -7.62
C GLN A 49 2.75 -16.00 -8.22
N MET A 50 3.30 -15.80 -9.41
CA MET A 50 3.22 -14.51 -10.08
C MET A 50 2.40 -14.61 -11.38
N GLU A 51 1.94 -15.81 -11.70
CA GLU A 51 1.17 -16.04 -12.93
C GLU A 51 -0.18 -15.36 -12.89
N ASN A 52 -0.88 -15.44 -11.76
CA ASN A 52 -2.21 -14.84 -11.64
C ASN A 52 -2.14 -13.34 -11.38
N VAL A 53 -2.75 -12.57 -12.27
CA VAL A 53 -2.78 -11.12 -12.14
C VAL A 53 -4.19 -10.64 -11.84
N GLN A 54 -4.96 -11.42 -11.08
CA GLN A 54 -6.32 -11.02 -10.77
C GLN A 54 -6.70 -11.36 -9.33
N CYS A 55 -6.35 -10.47 -8.42
CA CYS A 55 -6.67 -10.64 -7.00
C CYS A 55 -6.88 -9.27 -6.36
N TYR A 56 -8.04 -9.07 -5.73
CA TYR A 56 -8.33 -7.79 -5.09
C TYR A 56 -8.86 -7.96 -3.67
N LEU A 57 -8.58 -6.98 -2.80
CA LEU A 57 -9.06 -7.00 -1.42
C LEU A 57 -9.45 -5.58 -0.99
N PRO A 58 -10.72 -5.24 -1.11
CA PRO A 58 -11.23 -3.89 -0.77
C PRO A 58 -10.89 -3.42 0.66
N ASP A 59 -11.11 -4.28 1.65
CA ASP A 59 -10.85 -3.89 3.04
C ASP A 59 -9.42 -3.40 3.23
N ALA A 60 -8.51 -3.86 2.40
CA ALA A 60 -7.12 -3.43 2.52
C ALA A 60 -7.02 -1.90 2.53
N PHE A 61 -7.93 -1.23 1.81
CA PHE A 61 -7.93 0.23 1.77
C PHE A 61 -8.28 0.85 3.12
N LYS A 62 -9.34 0.33 3.74
CA LYS A 62 -9.79 0.85 5.02
C LYS A 62 -8.74 0.61 6.10
N ILE A 63 -8.12 -0.56 6.05
CA ILE A 63 -7.10 -0.93 7.03
C ILE A 63 -5.93 0.05 7.02
N MET A 64 -5.39 0.31 5.84
CA MET A 64 -4.25 1.21 5.73
C MET A 64 -4.68 2.64 6.05
N SER A 65 -5.91 2.97 5.70
CA SER A 65 -6.41 4.31 5.94
C SER A 65 -6.39 4.63 7.43
N GLN A 66 -6.82 3.67 8.25
CA GLN A 66 -6.83 3.86 9.70
C GLN A 66 -5.40 3.93 10.24
N ARG A 67 -4.51 3.15 9.63
CA ARG A 67 -3.12 3.08 10.06
C ARG A 67 -2.28 4.29 9.63
N CYS A 68 -2.53 4.86 8.46
CA CYS A 68 -1.71 5.98 7.99
C CYS A 68 -2.46 7.32 7.90
N ASN A 69 -3.77 7.33 8.00
CA ASN A 69 -4.51 8.59 7.90
C ASN A 69 -4.12 9.56 9.02
N ASN A 70 -3.89 10.81 8.64
CA ASN A 70 -3.55 11.87 9.60
C ASN A 70 -2.17 11.68 10.25
N ARG A 71 -1.34 10.81 9.69
CA ARG A 71 0.00 10.61 10.25
C ARG A 71 1.07 11.07 9.28
N THR A 72 2.18 11.56 9.82
CA THR A 72 3.27 12.03 8.98
C THR A 72 3.95 10.83 8.32
N GLN A 73 3.95 9.72 9.04
CA GLN A 73 4.55 8.47 8.55
C GLN A 73 3.85 7.27 9.15
N CYS A 74 3.98 6.14 8.49
CA CYS A 74 3.37 4.92 9.00
C CYS A 74 4.07 3.68 8.43
N VAL A 75 4.15 2.64 9.26
CA VAL A 75 4.76 1.39 8.85
C VAL A 75 3.74 0.27 9.01
N VAL A 76 3.54 -0.50 7.96
CA VAL A 76 2.58 -1.59 8.02
C VAL A 76 3.13 -2.84 7.34
N VAL A 77 2.85 -4.00 7.95
CA VAL A 77 3.30 -5.25 7.37
C VAL A 77 2.40 -5.62 6.20
N ALA A 78 2.98 -5.66 5.01
CA ALA A 78 2.25 -5.95 3.81
C ALA A 78 1.80 -7.41 3.75
N GLY A 79 1.40 -7.98 4.89
CA GLY A 79 0.97 -9.37 4.91
C GLY A 79 0.56 -9.77 6.33
N SER A 80 1.26 -10.77 6.87
CA SER A 80 0.97 -11.27 8.22
C SER A 80 -0.49 -11.05 8.60
N ASP A 81 -0.74 -11.07 9.90
CA ASP A 81 -2.10 -10.90 10.43
C ASP A 81 -2.59 -9.48 10.19
N ALA A 82 -1.77 -8.66 9.55
CA ALA A 82 -2.15 -7.29 9.29
C ALA A 82 -3.02 -7.21 8.04
N PHE A 83 -3.03 -8.30 7.26
CA PHE A 83 -3.83 -8.33 6.04
C PHE A 83 -4.39 -9.74 5.81
N PRO A 84 -5.68 -9.86 5.55
CA PRO A 84 -6.34 -11.17 5.28
C PRO A 84 -5.62 -11.97 4.19
N ASP A 85 -6.40 -12.75 3.43
CA ASP A 85 -5.85 -13.57 2.35
C ASP A 85 -6.85 -13.66 1.19
N PRO A 86 -6.78 -12.74 0.25
CA PRO A 86 -7.71 -12.72 -0.93
C PRO A 86 -7.39 -13.74 -2.01
N CYS A 87 -6.23 -14.38 -1.91
CA CYS A 87 -5.85 -15.37 -2.92
C CYS A 87 -4.61 -16.15 -2.51
N PRO A 88 -4.72 -17.00 -1.53
CA PRO A 88 -3.58 -17.83 -1.07
C PRO A 88 -2.98 -18.65 -2.21
N GLY A 89 -1.71 -19.03 -2.08
CA GLY A 89 -1.04 -19.82 -3.11
C GLY A 89 -0.40 -18.92 -4.18
N THR A 90 -0.59 -17.61 -4.06
CA THR A 90 -0.02 -16.66 -5.01
C THR A 90 0.78 -15.59 -4.26
N TYR A 91 1.82 -15.06 -4.90
CA TYR A 91 2.60 -14.00 -4.26
C TYR A 91 1.91 -12.67 -4.49
N LYS A 92 1.43 -12.07 -3.41
CA LYS A 92 0.69 -10.82 -3.49
C LYS A 92 1.57 -9.57 -3.37
N TYR A 93 0.91 -8.47 -3.09
CA TYR A 93 1.57 -7.19 -2.86
C TYR A 93 0.59 -6.15 -2.35
N LEU A 94 1.12 -4.99 -1.98
CA LEU A 94 0.27 -3.92 -1.48
C LEU A 94 0.64 -2.61 -2.15
N GLU A 95 -0.36 -1.96 -2.74
CA GLU A 95 -0.16 -0.68 -3.40
C GLU A 95 -1.05 0.37 -2.77
N VAL A 96 -0.45 1.49 -2.34
CA VAL A 96 -1.23 2.55 -1.69
C VAL A 96 -0.95 3.93 -2.28
N GLN A 97 -2.02 4.63 -2.65
CA GLN A 97 -1.89 5.98 -3.21
C GLN A 97 -2.42 6.97 -2.18
N TYR A 98 -1.62 7.98 -1.85
CA TYR A 98 -2.05 8.95 -0.85
C TYR A 98 -1.40 10.32 -1.08
N ASP A 99 -2.00 11.34 -0.47
CA ASP A 99 -1.48 12.71 -0.59
C ASP A 99 -1.06 13.25 0.77
N CYS A 100 -0.20 14.26 0.75
CA CYS A 100 0.28 14.88 1.98
C CYS A 100 -0.31 16.28 2.14
N VAL A 101 -1.25 16.46 3.07
CA VAL A 101 -1.88 17.76 3.27
C VAL A 101 -1.52 18.37 4.63
N PRO A 102 -1.61 19.68 4.76
CA PRO A 102 -1.31 20.37 6.05
C PRO A 102 -2.16 19.84 7.20
N TYR A 103 -1.54 19.75 8.38
CA TYR A 103 -2.25 19.29 9.55
C TYR A 103 -3.17 20.38 10.09
N LYS A 104 -3.12 21.55 9.44
CA LYS A 104 -3.95 22.67 9.86
C LYS A 104 -5.27 22.65 9.10
N VAL A 105 -5.43 21.65 8.25
CA VAL A 105 -6.65 21.55 7.46
C VAL A 105 -7.75 20.88 8.27
N GLU A 106 -8.94 21.48 8.24
CA GLU A 106 -10.07 20.94 8.99
C GLU A 106 -9.79 21.03 10.48
C1 NAG B . -8.20 13.16 10.22
C2 NAG B . -9.30 12.16 10.40
C3 NAG B . -10.58 12.69 9.83
C4 NAG B . -10.92 14.00 10.48
C5 NAG B . -9.75 14.97 10.35
C6 NAG B . -9.99 16.26 11.12
C7 NAG B . -9.70 9.84 9.82
C8 NAG B . -9.26 8.62 9.06
N2 NAG B . -8.94 10.91 9.71
O3 NAG B . -11.64 11.74 10.03
O4 NAG B . -12.09 14.56 9.86
O5 NAG B . -8.54 14.37 10.86
O6 NAG B . -9.16 16.31 12.29
O7 NAG B . -10.73 9.81 10.48
H1 NAG B . -8.07 13.37 9.17
H2 NAG B . -9.44 11.97 11.46
H3 NAG B . -10.44 12.86 8.77
H4 NAG B . -11.11 13.83 11.53
H5 NAG B . -9.60 15.19 9.30
H61 NAG B . -11.03 16.31 11.39
H62 NAG B . -9.77 17.09 10.47
H81 NAG B . -8.42 8.14 9.56
H82 NAG B . -8.95 8.89 8.06
H83 NAG B . -10.07 7.91 8.99
HN2 NAG B . -8.16 10.90 9.12
HO3 NAG B . -11.49 11.28 10.86
HO4 NAG B . -12.62 15.01 10.52
HO6 NAG B . -8.55 15.57 12.28
N GLY A 1 10.69 9.56 -11.58
CA GLY A 1 10.67 8.87 -10.26
C GLY A 1 10.75 9.89 -9.14
N LEU A 2 11.92 10.50 -8.96
CA LEU A 2 12.08 11.49 -7.92
C LEU A 2 10.82 12.33 -7.79
N PRO A 3 10.44 13.00 -8.85
CA PRO A 3 9.20 13.83 -8.86
C PRO A 3 7.96 12.99 -8.59
N PHE A 4 6.98 13.59 -7.90
CA PHE A 4 5.74 12.87 -7.59
C PHE A 4 4.82 12.89 -8.81
N GLY A 5 5.11 13.80 -9.73
CA GLY A 5 4.32 13.93 -10.95
C GLY A 5 2.85 14.15 -10.63
N LEU A 6 2.20 13.10 -10.11
CA LEU A 6 0.79 13.18 -9.74
C LEU A 6 0.49 12.22 -8.60
N MET A 7 0.17 12.78 -7.43
CA MET A 7 -0.13 11.96 -6.26
C MET A 7 1.03 11.07 -5.91
N ARG A 8 1.12 10.71 -4.64
CA ARG A 8 2.18 9.83 -4.17
C ARG A 8 1.71 8.38 -4.16
N ARG A 9 2.64 7.47 -4.33
CA ARG A 9 2.29 6.05 -4.35
C ARG A 9 3.42 5.20 -3.77
N GLU A 10 3.03 4.24 -2.96
CA GLU A 10 3.99 3.34 -2.34
C GLU A 10 3.54 1.90 -2.52
N LEU A 11 4.49 1.01 -2.77
CA LEU A 11 4.16 -0.38 -2.98
C LEU A 11 5.21 -1.27 -2.29
N ALA A 12 4.77 -2.39 -1.74
CA ALA A 12 5.69 -3.29 -1.06
C ALA A 12 5.34 -4.75 -1.36
N CYS A 13 6.38 -5.56 -1.56
CA CYS A 13 6.17 -6.97 -1.87
C CYS A 13 5.56 -7.69 -0.68
N GLU A 14 4.63 -8.59 -0.98
CA GLU A 14 3.96 -9.35 0.07
C GLU A 14 4.93 -9.97 1.06
N GLY A 15 4.62 -9.81 2.34
CA GLY A 15 5.43 -10.38 3.40
C GLY A 15 6.45 -9.40 3.96
N TYR A 16 6.72 -8.30 3.26
CA TYR A 16 7.68 -7.32 3.75
C TYR A 16 6.98 -6.06 4.25
N PRO A 17 7.54 -5.43 5.24
CA PRO A 17 6.98 -4.17 5.80
C PRO A 17 7.08 -2.99 4.84
N ILE A 18 6.13 -2.07 4.94
CA ILE A 18 6.11 -0.90 4.09
C ILE A 18 6.17 0.36 4.94
N GLU A 19 6.86 1.37 4.46
CA GLU A 19 6.99 2.60 5.22
C GLU A 19 6.45 3.79 4.42
N LEU A 20 5.59 4.56 5.08
CA LEU A 20 5.00 5.74 4.46
C LEU A 20 5.40 6.98 5.24
N ARG A 21 5.71 8.06 4.54
CA ARG A 21 6.11 9.28 5.21
C ARG A 21 5.76 10.52 4.39
N CYS A 22 5.19 11.49 5.07
CA CYS A 22 4.84 12.75 4.43
C CYS A 22 5.94 13.78 4.63
N PRO A 23 6.29 14.53 3.62
CA PRO A 23 7.34 15.56 3.74
C PRO A 23 6.88 16.71 4.63
N GLY A 24 7.82 17.54 5.07
CA GLY A 24 7.48 18.67 5.91
C GLY A 24 6.65 18.24 7.13
N SER A 25 5.66 19.06 7.46
CA SER A 25 4.78 18.79 8.60
C SER A 25 3.40 18.35 8.12
N ASP A 26 3.34 17.86 6.88
CA ASP A 26 2.09 17.39 6.32
C ASP A 26 1.72 16.01 6.86
N VAL A 27 0.51 15.56 6.57
CA VAL A 27 0.06 14.25 7.03
C VAL A 27 -0.47 13.42 5.86
N ILE A 28 -0.24 12.12 5.92
CA ILE A 28 -0.68 11.22 4.86
C ILE A 28 -2.20 11.08 4.81
N MET A 29 -2.74 11.07 3.60
CA MET A 29 -4.17 10.87 3.42
C MET A 29 -4.38 9.81 2.35
N VAL A 30 -4.67 8.60 2.82
CA VAL A 30 -4.89 7.46 1.94
C VAL A 30 -6.12 7.66 1.06
N GLU A 31 -5.92 7.59 -0.25
CA GLU A 31 -7.04 7.75 -1.19
C GLU A 31 -7.48 6.38 -1.69
N ASN A 32 -6.51 5.58 -2.12
CA ASN A 32 -6.82 4.25 -2.62
C ASN A 32 -5.68 3.29 -2.34
N ALA A 33 -6.04 2.04 -2.09
CA ALA A 33 -5.06 1.01 -1.80
C ALA A 33 -5.68 -0.37 -1.94
N ASN A 34 -4.86 -1.35 -2.27
CA ASN A 34 -5.33 -2.72 -2.44
C ASN A 34 -4.25 -3.71 -2.06
N TYR A 35 -4.67 -4.82 -1.48
CA TYR A 35 -3.73 -5.87 -1.12
C TYR A 35 -4.05 -7.10 -1.94
N GLY A 36 -3.10 -7.53 -2.75
CA GLY A 36 -3.33 -8.68 -3.61
C GLY A 36 -2.32 -8.69 -4.76
N ARG A 37 -2.81 -8.96 -5.96
CA ARG A 37 -1.95 -9.01 -7.13
C ARG A 37 -2.72 -8.72 -8.42
N THR A 38 -2.32 -7.65 -9.09
CA THR A 38 -2.95 -7.25 -10.35
C THR A 38 -1.89 -7.13 -11.44
N ASP A 39 -0.66 -7.46 -11.08
CA ASP A 39 0.45 -7.39 -12.02
C ASP A 39 1.44 -8.50 -11.74
N ASP A 40 2.20 -8.90 -12.75
CA ASP A 40 3.19 -9.95 -12.58
C ASP A 40 4.59 -9.41 -12.75
N LYS A 41 4.71 -8.11 -13.02
CA LYS A 41 6.02 -7.52 -13.21
C LYS A 41 6.45 -6.76 -11.96
N ILE A 42 5.69 -6.88 -10.88
CA ILE A 42 6.02 -6.19 -9.63
C ILE A 42 6.47 -7.22 -8.60
N CYS A 43 7.57 -6.91 -7.93
CA CYS A 43 8.09 -7.85 -6.94
C CYS A 43 8.17 -9.23 -7.59
N ASP A 44 9.25 -9.46 -8.32
CA ASP A 44 9.46 -10.73 -9.01
C ASP A 44 9.50 -11.91 -8.04
N ALA A 45 8.43 -12.69 -8.03
CA ALA A 45 8.33 -13.86 -7.18
C ALA A 45 8.32 -15.12 -8.04
N ASP A 46 7.96 -16.26 -7.47
CA ASP A 46 7.92 -17.48 -8.26
C ASP A 46 6.85 -17.35 -9.35
N PRO A 47 7.12 -17.83 -10.54
CA PRO A 47 6.17 -17.71 -11.69
C PRO A 47 4.78 -18.23 -11.37
N PHE A 48 4.70 -19.33 -10.64
CA PHE A 48 3.42 -19.92 -10.29
C PHE A 48 2.60 -19.00 -9.40
N GLN A 49 3.27 -18.29 -8.51
CA GLN A 49 2.58 -17.38 -7.62
C GLN A 49 2.39 -16.03 -8.31
N MET A 50 3.01 -15.90 -9.48
CA MET A 50 2.91 -14.67 -10.26
C MET A 50 1.99 -14.85 -11.46
N GLU A 51 1.51 -16.08 -11.67
CA GLU A 51 0.64 -16.34 -12.81
C GLU A 51 -0.67 -15.56 -12.73
N ASN A 52 -1.33 -15.58 -11.58
CA ASN A 52 -2.61 -14.88 -11.46
C ASN A 52 -2.45 -13.38 -11.26
N VAL A 53 -3.01 -12.63 -12.20
CA VAL A 53 -2.95 -11.17 -12.15
C VAL A 53 -4.34 -10.59 -11.83
N GLN A 54 -5.10 -11.33 -11.01
CA GLN A 54 -6.44 -10.90 -10.62
C GLN A 54 -6.71 -11.24 -9.16
N CYS A 55 -6.25 -10.39 -8.25
CA CYS A 55 -6.47 -10.62 -6.82
C CYS A 55 -6.71 -9.26 -6.14
N TYR A 56 -7.86 -9.12 -5.48
CA TYR A 56 -8.19 -7.85 -4.84
C TYR A 56 -8.72 -8.03 -3.42
N LEU A 57 -8.58 -6.97 -2.60
CA LEU A 57 -9.06 -6.97 -1.22
C LEU A 57 -9.50 -5.56 -0.83
N PRO A 58 -10.74 -5.21 -1.07
CA PRO A 58 -11.28 -3.85 -0.75
C PRO A 58 -10.89 -3.37 0.65
N ASP A 59 -11.08 -4.23 1.65
CA ASP A 59 -10.79 -3.88 3.04
C ASP A 59 -9.34 -3.44 3.25
N ALA A 60 -8.45 -3.83 2.34
CA ALA A 60 -7.05 -3.46 2.47
C ALA A 60 -6.91 -1.94 2.55
N PHE A 61 -7.78 -1.24 1.81
CA PHE A 61 -7.79 0.22 1.80
C PHE A 61 -8.16 0.80 3.17
N LYS A 62 -9.19 0.24 3.79
CA LYS A 62 -9.65 0.74 5.09
C LYS A 62 -8.60 0.49 6.17
N ILE A 63 -7.89 -0.63 6.08
CA ILE A 63 -6.86 -0.96 7.07
C ILE A 63 -5.75 0.08 7.07
N MET A 64 -5.21 0.38 5.90
CA MET A 64 -4.12 1.35 5.82
C MET A 64 -4.61 2.76 6.09
N SER A 65 -5.83 3.06 5.67
CA SER A 65 -6.38 4.39 5.89
C SER A 65 -6.43 4.70 7.37
N GLN A 66 -6.92 3.77 8.17
CA GLN A 66 -6.98 3.98 9.61
C GLN A 66 -5.56 4.06 10.20
N ARG A 67 -4.65 3.27 9.64
CA ARG A 67 -3.26 3.22 10.10
C ARG A 67 -2.42 4.43 9.67
N CYS A 68 -2.68 4.96 8.47
CA CYS A 68 -1.86 6.06 7.97
C CYS A 68 -2.62 7.39 7.85
N ASN A 69 -3.94 7.37 7.99
CA ASN A 69 -4.72 8.61 7.89
C ASN A 69 -4.34 9.59 8.99
N ASN A 70 -4.10 10.84 8.61
CA ASN A 70 -3.76 11.89 9.57
C ASN A 70 -2.40 11.66 10.25
N ARG A 71 -1.59 10.73 9.73
CA ARG A 71 -0.27 10.49 10.33
C ARG A 71 0.82 10.95 9.39
N THR A 72 1.89 11.47 9.96
CA THR A 72 3.01 11.95 9.16
C THR A 72 3.77 10.74 8.58
N GLN A 73 3.76 9.63 9.31
CA GLN A 73 4.42 8.40 8.87
C GLN A 73 3.69 7.17 9.40
N CYS A 74 3.78 6.05 8.67
CA CYS A 74 3.11 4.83 9.10
C CYS A 74 3.76 3.57 8.52
N VAL A 75 4.02 2.58 9.38
CA VAL A 75 4.63 1.32 8.92
C VAL A 75 3.68 0.14 9.14
N VAL A 76 3.54 -0.71 8.12
CA VAL A 76 2.66 -1.87 8.21
C VAL A 76 3.23 -3.08 7.49
N VAL A 77 2.89 -4.28 7.97
CA VAL A 77 3.36 -5.50 7.35
C VAL A 77 2.46 -5.83 6.16
N ALA A 78 3.03 -5.85 4.96
CA ALA A 78 2.24 -6.14 3.76
C ALA A 78 1.81 -7.60 3.70
N GLY A 79 1.43 -8.17 4.84
CA GLY A 79 0.99 -9.56 4.87
C GLY A 79 0.59 -10.02 6.28
N SER A 80 1.29 -11.04 6.77
CA SER A 80 1.03 -11.58 8.11
C SER A 80 -0.43 -11.37 8.52
N ASP A 81 -0.67 -11.39 9.83
CA ASP A 81 -2.04 -11.21 10.35
C ASP A 81 -2.53 -9.79 10.12
N ALA A 82 -1.69 -8.95 9.53
CA ALA A 82 -2.07 -7.57 9.28
C ALA A 82 -2.87 -7.47 7.98
N PHE A 83 -2.80 -8.51 7.16
CA PHE A 83 -3.55 -8.54 5.92
C PHE A 83 -4.14 -9.93 5.66
N PRO A 84 -5.41 -10.02 5.37
CA PRO A 84 -6.08 -11.32 5.09
C PRO A 84 -5.33 -12.09 4.01
N ASP A 85 -6.08 -12.87 3.24
CA ASP A 85 -5.51 -13.67 2.16
C ASP A 85 -6.51 -13.74 1.00
N PRO A 86 -6.54 -12.72 0.16
CA PRO A 86 -7.51 -12.65 -0.98
C PRO A 86 -7.17 -13.61 -2.13
N CYS A 87 -6.02 -14.27 -2.03
CA CYS A 87 -5.61 -15.20 -3.08
C CYS A 87 -4.44 -16.06 -2.60
N PRO A 88 -4.70 -16.93 -1.67
CA PRO A 88 -3.66 -17.83 -1.12
C PRO A 88 -2.94 -18.59 -2.24
N GLY A 89 -1.67 -18.90 -2.01
CA GLY A 89 -0.89 -19.63 -3.00
C GLY A 89 -0.39 -18.72 -4.11
N THR A 90 -0.73 -17.43 -4.04
CA THR A 90 -0.27 -16.47 -5.04
C THR A 90 0.60 -15.42 -4.39
N TYR A 91 1.58 -14.89 -5.12
CA TYR A 91 2.44 -13.87 -4.56
C TYR A 91 1.82 -12.50 -4.72
N LYS A 92 1.42 -11.92 -3.60
CA LYS A 92 0.72 -10.65 -3.58
C LYS A 92 1.65 -9.44 -3.45
N TYR A 93 0.99 -8.36 -3.07
CA TYR A 93 1.65 -7.09 -2.77
C TYR A 93 0.66 -6.10 -2.23
N LEU A 94 1.15 -4.93 -1.86
CA LEU A 94 0.31 -3.88 -1.31
C LEU A 94 0.60 -2.57 -2.03
N GLU A 95 -0.41 -1.99 -2.66
CA GLU A 95 -0.25 -0.73 -3.39
C GLU A 95 -1.13 0.34 -2.76
N VAL A 96 -0.55 1.50 -2.46
CA VAL A 96 -1.31 2.58 -1.82
C VAL A 96 -1.01 3.95 -2.42
N GLN A 97 -2.07 4.66 -2.82
CA GLN A 97 -1.92 6.01 -3.37
C GLN A 97 -2.43 7.00 -2.35
N TYR A 98 -1.65 8.05 -2.08
CA TYR A 98 -2.04 9.05 -1.09
C TYR A 98 -1.38 10.40 -1.33
N ASP A 99 -1.83 11.39 -0.57
CA ASP A 99 -1.29 12.74 -0.67
C ASP A 99 -0.94 13.26 0.72
N CYS A 100 -0.05 14.25 0.78
CA CYS A 100 0.34 14.84 2.05
C CYS A 100 -0.17 16.26 2.15
N VAL A 101 -1.15 16.47 3.01
CA VAL A 101 -1.73 17.80 3.16
C VAL A 101 -1.26 18.45 4.45
N PRO A 102 -1.29 19.76 4.51
CA PRO A 102 -0.86 20.50 5.74
C PRO A 102 -1.68 20.06 6.95
N TYR A 103 -1.05 20.02 8.12
CA TYR A 103 -1.77 19.61 9.32
C TYR A 103 -2.59 20.78 9.84
N LYS A 104 -2.60 21.87 9.07
CA LYS A 104 -3.34 23.07 9.44
C LYS A 104 -4.75 23.04 8.84
N VAL A 105 -4.84 23.26 7.53
CA VAL A 105 -6.14 23.28 6.85
C VAL A 105 -6.58 21.88 6.45
N GLU A 106 -7.85 21.57 6.71
CA GLU A 106 -8.39 20.25 6.40
C GLU A 106 -7.41 19.18 6.83
C1 NAG B . -8.30 13.65 10.47
C2 NAG B . -9.48 12.79 10.83
C3 NAG B . -10.76 13.46 10.36
C4 NAG B . -10.88 14.80 11.00
C5 NAG B . -9.65 15.64 10.67
C6 NAG B . -9.67 16.98 11.39
C7 NAG B . -9.68 10.39 10.88
C8 NAG B . -9.53 9.07 10.18
N2 NAG B . -9.36 11.48 10.19
O3 NAG B . -11.89 12.63 10.71
O4 NAG B . -12.06 15.47 10.51
O5 NAG B . -8.45 14.93 11.07
O6 NAG B . -10.68 17.02 12.40
O7 NAG B . -10.09 10.43 12.04
H1 NAG B . -8.28 13.80 9.39
H2 NAG B . -9.52 12.69 11.89
H3 NAG B . -10.71 13.58 9.29
H4 NAG B . -10.94 14.68 12.08
H5 NAG B . -9.60 15.79 9.60
H61 NAG B . -9.85 17.76 10.66
H62 NAG B . -8.70 17.16 11.83
H81 NAG B . -9.79 8.26 10.85
H82 NAG B . -8.50 8.93 9.87
H83 NAG B . -10.17 9.03 9.32
HN2 NAG B . -8.91 11.40 9.33
HO3 NAG B . -12.38 13.05 11.42
HO4 NAG B . -12.48 15.96 11.23
HO6 NAG B . -10.62 16.24 12.94
N GLY A 1 9.51 6.50 -4.16
CA GLY A 1 10.71 7.30 -4.52
C GLY A 1 10.28 8.71 -4.89
N LEU A 2 10.88 9.24 -5.96
CA LEU A 2 10.54 10.59 -6.41
C LEU A 2 9.09 10.64 -6.91
N PRO A 3 8.42 11.74 -6.67
CA PRO A 3 6.99 11.92 -7.10
C PRO A 3 6.83 11.81 -8.61
N PHE A 4 5.75 11.16 -9.03
CA PHE A 4 5.48 10.99 -10.45
C PHE A 4 4.72 12.19 -11.02
N GLY A 5 4.54 13.21 -10.18
CA GLY A 5 3.83 14.42 -10.62
C GLY A 5 2.32 14.23 -10.54
N LEU A 6 1.88 13.21 -9.82
CA LEU A 6 0.46 12.94 -9.67
C LEU A 6 0.21 12.02 -8.48
N MET A 7 -0.02 12.61 -7.31
CA MET A 7 -0.28 11.81 -6.12
C MET A 7 0.91 10.88 -5.84
N ARG A 8 1.07 10.51 -4.58
CA ARG A 8 2.17 9.62 -4.17
C ARG A 8 1.73 8.17 -4.26
N ARG A 9 2.68 7.27 -4.48
CA ARG A 9 2.37 5.86 -4.57
C ARG A 9 3.46 5.02 -3.93
N GLU A 10 3.03 4.01 -3.18
CA GLU A 10 3.94 3.09 -2.51
C GLU A 10 3.48 1.66 -2.74
N LEU A 11 4.45 0.79 -3.01
CA LEU A 11 4.14 -0.60 -3.25
C LEU A 11 5.19 -1.49 -2.57
N ALA A 12 4.75 -2.59 -1.97
CA ALA A 12 5.70 -3.47 -1.29
C ALA A 12 5.34 -4.94 -1.51
N CYS A 13 6.39 -5.75 -1.68
CA CYS A 13 6.23 -7.19 -1.92
C CYS A 13 5.59 -7.88 -0.73
N GLU A 14 4.62 -8.75 -1.01
CA GLU A 14 3.91 -9.47 0.05
C GLU A 14 4.88 -10.05 1.08
N GLY A 15 4.57 -9.81 2.34
CA GLY A 15 5.39 -10.33 3.44
C GLY A 15 6.41 -9.32 3.95
N TYR A 16 6.64 -8.22 3.25
CA TYR A 16 7.63 -7.25 3.71
C TYR A 16 6.95 -5.97 4.22
N PRO A 17 7.53 -5.36 5.22
CA PRO A 17 7.00 -4.08 5.82
C PRO A 17 7.03 -2.92 4.84
N ILE A 18 6.09 -1.99 4.99
CA ILE A 18 6.05 -0.82 4.12
C ILE A 18 6.15 0.46 4.95
N GLU A 19 6.80 1.47 4.40
CA GLU A 19 6.99 2.72 5.13
C GLU A 19 6.49 3.94 4.33
N LEU A 20 5.64 4.74 4.97
CA LEU A 20 5.10 5.94 4.33
C LEU A 20 5.57 7.18 5.08
N ARG A 21 5.81 8.28 4.37
CA ARG A 21 6.27 9.51 5.02
C ARG A 21 5.82 10.75 4.25
N CYS A 22 5.35 11.74 5.01
CA CYS A 22 4.90 13.00 4.43
C CYS A 22 5.99 14.06 4.60
N PRO A 23 6.25 14.84 3.59
CA PRO A 23 7.28 15.92 3.65
C PRO A 23 6.92 16.99 4.68
N GLY A 24 7.92 17.73 5.15
CA GLY A 24 7.69 18.80 6.11
C GLY A 24 6.88 18.34 7.32
N SER A 25 5.79 19.06 7.59
CA SER A 25 4.93 18.76 8.71
C SER A 25 3.53 18.35 8.22
N ASP A 26 3.48 17.87 6.99
CA ASP A 26 2.23 17.44 6.39
C ASP A 26 1.85 16.07 6.95
N VAL A 27 0.63 15.62 6.67
CA VAL A 27 0.20 14.31 7.16
C VAL A 27 -0.35 13.46 6.01
N ILE A 28 -0.11 12.16 6.10
CA ILE A 28 -0.54 11.22 5.07
C ILE A 28 -2.07 11.08 5.04
N MET A 29 -2.63 11.06 3.82
CA MET A 29 -4.07 10.91 3.63
C MET A 29 -4.33 9.84 2.56
N VAL A 30 -4.65 8.64 3.04
CA VAL A 30 -4.90 7.50 2.14
C VAL A 30 -6.11 7.74 1.25
N GLU A 31 -5.89 7.64 -0.06
CA GLU A 31 -6.98 7.83 -1.01
C GLU A 31 -7.47 6.48 -1.52
N ASN A 32 -6.53 5.66 -1.98
CA ASN A 32 -6.88 4.36 -2.51
C ASN A 32 -5.76 3.35 -2.26
N ALA A 33 -6.14 2.12 -1.97
CA ALA A 33 -5.16 1.08 -1.70
C ALA A 33 -5.77 -0.30 -1.82
N ASN A 34 -4.94 -1.29 -2.09
CA ASN A 34 -5.41 -2.66 -2.24
C ASN A 34 -4.33 -3.68 -1.89
N TYR A 35 -4.75 -4.82 -1.33
CA TYR A 35 -3.81 -5.89 -0.98
C TYR A 35 -4.11 -7.10 -1.86
N GLY A 36 -3.16 -7.46 -2.73
CA GLY A 36 -3.40 -8.59 -3.62
C GLY A 36 -2.38 -8.60 -4.76
N ARG A 37 -2.88 -8.87 -5.97
CA ARG A 37 -2.02 -8.92 -7.15
C ARG A 37 -2.84 -8.79 -8.45
N THR A 38 -2.48 -7.79 -9.25
CA THR A 38 -3.17 -7.56 -10.51
C THR A 38 -2.16 -7.54 -11.66
N ASP A 39 -0.95 -7.99 -11.38
CA ASP A 39 0.09 -8.04 -12.40
C ASP A 39 1.00 -9.22 -12.16
N ASP A 40 2.12 -9.23 -12.88
CA ASP A 40 3.09 -10.30 -12.74
C ASP A 40 4.49 -9.74 -12.96
N LYS A 41 4.57 -8.43 -13.13
CA LYS A 41 5.85 -7.77 -13.35
C LYS A 41 6.35 -7.06 -12.09
N ILE A 42 5.59 -7.14 -11.00
CA ILE A 42 6.00 -6.47 -9.77
C ILE A 42 6.40 -7.48 -8.72
N CYS A 43 7.48 -7.17 -8.00
CA CYS A 43 7.97 -8.07 -6.97
C CYS A 43 8.17 -9.46 -7.57
N ASP A 44 9.20 -9.58 -8.39
CA ASP A 44 9.49 -10.85 -9.04
C ASP A 44 9.70 -11.97 -8.02
N ALA A 45 8.87 -12.99 -8.14
CA ALA A 45 8.92 -14.16 -7.29
C ALA A 45 8.72 -15.40 -8.16
N ASP A 46 8.37 -16.52 -7.57
CA ASP A 46 8.15 -17.72 -8.37
C ASP A 46 7.07 -17.43 -9.42
N PRO A 47 7.30 -17.81 -10.65
CA PRO A 47 6.34 -17.53 -11.74
C PRO A 47 4.95 -18.08 -11.42
N PHE A 48 4.93 -19.22 -10.73
CA PHE A 48 3.67 -19.86 -10.36
C PHE A 48 2.84 -18.95 -9.46
N GLN A 49 3.49 -18.26 -8.54
CA GLN A 49 2.78 -17.37 -7.63
C GLN A 49 2.55 -16.02 -8.30
N MET A 50 3.19 -15.81 -9.44
CA MET A 50 3.04 -14.56 -10.19
C MET A 50 2.12 -14.76 -11.40
N GLU A 51 1.65 -15.99 -11.61
CA GLU A 51 0.79 -16.27 -12.76
C GLU A 51 -0.54 -15.52 -12.70
N ASN A 52 -1.20 -15.52 -11.55
CA ASN A 52 -2.50 -14.86 -11.43
C ASN A 52 -2.33 -13.35 -11.25
N VAL A 53 -2.80 -12.59 -12.25
CA VAL A 53 -2.73 -11.14 -12.18
C VAL A 53 -4.11 -10.56 -11.87
N GLN A 54 -4.89 -11.29 -11.07
CA GLN A 54 -6.24 -10.83 -10.72
C GLN A 54 -6.57 -11.18 -9.26
N CYS A 55 -6.16 -10.32 -8.35
CA CYS A 55 -6.43 -10.53 -6.92
C CYS A 55 -6.72 -9.17 -6.27
N TYR A 56 -7.86 -9.06 -5.58
CA TYR A 56 -8.22 -7.78 -4.96
C TYR A 56 -8.77 -7.96 -3.54
N LEU A 57 -8.60 -6.90 -2.74
CA LEU A 57 -9.10 -6.89 -1.36
C LEU A 57 -9.53 -5.47 -1.01
N PRO A 58 -10.77 -5.14 -1.27
CA PRO A 58 -11.32 -3.77 -1.00
C PRO A 58 -11.04 -3.27 0.42
N ASP A 59 -11.35 -4.09 1.42
CA ASP A 59 -11.18 -3.70 2.81
C ASP A 59 -9.73 -3.33 3.12
N ALA A 60 -8.79 -3.80 2.32
CA ALA A 60 -7.39 -3.47 2.56
C ALA A 60 -7.22 -1.95 2.66
N PHE A 61 -8.05 -1.23 1.93
CA PHE A 61 -8.02 0.22 1.93
C PHE A 61 -8.41 0.83 3.27
N LYS A 62 -9.49 0.33 3.85
CA LYS A 62 -9.96 0.86 5.12
C LYS A 62 -8.97 0.57 6.23
N ILE A 63 -8.37 -0.62 6.22
CA ILE A 63 -7.40 -0.98 7.23
C ILE A 63 -6.21 -0.01 7.21
N MET A 64 -5.64 0.23 6.03
CA MET A 64 -4.50 1.13 5.91
C MET A 64 -4.92 2.58 6.15
N SER A 65 -6.10 2.93 5.66
CA SER A 65 -6.59 4.29 5.83
C SER A 65 -6.61 4.66 7.31
N GLN A 66 -7.07 3.72 8.13
CA GLN A 66 -7.11 3.93 9.57
C GLN A 66 -5.71 4.05 10.15
N ARG A 67 -4.81 3.22 9.62
CA ARG A 67 -3.43 3.17 10.09
C ARG A 67 -2.54 4.36 9.68
N CYS A 68 -2.75 4.91 8.48
CA CYS A 68 -1.89 6.01 8.03
C CYS A 68 -2.58 7.37 7.98
N ASN A 69 -3.90 7.40 7.96
CA ASN A 69 -4.61 8.66 7.87
C ASN A 69 -4.19 9.63 8.97
N ASN A 70 -3.97 10.89 8.57
CA ASN A 70 -3.60 11.95 9.50
C ASN A 70 -2.22 11.73 10.15
N ARG A 71 -1.41 10.82 9.60
CA ARG A 71 -0.08 10.59 10.16
C ARG A 71 1.01 11.03 9.20
N THR A 72 2.11 11.52 9.77
CA THR A 72 3.25 11.95 8.97
C THR A 72 3.93 10.73 8.37
N GLN A 73 3.89 9.63 9.11
CA GLN A 73 4.49 8.39 8.66
C GLN A 73 3.79 7.19 9.29
N CYS A 74 3.88 6.05 8.62
CA CYS A 74 3.27 4.82 9.14
C CYS A 74 3.96 3.59 8.61
N VAL A 75 4.19 2.61 9.49
CA VAL A 75 4.84 1.38 9.10
C VAL A 75 3.88 0.21 9.32
N VAL A 76 3.68 -0.60 8.28
CA VAL A 76 2.76 -1.74 8.38
C VAL A 76 3.29 -2.96 7.61
N VAL A 77 3.03 -4.14 8.15
CA VAL A 77 3.45 -5.38 7.51
C VAL A 77 2.54 -5.68 6.31
N ALA A 78 3.11 -5.65 5.12
CA ALA A 78 2.33 -5.91 3.91
C ALA A 78 1.94 -7.38 3.81
N GLY A 79 1.55 -7.97 4.94
CA GLY A 79 1.15 -9.37 4.94
C GLY A 79 0.71 -9.81 6.34
N SER A 80 1.38 -10.83 6.86
CA SER A 80 1.07 -11.37 8.18
C SER A 80 -0.39 -11.13 8.56
N ASP A 81 -0.66 -11.10 9.87
CA ASP A 81 -2.00 -10.90 10.37
C ASP A 81 -2.50 -9.49 10.09
N ALA A 82 -1.67 -8.68 9.43
CA ALA A 82 -2.09 -7.31 9.13
C ALA A 82 -2.91 -7.26 7.86
N PHE A 83 -2.88 -8.33 7.08
CA PHE A 83 -3.66 -8.40 5.85
C PHE A 83 -4.14 -9.84 5.59
N PRO A 84 -5.42 -10.04 5.42
CA PRO A 84 -5.99 -11.39 5.15
C PRO A 84 -5.29 -12.12 4.01
N ASP A 85 -6.07 -12.85 3.22
CA ASP A 85 -5.54 -13.60 2.09
C ASP A 85 -6.55 -13.61 0.94
N PRO A 86 -6.51 -12.61 0.08
CA PRO A 86 -7.46 -12.51 -1.07
C PRO A 86 -7.14 -13.47 -2.21
N CYS A 87 -5.99 -14.13 -2.12
CA CYS A 87 -5.58 -15.08 -3.15
C CYS A 87 -4.44 -15.96 -2.65
N PRO A 88 -4.74 -16.84 -1.73
CA PRO A 88 -3.74 -17.77 -1.16
C PRO A 88 -3.04 -18.55 -2.26
N GLY A 89 -1.76 -18.88 -2.04
CA GLY A 89 -1.01 -19.64 -3.03
C GLY A 89 -0.41 -18.75 -4.12
N THR A 90 -0.74 -17.46 -4.08
CA THR A 90 -0.20 -16.52 -5.05
C THR A 90 0.62 -15.46 -4.33
N TYR A 91 1.67 -14.95 -4.97
CA TYR A 91 2.49 -13.92 -4.33
C TYR A 91 1.85 -12.57 -4.56
N LYS A 92 1.44 -11.93 -3.47
CA LYS A 92 0.73 -10.66 -3.55
C LYS A 92 1.64 -9.43 -3.41
N TYR A 93 0.99 -8.34 -3.03
CA TYR A 93 1.64 -7.07 -2.75
C TYR A 93 0.64 -6.08 -2.20
N LEU A 94 1.14 -4.92 -1.83
CA LEU A 94 0.30 -3.88 -1.30
C LEU A 94 0.60 -2.58 -2.01
N GLU A 95 -0.41 -1.98 -2.61
CA GLU A 95 -0.23 -0.73 -3.33
C GLU A 95 -1.11 0.33 -2.71
N VAL A 96 -0.52 1.46 -2.34
CA VAL A 96 -1.28 2.50 -1.70
C VAL A 96 -1.00 3.87 -2.31
N GLN A 97 -2.06 4.56 -2.70
CA GLN A 97 -1.95 5.89 -3.27
C GLN A 97 -2.47 6.90 -2.27
N TYR A 98 -1.68 7.92 -1.99
CA TYR A 98 -2.11 8.91 -1.01
C TYR A 98 -1.42 10.24 -1.23
N ASP A 99 -1.88 11.24 -0.49
CA ASP A 99 -1.31 12.58 -0.59
C ASP A 99 -1.00 13.14 0.79
N CYS A 100 -0.16 14.16 0.83
CA CYS A 100 0.21 14.78 2.08
C CYS A 100 -0.44 16.16 2.18
N VAL A 101 -1.08 16.42 3.31
CA VAL A 101 -1.77 17.69 3.50
C VAL A 101 -1.39 18.34 4.83
N PRO A 102 -1.54 19.64 4.96
CA PRO A 102 -1.22 20.34 6.23
C PRO A 102 -2.02 19.78 7.41
N TYR A 103 -1.38 19.77 8.57
CA TYR A 103 -2.01 19.24 9.78
C TYR A 103 -3.01 20.22 10.37
N LYS A 104 -3.62 21.03 9.51
CA LYS A 104 -4.60 22.01 9.97
C LYS A 104 -5.99 21.40 9.96
N VAL A 105 -6.74 21.65 11.03
CA VAL A 105 -8.10 21.13 11.15
C VAL A 105 -9.10 22.11 10.58
N GLU A 106 -10.11 21.58 9.89
CA GLU A 106 -11.14 22.42 9.29
C GLU A 106 -10.51 23.52 8.44
C1 NAG B . -8.16 13.58 10.22
C2 NAG B . -9.32 12.68 10.51
C3 NAG B . -10.59 13.28 9.94
C4 NAG B . -10.81 14.64 10.54
C5 NAG B . -9.58 15.51 10.32
C6 NAG B . -9.71 16.84 11.05
C7 NAG B . -9.42 10.29 10.63
C8 NAG B . -9.18 8.94 10.00
N2 NAG B . -9.11 11.35 9.91
O3 NAG B . -11.69 12.42 10.23
O4 NAG B . -11.95 15.26 9.93
O5 NAG B . -8.39 14.84 10.81
O6 NAG B . -9.12 17.91 10.29
O7 NAG B . -9.88 10.36 11.77
H1 NAG B . -8.06 13.72 9.15
H2 NAG B . -9.43 12.58 11.58
H3 NAG B . -10.46 13.38 8.86
H4 NAG B . -10.97 14.53 11.60
H5 NAG B . -9.46 15.69 9.26
H61 NAG B . -9.20 16.77 12.01
H62 NAG B . -10.75 17.05 11.23
H81 NAG B . -9.73 8.17 10.55
H82 NAG B . -8.13 8.69 10.02
H83 NAG B . -9.52 8.93 8.97
HN2 NAG B . -8.99 11.28 8.94
HO3 NAG B . -11.67 12.18 11.15
HO4 NAG B . -12.56 15.55 10.62
HO6 NAG B . -8.26 18.12 10.65
N GLY A 1 13.53 8.34 -5.45
CA GLY A 1 13.37 9.81 -5.33
C GLY A 1 12.69 10.37 -6.57
N LEU A 2 12.41 9.51 -7.54
CA LEU A 2 11.75 9.94 -8.76
C LEU A 2 10.44 10.65 -8.42
N PRO A 3 10.13 11.72 -9.12
CA PRO A 3 8.88 12.49 -8.87
C PRO A 3 7.62 11.67 -9.17
N PHE A 4 6.63 11.78 -8.31
CA PHE A 4 5.38 11.05 -8.50
C PHE A 4 4.49 11.78 -9.48
N GLY A 5 4.84 13.03 -9.76
CA GLY A 5 4.07 13.84 -10.69
C GLY A 5 2.69 14.14 -10.13
N LEU A 6 2.10 13.16 -9.45
CA LEU A 6 0.77 13.33 -8.87
C LEU A 6 0.53 12.27 -7.79
N MET A 7 0.22 12.73 -6.57
CA MET A 7 -0.04 11.82 -5.45
C MET A 7 1.16 10.95 -5.12
N ARG A 8 1.29 10.63 -3.85
CA ARG A 8 2.37 9.76 -3.40
C ARG A 8 1.91 8.32 -3.52
N ARG A 9 2.83 7.43 -3.83
CA ARG A 9 2.46 6.04 -3.98
C ARG A 9 3.59 5.11 -3.54
N GLU A 10 3.23 4.08 -2.78
CA GLU A 10 4.21 3.12 -2.32
C GLU A 10 3.68 1.70 -2.53
N LEU A 11 4.59 0.79 -2.82
CA LEU A 11 4.23 -0.60 -3.03
C LEU A 11 5.26 -1.51 -2.38
N ALA A 12 4.80 -2.57 -1.74
CA ALA A 12 5.70 -3.49 -1.08
C ALA A 12 5.31 -4.93 -1.31
N CYS A 13 6.31 -5.77 -1.48
CA CYS A 13 6.09 -7.19 -1.75
C CYS A 13 5.42 -7.88 -0.58
N GLU A 14 4.45 -8.75 -0.92
CA GLU A 14 3.70 -9.49 0.10
C GLU A 14 4.63 -10.04 1.17
N GLY A 15 4.30 -9.73 2.40
CA GLY A 15 5.08 -10.21 3.54
C GLY A 15 6.16 -9.24 3.97
N TYR A 16 6.41 -8.16 3.23
CA TYR A 16 7.42 -7.21 3.65
C TYR A 16 6.77 -5.89 4.09
N PRO A 17 7.36 -5.21 5.03
CA PRO A 17 6.81 -3.92 5.56
C PRO A 17 6.90 -2.77 4.56
N ILE A 18 5.94 -1.84 4.68
CA ILE A 18 5.88 -0.68 3.79
C ILE A 18 6.01 0.59 4.61
N GLU A 19 6.64 1.61 4.02
CA GLU A 19 6.82 2.86 4.73
C GLU A 19 6.28 4.05 3.96
N LEU A 20 5.49 4.86 4.64
CA LEU A 20 4.92 6.05 4.05
C LEU A 20 5.45 7.27 4.79
N ARG A 21 5.77 8.35 4.07
CA ARG A 21 6.28 9.54 4.74
C ARG A 21 5.91 10.80 3.96
N CYS A 22 5.38 11.78 4.68
CA CYS A 22 4.98 13.05 4.08
C CYS A 22 6.05 14.11 4.25
N PRO A 23 6.11 15.05 3.34
CA PRO A 23 7.11 16.16 3.38
C PRO A 23 6.74 17.23 4.40
N GLY A 24 7.74 18.01 4.80
CA GLY A 24 7.51 19.11 5.74
C GLY A 24 6.81 18.61 7.01
N SER A 25 5.61 19.11 7.24
CA SER A 25 4.85 18.72 8.42
C SER A 25 3.43 18.34 8.04
N ASP A 26 3.27 17.87 6.80
CA ASP A 26 1.99 17.45 6.29
C ASP A 26 1.63 16.07 6.88
N VAL A 27 0.40 15.63 6.66
CA VAL A 27 -0.01 14.34 7.17
C VAL A 27 -0.51 13.45 6.03
N ILE A 28 -0.19 12.16 6.13
CA ILE A 28 -0.59 11.20 5.12
C ILE A 28 -2.10 11.01 5.11
N MET A 29 -2.68 10.97 3.92
CA MET A 29 -4.10 10.77 3.79
C MET A 29 -4.35 9.73 2.71
N VAL A 30 -4.65 8.51 3.16
CA VAL A 30 -4.88 7.40 2.25
C VAL A 30 -6.10 7.65 1.37
N GLU A 31 -5.89 7.57 0.06
CA GLU A 31 -6.96 7.79 -0.90
C GLU A 31 -7.47 6.45 -1.39
N ASN A 32 -6.54 5.62 -1.87
CA ASN A 32 -6.89 4.31 -2.38
C ASN A 32 -5.73 3.34 -2.19
N ALA A 33 -6.05 2.06 -2.04
CA ALA A 33 -5.03 1.04 -1.86
C ALA A 33 -5.66 -0.34 -1.99
N ASN A 34 -4.85 -1.33 -2.36
CA ASN A 34 -5.34 -2.71 -2.54
C ASN A 34 -4.26 -3.71 -2.12
N TYR A 35 -4.70 -4.85 -1.59
CA TYR A 35 -3.77 -5.89 -1.19
C TYR A 35 -4.07 -7.15 -1.98
N GLY A 36 -3.10 -7.59 -2.76
CA GLY A 36 -3.30 -8.77 -3.60
C GLY A 36 -2.28 -8.79 -4.73
N ARG A 37 -2.77 -9.04 -5.93
CA ARG A 37 -1.90 -9.07 -7.10
C ARG A 37 -2.69 -8.82 -8.39
N THR A 38 -2.32 -7.77 -9.10
CA THR A 38 -2.97 -7.42 -10.35
C THR A 38 -1.97 -7.42 -11.48
N ASP A 39 -0.76 -7.90 -11.19
CA ASP A 39 0.30 -7.97 -12.19
C ASP A 39 1.16 -9.21 -11.97
N ASP A 40 2.33 -9.25 -12.61
CA ASP A 40 3.23 -10.38 -12.45
C ASP A 40 4.68 -9.93 -12.63
N LYS A 41 4.85 -8.65 -12.89
CA LYS A 41 6.17 -8.10 -13.09
C LYS A 41 6.64 -7.34 -11.84
N ILE A 42 5.83 -7.35 -10.80
CA ILE A 42 6.20 -6.65 -9.56
C ILE A 42 6.65 -7.67 -8.51
N CYS A 43 7.74 -7.35 -7.83
CA CYS A 43 8.28 -8.27 -6.83
C CYS A 43 8.46 -9.63 -7.46
N ASP A 44 9.49 -9.75 -8.30
CA ASP A 44 9.74 -11.00 -9.01
C ASP A 44 9.80 -12.19 -8.07
N ALA A 45 8.72 -12.95 -8.06
CA ALA A 45 8.61 -14.15 -7.25
C ALA A 45 8.52 -15.36 -8.16
N ASP A 46 8.22 -16.52 -7.60
CA ASP A 46 8.11 -17.72 -8.41
C ASP A 46 7.02 -17.53 -9.48
N PRO A 47 7.25 -18.06 -10.65
CA PRO A 47 6.30 -17.92 -11.80
C PRO A 47 4.89 -18.38 -11.46
N PHE A 48 4.80 -19.47 -10.72
CA PHE A 48 3.50 -20.03 -10.34
C PHE A 48 2.72 -19.09 -9.43
N GLN A 49 3.42 -18.36 -8.58
CA GLN A 49 2.74 -17.45 -7.65
C GLN A 49 2.59 -16.06 -8.29
N MET A 50 3.23 -15.89 -9.44
CA MET A 50 3.17 -14.60 -10.13
C MET A 50 2.30 -14.69 -11.39
N GLU A 51 1.81 -15.89 -11.69
CA GLU A 51 1.00 -16.10 -12.88
C GLU A 51 -0.35 -15.39 -12.81
N ASN A 52 -1.02 -15.45 -11.66
CA ASN A 52 -2.34 -14.84 -11.52
C ASN A 52 -2.25 -13.33 -11.34
N VAL A 53 -2.88 -12.58 -12.25
CA VAL A 53 -2.88 -11.12 -12.19
C VAL A 53 -4.27 -10.59 -11.85
N GLN A 54 -5.03 -11.36 -11.08
CA GLN A 54 -6.37 -10.95 -10.68
C GLN A 54 -6.62 -11.28 -9.21
N CYS A 55 -6.23 -10.37 -8.33
CA CYS A 55 -6.42 -10.56 -6.90
C CYS A 55 -6.66 -9.21 -6.24
N TYR A 56 -7.80 -9.05 -5.59
CA TYR A 56 -8.12 -7.77 -4.98
C TYR A 56 -8.70 -7.93 -3.56
N LEU A 57 -8.58 -6.86 -2.77
CA LEU A 57 -9.08 -6.85 -1.39
C LEU A 57 -9.55 -5.45 -1.01
N PRO A 58 -10.79 -5.13 -1.26
CA PRO A 58 -11.37 -3.79 -0.93
C PRO A 58 -11.05 -3.33 0.50
N ASP A 59 -11.32 -4.18 1.48
CA ASP A 59 -11.09 -3.84 2.89
C ASP A 59 -9.65 -3.38 3.16
N ALA A 60 -8.73 -3.78 2.30
CA ALA A 60 -7.34 -3.40 2.48
C ALA A 60 -7.15 -1.89 2.54
N PHE A 61 -7.94 -1.16 1.78
CA PHE A 61 -7.86 0.30 1.76
C PHE A 61 -8.23 0.89 3.12
N LYS A 62 -9.30 0.36 3.70
CA LYS A 62 -9.76 0.86 4.99
C LYS A 62 -8.74 0.57 6.07
N ILE A 63 -8.11 -0.59 5.99
CA ILE A 63 -7.09 -0.97 6.95
C ILE A 63 -5.93 0.02 6.93
N MET A 64 -5.42 0.33 5.74
CA MET A 64 -4.31 1.26 5.61
C MET A 64 -4.73 2.66 6.01
N SER A 65 -5.97 3.03 5.68
CA SER A 65 -6.48 4.35 6.00
C SER A 65 -6.46 4.60 7.50
N GLN A 66 -6.93 3.63 8.28
CA GLN A 66 -6.94 3.77 9.73
C GLN A 66 -5.52 3.83 10.30
N ARG A 67 -4.63 3.06 9.69
CA ARG A 67 -3.25 2.97 10.17
C ARG A 67 -2.37 4.19 9.84
N CYS A 68 -2.57 4.82 8.68
CA CYS A 68 -1.71 5.95 8.33
C CYS A 68 -2.42 7.31 8.29
N ASN A 69 -3.74 7.32 8.22
CA ASN A 69 -4.47 8.58 8.13
C ASN A 69 -4.09 9.55 9.25
N ASN A 70 -3.90 10.82 8.87
CA ASN A 70 -3.57 11.87 9.82
C ASN A 70 -2.19 11.68 10.44
N ARG A 71 -1.40 10.78 9.86
CA ARG A 71 -0.05 10.54 10.35
C ARG A 71 0.96 11.01 9.32
N THR A 72 2.07 11.52 9.79
CA THR A 72 3.13 12.00 8.92
C THR A 72 3.87 10.80 8.30
N GLN A 73 3.96 9.71 9.07
CA GLN A 73 4.63 8.51 8.60
C GLN A 73 3.98 7.27 9.24
N CYS A 74 4.01 6.14 8.52
CA CYS A 74 3.43 4.91 9.05
C CYS A 74 4.09 3.68 8.45
N VAL A 75 4.24 2.64 9.27
CA VAL A 75 4.84 1.39 8.84
C VAL A 75 3.84 0.25 9.03
N VAL A 76 3.55 -0.46 7.95
CA VAL A 76 2.60 -1.57 8.03
C VAL A 76 3.11 -2.81 7.29
N VAL A 77 2.81 -3.99 7.83
CA VAL A 77 3.23 -5.23 7.19
C VAL A 77 2.25 -5.62 6.09
N ALA A 78 2.74 -5.70 4.85
CA ALA A 78 1.89 -6.06 3.71
C ALA A 78 1.57 -7.55 3.68
N GLY A 79 1.28 -8.14 4.82
CA GLY A 79 0.98 -9.57 4.86
C GLY A 79 0.68 -10.01 6.28
N SER A 80 1.40 -11.01 6.75
CA SER A 80 1.19 -11.51 8.10
C SER A 80 -0.24 -11.30 8.54
N ASP A 81 -0.44 -11.27 9.85
CA ASP A 81 -1.78 -11.12 10.42
C ASP A 81 -2.32 -9.70 10.21
N ALA A 82 -1.57 -8.86 9.51
CA ALA A 82 -2.03 -7.49 9.28
C ALA A 82 -2.90 -7.41 8.02
N PHE A 83 -2.87 -8.49 7.23
CA PHE A 83 -3.68 -8.54 6.00
C PHE A 83 -4.22 -9.95 5.76
N PRO A 84 -5.51 -10.09 5.58
CA PRO A 84 -6.12 -11.41 5.30
C PRO A 84 -5.43 -12.11 4.14
N ASP A 85 -6.21 -12.83 3.36
CA ASP A 85 -5.69 -13.54 2.20
C ASP A 85 -6.74 -13.55 1.09
N PRO A 86 -6.64 -12.62 0.17
CA PRO A 86 -7.61 -12.50 -0.96
C PRO A 86 -7.27 -13.40 -2.14
N CYS A 87 -6.09 -14.02 -2.09
CA CYS A 87 -5.67 -14.90 -3.18
C CYS A 87 -4.54 -15.83 -2.74
N PRO A 88 -4.81 -16.71 -1.81
CA PRO A 88 -3.80 -17.68 -1.33
C PRO A 88 -3.21 -18.47 -2.49
N GLY A 89 -1.92 -18.81 -2.39
CA GLY A 89 -1.26 -19.56 -3.43
C GLY A 89 -0.58 -18.66 -4.45
N THR A 90 -0.87 -17.37 -4.40
CA THR A 90 -0.25 -16.43 -5.34
C THR A 90 0.58 -15.40 -4.57
N TYR A 91 1.64 -14.88 -5.20
CA TYR A 91 2.48 -13.89 -4.54
C TYR A 91 1.81 -12.52 -4.66
N LYS A 92 1.44 -11.94 -3.53
CA LYS A 92 0.70 -10.68 -3.53
C LYS A 92 1.58 -9.43 -3.40
N TYR A 93 0.89 -8.36 -3.04
CA TYR A 93 1.51 -7.06 -2.77
C TYR A 93 0.52 -6.07 -2.21
N LEU A 94 1.02 -4.91 -1.84
CA LEU A 94 0.19 -3.85 -1.31
C LEU A 94 0.54 -2.55 -2.00
N GLU A 95 -0.46 -1.92 -2.60
CA GLU A 95 -0.27 -0.65 -3.29
C GLU A 95 -1.12 0.42 -2.62
N VAL A 96 -0.51 1.54 -2.23
CA VAL A 96 -1.27 2.61 -1.56
C VAL A 96 -1.03 3.99 -2.17
N GLN A 97 -2.12 4.64 -2.57
CA GLN A 97 -2.03 5.99 -3.13
C GLN A 97 -2.55 6.98 -2.09
N TYR A 98 -1.76 8.00 -1.80
CA TYR A 98 -2.15 8.97 -0.78
C TYR A 98 -1.52 10.34 -1.01
N ASP A 99 -2.00 11.33 -0.28
CA ASP A 99 -1.48 12.69 -0.42
C ASP A 99 -1.08 13.24 0.93
N CYS A 100 -0.28 14.30 0.90
CA CYS A 100 0.18 14.94 2.11
C CYS A 100 -0.42 16.33 2.25
N VAL A 101 -1.26 16.50 3.27
CA VAL A 101 -1.89 17.80 3.49
C VAL A 101 -1.45 18.38 4.82
N PRO A 102 -1.43 19.68 4.94
CA PRO A 102 -1.03 20.36 6.21
C PRO A 102 -1.85 19.86 7.40
N TYR A 103 -1.24 19.89 8.58
CA TYR A 103 -1.94 19.44 9.78
C TYR A 103 -2.79 20.57 10.37
N LYS A 104 -2.68 21.76 9.77
CA LYS A 104 -3.44 22.91 10.24
C LYS A 104 -4.77 22.99 9.49
N VAL A 105 -5.68 23.81 10.01
CA VAL A 105 -6.98 23.97 9.38
C VAL A 105 -6.95 25.11 8.35
N GLU A 106 -7.54 24.85 7.18
CA GLU A 106 -7.54 25.82 6.09
C GLU A 106 -6.12 26.22 5.72
C1 NAG B . -8.23 13.11 10.68
C2 NAG B . -9.34 12.15 11.05
C3 NAG B . -10.65 12.67 10.53
C4 NAG B . -10.92 14.03 11.13
C5 NAG B . -9.76 14.95 10.81
C6 NAG B . -9.90 16.31 11.50
C7 NAG B . -8.54 9.87 11.27
C8 NAG B . -8.29 8.52 10.64
N2 NAG B . -9.06 10.82 10.49
O3 NAG B . -11.72 11.76 10.89
O4 NAG B . -12.14 14.57 10.62
O5 NAG B . -8.51 14.38 11.24
O6 NAG B . -8.78 17.16 11.21
O7 NAG B . -8.26 10.07 12.45
H1 NAG B . -8.20 13.24 9.60
H2 NAG B . -9.39 12.08 12.12
H3 NAG B . -10.60 12.77 9.46
H4 NAG B . -10.98 13.92 12.21
H5 NAG B . -9.71 15.10 9.74
H61 NAG B . -9.97 16.14 12.56
H62 NAG B . -10.82 16.78 11.17
H81 NAG B . -9.02 7.80 10.99
H82 NAG B . -7.30 8.17 10.91
H83 NAG B . -8.36 8.58 9.56
HN2 NAG B . -9.27 10.63 9.55
HO3 NAG B . -12.42 12.25 11.32
HO4 NAG B . -12.01 14.87 9.72
HO6 NAG B . -8.99 17.71 10.45
N GLY A 1 6.72 26.35 -5.89
CA GLY A 1 5.53 25.44 -5.98
C GLY A 1 6.01 24.00 -6.09
N LEU A 2 5.22 23.08 -5.54
CA LEU A 2 5.57 21.66 -5.57
C LEU A 2 4.34 20.81 -5.87
N PRO A 3 3.93 20.79 -7.12
CA PRO A 3 2.73 20.01 -7.57
C PRO A 3 2.84 18.52 -7.20
N PHE A 4 1.69 17.86 -7.09
CA PHE A 4 1.67 16.45 -6.73
C PHE A 4 1.99 15.57 -7.93
N GLY A 5 2.22 16.21 -9.08
CA GLY A 5 2.56 15.49 -10.31
C GLY A 5 1.51 14.41 -10.63
N LEU A 6 1.45 13.38 -9.78
CA LEU A 6 0.50 12.30 -9.99
C LEU A 6 0.25 11.57 -8.68
N MET A 7 -0.01 12.33 -7.63
CA MET A 7 -0.25 11.75 -6.31
C MET A 7 0.95 10.94 -5.88
N ARG A 8 1.04 10.70 -4.59
CA ARG A 8 2.15 9.90 -4.05
C ARG A 8 1.71 8.46 -3.96
N ARG A 9 2.62 7.52 -4.15
CA ARG A 9 2.24 6.12 -4.11
C ARG A 9 3.40 5.22 -3.69
N GLU A 10 3.12 4.31 -2.79
CA GLU A 10 4.12 3.34 -2.35
C GLU A 10 3.61 1.94 -2.58
N LEU A 11 4.54 1.03 -2.85
CA LEU A 11 4.20 -0.35 -3.07
C LEU A 11 5.25 -1.23 -2.39
N ALA A 12 4.81 -2.32 -1.79
CA ALA A 12 5.74 -3.22 -1.12
C ALA A 12 5.34 -4.67 -1.34
N CYS A 13 6.34 -5.53 -1.50
CA CYS A 13 6.09 -6.93 -1.76
C CYS A 13 5.50 -7.63 -0.55
N GLU A 14 4.51 -8.47 -0.79
CA GLU A 14 3.86 -9.19 0.28
C GLU A 14 4.88 -9.85 1.20
N GLY A 15 4.64 -9.72 2.49
CA GLY A 15 5.52 -10.33 3.48
C GLY A 15 6.54 -9.35 4.03
N TYR A 16 6.85 -8.28 3.31
CA TYR A 16 7.80 -7.30 3.81
C TYR A 16 7.06 -6.02 4.20
N PRO A 17 7.58 -5.28 5.14
CA PRO A 17 6.92 -4.02 5.61
C PRO A 17 6.94 -2.90 4.57
N ILE A 18 5.98 -1.99 4.70
CA ILE A 18 5.88 -0.84 3.80
C ILE A 18 6.03 0.44 4.61
N GLU A 19 6.63 1.46 4.00
CA GLU A 19 6.84 2.72 4.70
C GLU A 19 6.20 3.90 4.00
N LEU A 20 5.47 4.67 4.78
CA LEU A 20 4.81 5.88 4.29
C LEU A 20 5.31 7.07 5.11
N ARG A 21 5.72 8.13 4.45
CA ARG A 21 6.21 9.30 5.16
C ARG A 21 5.88 10.58 4.41
N CYS A 22 5.31 11.56 5.12
CA CYS A 22 4.97 12.83 4.51
C CYS A 22 6.07 13.85 4.82
N PRO A 23 6.37 14.72 3.88
CA PRO A 23 7.44 15.75 4.06
C PRO A 23 7.04 16.84 5.05
N GLY A 24 8.03 17.60 5.51
CA GLY A 24 7.77 18.69 6.45
C GLY A 24 6.90 18.23 7.60
N SER A 25 5.81 18.95 7.82
CA SER A 25 4.89 18.60 8.90
C SER A 25 3.51 18.20 8.35
N ASP A 26 3.49 17.72 7.10
CA ASP A 26 2.25 17.29 6.47
C ASP A 26 1.83 15.91 6.98
N VAL A 27 0.60 15.51 6.65
CA VAL A 27 0.12 14.20 7.06
C VAL A 27 -0.40 13.41 5.87
N ILE A 28 -0.19 12.10 5.94
CA ILE A 28 -0.62 11.21 4.88
C ILE A 28 -2.13 11.11 4.81
N MET A 29 -2.66 11.11 3.60
CA MET A 29 -4.09 10.99 3.42
C MET A 29 -4.35 9.93 2.37
N VAL A 30 -4.69 8.75 2.86
CA VAL A 30 -4.96 7.61 1.98
C VAL A 30 -6.18 7.87 1.11
N GLU A 31 -5.98 7.80 -0.21
CA GLU A 31 -7.08 8.00 -1.13
C GLU A 31 -7.55 6.63 -1.61
N ASN A 32 -6.60 5.78 -1.99
CA ASN A 32 -6.94 4.44 -2.44
C ASN A 32 -5.80 3.46 -2.14
N ALA A 33 -6.14 2.19 -1.94
CA ALA A 33 -5.14 1.18 -1.63
C ALA A 33 -5.72 -0.23 -1.80
N ASN A 34 -4.86 -1.20 -2.07
CA ASN A 34 -5.31 -2.57 -2.26
C ASN A 34 -4.25 -3.60 -1.90
N TYR A 35 -4.69 -4.76 -1.43
CA TYR A 35 -3.77 -5.84 -1.09
C TYR A 35 -4.10 -7.08 -1.91
N GLY A 36 -3.14 -7.52 -2.71
CA GLY A 36 -3.37 -8.68 -3.56
C GLY A 36 -2.35 -8.74 -4.69
N ARG A 37 -2.83 -9.06 -5.89
CA ARG A 37 -1.97 -9.15 -7.06
C ARG A 37 -2.77 -8.92 -8.34
N THR A 38 -2.41 -7.86 -9.06
CA THR A 38 -3.09 -7.52 -10.31
C THR A 38 -2.11 -7.45 -11.46
N ASP A 39 -0.89 -7.90 -11.21
CA ASP A 39 0.14 -7.90 -12.24
C ASP A 39 1.06 -9.10 -12.04
N ASP A 40 2.18 -9.12 -12.75
CA ASP A 40 3.11 -10.22 -12.64
C ASP A 40 4.55 -9.74 -12.78
N LYS A 41 4.70 -8.44 -12.99
CA LYS A 41 6.04 -7.87 -13.13
C LYS A 41 6.49 -7.17 -11.87
N ILE A 42 5.71 -7.28 -10.80
CA ILE A 42 6.07 -6.65 -9.53
C ILE A 42 6.45 -7.70 -8.51
N CYS A 43 7.53 -7.48 -7.80
CA CYS A 43 7.99 -8.43 -6.80
C CYS A 43 8.33 -9.76 -7.46
N ASP A 44 9.14 -9.70 -8.51
CA ASP A 44 9.54 -10.89 -9.24
C ASP A 44 9.80 -12.07 -8.31
N ALA A 45 8.78 -12.89 -8.15
CA ALA A 45 8.88 -14.08 -7.32
C ALA A 45 8.67 -15.32 -8.20
N ASP A 46 8.37 -16.46 -7.60
CA ASP A 46 8.16 -17.66 -8.40
C ASP A 46 7.00 -17.44 -9.37
N PRO A 47 7.17 -17.78 -10.63
CA PRO A 47 6.13 -17.56 -11.69
C PRO A 47 4.77 -18.16 -11.35
N PHE A 48 4.76 -19.31 -10.68
CA PHE A 48 3.50 -19.96 -10.33
C PHE A 48 2.71 -19.05 -9.41
N GLN A 49 3.43 -18.31 -8.60
CA GLN A 49 2.80 -17.40 -7.65
C GLN A 49 2.55 -16.04 -8.30
N MET A 50 2.93 -15.91 -9.57
CA MET A 50 2.74 -14.67 -10.28
C MET A 50 1.84 -14.88 -11.50
N GLU A 51 1.39 -16.12 -11.70
CA GLU A 51 0.54 -16.45 -12.84
C GLU A 51 -0.78 -15.69 -12.77
N ASN A 52 -1.45 -15.75 -11.63
CA ASN A 52 -2.74 -15.08 -11.48
C ASN A 52 -2.55 -13.59 -11.22
N VAL A 53 -2.94 -12.78 -12.18
CA VAL A 53 -2.84 -11.34 -12.05
C VAL A 53 -4.20 -10.73 -11.74
N GLN A 54 -4.99 -11.46 -10.96
CA GLN A 54 -6.31 -10.98 -10.60
C GLN A 54 -6.64 -11.34 -9.15
N CYS A 55 -6.24 -10.45 -8.23
CA CYS A 55 -6.50 -10.65 -6.82
C CYS A 55 -6.77 -9.30 -6.18
N TYR A 56 -7.94 -9.14 -5.55
CA TYR A 56 -8.28 -7.87 -4.92
C TYR A 56 -8.82 -8.05 -3.51
N LEU A 57 -8.65 -7.02 -2.70
CA LEU A 57 -9.15 -7.01 -1.33
C LEU A 57 -9.51 -5.59 -0.93
N PRO A 58 -10.72 -5.19 -1.19
CA PRO A 58 -11.21 -3.82 -0.89
C PRO A 58 -10.91 -3.35 0.55
N ASP A 59 -11.21 -4.19 1.53
CA ASP A 59 -10.99 -3.82 2.94
C ASP A 59 -9.56 -3.37 3.21
N ALA A 60 -8.62 -3.83 2.40
CA ALA A 60 -7.22 -3.45 2.59
C ALA A 60 -7.08 -1.93 2.65
N PHE A 61 -7.95 -1.23 1.94
CA PHE A 61 -7.95 0.22 1.89
C PHE A 61 -8.29 0.87 3.24
N LYS A 62 -9.33 0.36 3.88
CA LYS A 62 -9.77 0.91 5.16
C LYS A 62 -8.70 0.72 6.23
N ILE A 63 -8.10 -0.47 6.25
CA ILE A 63 -7.08 -0.79 7.23
C ILE A 63 -5.90 0.17 7.12
N MET A 64 -5.45 0.43 5.89
CA MET A 64 -4.34 1.36 5.70
C MET A 64 -4.78 2.79 6.01
N SER A 65 -6.03 3.10 5.67
CA SER A 65 -6.58 4.42 5.92
C SER A 65 -6.56 4.72 7.42
N GLN A 66 -7.03 3.77 8.22
CA GLN A 66 -7.06 3.92 9.67
C GLN A 66 -5.64 4.02 10.25
N ARG A 67 -4.74 3.25 9.66
CA ARG A 67 -3.35 3.20 10.10
C ARG A 67 -2.48 4.39 9.65
N CYS A 68 -2.75 4.94 8.46
CA CYS A 68 -1.90 6.04 7.97
C CYS A 68 -2.61 7.39 7.87
N ASN A 69 -3.93 7.42 7.84
CA ASN A 69 -4.62 8.69 7.71
C ASN A 69 -4.32 9.65 8.87
N ASN A 70 -4.06 10.90 8.51
CA ASN A 70 -3.76 11.94 9.48
C ASN A 70 -2.44 11.71 10.19
N ARG A 71 -1.62 10.81 9.66
CA ARG A 71 -0.31 10.54 10.25
C ARG A 71 0.79 10.99 9.31
N THR A 72 1.88 11.48 9.88
CA THR A 72 3.01 11.92 9.09
C THR A 72 3.70 10.71 8.48
N GLN A 73 3.66 9.60 9.21
CA GLN A 73 4.26 8.35 8.74
C GLN A 73 3.52 7.15 9.29
N CYS A 74 3.62 6.03 8.59
CA CYS A 74 2.96 4.81 9.03
C CYS A 74 3.66 3.59 8.43
N VAL A 75 3.93 2.59 9.26
CA VAL A 75 4.57 1.36 8.80
C VAL A 75 3.62 0.20 8.96
N VAL A 76 3.43 -0.57 7.90
CA VAL A 76 2.52 -1.71 7.97
C VAL A 76 3.11 -2.94 7.29
N VAL A 77 2.91 -4.11 7.91
CA VAL A 77 3.40 -5.34 7.32
C VAL A 77 2.53 -5.69 6.13
N ALA A 78 3.11 -5.70 4.94
CA ALA A 78 2.34 -5.98 3.73
C ALA A 78 1.94 -7.44 3.66
N GLY A 79 1.54 -8.02 4.78
CA GLY A 79 1.14 -9.42 4.79
C GLY A 79 0.80 -9.88 6.18
N SER A 80 1.49 -10.92 6.64
CA SER A 80 1.27 -11.46 7.97
C SER A 80 -0.19 -11.25 8.41
N ASP A 81 -0.41 -11.25 9.71
CA ASP A 81 -1.75 -11.08 10.25
C ASP A 81 -2.29 -9.67 9.98
N ALA A 82 -1.49 -8.84 9.32
CA ALA A 82 -1.91 -7.48 9.04
C ALA A 82 -2.75 -7.44 7.78
N PHE A 83 -2.72 -8.51 7.01
CA PHE A 83 -3.48 -8.56 5.77
C PHE A 83 -4.05 -9.96 5.51
N PRO A 84 -5.33 -10.08 5.29
CA PRO A 84 -5.98 -11.38 5.00
C PRO A 84 -5.26 -12.17 3.92
N ASP A 85 -6.01 -12.97 3.18
CA ASP A 85 -5.46 -13.76 2.09
C ASP A 85 -6.48 -13.86 0.95
N PRO A 86 -6.56 -12.83 0.15
CA PRO A 86 -7.54 -12.75 -1.00
C PRO A 86 -7.12 -13.61 -2.18
N CYS A 87 -5.95 -14.23 -2.08
CA CYS A 87 -5.46 -15.06 -3.17
C CYS A 87 -4.32 -15.97 -2.71
N PRO A 88 -4.62 -16.87 -1.81
CA PRO A 88 -3.62 -17.84 -1.31
C PRO A 88 -2.98 -18.59 -2.47
N GLY A 89 -1.71 -18.89 -2.36
CA GLY A 89 -1.01 -19.61 -3.42
C GLY A 89 -0.38 -18.66 -4.43
N THR A 90 -0.62 -17.35 -4.28
CA THR A 90 -0.05 -16.38 -5.21
C THR A 90 0.74 -15.31 -4.44
N TYR A 91 1.81 -14.78 -5.03
CA TYR A 91 2.61 -13.75 -4.36
C TYR A 91 1.91 -12.41 -4.51
N LYS A 92 1.45 -11.87 -3.39
CA LYS A 92 0.69 -10.62 -3.40
C LYS A 92 1.57 -9.37 -3.20
N TYR A 93 0.91 -8.31 -2.81
CA TYR A 93 1.57 -7.05 -2.49
C TYR A 93 0.58 -6.02 -1.95
N LEU A 94 1.09 -4.87 -1.59
CA LEU A 94 0.26 -3.81 -1.06
C LEU A 94 0.57 -2.51 -1.79
N GLU A 95 -0.45 -1.94 -2.41
CA GLU A 95 -0.27 -0.70 -3.14
C GLU A 95 -1.18 0.37 -2.57
N VAL A 96 -0.60 1.51 -2.23
CA VAL A 96 -1.38 2.58 -1.63
C VAL A 96 -1.06 3.95 -2.23
N GLN A 97 -2.12 4.66 -2.65
CA GLN A 97 -1.95 5.99 -3.21
C GLN A 97 -2.45 7.01 -2.21
N TYR A 98 -1.65 8.04 -1.94
CA TYR A 98 -2.03 9.05 -0.97
C TYR A 98 -1.35 10.37 -1.26
N ASP A 99 -1.75 11.38 -0.49
CA ASP A 99 -1.16 12.71 -0.63
C ASP A 99 -0.80 13.27 0.74
N CYS A 100 0.07 14.26 0.76
CA CYS A 100 0.47 14.87 2.01
C CYS A 100 -0.07 16.28 2.07
N VAL A 101 -1.02 16.51 2.97
CA VAL A 101 -1.63 17.82 3.09
C VAL A 101 -1.29 18.47 4.42
N PRO A 102 -1.39 19.78 4.52
CA PRO A 102 -1.09 20.50 5.78
C PRO A 102 -1.95 20.01 6.93
N TYR A 103 -1.36 19.94 8.10
CA TYR A 103 -2.09 19.49 9.28
C TYR A 103 -3.00 20.61 9.77
N LYS A 104 -4.23 20.26 10.14
CA LYS A 104 -5.18 21.28 10.60
C LYS A 104 -5.90 20.80 11.85
N VAL A 105 -5.98 21.71 12.83
CA VAL A 105 -6.65 21.40 14.09
C VAL A 105 -8.12 21.82 14.01
N GLU A 106 -9.02 20.91 14.36
CA GLU A 106 -10.46 21.19 14.32
C GLU A 106 -10.91 21.42 12.87
C1 NAG B . -8.47 13.27 9.96
C2 NAG B . -9.56 12.25 10.11
C3 NAG B . -10.84 12.79 9.51
C4 NAG B . -11.21 14.08 10.20
C5 NAG B . -10.05 15.06 10.09
C6 NAG B . -10.32 16.34 10.88
C7 NAG B . -9.60 9.84 9.97
C8 NAG B . -9.20 8.57 9.25
N2 NAG B . -9.20 10.99 9.45
O3 NAG B . -11.89 11.83 9.65
O4 NAG B . -12.38 14.63 9.60
O5 NAG B . -8.84 14.47 10.61
O6 NAG B . -10.75 16.06 12.22
O7 NAG B . -10.29 9.77 10.99
H1 NAG B . -8.31 13.48 8.91
H2 NAG B . -9.73 12.07 11.16
H3 NAG B . -10.66 12.99 8.47
H4 NAG B . -11.39 13.86 11.24
H5 NAG B . -9.90 15.31 9.05
H61 NAG B . -11.08 16.92 10.37
H62 NAG B . -9.42 16.93 10.91
H81 NAG B . -9.96 7.82 9.37
H82 NAG B . -8.27 8.19 9.66
H83 NAG B . -9.06 8.76 8.20
HN2 NAG B . -8.80 11.02 8.56
HO3 NAG B . -12.74 12.29 9.73
HO4 NAG B . -12.54 14.22 8.75
HO6 NAG B . -10.73 16.86 12.74
N GLY A 1 9.70 17.84 0.24
CA GLY A 1 9.12 19.13 -0.24
C GLY A 1 9.22 19.20 -1.76
N LEU A 2 9.32 18.04 -2.39
CA LEU A 2 9.46 17.98 -3.84
C LEU A 2 8.48 17.00 -4.48
N PRO A 3 7.25 17.40 -4.67
CA PRO A 3 6.22 16.52 -5.30
C PRO A 3 6.49 16.30 -6.78
N PHE A 4 6.20 15.09 -7.26
CA PHE A 4 6.41 14.76 -8.66
C PHE A 4 5.29 15.37 -9.50
N GLY A 5 4.26 15.89 -8.82
CA GLY A 5 3.13 16.50 -9.49
C GLY A 5 2.18 15.45 -10.06
N LEU A 6 2.00 14.35 -9.32
CA LEU A 6 1.11 13.27 -9.76
C LEU A 6 0.79 12.33 -8.59
N MET A 7 0.39 12.89 -7.45
CA MET A 7 0.05 12.08 -6.28
C MET A 7 1.20 11.17 -5.89
N ARG A 8 1.24 10.80 -4.62
CA ARG A 8 2.28 9.91 -4.11
C ARG A 8 1.79 8.47 -4.15
N ARG A 9 2.70 7.53 -4.35
CA ARG A 9 2.32 6.12 -4.38
C ARG A 9 3.45 5.22 -3.89
N GLU A 10 3.07 4.23 -3.09
CA GLU A 10 4.03 3.27 -2.54
C GLU A 10 3.54 1.85 -2.76
N LEU A 11 4.49 0.93 -2.99
CA LEU A 11 4.16 -0.47 -3.21
C LEU A 11 5.18 -1.34 -2.49
N ALA A 12 4.74 -2.45 -1.89
CA ALA A 12 5.65 -3.33 -1.19
C ALA A 12 5.29 -4.78 -1.45
N CYS A 13 6.31 -5.62 -1.62
CA CYS A 13 6.10 -7.02 -1.89
C CYS A 13 5.51 -7.72 -0.66
N GLU A 14 4.52 -8.58 -0.91
CA GLU A 14 3.85 -9.30 0.16
C GLU A 14 4.82 -9.92 1.17
N GLY A 15 4.51 -9.74 2.45
CA GLY A 15 5.31 -10.31 3.51
C GLY A 15 6.30 -9.32 4.11
N TYR A 16 6.62 -8.24 3.39
CA TYR A 16 7.56 -7.25 3.92
C TYR A 16 6.82 -5.98 4.32
N PRO A 17 7.28 -5.31 5.34
CA PRO A 17 6.64 -4.06 5.82
C PRO A 17 6.77 -2.91 4.83
N ILE A 18 5.81 -1.98 4.89
CA ILE A 18 5.82 -0.81 4.01
C ILE A 18 5.93 0.44 4.88
N GLU A 19 6.68 1.41 4.40
CA GLU A 19 6.86 2.65 5.15
C GLU A 19 6.38 3.84 4.35
N LEU A 20 5.52 4.64 4.97
CA LEU A 20 4.99 5.82 4.32
C LEU A 20 5.44 7.06 5.08
N ARG A 21 5.74 8.14 4.37
CA ARG A 21 6.18 9.34 5.05
C ARG A 21 5.86 10.60 4.26
N CYS A 22 5.31 11.60 4.94
CA CYS A 22 4.97 12.85 4.28
C CYS A 22 6.01 13.93 4.59
N PRO A 23 6.25 14.82 3.65
CA PRO A 23 7.23 15.94 3.80
C PRO A 23 6.80 17.02 4.78
N GLY A 24 7.77 17.77 5.29
CA GLY A 24 7.48 18.86 6.22
C GLY A 24 6.61 18.38 7.38
N SER A 25 5.59 19.18 7.67
CA SER A 25 4.64 18.86 8.74
C SER A 25 3.33 18.37 8.13
N ASP A 26 3.44 17.79 6.93
CA ASP A 26 2.28 17.25 6.23
C ASP A 26 1.91 15.88 6.80
N VAL A 27 0.69 15.44 6.52
CA VAL A 27 0.23 14.15 7.01
C VAL A 27 -0.28 13.29 5.87
N ILE A 28 -0.10 11.98 6.00
CA ILE A 28 -0.56 11.05 4.98
C ILE A 28 -2.08 10.96 4.95
N MET A 29 -2.65 11.00 3.77
CA MET A 29 -4.10 10.88 3.62
C MET A 29 -4.41 9.84 2.56
N VAL A 30 -4.75 8.64 3.03
CA VAL A 30 -5.04 7.52 2.15
C VAL A 30 -6.28 7.78 1.32
N GLU A 31 -6.11 7.72 0.00
CA GLU A 31 -7.22 7.92 -0.91
C GLU A 31 -7.67 6.56 -1.44
N ASN A 32 -6.71 5.76 -1.87
CA ASN A 32 -7.01 4.44 -2.40
C ASN A 32 -5.86 3.48 -2.12
N ALA A 33 -6.19 2.21 -1.94
CA ALA A 33 -5.18 1.19 -1.68
C ALA A 33 -5.78 -0.19 -1.84
N ASN A 34 -4.94 -1.17 -2.16
CA ASN A 34 -5.42 -2.51 -2.35
C ASN A 34 -4.35 -3.55 -2.03
N TYR A 35 -4.80 -4.71 -1.57
CA TYR A 35 -3.88 -5.79 -1.23
C TYR A 35 -4.19 -7.04 -2.05
N GLY A 36 -3.21 -7.49 -2.83
CA GLY A 36 -3.42 -8.66 -3.67
C GLY A 36 -2.39 -8.69 -4.80
N ARG A 37 -2.88 -8.98 -6.01
CA ARG A 37 -2.03 -9.05 -7.18
C ARG A 37 -2.84 -8.87 -8.46
N THR A 38 -2.50 -7.82 -9.20
CA THR A 38 -3.17 -7.53 -10.46
C THR A 38 -2.16 -7.49 -11.59
N ASP A 39 -0.95 -7.91 -11.29
CA ASP A 39 0.12 -7.94 -12.27
C ASP A 39 1.03 -9.14 -12.03
N ASP A 40 2.15 -9.16 -12.72
CA ASP A 40 3.10 -10.24 -12.56
C ASP A 40 4.52 -9.73 -12.75
N LYS A 41 4.67 -8.44 -13.04
CA LYS A 41 5.99 -7.87 -13.23
C LYS A 41 6.45 -7.15 -11.97
N ILE A 42 5.65 -7.20 -10.92
CA ILE A 42 6.00 -6.55 -9.66
C ILE A 42 6.39 -7.61 -8.66
N CYS A 43 7.50 -7.38 -7.97
CA CYS A 43 7.97 -8.33 -6.98
C CYS A 43 8.32 -9.67 -7.64
N ASP A 44 9.23 -9.62 -8.61
CA ASP A 44 9.64 -10.83 -9.32
C ASP A 44 9.83 -12.02 -8.38
N ALA A 45 8.79 -12.85 -8.28
CA ALA A 45 8.84 -14.04 -7.43
C ALA A 45 8.65 -15.27 -8.30
N ASP A 46 8.36 -16.43 -7.69
CA ASP A 46 8.18 -17.65 -8.46
C ASP A 46 7.03 -17.48 -9.47
N PRO A 47 7.22 -17.95 -10.68
CA PRO A 47 6.20 -17.83 -11.76
C PRO A 47 4.83 -18.37 -11.31
N PHE A 48 4.85 -19.43 -10.52
CA PHE A 48 3.61 -20.03 -10.03
C PHE A 48 2.82 -19.05 -9.17
N GLN A 49 3.53 -18.30 -8.34
CA GLN A 49 2.86 -17.33 -7.46
C GLN A 49 2.71 -15.99 -8.16
N MET A 50 3.28 -15.88 -9.35
CA MET A 50 3.20 -14.65 -10.12
C MET A 50 2.26 -14.82 -11.31
N GLU A 51 1.76 -16.04 -11.49
CA GLU A 51 0.89 -16.33 -12.63
C GLU A 51 -0.44 -15.59 -12.58
N ASN A 52 -1.12 -15.62 -11.45
CA ASN A 52 -2.43 -14.98 -11.36
C ASN A 52 -2.32 -13.46 -11.20
N VAL A 53 -2.93 -12.74 -12.14
CA VAL A 53 -2.93 -11.29 -12.12
C VAL A 53 -4.31 -10.74 -11.79
N GLN A 54 -5.05 -11.49 -10.98
CA GLN A 54 -6.38 -11.07 -10.58
C GLN A 54 -6.63 -11.40 -9.11
N CYS A 55 -6.22 -10.48 -8.25
CA CYS A 55 -6.41 -10.67 -6.82
C CYS A 55 -6.70 -9.32 -6.18
N TYR A 56 -7.83 -9.21 -5.50
CA TYR A 56 -8.19 -7.94 -4.89
C TYR A 56 -8.70 -8.12 -3.46
N LEU A 57 -8.53 -7.07 -2.67
CA LEU A 57 -9.00 -7.04 -1.28
C LEU A 57 -9.42 -5.61 -0.96
N PRO A 58 -10.67 -5.29 -1.16
CA PRO A 58 -11.19 -3.92 -0.94
C PRO A 58 -10.89 -3.36 0.45
N ASP A 59 -11.10 -4.17 1.48
CA ASP A 59 -10.90 -3.70 2.86
C ASP A 59 -9.46 -3.28 3.12
N ALA A 60 -8.53 -3.66 2.25
CA ALA A 60 -7.14 -3.27 2.45
C ALA A 60 -7.07 -1.75 2.57
N PHE A 61 -8.01 -1.08 1.92
CA PHE A 61 -8.08 0.37 1.96
C PHE A 61 -8.38 0.90 3.37
N LYS A 62 -9.33 0.26 4.05
CA LYS A 62 -9.71 0.70 5.40
C LYS A 62 -8.56 0.51 6.38
N ILE A 63 -7.87 -0.63 6.28
CA ILE A 63 -6.76 -0.92 7.16
C ILE A 63 -5.65 0.12 7.04
N MET A 64 -5.28 0.45 5.80
CA MET A 64 -4.22 1.44 5.57
C MET A 64 -4.68 2.84 5.95
N SER A 65 -5.95 3.12 5.70
CA SER A 65 -6.49 4.42 6.01
C SER A 65 -6.43 4.69 7.51
N GLN A 66 -6.83 3.70 8.29
CA GLN A 66 -6.82 3.83 9.75
C GLN A 66 -5.40 3.96 10.28
N ARG A 67 -4.48 3.25 9.65
CA ARG A 67 -3.08 3.25 10.08
C ARG A 67 -2.27 4.45 9.62
N CYS A 68 -2.56 5.01 8.46
CA CYS A 68 -1.75 6.14 7.99
C CYS A 68 -2.50 7.48 7.91
N ASN A 69 -3.82 7.48 8.01
CA ASN A 69 -4.55 8.75 7.93
C ASN A 69 -4.16 9.71 9.05
N ASN A 70 -3.94 10.97 8.68
CA ASN A 70 -3.60 12.02 9.64
C ASN A 70 -2.25 11.79 10.30
N ARG A 71 -1.47 10.84 9.79
CA ARG A 71 -0.16 10.58 10.36
C ARG A 71 0.93 11.02 9.39
N THR A 72 2.03 11.52 9.94
CA THR A 72 3.14 11.97 9.13
C THR A 72 3.84 10.77 8.51
N GLN A 73 3.82 9.67 9.24
CA GLN A 73 4.43 8.45 8.77
C GLN A 73 3.65 7.24 9.28
N CYS A 74 3.71 6.13 8.57
CA CYS A 74 2.98 4.94 8.97
C CYS A 74 3.63 3.67 8.43
N VAL A 75 3.72 2.65 9.28
CA VAL A 75 4.31 1.38 8.88
C VAL A 75 3.32 0.23 9.05
N VAL A 76 3.14 -0.56 7.99
CA VAL A 76 2.23 -1.69 8.04
C VAL A 76 2.85 -2.91 7.38
N VAL A 77 2.57 -4.08 7.92
CA VAL A 77 3.09 -5.31 7.36
C VAL A 77 2.31 -5.68 6.11
N ALA A 78 2.96 -5.68 4.95
CA ALA A 78 2.26 -5.97 3.70
C ALA A 78 1.78 -7.41 3.65
N GLY A 79 1.41 -7.96 4.80
CA GLY A 79 0.92 -9.34 4.84
C GLY A 79 0.61 -9.79 6.26
N SER A 80 1.29 -10.84 6.70
CA SER A 80 1.10 -11.39 8.05
C SER A 80 -0.35 -11.22 8.48
N ASP A 81 -0.58 -11.30 9.79
CA ASP A 81 -1.92 -11.17 10.33
C ASP A 81 -2.45 -9.75 10.13
N ALA A 82 -1.65 -8.91 9.47
CA ALA A 82 -2.08 -7.53 9.22
C ALA A 82 -2.95 -7.48 7.97
N PHE A 83 -2.98 -8.57 7.20
CA PHE A 83 -3.79 -8.62 5.99
C PHE A 83 -4.34 -10.04 5.73
N PRO A 84 -5.62 -10.16 5.48
CA PRO A 84 -6.26 -11.49 5.19
C PRO A 84 -5.51 -12.26 4.09
N ASP A 85 -6.25 -13.02 3.28
CA ASP A 85 -5.64 -13.80 2.21
C ASP A 85 -6.58 -13.83 1.00
N PRO A 86 -6.54 -12.81 0.18
CA PRO A 86 -7.43 -12.69 -1.01
C PRO A 86 -7.02 -13.58 -2.20
N CYS A 87 -5.88 -14.24 -2.10
CA CYS A 87 -5.43 -15.12 -3.18
C CYS A 87 -4.29 -16.01 -2.73
N PRO A 88 -4.60 -16.92 -1.87
CA PRO A 88 -3.60 -17.89 -1.32
C PRO A 88 -2.85 -18.59 -2.46
N GLY A 89 -1.57 -18.86 -2.24
CA GLY A 89 -0.77 -19.54 -3.24
C GLY A 89 -0.26 -18.57 -4.30
N THR A 90 -0.55 -17.27 -4.16
CA THR A 90 -0.06 -16.30 -5.13
C THR A 90 0.81 -15.27 -4.43
N TYR A 91 1.84 -14.77 -5.12
CA TYR A 91 2.70 -13.77 -4.52
C TYR A 91 1.99 -12.44 -4.66
N LYS A 92 1.54 -11.90 -3.54
CA LYS A 92 0.77 -10.66 -3.58
C LYS A 92 1.64 -9.40 -3.45
N TYR A 93 0.92 -8.31 -3.16
CA TYR A 93 1.55 -7.01 -2.92
C TYR A 93 0.53 -6.02 -2.39
N LEU A 94 1.03 -4.87 -1.94
CA LEU A 94 0.17 -3.80 -1.42
C LEU A 94 0.49 -2.50 -2.14
N GLU A 95 -0.52 -1.88 -2.73
CA GLU A 95 -0.34 -0.62 -3.45
C GLU A 95 -1.21 0.46 -2.80
N VAL A 96 -0.59 1.57 -2.42
CA VAL A 96 -1.35 2.65 -1.77
C VAL A 96 -1.06 4.02 -2.36
N GLN A 97 -2.12 4.70 -2.79
CA GLN A 97 -2.00 6.03 -3.37
C GLN A 97 -2.55 7.04 -2.37
N TYR A 98 -1.76 8.05 -2.05
CA TYR A 98 -2.20 9.04 -1.08
C TYR A 98 -1.52 10.37 -1.29
N ASP A 99 -1.97 11.37 -0.54
CA ASP A 99 -1.41 12.71 -0.66
C ASP A 99 -0.93 13.23 0.69
N CYS A 100 -0.04 14.22 0.64
CA CYS A 100 0.51 14.81 1.86
C CYS A 100 -0.04 16.21 2.05
N VAL A 101 -0.70 16.44 3.18
CA VAL A 101 -1.27 17.75 3.47
C VAL A 101 -0.90 18.21 4.87
N PRO A 102 -0.96 19.50 5.15
CA PRO A 102 -0.60 20.03 6.49
C PRO A 102 -1.42 19.39 7.60
N TYR A 103 -0.78 19.20 8.75
CA TYR A 103 -1.46 18.63 9.89
C TYR A 103 -2.36 19.68 10.53
N LYS A 104 -2.20 20.93 10.09
CA LYS A 104 -2.99 22.04 10.61
C LYS A 104 -3.35 22.98 9.47
N VAL A 105 -4.64 23.31 9.36
CA VAL A 105 -5.09 24.19 8.29
C VAL A 105 -5.11 25.64 8.78
N GLU A 106 -4.68 26.56 7.91
CA GLU A 106 -4.64 27.98 8.26
C GLU A 106 -4.03 28.16 9.64
C1 NAG B . -8.16 13.64 10.43
C2 NAG B . -9.33 12.74 10.68
C3 NAG B . -10.59 13.36 10.15
C4 NAG B . -10.79 14.71 10.79
C5 NAG B . -9.55 15.57 10.57
C6 NAG B . -9.65 16.90 11.30
C7 NAG B . -9.68 10.33 10.51
C8 NAG B . -9.42 9.04 9.79
N2 NAG B . -9.11 11.44 10.03
O3 NAG B . -11.70 12.50 10.44
O4 NAG B . -11.93 15.36 10.20
O5 NAG B . -8.36 14.89 11.04
O6 NAG B . -9.68 18.01 10.38
O7 NAG B . -10.42 10.34 11.51
H1 NAG B . -8.06 13.80 9.36
H2 NAG B . -9.43 12.59 11.75
H3 NAG B . -10.49 13.48 9.09
H4 NAG B . -10.94 14.59 11.85
H5 NAG B . -9.43 15.76 9.51
H61 NAG B . -8.80 17.00 11.97
H62 NAG B . -10.55 16.90 11.92
H81 NAG B . -9.71 9.12 8.76
H82 NAG B . -9.99 8.23 10.24
H83 NAG B . -8.37 8.80 9.84
HN2 NAG B . -8.53 11.37 9.24
HO3 NAG B . -11.80 12.41 11.39
HO4 NAG B . -12.30 15.98 10.83
HO6 NAG B . -9.39 18.80 10.83
N GLY A 1 13.49 15.28 -2.48
CA GLY A 1 14.72 14.71 -3.09
C GLY A 1 14.50 14.50 -4.59
N LEU A 2 13.62 13.57 -4.94
CA LEU A 2 13.32 13.28 -6.34
C LEU A 2 11.93 13.78 -6.70
N PRO A 3 11.66 13.98 -7.97
CA PRO A 3 10.33 14.47 -8.42
C PRO A 3 9.23 13.49 -8.02
N PHE A 4 8.11 14.03 -7.53
CA PHE A 4 7.01 13.18 -7.11
C PHE A 4 6.21 12.70 -8.31
N GLY A 5 6.60 13.18 -9.50
CA GLY A 5 5.90 12.81 -10.73
C GLY A 5 4.41 13.10 -10.63
N LEU A 6 3.71 12.35 -9.79
CA LEU A 6 2.28 12.56 -9.58
C LEU A 6 1.80 11.86 -8.32
N MET A 7 1.45 12.64 -7.29
CA MET A 7 0.95 12.05 -6.06
C MET A 7 1.99 11.09 -5.49
N ARG A 8 1.83 10.72 -4.22
CA ARG A 8 2.78 9.79 -3.60
C ARG A 8 2.20 8.38 -3.61
N ARG A 9 3.04 7.41 -3.88
CA ARG A 9 2.59 6.02 -3.93
C ARG A 9 3.73 5.08 -3.56
N GLU A 10 3.40 4.08 -2.77
CA GLU A 10 4.38 3.10 -2.37
C GLU A 10 3.84 1.70 -2.61
N LEU A 11 4.74 0.77 -2.89
CA LEU A 11 4.35 -0.60 -3.16
C LEU A 11 5.31 -1.53 -2.44
N ALA A 12 4.80 -2.61 -1.86
CA ALA A 12 5.69 -3.52 -1.15
C ALA A 12 5.34 -4.96 -1.45
N CYS A 13 6.38 -5.77 -1.63
CA CYS A 13 6.21 -7.18 -1.94
C CYS A 13 5.61 -7.90 -0.75
N GLU A 14 4.65 -8.78 -1.02
CA GLU A 14 3.98 -9.51 0.04
C GLU A 14 4.98 -10.07 1.05
N GLY A 15 4.69 -9.84 2.33
CA GLY A 15 5.52 -10.36 3.39
C GLY A 15 6.53 -9.35 3.95
N TYR A 16 6.76 -8.23 3.26
CA TYR A 16 7.71 -7.24 3.77
C TYR A 16 6.96 -5.99 4.23
N PRO A 17 7.50 -5.27 5.18
CA PRO A 17 6.87 -4.03 5.72
C PRO A 17 6.92 -2.86 4.73
N ILE A 18 5.99 -1.94 4.90
CA ILE A 18 5.93 -0.77 4.03
C ILE A 18 6.00 0.51 4.88
N GLU A 19 6.60 1.55 4.32
CA GLU A 19 6.76 2.80 5.03
C GLU A 19 6.26 3.98 4.22
N LEU A 20 5.35 4.74 4.79
CA LEU A 20 4.82 5.93 4.13
C LEU A 20 5.26 7.17 4.91
N ARG A 21 5.59 8.25 4.21
CA ARG A 21 6.01 9.46 4.90
C ARG A 21 5.61 10.72 4.13
N CYS A 22 5.16 11.69 4.90
CA CYS A 22 4.76 12.97 4.34
C CYS A 22 5.81 14.02 4.68
N PRO A 23 6.09 14.93 3.77
CA PRO A 23 7.11 15.99 3.99
C PRO A 23 6.70 17.01 5.03
N GLY A 24 7.69 17.73 5.55
CA GLY A 24 7.44 18.77 6.54
C GLY A 24 6.48 18.31 7.64
N SER A 25 5.49 19.16 7.93
CA SER A 25 4.50 18.87 8.97
C SER A 25 3.18 18.39 8.35
N ASP A 26 3.25 17.89 7.13
CA ASP A 26 2.07 17.37 6.45
C ASP A 26 1.71 16.00 7.00
N VAL A 27 0.50 15.55 6.69
CA VAL A 27 0.05 14.24 7.15
C VAL A 27 -0.45 13.41 5.97
N ILE A 28 -0.16 12.12 6.00
CA ILE A 28 -0.58 11.22 4.93
C ILE A 28 -2.10 11.03 4.91
N MET A 29 -2.66 11.01 3.70
CA MET A 29 -4.10 10.79 3.52
C MET A 29 -4.31 9.74 2.45
N VAL A 30 -4.57 8.51 2.90
CA VAL A 30 -4.77 7.40 1.97
C VAL A 30 -5.99 7.63 1.09
N GLU A 31 -5.79 7.56 -0.23
CA GLU A 31 -6.89 7.78 -1.16
C GLU A 31 -7.40 6.44 -1.70
N ASN A 32 -6.48 5.61 -2.14
CA ASN A 32 -6.85 4.31 -2.69
C ASN A 32 -5.74 3.30 -2.45
N ALA A 33 -6.13 2.04 -2.33
CA ALA A 33 -5.14 1.00 -2.08
C ALA A 33 -5.76 -0.38 -2.20
N ASN A 34 -4.92 -1.38 -2.45
CA ASN A 34 -5.41 -2.75 -2.60
C ASN A 34 -4.33 -3.74 -2.15
N TYR A 35 -4.78 -4.87 -1.59
CA TYR A 35 -3.86 -5.91 -1.16
C TYR A 35 -4.13 -7.18 -1.95
N GLY A 36 -3.12 -7.66 -2.66
CA GLY A 36 -3.30 -8.84 -3.47
C GLY A 36 -2.29 -8.88 -4.61
N ARG A 37 -2.83 -9.14 -5.80
CA ARG A 37 -2.01 -9.19 -7.01
C ARG A 37 -2.86 -8.93 -8.25
N THR A 38 -2.57 -7.83 -8.93
CA THR A 38 -3.29 -7.48 -10.14
C THR A 38 -2.31 -7.43 -11.31
N ASP A 39 -1.10 -7.92 -11.06
CA ASP A 39 -0.06 -7.92 -12.07
C ASP A 39 0.87 -9.13 -11.91
N ASP A 40 1.95 -9.15 -12.67
CA ASP A 40 2.91 -10.24 -12.61
C ASP A 40 4.32 -9.71 -12.84
N LYS A 41 4.40 -8.41 -13.09
CA LYS A 41 5.69 -7.76 -13.33
C LYS A 41 6.17 -7.04 -12.09
N ILE A 42 5.45 -7.20 -10.99
CA ILE A 42 5.83 -6.53 -9.75
C ILE A 42 6.30 -7.54 -8.72
N CYS A 43 7.39 -7.24 -8.05
CA CYS A 43 7.93 -8.14 -7.05
C CYS A 43 8.13 -9.52 -7.65
N ASP A 44 9.17 -9.64 -8.46
CA ASP A 44 9.48 -10.88 -9.11
C ASP A 44 9.67 -12.02 -8.12
N ALA A 45 8.84 -13.04 -8.26
CA ALA A 45 8.89 -14.22 -7.41
C ALA A 45 8.71 -15.45 -8.29
N ASP A 46 8.40 -16.59 -7.71
CA ASP A 46 8.21 -17.78 -8.53
C ASP A 46 7.05 -17.51 -9.50
N PRO A 47 7.21 -17.86 -10.75
CA PRO A 47 6.17 -17.61 -11.79
C PRO A 47 4.80 -18.18 -11.43
N PHE A 48 4.78 -19.29 -10.70
CA PHE A 48 3.52 -19.93 -10.30
C PHE A 48 2.74 -19.02 -9.36
N GLN A 49 3.44 -18.33 -8.47
CA GLN A 49 2.80 -17.43 -7.52
C GLN A 49 2.61 -16.05 -8.15
N MET A 50 2.99 -15.92 -9.41
CA MET A 50 2.86 -14.64 -10.10
C MET A 50 2.00 -14.77 -11.36
N GLU A 51 1.50 -15.98 -11.64
CA GLU A 51 0.68 -16.18 -12.83
C GLU A 51 -0.64 -15.40 -12.76
N ASN A 52 -1.35 -15.51 -11.65
CA ASN A 52 -2.64 -14.83 -11.53
C ASN A 52 -2.50 -13.34 -11.23
N VAL A 53 -2.97 -12.53 -12.18
CA VAL A 53 -2.94 -11.08 -12.02
C VAL A 53 -4.33 -10.57 -11.71
N GLN A 54 -5.08 -11.33 -10.92
CA GLN A 54 -6.42 -10.94 -10.54
C GLN A 54 -6.71 -11.30 -9.10
N CYS A 55 -6.28 -10.43 -8.19
CA CYS A 55 -6.49 -10.65 -6.77
C CYS A 55 -6.67 -9.29 -6.10
N TYR A 56 -7.85 -9.06 -5.51
CA TYR A 56 -8.11 -7.78 -4.85
C TYR A 56 -8.66 -7.97 -3.44
N LEU A 57 -8.49 -6.94 -2.61
CA LEU A 57 -9.01 -6.97 -1.23
C LEU A 57 -9.42 -5.54 -0.85
N PRO A 58 -10.66 -5.20 -1.08
CA PRO A 58 -11.20 -3.82 -0.80
C PRO A 58 -10.86 -3.30 0.60
N ASP A 59 -11.06 -4.13 1.61
CA ASP A 59 -10.82 -3.73 2.99
C ASP A 59 -9.37 -3.28 3.22
N ALA A 60 -8.48 -3.63 2.32
CA ALA A 60 -7.07 -3.24 2.46
C ALA A 60 -6.96 -1.73 2.59
N PHE A 61 -7.84 -1.00 1.89
CA PHE A 61 -7.84 0.45 1.94
C PHE A 61 -8.20 0.98 3.31
N LYS A 62 -9.25 0.41 3.89
CA LYS A 62 -9.73 0.84 5.20
C LYS A 62 -8.69 0.57 6.29
N ILE A 63 -8.05 -0.59 6.24
CA ILE A 63 -7.04 -0.93 7.24
C ILE A 63 -5.90 0.09 7.23
N MET A 64 -5.37 0.38 6.05
CA MET A 64 -4.27 1.33 5.94
C MET A 64 -4.75 2.77 6.18
N SER A 65 -5.95 3.07 5.72
CA SER A 65 -6.50 4.40 5.90
C SER A 65 -6.49 4.77 7.38
N GLN A 66 -6.90 3.83 8.20
CA GLN A 66 -6.92 4.04 9.65
C GLN A 66 -5.51 4.15 10.21
N ARG A 67 -4.62 3.33 9.66
CA ARG A 67 -3.23 3.27 10.12
C ARG A 67 -2.36 4.45 9.68
N CYS A 68 -2.59 4.99 8.48
CA CYS A 68 -1.74 6.09 8.01
C CYS A 68 -2.46 7.45 7.95
N ASN A 69 -3.79 7.47 7.92
CA ASN A 69 -4.51 8.75 7.83
C ASN A 69 -4.17 9.70 8.98
N ASN A 70 -3.98 10.97 8.63
CA ASN A 70 -3.68 12.01 9.62
C ASN A 70 -2.35 11.80 10.31
N ARG A 71 -1.51 10.92 9.77
CA ARG A 71 -0.20 10.67 10.36
C ARG A 71 0.89 11.12 9.40
N THR A 72 1.99 11.61 9.97
CA THR A 72 3.10 12.05 9.14
C THR A 72 3.76 10.84 8.50
N GLN A 73 3.71 9.71 9.21
CA GLN A 73 4.27 8.46 8.70
C GLN A 73 3.51 7.26 9.24
N CYS A 74 3.58 6.15 8.52
CA CYS A 74 2.89 4.94 8.95
C CYS A 74 3.59 3.69 8.43
N VAL A 75 3.83 2.75 9.33
CA VAL A 75 4.49 1.50 8.98
C VAL A 75 3.53 0.33 9.17
N VAL A 76 3.44 -0.53 8.16
CA VAL A 76 2.54 -1.67 8.23
C VAL A 76 3.12 -2.89 7.50
N VAL A 77 2.79 -4.08 7.99
CA VAL A 77 3.26 -5.32 7.38
C VAL A 77 2.41 -5.68 6.16
N ALA A 78 3.05 -5.73 5.00
CA ALA A 78 2.34 -6.05 3.77
C ALA A 78 1.93 -7.52 3.70
N GLY A 79 1.53 -8.10 4.83
CA GLY A 79 1.13 -9.49 4.83
C GLY A 79 0.69 -9.93 6.22
N SER A 80 1.41 -10.91 6.76
CA SER A 80 1.12 -11.45 8.08
C SER A 80 -0.34 -11.24 8.47
N ASP A 81 -0.60 -11.25 9.78
CA ASP A 81 -1.96 -11.09 10.27
C ASP A 81 -2.47 -9.68 10.03
N ALA A 82 -1.66 -8.86 9.38
CA ALA A 82 -2.07 -7.49 9.11
C ALA A 82 -2.92 -7.41 7.85
N PHE A 83 -2.91 -8.49 7.05
CA PHE A 83 -3.71 -8.53 5.83
C PHE A 83 -4.25 -9.94 5.56
N PRO A 84 -5.53 -10.07 5.29
CA PRO A 84 -6.15 -11.39 4.99
C PRO A 84 -5.39 -12.14 3.90
N ASP A 85 -6.15 -12.88 3.10
CA ASP A 85 -5.58 -13.66 2.01
C ASP A 85 -6.55 -13.67 0.83
N PRO A 86 -6.48 -12.69 -0.03
CA PRO A 86 -7.39 -12.58 -1.20
C PRO A 86 -7.03 -13.55 -2.31
N CYS A 87 -5.92 -14.26 -2.14
CA CYS A 87 -5.48 -15.19 -3.16
C CYS A 87 -4.33 -16.08 -2.65
N PRO A 88 -4.64 -17.01 -1.80
CA PRO A 88 -3.64 -17.96 -1.25
C PRO A 88 -2.84 -18.65 -2.35
N GLY A 89 -1.59 -18.97 -2.07
CA GLY A 89 -0.75 -19.65 -3.04
C GLY A 89 -0.26 -18.71 -4.14
N THR A 90 -0.60 -17.43 -4.04
CA THR A 90 -0.13 -16.47 -5.04
C THR A 90 0.73 -15.42 -4.34
N TYR A 91 1.75 -14.90 -5.04
CA TYR A 91 2.60 -13.88 -4.44
C TYR A 91 1.91 -12.52 -4.60
N LYS A 92 1.44 -11.99 -3.48
CA LYS A 92 0.70 -10.74 -3.50
C LYS A 92 1.59 -9.49 -3.40
N TYR A 93 0.91 -8.40 -3.10
CA TYR A 93 1.55 -7.11 -2.91
C TYR A 93 0.57 -6.09 -2.36
N LEU A 94 1.10 -4.93 -1.97
CA LEU A 94 0.26 -3.87 -1.43
C LEU A 94 0.57 -2.56 -2.15
N GLU A 95 -0.47 -2.00 -2.76
CA GLU A 95 -0.33 -0.74 -3.48
C GLU A 95 -1.14 0.35 -2.79
N VAL A 96 -0.50 1.45 -2.44
CA VAL A 96 -1.22 2.52 -1.76
C VAL A 96 -0.93 3.91 -2.33
N GLN A 97 -1.99 4.58 -2.76
CA GLN A 97 -1.86 5.94 -3.31
C GLN A 97 -2.38 6.94 -2.28
N TYR A 98 -1.57 7.95 -1.96
CA TYR A 98 -1.98 8.96 -0.97
C TYR A 98 -1.35 10.32 -1.25
N ASP A 99 -1.85 11.33 -0.56
CA ASP A 99 -1.36 12.70 -0.72
C ASP A 99 -0.93 13.26 0.65
N CYS A 100 -0.09 14.30 0.62
CA CYS A 100 0.36 14.92 1.86
C CYS A 100 -0.26 16.31 1.99
N VAL A 101 -0.98 16.54 3.09
CA VAL A 101 -1.61 17.83 3.31
C VAL A 101 -1.17 18.45 4.64
N PRO A 102 -1.24 19.76 4.76
CA PRO A 102 -0.85 20.46 6.02
C PRO A 102 -1.73 20.04 7.20
N TYR A 103 -1.13 19.96 8.39
CA TYR A 103 -1.88 19.59 9.59
C TYR A 103 -2.69 20.78 10.11
N LYS A 104 -2.47 21.96 9.52
CA LYS A 104 -3.19 23.17 9.92
C LYS A 104 -4.42 23.36 9.05
N VAL A 105 -5.41 24.10 9.55
CA VAL A 105 -6.63 24.35 8.79
C VAL A 105 -6.56 25.67 8.03
N GLU A 106 -6.99 25.64 6.77
CA GLU A 106 -7.01 26.85 5.96
C GLU A 106 -5.66 27.57 5.97
C1 NAG B . -8.19 13.76 10.22
C2 NAG B . -9.42 12.90 10.44
C3 NAG B . -10.62 13.58 9.84
C4 NAG B . -10.78 14.94 10.47
C5 NAG B . -9.50 15.74 10.29
C6 NAG B . -9.59 17.09 10.99
C7 NAG B . -9.74 10.51 10.40
C8 NAG B . -9.54 9.18 9.70
N2 NAG B . -9.24 11.59 9.81
O3 NAG B . -11.79 12.79 10.07
O4 NAG B . -11.88 15.64 9.88
O5 NAG B . -8.37 15.02 10.81
O6 NAG B . -9.86 16.92 12.39
O7 NAG B . -10.36 10.54 11.46
H1 NAG B . -8.05 13.91 9.15
H2 NAG B . -9.57 12.79 11.50
H3 NAG B . -10.46 13.72 8.78
H4 NAG B . -10.95 14.81 11.53
H5 NAG B . -9.33 15.89 9.22
H61 NAG B . -10.37 17.67 10.53
H62 NAG B . -8.66 17.61 10.85
H81 NAG B . -9.82 9.26 8.66
H82 NAG B . -10.15 8.42 10.16
H83 NAG B . -8.51 8.88 9.76
HN2 NAG B . -8.85 11.51 8.91
HO3 NAG B . -12.53 13.37 10.29
HO4 NAG B . -12.24 16.27 10.51
HO6 NAG B . -9.07 17.15 12.89
N GLY A 1 10.92 11.40 -17.23
CA GLY A 1 11.14 12.26 -16.03
C GLY A 1 9.78 12.76 -15.52
N LEU A 2 8.94 11.83 -15.11
CA LEU A 2 7.62 12.17 -14.60
C LEU A 2 7.43 11.61 -13.20
N PRO A 3 7.99 12.27 -12.22
CA PRO A 3 7.88 11.83 -10.79
C PRO A 3 6.46 11.45 -10.40
N PHE A 4 6.00 11.98 -9.27
CA PHE A 4 4.65 11.69 -8.80
C PHE A 4 3.62 12.49 -9.58
N GLY A 5 3.98 13.72 -9.95
CA GLY A 5 3.08 14.58 -10.71
C GLY A 5 1.83 14.94 -9.90
N LEU A 6 1.21 13.93 -9.29
CA LEU A 6 0.01 14.13 -8.50
C LEU A 6 -0.21 12.96 -7.55
N MET A 7 -0.19 13.26 -6.26
CA MET A 7 -0.39 12.24 -5.24
C MET A 7 0.80 11.29 -5.18
N ARG A 8 1.11 10.85 -3.98
CA ARG A 8 2.22 9.95 -3.77
C ARG A 8 1.76 8.50 -3.91
N ARG A 9 2.69 7.61 -4.20
CA ARG A 9 2.34 6.21 -4.34
C ARG A 9 3.43 5.32 -3.76
N GLU A 10 2.99 4.29 -3.07
CA GLU A 10 3.91 3.35 -2.46
C GLU A 10 3.47 1.92 -2.72
N LEU A 11 4.45 1.07 -2.98
CA LEU A 11 4.16 -0.33 -3.24
C LEU A 11 5.20 -1.21 -2.56
N ALA A 12 4.75 -2.26 -1.87
CA ALA A 12 5.68 -3.14 -1.18
C ALA A 12 5.34 -4.61 -1.43
N CYS A 13 6.39 -5.42 -1.59
CA CYS A 13 6.22 -6.84 -1.88
C CYS A 13 5.63 -7.58 -0.68
N GLU A 14 4.68 -8.46 -0.97
CA GLU A 14 4.04 -9.24 0.09
C GLU A 14 5.05 -9.88 1.02
N GLY A 15 4.80 -9.75 2.32
CA GLY A 15 5.66 -10.35 3.32
C GLY A 15 6.64 -9.36 3.94
N TYR A 16 6.87 -8.21 3.29
CA TYR A 16 7.78 -7.22 3.86
C TYR A 16 7.01 -5.97 4.27
N PRO A 17 7.50 -5.24 5.23
CA PRO A 17 6.84 -4.00 5.71
C PRO A 17 6.81 -2.90 4.66
N ILE A 18 5.82 -2.02 4.79
CA ILE A 18 5.68 -0.89 3.89
C ILE A 18 5.74 0.38 4.73
N GLU A 19 6.41 1.40 4.22
CA GLU A 19 6.55 2.64 4.98
C GLU A 19 6.15 3.86 4.17
N LEU A 20 5.27 4.68 4.75
CA LEU A 20 4.81 5.90 4.12
C LEU A 20 5.34 7.10 4.88
N ARG A 21 5.67 8.18 4.19
CA ARG A 21 6.18 9.37 4.86
C ARG A 21 5.80 10.64 4.11
N CYS A 22 5.25 11.61 4.86
CA CYS A 22 4.87 12.90 4.28
C CYS A 22 5.98 13.92 4.52
N PRO A 23 6.18 14.81 3.59
CA PRO A 23 7.24 15.86 3.72
C PRO A 23 6.85 16.94 4.72
N GLY A 24 7.84 17.69 5.18
CA GLY A 24 7.57 18.79 6.12
C GLY A 24 6.77 18.31 7.32
N SER A 25 5.67 19.00 7.57
CA SER A 25 4.80 18.67 8.69
C SER A 25 3.41 18.28 8.20
N ASP A 26 3.34 17.82 6.96
CA ASP A 26 2.09 17.39 6.38
C ASP A 26 1.71 16.04 6.96
N VAL A 27 0.47 15.60 6.73
CA VAL A 27 0.04 14.31 7.22
C VAL A 27 -0.52 13.48 6.07
N ILE A 28 -0.29 12.18 6.16
CA ILE A 28 -0.73 11.27 5.12
C ILE A 28 -2.26 11.15 5.09
N MET A 29 -2.80 11.15 3.88
CA MET A 29 -4.25 11.01 3.69
C MET A 29 -4.48 9.95 2.61
N VAL A 30 -4.78 8.74 3.07
CA VAL A 30 -4.98 7.62 2.15
C VAL A 30 -6.20 7.85 1.25
N GLU A 31 -5.95 7.73 -0.05
CA GLU A 31 -7.02 7.89 -1.02
C GLU A 31 -7.46 6.53 -1.54
N ASN A 32 -6.50 5.71 -1.96
CA ASN A 32 -6.81 4.39 -2.48
C ASN A 32 -5.67 3.42 -2.20
N ALA A 33 -6.01 2.15 -2.02
CA ALA A 33 -5.02 1.12 -1.74
C ALA A 33 -5.63 -0.26 -1.89
N ASN A 34 -4.79 -1.25 -2.20
CA ASN A 34 -5.28 -2.62 -2.40
C ASN A 34 -4.22 -3.65 -2.05
N TYR A 35 -4.66 -4.76 -1.48
CA TYR A 35 -3.75 -5.85 -1.12
C TYR A 35 -4.09 -7.08 -1.96
N GLY A 36 -3.12 -7.55 -2.73
CA GLY A 36 -3.36 -8.70 -3.59
C GLY A 36 -2.33 -8.76 -4.71
N ARG A 37 -2.82 -9.05 -5.93
CA ARG A 37 -1.96 -9.13 -7.10
C ARG A 37 -2.74 -8.90 -8.39
N THR A 38 -2.38 -7.83 -9.11
CA THR A 38 -3.05 -7.51 -10.37
C THR A 38 -2.05 -7.48 -11.52
N ASP A 39 -0.84 -7.96 -11.23
CA ASP A 39 0.21 -7.99 -12.23
C ASP A 39 1.07 -9.24 -12.03
N ASP A 40 2.22 -9.27 -12.69
CA ASP A 40 3.12 -10.41 -12.56
C ASP A 40 4.56 -9.95 -12.74
N LYS A 41 4.72 -8.66 -12.98
CA LYS A 41 6.04 -8.08 -13.16
C LYS A 41 6.48 -7.37 -11.90
N ILE A 42 5.69 -7.49 -10.84
CA ILE A 42 6.00 -6.82 -9.59
C ILE A 42 6.54 -7.83 -8.58
N CYS A 43 7.65 -7.47 -7.94
CA CYS A 43 8.25 -8.37 -6.97
C CYS A 43 8.39 -9.76 -7.59
N ASP A 44 9.45 -9.92 -8.37
CA ASP A 44 9.72 -11.16 -9.06
C ASP A 44 9.76 -12.36 -8.11
N ALA A 45 8.65 -13.09 -8.06
CA ALA A 45 8.54 -14.28 -7.23
C ALA A 45 8.45 -15.52 -8.13
N ASP A 46 8.20 -16.68 -7.55
CA ASP A 46 8.10 -17.88 -8.37
C ASP A 46 7.00 -17.69 -9.40
N PRO A 47 7.24 -18.04 -10.64
CA PRO A 47 6.23 -17.86 -11.72
C PRO A 47 4.87 -18.42 -11.33
N PHE A 48 4.87 -19.53 -10.59
CA PHE A 48 3.61 -20.15 -10.17
C PHE A 48 2.82 -19.21 -9.29
N GLN A 49 3.51 -18.47 -8.43
CA GLN A 49 2.82 -17.54 -7.56
C GLN A 49 2.58 -16.22 -8.27
N MET A 50 3.17 -16.06 -9.46
CA MET A 50 2.99 -14.82 -10.22
C MET A 50 2.02 -15.02 -11.38
N GLU A 51 1.52 -16.25 -11.53
CA GLU A 51 0.61 -16.55 -12.64
C GLU A 51 -0.67 -15.73 -12.56
N ASN A 52 -1.34 -15.71 -11.41
CA ASN A 52 -2.60 -14.99 -11.27
C ASN A 52 -2.39 -13.48 -11.10
N VAL A 53 -2.91 -12.71 -12.07
CA VAL A 53 -2.80 -11.26 -12.03
C VAL A 53 -4.16 -10.61 -11.75
N GLN A 54 -5.01 -11.31 -11.01
CA GLN A 54 -6.33 -10.80 -10.67
C GLN A 54 -6.69 -11.15 -9.23
N CYS A 55 -6.29 -10.30 -8.30
CA CYS A 55 -6.57 -10.51 -6.88
C CYS A 55 -6.78 -9.15 -6.22
N TYR A 56 -7.95 -8.95 -5.60
CA TYR A 56 -8.24 -7.68 -4.95
C TYR A 56 -8.81 -7.86 -3.54
N LEU A 57 -8.67 -6.83 -2.71
CA LEU A 57 -9.19 -6.84 -1.35
C LEU A 57 -9.60 -5.44 -0.94
N PRO A 58 -10.83 -5.07 -1.17
CA PRO A 58 -11.36 -3.72 -0.83
C PRO A 58 -10.98 -3.28 0.59
N ASP A 59 -11.20 -4.17 1.55
CA ASP A 59 -10.91 -3.85 2.95
C ASP A 59 -9.47 -3.41 3.18
N ALA A 60 -8.56 -3.82 2.31
CA ALA A 60 -7.16 -3.43 2.46
C ALA A 60 -7.03 -1.91 2.55
N PHE A 61 -7.92 -1.20 1.85
CA PHE A 61 -7.92 0.26 1.84
C PHE A 61 -8.26 0.85 3.21
N LYS A 62 -9.30 0.29 3.83
CA LYS A 62 -9.73 0.80 5.14
C LYS A 62 -8.63 0.57 6.17
N ILE A 63 -7.97 -0.57 6.08
CA ILE A 63 -6.90 -0.90 7.01
C ILE A 63 -5.78 0.15 6.97
N MET A 64 -5.33 0.48 5.77
CA MET A 64 -4.26 1.46 5.62
C MET A 64 -4.75 2.85 5.97
N SER A 65 -6.00 3.15 5.64
CA SER A 65 -6.55 4.46 5.92
C SER A 65 -6.49 4.74 7.42
N GLN A 66 -6.88 3.77 8.22
CA GLN A 66 -6.85 3.92 9.68
C GLN A 66 -5.42 4.01 10.21
N ARG A 67 -4.53 3.24 9.60
CA ARG A 67 -3.13 3.19 10.03
C ARG A 67 -2.31 4.40 9.58
N CYS A 68 -2.60 4.96 8.41
CA CYS A 68 -1.80 6.08 7.91
C CYS A 68 -2.54 7.42 7.91
N ASN A 69 -3.87 7.40 7.92
CA ASN A 69 -4.60 8.66 7.89
C ASN A 69 -4.21 9.57 9.05
N ASN A 70 -4.07 10.85 8.73
CA ASN A 70 -3.74 11.85 9.73
C ASN A 70 -2.38 11.63 10.37
N ARG A 71 -1.57 10.75 9.80
CA ARG A 71 -0.24 10.51 10.36
C ARG A 71 0.84 10.94 9.36
N THR A 72 1.95 11.42 9.88
CA THR A 72 3.05 11.87 9.05
C THR A 72 3.71 10.67 8.37
N GLN A 73 3.76 9.55 9.08
CA GLN A 73 4.35 8.33 8.55
C GLN A 73 3.69 7.10 9.16
N CYS A 74 3.78 5.97 8.46
CA CYS A 74 3.18 4.74 8.97
C CYS A 74 3.89 3.51 8.43
N VAL A 75 4.03 2.51 9.29
CA VAL A 75 4.67 1.25 8.94
C VAL A 75 3.67 0.11 9.10
N VAL A 76 3.48 -0.69 8.05
CA VAL A 76 2.54 -1.80 8.12
C VAL A 76 3.11 -3.03 7.42
N VAL A 77 2.86 -4.20 8.00
CA VAL A 77 3.35 -5.42 7.39
C VAL A 77 2.54 -5.72 6.13
N ALA A 78 3.19 -5.65 4.98
CA ALA A 78 2.50 -5.91 3.73
C ALA A 78 2.09 -7.38 3.62
N GLY A 79 1.73 -7.97 4.75
CA GLY A 79 1.32 -9.37 4.76
C GLY A 79 0.93 -9.83 6.16
N SER A 80 1.60 -10.87 6.64
CA SER A 80 1.32 -11.42 7.97
C SER A 80 -0.16 -11.25 8.32
N ASP A 81 -0.48 -11.35 9.60
CA ASP A 81 -1.85 -11.23 10.06
C ASP A 81 -2.37 -9.80 9.89
N ALA A 82 -1.55 -8.94 9.29
CA ALA A 82 -1.94 -7.56 9.07
C ALA A 82 -2.83 -7.47 7.84
N PHE A 83 -2.87 -8.56 7.06
CA PHE A 83 -3.68 -8.57 5.86
C PHE A 83 -4.32 -9.96 5.64
N PRO A 84 -5.61 -10.00 5.41
CA PRO A 84 -6.32 -11.27 5.14
C PRO A 84 -5.64 -12.06 4.03
N ASP A 85 -6.43 -12.82 3.29
CA ASP A 85 -5.90 -13.63 2.19
C ASP A 85 -6.91 -13.67 1.05
N PRO A 86 -6.83 -12.72 0.15
CA PRO A 86 -7.76 -12.61 -1.01
C PRO A 86 -7.35 -13.46 -2.20
N CYS A 87 -6.19 -14.10 -2.10
CA CYS A 87 -5.71 -14.94 -3.21
C CYS A 87 -4.52 -15.78 -2.75
N PRO A 88 -4.76 -16.80 -1.98
CA PRO A 88 -3.69 -17.70 -1.47
C PRO A 88 -2.98 -18.46 -2.58
N GLY A 89 -1.74 -18.84 -2.32
CA GLY A 89 -0.95 -19.59 -3.29
C GLY A 89 -0.33 -18.66 -4.34
N THR A 90 -0.52 -17.37 -4.15
CA THR A 90 0.03 -16.39 -5.08
C THR A 90 0.85 -15.35 -4.32
N TYR A 91 1.89 -14.82 -4.96
CA TYR A 91 2.69 -13.81 -4.30
C TYR A 91 2.02 -12.45 -4.50
N LYS A 92 1.55 -11.89 -3.41
CA LYS A 92 0.81 -10.64 -3.46
C LYS A 92 1.68 -9.38 -3.35
N TYR A 93 0.98 -8.30 -3.06
CA TYR A 93 1.61 -7.00 -2.84
C TYR A 93 0.62 -5.98 -2.32
N LEU A 94 1.14 -4.81 -1.96
CA LEU A 94 0.29 -3.75 -1.46
C LEU A 94 0.66 -2.43 -2.12
N GLU A 95 -0.35 -1.77 -2.70
CA GLU A 95 -0.13 -0.49 -3.36
C GLU A 95 -1.01 0.56 -2.70
N VAL A 96 -0.41 1.67 -2.29
CA VAL A 96 -1.18 2.72 -1.61
C VAL A 96 -0.91 4.10 -2.20
N GLN A 97 -1.97 4.78 -2.61
CA GLN A 97 -1.82 6.12 -3.16
C GLN A 97 -2.43 7.12 -2.17
N TYR A 98 -1.66 8.16 -1.84
CA TYR A 98 -2.14 9.15 -0.88
C TYR A 98 -1.50 10.51 -1.09
N ASP A 99 -2.08 11.53 -0.46
CA ASP A 99 -1.57 12.89 -0.56
C ASP A 99 -1.12 13.40 0.81
N CYS A 100 -0.24 14.39 0.80
CA CYS A 100 0.24 14.97 2.05
C CYS A 100 -0.35 16.36 2.23
N VAL A 101 -1.12 16.56 3.29
CA VAL A 101 -1.73 17.85 3.56
C VAL A 101 -1.30 18.36 4.93
N PRO A 102 -1.33 19.66 5.14
CA PRO A 102 -0.93 20.26 6.44
C PRO A 102 -1.68 19.63 7.61
N TYR A 103 -1.03 19.54 8.77
CA TYR A 103 -1.67 18.96 9.94
C TYR A 103 -2.67 19.95 10.53
N LYS A 104 -2.72 21.13 9.94
CA LYS A 104 -3.64 22.17 10.40
C LYS A 104 -4.37 22.76 9.21
N VAL A 105 -5.68 22.53 9.15
CA VAL A 105 -6.47 23.03 8.04
C VAL A 105 -7.11 24.38 8.37
N GLU A 106 -6.96 25.31 7.44
CA GLU A 106 -7.53 26.65 7.60
C GLU A 106 -6.96 27.32 8.85
C1 NAG B . -8.33 13.26 10.53
C2 NAG B . -9.48 12.32 10.75
C3 NAG B . -10.76 12.95 10.23
C4 NAG B . -10.99 14.27 10.94
C5 NAG B . -9.77 15.16 10.78
C6 NAG B . -9.87 16.43 11.61
C7 NAG B . -9.50 9.90 10.66
C8 NAG B . -9.24 8.63 9.88
N2 NAG B . -9.24 11.05 10.04
O3 NAG B . -11.86 12.05 10.46
O4 NAG B . -12.14 14.91 10.37
O5 NAG B . -8.58 14.47 11.22
O6 NAG B . -8.68 17.23 11.50
O7 NAG B . -9.94 9.83 11.81
H1 NAG B . -8.23 13.48 9.48
H2 NAG B . -9.60 12.13 11.81
H3 NAG B . -10.64 13.14 9.17
H4 NAG B . -11.15 14.08 11.99
H5 NAG B . -9.64 15.42 9.74
H61 NAG B . -10.04 16.16 12.65
H62 NAG B . -10.73 16.99 11.28
H81 NAG B . -8.90 8.85 8.89
H82 NAG B . -10.15 8.04 9.81
H83 NAG B . -8.49 8.03 10.38
HN2 NAG B . -9.10 11.06 9.07
HO3 NAG B . -12.62 12.37 9.96
HO4 NAG B . -12.24 15.79 10.76
HO6 NAG B . -8.62 17.83 12.24
N GLY A 1 8.25 22.35 -6.60
CA GLY A 1 7.18 21.89 -7.51
C GLY A 1 5.93 21.57 -6.71
N LEU A 2 5.13 22.60 -6.42
CA LEU A 2 3.91 22.39 -5.65
C LEU A 2 3.17 21.16 -6.16
N PRO A 3 2.97 21.06 -7.45
CA PRO A 3 2.28 19.89 -8.07
C PRO A 3 2.80 18.56 -7.55
N PHE A 4 1.88 17.67 -7.23
CA PHE A 4 2.24 16.34 -6.72
C PHE A 4 2.51 15.40 -7.88
N GLY A 5 2.39 15.89 -9.10
CA GLY A 5 2.60 15.07 -10.28
C GLY A 5 1.50 14.02 -10.38
N LEU A 6 1.50 13.08 -9.44
CA LEU A 6 0.48 12.04 -9.41
C LEU A 6 0.38 11.43 -8.02
N MET A 7 0.21 12.30 -7.03
CA MET A 7 0.12 11.84 -5.65
C MET A 7 1.31 10.98 -5.30
N ARG A 8 1.45 10.64 -4.03
CA ARG A 8 2.54 9.80 -3.58
C ARG A 8 2.06 8.35 -3.55
N ARG A 9 2.95 7.41 -3.80
CA ARG A 9 2.56 6.01 -3.78
C ARG A 9 3.73 5.09 -3.43
N GLU A 10 3.39 4.05 -2.68
CA GLU A 10 4.37 3.05 -2.29
C GLU A 10 3.81 1.65 -2.51
N LEU A 11 4.69 0.71 -2.80
CA LEU A 11 4.28 -0.66 -3.01
C LEU A 11 5.32 -1.60 -2.39
N ALA A 12 4.85 -2.61 -1.67
CA ALA A 12 5.79 -3.55 -1.05
C ALA A 12 5.34 -4.99 -1.30
N CYS A 13 6.32 -5.86 -1.49
CA CYS A 13 6.05 -7.26 -1.75
C CYS A 13 5.43 -7.94 -0.54
N GLU A 14 4.44 -8.79 -0.79
CA GLU A 14 3.75 -9.50 0.27
C GLU A 14 4.72 -10.09 1.29
N GLY A 15 4.42 -9.86 2.56
CA GLY A 15 5.24 -10.40 3.64
C GLY A 15 6.27 -9.39 4.15
N TYR A 16 6.52 -8.31 3.43
CA TYR A 16 7.50 -7.33 3.91
C TYR A 16 6.80 -6.06 4.36
N PRO A 17 7.37 -5.38 5.31
CA PRO A 17 6.80 -4.10 5.84
C PRO A 17 6.85 -2.97 4.83
N ILE A 18 5.88 -2.07 4.92
CA ILE A 18 5.82 -0.92 4.03
C ILE A 18 5.84 0.34 4.89
N GLU A 19 6.51 1.37 4.39
CA GLU A 19 6.63 2.62 5.15
C GLU A 19 6.24 3.83 4.32
N LEU A 20 5.36 4.63 4.88
CA LEU A 20 4.93 5.85 4.22
C LEU A 20 5.41 7.05 5.03
N ARG A 21 5.82 8.10 4.35
CA ARG A 21 6.29 9.29 5.05
C ARG A 21 5.94 10.55 4.26
N CYS A 22 5.30 11.50 4.93
CA CYS A 22 4.95 12.76 4.30
C CYS A 22 6.00 13.81 4.62
N PRO A 23 6.33 14.64 3.67
CA PRO A 23 7.37 15.70 3.86
C PRO A 23 6.88 16.82 4.77
N GLY A 24 7.82 17.62 5.25
CA GLY A 24 7.48 18.74 6.12
C GLY A 24 6.55 18.30 7.24
N SER A 25 5.55 19.14 7.51
CA SER A 25 4.57 18.85 8.56
C SER A 25 3.27 18.36 7.96
N ASP A 26 3.34 17.83 6.75
CA ASP A 26 2.16 17.32 6.09
C ASP A 26 1.80 15.93 6.62
N VAL A 27 0.58 15.48 6.34
CA VAL A 27 0.16 14.16 6.80
C VAL A 27 -0.40 13.34 5.67
N ILE A 28 -0.22 12.04 5.77
CA ILE A 28 -0.70 11.12 4.74
C ILE A 28 -2.21 11.02 4.70
N MET A 29 -2.74 11.05 3.49
CA MET A 29 -4.17 10.89 3.31
C MET A 29 -4.41 9.85 2.22
N VAL A 30 -4.68 8.64 2.68
CA VAL A 30 -4.90 7.52 1.79
C VAL A 30 -6.12 7.77 0.90
N GLU A 31 -5.90 7.74 -0.41
CA GLU A 31 -6.99 7.92 -1.33
C GLU A 31 -7.40 6.55 -1.84
N ASN A 32 -6.43 5.74 -2.22
CA ASN A 32 -6.72 4.40 -2.72
C ASN A 32 -5.58 3.45 -2.38
N ALA A 33 -5.93 2.21 -2.08
CA ALA A 33 -4.94 1.19 -1.73
C ALA A 33 -5.58 -0.19 -1.77
N ASN A 34 -4.80 -1.21 -2.13
CA ASN A 34 -5.33 -2.56 -2.19
C ASN A 34 -4.25 -3.60 -1.89
N TYR A 35 -4.68 -4.78 -1.44
CA TYR A 35 -3.76 -5.87 -1.14
C TYR A 35 -4.11 -7.07 -1.99
N GLY A 36 -3.18 -7.52 -2.82
CA GLY A 36 -3.45 -8.65 -3.69
C GLY A 36 -2.43 -8.71 -4.82
N ARG A 37 -2.93 -9.03 -6.01
CA ARG A 37 -2.08 -9.12 -7.20
C ARG A 37 -2.91 -8.90 -8.45
N THR A 38 -2.62 -7.81 -9.15
CA THR A 38 -3.32 -7.47 -10.36
C THR A 38 -2.33 -7.25 -11.50
N ASP A 39 -1.07 -7.57 -11.24
CA ASP A 39 -0.01 -7.41 -12.22
C ASP A 39 1.05 -8.49 -11.99
N ASP A 40 1.83 -8.81 -13.01
CA ASP A 40 2.88 -9.81 -12.86
C ASP A 40 4.26 -9.16 -13.01
N LYS A 41 4.29 -7.85 -13.14
CA LYS A 41 5.56 -7.16 -13.31
C LYS A 41 6.02 -6.50 -12.02
N ILE A 42 5.28 -6.68 -10.94
CA ILE A 42 5.66 -6.06 -9.67
C ILE A 42 6.07 -7.13 -8.65
N CYS A 43 7.17 -6.88 -7.96
CA CYS A 43 7.67 -7.84 -6.97
C CYS A 43 7.94 -9.18 -7.63
N ASP A 44 8.95 -9.21 -8.51
CA ASP A 44 9.31 -10.42 -9.22
C ASP A 44 9.54 -11.60 -8.28
N ALA A 45 8.55 -12.48 -8.21
CA ALA A 45 8.64 -13.68 -7.38
C ALA A 45 8.59 -14.91 -8.29
N ASP A 46 8.38 -16.08 -7.71
CA ASP A 46 8.32 -17.30 -8.51
C ASP A 46 7.19 -17.19 -9.54
N PRO A 47 7.44 -17.65 -10.75
CA PRO A 47 6.44 -17.54 -11.86
C PRO A 47 5.09 -18.14 -11.48
N PHE A 48 5.11 -19.27 -10.80
CA PHE A 48 3.88 -19.95 -10.40
C PHE A 48 3.06 -19.05 -9.49
N GLN A 49 3.74 -18.31 -8.63
CA GLN A 49 3.06 -17.42 -7.70
C GLN A 49 2.81 -16.06 -8.36
N MET A 50 3.33 -15.90 -9.57
CA MET A 50 3.14 -14.66 -10.32
C MET A 50 2.16 -14.86 -11.47
N GLU A 51 1.67 -16.09 -11.62
CA GLU A 51 0.75 -16.40 -12.71
C GLU A 51 -0.58 -15.65 -12.61
N ASN A 52 -1.22 -15.66 -11.45
CA ASN A 52 -2.52 -15.00 -11.31
C ASN A 52 -2.42 -13.48 -11.13
N VAL A 53 -3.02 -12.75 -12.07
CA VAL A 53 -3.03 -11.28 -12.03
C VAL A 53 -4.44 -10.78 -11.75
N GLN A 54 -5.21 -11.55 -11.01
CA GLN A 54 -6.57 -11.18 -10.66
C GLN A 54 -6.87 -11.51 -9.21
N CYS A 55 -6.49 -10.60 -8.30
CA CYS A 55 -6.70 -10.80 -6.88
C CYS A 55 -6.96 -9.44 -6.22
N TYR A 56 -8.13 -9.29 -5.57
CA TYR A 56 -8.47 -8.02 -4.94
C TYR A 56 -8.96 -8.20 -3.50
N LEU A 57 -8.78 -7.16 -2.67
CA LEU A 57 -9.23 -7.17 -1.28
C LEU A 57 -9.65 -5.76 -0.87
N PRO A 58 -10.91 -5.44 -1.04
CA PRO A 58 -11.47 -4.09 -0.71
C PRO A 58 -11.09 -3.56 0.67
N ASP A 59 -11.21 -4.40 1.69
CA ASP A 59 -10.91 -3.98 3.06
C ASP A 59 -9.47 -3.48 3.20
N ALA A 60 -8.62 -3.86 2.26
CA ALA A 60 -7.23 -3.44 2.30
C ALA A 60 -7.12 -1.91 2.42
N PHE A 61 -8.00 -1.21 1.71
CA PHE A 61 -8.03 0.24 1.71
C PHE A 61 -8.35 0.82 3.09
N LYS A 62 -9.32 0.23 3.77
CA LYS A 62 -9.72 0.72 5.08
C LYS A 62 -8.60 0.52 6.11
N ILE A 63 -7.93 -0.62 6.05
CA ILE A 63 -6.86 -0.91 6.99
C ILE A 63 -5.74 0.12 6.93
N MET A 64 -5.27 0.42 5.73
CA MET A 64 -4.18 1.37 5.59
C MET A 64 -4.64 2.79 5.91
N SER A 65 -5.85 3.11 5.51
CA SER A 65 -6.39 4.43 5.77
C SER A 65 -6.43 4.73 7.27
N GLN A 66 -6.93 3.77 8.03
CA GLN A 66 -7.00 3.94 9.48
C GLN A 66 -5.60 4.00 10.10
N ARG A 67 -4.71 3.18 9.56
CA ARG A 67 -3.34 3.09 10.07
C ARG A 67 -2.45 4.29 9.66
N CYS A 68 -2.65 4.85 8.46
CA CYS A 68 -1.79 5.94 8.01
C CYS A 68 -2.51 7.29 7.91
N ASN A 69 -3.84 7.31 7.92
CA ASN A 69 -4.55 8.58 7.81
C ASN A 69 -4.18 9.54 8.94
N ASN A 70 -3.98 10.80 8.56
CA ASN A 70 -3.64 11.85 9.52
C ASN A 70 -2.27 11.65 10.18
N ARG A 71 -1.46 10.75 9.63
CA ARG A 71 -0.13 10.54 10.20
C ARG A 71 0.93 11.02 9.24
N THR A 72 2.01 11.56 9.80
CA THR A 72 3.12 12.03 9.00
C THR A 72 3.86 10.83 8.42
N GLN A 73 3.85 9.72 9.17
CA GLN A 73 4.49 8.49 8.73
C GLN A 73 3.75 7.29 9.29
N CYS A 74 3.82 6.18 8.58
CA CYS A 74 3.14 4.97 9.01
C CYS A 74 3.82 3.72 8.43
N VAL A 75 3.96 2.70 9.27
CA VAL A 75 4.58 1.45 8.85
C VAL A 75 3.64 0.29 9.14
N VAL A 76 3.37 -0.52 8.12
CA VAL A 76 2.47 -1.66 8.27
C VAL A 76 3.01 -2.89 7.55
N VAL A 77 2.71 -4.06 8.07
CA VAL A 77 3.16 -5.30 7.46
C VAL A 77 2.29 -5.65 6.25
N ALA A 78 2.89 -5.63 5.08
CA ALA A 78 2.17 -5.92 3.85
C ALA A 78 1.76 -7.39 3.77
N GLY A 79 1.41 -7.97 4.90
CA GLY A 79 1.00 -9.37 4.94
C GLY A 79 0.63 -9.79 6.36
N SER A 80 1.35 -10.79 6.87
CA SER A 80 1.08 -11.30 8.22
C SER A 80 -0.38 -11.10 8.62
N ASP A 81 -0.64 -11.09 9.91
CA ASP A 81 -2.02 -10.93 10.40
C ASP A 81 -2.52 -9.51 10.15
N ALA A 82 -1.69 -8.68 9.54
CA ALA A 82 -2.09 -7.30 9.27
C ALA A 82 -2.95 -7.25 8.01
N PHE A 83 -2.93 -8.32 7.22
CA PHE A 83 -3.72 -8.38 6.00
C PHE A 83 -4.32 -9.77 5.80
N PRO A 84 -5.59 -9.86 5.52
CA PRO A 84 -6.26 -11.17 5.25
C PRO A 84 -5.52 -11.96 4.17
N ASP A 85 -6.26 -12.78 3.43
CA ASP A 85 -5.68 -13.59 2.37
C ASP A 85 -6.70 -13.75 1.24
N PRO A 86 -6.64 -12.90 0.24
CA PRO A 86 -7.60 -12.91 -0.90
C PRO A 86 -7.25 -13.89 -2.03
N CYS A 87 -6.04 -14.45 -2.01
CA CYS A 87 -5.65 -15.38 -3.06
C CYS A 87 -4.38 -16.14 -2.69
N PRO A 88 -4.45 -16.98 -1.68
CA PRO A 88 -3.28 -17.78 -1.24
C PRO A 88 -2.73 -18.62 -2.41
N GLY A 89 -1.46 -18.94 -2.35
CA GLY A 89 -0.83 -19.73 -3.40
C GLY A 89 -0.19 -18.81 -4.44
N THR A 90 -0.40 -17.51 -4.28
CA THR A 90 0.16 -16.52 -5.20
C THR A 90 0.94 -15.48 -4.41
N TYR A 91 2.00 -14.94 -5.01
CA TYR A 91 2.79 -13.91 -4.34
C TYR A 91 2.07 -12.58 -4.51
N LYS A 92 1.59 -12.04 -3.40
CA LYS A 92 0.82 -10.80 -3.45
C LYS A 92 1.69 -9.54 -3.28
N TYR A 93 1.00 -8.47 -2.93
CA TYR A 93 1.65 -7.19 -2.66
C TYR A 93 0.63 -6.18 -2.14
N LEU A 94 1.13 -5.01 -1.76
CA LEU A 94 0.28 -3.95 -1.26
C LEU A 94 0.64 -2.64 -1.93
N GLU A 95 -0.36 -1.98 -2.50
CA GLU A 95 -0.15 -0.70 -3.17
C GLU A 95 -0.96 0.37 -2.47
N VAL A 96 -0.33 1.49 -2.13
CA VAL A 96 -1.04 2.56 -1.42
C VAL A 96 -0.77 3.93 -2.05
N GLN A 97 -1.84 4.58 -2.49
CA GLN A 97 -1.72 5.91 -3.09
C GLN A 97 -2.30 6.94 -2.12
N TYR A 98 -1.56 8.01 -1.89
CA TYR A 98 -2.01 9.03 -0.95
C TYR A 98 -1.39 10.39 -1.26
N ASP A 99 -1.86 11.39 -0.54
CA ASP A 99 -1.36 12.75 -0.71
C ASP A 99 -0.88 13.29 0.63
N CYS A 100 0.03 14.27 0.61
CA CYS A 100 0.54 14.84 1.85
C CYS A 100 0.00 16.24 2.04
N VAL A 101 -0.79 16.43 3.09
CA VAL A 101 -1.39 17.73 3.38
C VAL A 101 -0.96 18.23 4.75
N PRO A 102 -0.96 19.53 4.97
CA PRO A 102 -0.56 20.10 6.29
C PRO A 102 -1.36 19.52 7.46
N TYR A 103 -0.72 19.38 8.61
CA TYR A 103 -1.41 18.85 9.79
C TYR A 103 -2.31 19.92 10.40
N LYS A 104 -3.58 19.56 10.60
CA LYS A 104 -4.56 20.50 11.16
C LYS A 104 -5.14 19.95 12.46
N VAL A 105 -5.21 20.81 13.48
CA VAL A 105 -5.80 20.40 14.76
C VAL A 105 -7.22 20.92 14.87
N GLU A 106 -8.10 20.10 15.42
CA GLU A 106 -9.49 20.51 15.58
C GLU A 106 -10.08 20.92 14.22
C1 NAG B . -8.21 13.43 10.33
C2 NAG B . -9.35 12.50 10.61
C3 NAG B . -10.64 13.10 10.11
C4 NAG B . -10.85 14.45 10.75
C5 NAG B . -9.64 15.34 10.50
C6 NAG B . -9.75 16.67 11.24
C7 NAG B . -9.72 10.12 10.40
C8 NAG B . -9.43 8.83 9.69
N2 NAG B . -9.11 11.21 9.96
O3 NAG B . -11.72 12.22 10.42
O4 NAG B . -12.03 15.06 10.21
O5 NAG B . -8.43 14.68 10.95
O6 NAG B . -8.73 17.58 10.83
O7 NAG B . -10.52 10.14 11.34
H1 NAG B . -8.13 13.61 9.26
H2 NAG B . -9.42 12.36 11.68
H3 NAG B . -10.56 13.23 9.04
H4 NAG B . -10.97 14.31 11.81
H5 NAG B . -9.55 15.53 9.44
H61 NAG B . -9.68 16.49 12.31
H62 NAG B . -10.73 17.10 11.05
H81 NAG B . -10.29 8.52 9.10
H82 NAG B . -9.20 8.05 10.40
H83 NAG B . -8.58 8.95 9.02
HN2 NAG B . -8.42 11.13 9.27
HO3 NAG B . -12.40 12.70 10.90
HO4 NAG B . -12.39 15.69 10.84
HO6 NAG B . -8.52 17.43 9.90
N GLY A 1 15.21 9.80 -9.16
CA GLY A 1 14.11 8.80 -9.16
C GLY A 1 12.90 9.37 -9.89
N LEU A 2 13.07 10.58 -10.45
CA LEU A 2 12.00 11.23 -11.18
C LEU A 2 10.72 11.28 -10.35
N PRO A 3 10.65 12.18 -9.42
CA PRO A 3 9.46 12.34 -8.53
C PRO A 3 8.17 12.41 -9.34
N PHE A 4 7.07 12.02 -8.71
CA PHE A 4 5.77 12.03 -9.38
C PHE A 4 5.20 13.44 -9.41
N GLY A 5 5.55 14.24 -8.40
CA GLY A 5 5.04 15.61 -8.34
C GLY A 5 3.52 15.59 -8.25
N LEU A 6 2.95 14.41 -8.05
CA LEU A 6 1.51 14.27 -7.95
C LEU A 6 1.11 12.96 -7.29
N MET A 7 0.44 13.07 -6.16
CA MET A 7 -0.01 11.89 -5.44
C MET A 7 1.14 10.94 -5.18
N ARG A 8 1.25 10.52 -3.94
CA ARG A 8 2.29 9.59 -3.53
C ARG A 8 1.80 8.17 -3.65
N ARG A 9 2.72 7.26 -3.92
CA ARG A 9 2.37 5.87 -4.07
C ARG A 9 3.49 4.98 -3.56
N GLU A 10 3.14 4.03 -2.71
CA GLU A 10 4.12 3.10 -2.17
C GLU A 10 3.67 1.67 -2.39
N LEU A 11 4.65 0.79 -2.63
CA LEU A 11 4.33 -0.60 -2.87
C LEU A 11 5.34 -1.50 -2.15
N ALA A 12 4.87 -2.60 -1.58
CA ALA A 12 5.77 -3.51 -0.86
C ALA A 12 5.43 -4.96 -1.20
N CYS A 13 6.47 -5.77 -1.42
CA CYS A 13 6.25 -7.17 -1.76
C CYS A 13 5.61 -7.91 -0.60
N GLU A 14 4.69 -8.80 -0.93
CA GLU A 14 3.98 -9.58 0.09
C GLU A 14 4.93 -10.13 1.15
N GLY A 15 4.60 -9.84 2.41
CA GLY A 15 5.36 -10.34 3.53
C GLY A 15 6.39 -9.34 4.07
N TYR A 16 6.65 -8.25 3.35
CA TYR A 16 7.61 -7.26 3.85
C TYR A 16 6.88 -6.02 4.32
N PRO A 17 7.45 -5.27 5.22
CA PRO A 17 6.82 -4.03 5.73
C PRO A 17 6.83 -2.90 4.70
N ILE A 18 5.85 -2.00 4.80
CA ILE A 18 5.75 -0.87 3.89
C ILE A 18 5.83 0.43 4.69
N GLU A 19 6.39 1.48 4.09
CA GLU A 19 6.51 2.74 4.80
C GLU A 19 6.01 3.92 3.99
N LEU A 20 5.16 4.71 4.62
CA LEU A 20 4.60 5.90 3.99
C LEU A 20 5.09 7.12 4.78
N ARG A 21 5.50 8.18 4.09
CA ARG A 21 5.98 9.38 4.78
C ARG A 21 5.59 10.66 4.05
N CYS A 22 5.21 11.67 4.83
CA CYS A 22 4.82 12.96 4.27
C CYS A 22 5.93 14.01 4.47
N PRO A 23 6.10 14.89 3.51
CA PRO A 23 7.14 15.96 3.58
C PRO A 23 6.78 17.04 4.61
N GLY A 24 7.77 17.80 5.04
CA GLY A 24 7.54 18.89 5.99
C GLY A 24 6.74 18.40 7.20
N SER A 25 5.65 19.12 7.47
CA SER A 25 4.78 18.77 8.58
C SER A 25 3.41 18.32 8.10
N ASP A 26 3.36 17.83 6.86
CA ASP A 26 2.10 17.36 6.30
C ASP A 26 1.74 15.98 6.87
N VAL A 27 0.51 15.54 6.63
CA VAL A 27 0.07 14.24 7.13
C VAL A 27 -0.50 13.41 5.98
N ILE A 28 -0.27 12.11 6.04
CA ILE A 28 -0.73 11.19 5.01
C ILE A 28 -2.25 11.05 4.98
N MET A 29 -2.81 11.02 3.76
CA MET A 29 -4.24 10.84 3.60
C MET A 29 -4.49 9.78 2.53
N VAL A 30 -4.79 8.57 2.99
CA VAL A 30 -5.01 7.44 2.10
C VAL A 30 -6.26 7.64 1.24
N GLU A 31 -6.09 7.54 -0.08
CA GLU A 31 -7.23 7.69 -1.00
C GLU A 31 -7.66 6.32 -1.49
N ASN A 32 -6.69 5.52 -1.91
CA ASN A 32 -6.99 4.19 -2.42
C ASN A 32 -5.82 3.23 -2.14
N ALA A 33 -6.15 1.96 -1.96
CA ALA A 33 -5.14 0.95 -1.67
C ALA A 33 -5.71 -0.45 -1.89
N ASN A 34 -4.84 -1.41 -2.20
CA ASN A 34 -5.27 -2.77 -2.43
C ASN A 34 -4.19 -3.78 -2.05
N TYR A 35 -4.60 -4.88 -1.43
CA TYR A 35 -3.66 -5.93 -1.06
C TYR A 35 -3.96 -7.15 -1.91
N GLY A 36 -2.99 -7.56 -2.72
CA GLY A 36 -3.20 -8.70 -3.60
C GLY A 36 -2.17 -8.69 -4.72
N ARG A 37 -2.64 -8.98 -5.93
CA ARG A 37 -1.75 -9.00 -7.10
C ARG A 37 -2.54 -8.74 -8.38
N THR A 38 -2.17 -7.68 -9.08
CA THR A 38 -2.84 -7.31 -10.32
C THR A 38 -1.85 -7.29 -11.48
N ASP A 39 -0.62 -7.77 -11.23
CA ASP A 39 0.40 -7.81 -12.26
C ASP A 39 1.24 -9.08 -12.08
N ASP A 40 2.41 -9.11 -12.73
CA ASP A 40 3.30 -10.26 -12.64
C ASP A 40 4.75 -9.81 -12.77
N LYS A 41 4.94 -8.51 -12.98
CA LYS A 41 6.27 -7.97 -13.15
C LYS A 41 6.75 -7.24 -11.91
N ILE A 42 5.96 -7.28 -10.83
CA ILE A 42 6.35 -6.60 -9.59
C ILE A 42 6.75 -7.63 -8.54
N CYS A 43 7.83 -7.36 -7.83
CA CYS A 43 8.29 -8.28 -6.81
C CYS A 43 8.47 -9.66 -7.45
N ASP A 44 9.48 -9.76 -8.30
CA ASP A 44 9.75 -10.99 -9.02
C ASP A 44 9.78 -12.20 -8.07
N ALA A 45 8.70 -12.98 -8.09
CA ALA A 45 8.60 -14.18 -7.28
C ALA A 45 8.40 -15.39 -8.18
N ASP A 46 7.99 -16.53 -7.62
CA ASP A 46 7.80 -17.72 -8.44
C ASP A 46 6.71 -17.50 -9.50
N PRO A 47 6.89 -18.08 -10.66
CA PRO A 47 5.93 -17.94 -11.78
C PRO A 47 4.54 -18.46 -11.45
N PHE A 48 4.48 -19.57 -10.73
CA PHE A 48 3.20 -20.16 -10.37
C PHE A 48 2.42 -19.20 -9.48
N GLN A 49 3.16 -18.42 -8.69
CA GLN A 49 2.52 -17.45 -7.82
C GLN A 49 2.34 -16.11 -8.53
N MET A 50 2.99 -15.97 -9.68
CA MET A 50 2.90 -14.72 -10.43
C MET A 50 1.97 -14.84 -11.64
N GLU A 51 1.43 -16.04 -11.88
CA GLU A 51 0.54 -16.23 -13.03
C GLU A 51 -0.76 -15.47 -12.90
N ASN A 52 -1.40 -15.52 -11.72
CA ASN A 52 -2.68 -14.83 -11.56
C ASN A 52 -2.49 -13.34 -11.29
N VAL A 53 -2.96 -12.54 -12.24
CA VAL A 53 -2.85 -11.09 -12.12
C VAL A 53 -4.21 -10.47 -11.77
N GLN A 54 -5.00 -11.19 -10.98
CA GLN A 54 -6.31 -10.68 -10.57
C GLN A 54 -6.62 -11.07 -9.13
N CYS A 55 -6.17 -10.24 -8.21
CA CYS A 55 -6.40 -10.47 -6.79
C CYS A 55 -6.58 -9.11 -6.13
N TYR A 56 -7.75 -8.86 -5.55
CA TYR A 56 -8.01 -7.56 -4.92
C TYR A 56 -8.57 -7.73 -3.52
N LEU A 57 -8.35 -6.70 -2.69
CA LEU A 57 -8.85 -6.71 -1.31
C LEU A 57 -9.28 -5.29 -0.94
N PRO A 58 -10.49 -4.94 -1.24
CA PRO A 58 -11.04 -3.58 -0.96
C PRO A 58 -10.77 -3.08 0.46
N ASP A 59 -11.06 -3.90 1.47
CA ASP A 59 -10.86 -3.48 2.86
C ASP A 59 -9.41 -3.10 3.11
N ALA A 60 -8.48 -3.60 2.30
CA ALA A 60 -7.09 -3.26 2.51
C ALA A 60 -6.91 -1.75 2.59
N PHE A 61 -7.76 -1.03 1.86
CA PHE A 61 -7.72 0.42 1.85
C PHE A 61 -8.08 1.00 3.23
N LYS A 62 -9.10 0.42 3.87
CA LYS A 62 -9.54 0.91 5.17
C LYS A 62 -8.46 0.66 6.23
N ILE A 63 -7.81 -0.49 6.15
CA ILE A 63 -6.77 -0.83 7.12
C ILE A 63 -5.63 0.19 7.07
N MET A 64 -5.17 0.50 5.86
CA MET A 64 -4.10 1.45 5.68
C MET A 64 -4.55 2.86 6.01
N SER A 65 -5.79 3.18 5.65
CA SER A 65 -6.33 4.50 5.92
C SER A 65 -6.34 4.80 7.41
N GLN A 66 -6.82 3.83 8.19
CA GLN A 66 -6.87 4.00 9.64
C GLN A 66 -5.46 4.10 10.25
N ARG A 67 -4.53 3.35 9.67
CA ARG A 67 -3.16 3.32 10.18
C ARG A 67 -2.30 4.53 9.76
N CYS A 68 -2.56 5.11 8.59
CA CYS A 68 -1.73 6.22 8.12
C CYS A 68 -2.47 7.57 8.07
N ASN A 69 -3.78 7.56 8.04
CA ASN A 69 -4.52 8.81 7.96
C ASN A 69 -4.14 9.76 9.09
N ASN A 70 -3.86 11.01 8.71
CA ASN A 70 -3.50 12.07 9.66
C ASN A 70 -2.15 11.86 10.31
N ARG A 71 -1.34 10.96 9.77
CA ARG A 71 -0.02 10.74 10.32
C ARG A 71 1.04 11.16 9.31
N THR A 72 2.14 11.67 9.83
CA THR A 72 3.24 12.10 8.99
C THR A 72 3.89 10.88 8.35
N GLN A 73 3.82 9.76 9.06
CA GLN A 73 4.38 8.50 8.57
C GLN A 73 3.65 7.30 9.17
N CYS A 74 3.74 6.16 8.50
CA CYS A 74 3.09 4.96 9.00
C CYS A 74 3.76 3.69 8.45
N VAL A 75 3.91 2.69 9.32
CA VAL A 75 4.52 1.42 8.92
C VAL A 75 3.53 0.28 9.11
N VAL A 76 3.33 -0.50 8.06
CA VAL A 76 2.40 -1.64 8.11
C VAL A 76 3.00 -2.87 7.44
N VAL A 77 2.70 -4.04 7.99
CA VAL A 77 3.20 -5.27 7.42
C VAL A 77 2.37 -5.62 6.20
N ALA A 78 2.99 -5.60 5.03
CA ALA A 78 2.28 -5.89 3.79
C ALA A 78 1.92 -7.37 3.69
N GLY A 79 1.57 -7.98 4.82
CA GLY A 79 1.21 -9.38 4.83
C GLY A 79 0.82 -9.85 6.23
N SER A 80 1.54 -10.85 6.74
CA SER A 80 1.26 -11.39 8.06
C SER A 80 -0.21 -11.23 8.43
N ASP A 81 -0.49 -11.27 9.73
CA ASP A 81 -1.85 -11.14 10.22
C ASP A 81 -2.38 -9.73 9.98
N ALA A 82 -1.58 -8.89 9.33
CA ALA A 82 -2.00 -7.52 9.06
C ALA A 82 -2.86 -7.47 7.81
N PHE A 83 -2.81 -8.53 7.02
CA PHE A 83 -3.60 -8.59 5.81
C PHE A 83 -4.11 -10.02 5.57
N PRO A 84 -5.39 -10.19 5.39
CA PRO A 84 -5.99 -11.53 5.14
C PRO A 84 -5.29 -12.25 4.00
N ASP A 85 -6.07 -12.97 3.21
CA ASP A 85 -5.53 -13.68 2.06
C ASP A 85 -6.52 -13.64 0.91
N PRO A 86 -6.51 -12.58 0.15
CA PRO A 86 -7.44 -12.38 -0.99
C PRO A 86 -7.13 -13.30 -2.18
N CYS A 87 -6.03 -14.04 -2.07
CA CYS A 87 -5.64 -14.96 -3.14
C CYS A 87 -4.53 -15.89 -2.67
N PRO A 88 -4.85 -16.84 -1.85
CA PRO A 88 -3.86 -17.82 -1.34
C PRO A 88 -3.17 -18.55 -2.49
N GLY A 89 -1.90 -18.84 -2.32
CA GLY A 89 -1.16 -19.56 -3.36
C GLY A 89 -0.54 -18.61 -4.39
N THR A 90 -0.88 -17.32 -4.34
CA THR A 90 -0.31 -16.36 -5.29
C THR A 90 0.56 -15.35 -4.55
N TYR A 91 1.61 -14.85 -5.20
CA TYR A 91 2.48 -13.87 -4.56
C TYR A 91 1.84 -12.50 -4.68
N LYS A 92 1.46 -11.94 -3.55
CA LYS A 92 0.77 -10.66 -3.52
C LYS A 92 1.69 -9.45 -3.35
N TYR A 93 1.04 -8.37 -2.95
CA TYR A 93 1.70 -7.11 -2.64
C TYR A 93 0.71 -6.12 -2.08
N LEU A 94 1.22 -4.97 -1.66
CA LEU A 94 0.37 -3.93 -1.11
C LEU A 94 0.68 -2.63 -1.83
N GLU A 95 -0.34 -2.04 -2.44
CA GLU A 95 -0.16 -0.79 -3.16
C GLU A 95 -1.06 0.27 -2.58
N VAL A 96 -0.49 1.40 -2.18
CA VAL A 96 -1.31 2.45 -1.60
C VAL A 96 -1.05 3.82 -2.20
N GLN A 97 -2.13 4.46 -2.64
CA GLN A 97 -2.05 5.80 -3.22
C GLN A 97 -2.59 6.79 -2.19
N TYR A 98 -1.79 7.80 -1.84
CA TYR A 98 -2.23 8.77 -0.86
C TYR A 98 -1.61 10.15 -1.11
N ASP A 99 -2.12 11.16 -0.42
CA ASP A 99 -1.61 12.52 -0.58
C ASP A 99 -1.19 13.09 0.77
N CYS A 100 -0.36 14.13 0.74
CA CYS A 100 0.11 14.76 1.97
C CYS A 100 -0.52 16.15 2.14
N VAL A 101 -1.37 16.31 3.15
CA VAL A 101 -2.02 17.60 3.40
C VAL A 101 -1.64 18.15 4.77
N PRO A 102 -1.78 19.44 4.98
CA PRO A 102 -1.45 20.09 6.30
C PRO A 102 -2.25 19.49 7.46
N TYR A 103 -1.66 19.51 8.66
CA TYR A 103 -2.32 18.98 9.84
C TYR A 103 -3.37 19.93 10.40
N LYS A 104 -3.36 21.18 9.96
CA LYS A 104 -4.34 22.15 10.45
C LYS A 104 -5.57 22.18 9.55
N VAL A 105 -6.75 22.28 10.16
CA VAL A 105 -7.99 22.31 9.40
C VAL A 105 -8.42 23.75 9.11
N GLU A 106 -8.87 23.99 7.88
CA GLU A 106 -9.30 25.33 7.48
C GLU A 106 -8.22 26.36 7.80
C1 NAG B . -8.15 13.46 10.29
C2 NAG B . -9.26 12.47 10.56
C3 NAG B . -10.55 13.00 9.99
C4 NAG B . -10.85 14.34 10.61
C5 NAG B . -9.68 15.27 10.34
C6 NAG B . -9.89 16.63 11.04
C7 NAG B . -9.49 10.07 10.39
C8 NAG B . -9.12 8.78 9.71
N2 NAG B . -8.93 11.17 9.95
O3 NAG B . -11.61 12.06 10.27
O4 NAG B . -12.06 14.87 10.04
O5 NAG B . -8.46 14.71 10.86
O6 NAG B . -8.65 17.14 11.56
O7 NAG B . -10.31 10.05 11.32
H1 NAG B . -8.05 13.59 9.22
H2 NAG B . -9.37 12.36 11.63
H3 NAG B . -10.45 13.11 8.92
H4 NAG B . -10.97 14.21 11.67
H5 NAG B . -9.57 15.43 9.29
H61 NAG B . -10.61 16.51 11.83
H62 NAG B . -10.30 17.32 10.31
H81 NAG B . -8.10 8.51 9.96
H82 NAG B . -9.20 8.88 8.64
H83 NAG B . -9.77 7.97 10.04
HN2 NAG B . -8.28 11.14 9.22
HO3 NAG B . -11.61 11.38 9.61
HO4 NAG B . -12.65 15.14 10.75
HO6 NAG B . -8.19 16.44 12.03
N GLY A 1 -1.78 18.70 -5.94
CA GLY A 1 -1.75 19.87 -6.87
C GLY A 1 -0.78 20.92 -6.35
N LEU A 2 -1.14 21.57 -5.24
CA LEU A 2 -0.29 22.58 -4.65
C LEU A 2 1.14 22.07 -4.48
N PRO A 3 1.31 20.93 -3.84
CA PRO A 3 2.65 20.32 -3.60
C PRO A 3 3.28 19.77 -4.89
N PHE A 4 3.39 18.45 -5.02
CA PHE A 4 3.99 17.86 -6.22
C PHE A 4 3.01 17.88 -7.39
N GLY A 5 1.75 17.58 -7.09
CA GLY A 5 0.73 17.57 -8.13
C GLY A 5 0.84 16.34 -9.01
N LEU A 6 1.08 15.18 -8.40
CA LEU A 6 1.19 13.93 -9.14
C LEU A 6 0.92 12.72 -8.24
N MET A 7 0.40 13.00 -7.04
CA MET A 7 0.06 11.95 -6.08
C MET A 7 1.26 11.06 -5.75
N ARG A 8 1.36 10.70 -4.48
CA ARG A 8 2.43 9.83 -4.01
C ARG A 8 1.95 8.38 -4.01
N ARG A 9 2.85 7.44 -4.26
CA ARG A 9 2.46 6.04 -4.27
C ARG A 9 3.59 5.11 -3.86
N GLU A 10 3.23 4.10 -3.08
CA GLU A 10 4.20 3.11 -2.62
C GLU A 10 3.64 1.72 -2.81
N LEU A 11 4.51 0.79 -3.12
CA LEU A 11 4.10 -0.59 -3.29
C LEU A 11 5.13 -1.48 -2.61
N ALA A 12 4.67 -2.52 -1.91
CA ALA A 12 5.59 -3.41 -1.22
C ALA A 12 5.20 -4.86 -1.40
N CYS A 13 6.20 -5.72 -1.50
CA CYS A 13 5.98 -7.14 -1.71
C CYS A 13 5.35 -7.79 -0.49
N GLU A 14 4.35 -8.62 -0.75
CA GLU A 14 3.65 -9.32 0.31
C GLU A 14 4.63 -9.95 1.30
N GLY A 15 4.33 -9.81 2.58
CA GLY A 15 5.15 -10.40 3.62
C GLY A 15 6.20 -9.44 4.16
N TYR A 16 6.49 -8.36 3.44
CA TYR A 16 7.48 -7.40 3.92
C TYR A 16 6.80 -6.10 4.35
N PRO A 17 7.37 -5.42 5.32
CA PRO A 17 6.79 -4.15 5.81
C PRO A 17 6.89 -3.01 4.80
N ILE A 18 5.93 -2.10 4.85
CA ILE A 18 5.91 -0.95 3.95
C ILE A 18 5.93 0.33 4.78
N GLU A 19 6.57 1.37 4.25
CA GLU A 19 6.64 2.62 4.99
C GLU A 19 6.24 3.81 4.13
N LEU A 20 5.30 4.59 4.63
CA LEU A 20 4.83 5.77 3.95
C LEU A 20 5.28 7.00 4.75
N ARG A 21 5.71 8.06 4.06
CA ARG A 21 6.15 9.25 4.78
C ARG A 21 5.79 10.51 4.01
N CYS A 22 5.22 11.49 4.73
CA CYS A 22 4.86 12.76 4.12
C CYS A 22 5.92 13.81 4.42
N PRO A 23 6.19 14.68 3.49
CA PRO A 23 7.21 15.75 3.66
C PRO A 23 6.80 16.79 4.70
N GLY A 24 7.78 17.53 5.18
CA GLY A 24 7.53 18.59 6.16
C GLY A 24 6.67 18.12 7.33
N SER A 25 5.68 18.94 7.65
CA SER A 25 4.75 18.65 8.74
C SER A 25 3.41 18.16 8.20
N ASP A 26 3.43 17.62 7.00
CA ASP A 26 2.21 17.12 6.37
C ASP A 26 1.83 15.75 6.92
N VAL A 27 0.61 15.34 6.62
CA VAL A 27 0.11 14.05 7.06
C VAL A 27 -0.39 13.24 5.88
N ILE A 28 -0.21 11.92 5.97
CA ILE A 28 -0.64 11.02 4.91
C ILE A 28 -2.17 10.91 4.84
N MET A 29 -2.70 10.93 3.63
CA MET A 29 -4.14 10.79 3.45
C MET A 29 -4.41 9.74 2.36
N VAL A 30 -4.70 8.54 2.83
CA VAL A 30 -4.95 7.42 1.93
C VAL A 30 -6.22 7.63 1.11
N GLU A 31 -6.07 7.54 -0.21
CA GLU A 31 -7.20 7.71 -1.11
C GLU A 31 -7.64 6.35 -1.63
N ASN A 32 -6.66 5.55 -2.09
CA ASN A 32 -6.96 4.23 -2.62
C ASN A 32 -5.81 3.27 -2.37
N ALA A 33 -6.16 2.00 -2.16
CA ALA A 33 -5.15 0.98 -1.92
C ALA A 33 -5.77 -0.40 -2.06
N ASN A 34 -4.93 -1.39 -2.38
CA ASN A 34 -5.41 -2.76 -2.53
C ASN A 34 -4.32 -3.75 -2.14
N TYR A 35 -4.74 -4.86 -1.55
CA TYR A 35 -3.81 -5.91 -1.15
C TYR A 35 -4.10 -7.15 -1.99
N GLY A 36 -3.14 -7.56 -2.79
CA GLY A 36 -3.34 -8.72 -3.65
C GLY A 36 -2.35 -8.72 -4.79
N ARG A 37 -2.84 -8.96 -5.99
CA ARG A 37 -1.99 -9.00 -7.16
C ARG A 37 -2.77 -8.67 -8.43
N THR A 38 -2.36 -7.57 -9.08
CA THR A 38 -3.01 -7.14 -10.32
C THR A 38 -1.99 -7.03 -11.43
N ASP A 39 -0.75 -7.41 -11.12
CA ASP A 39 0.32 -7.37 -12.10
C ASP A 39 1.30 -8.49 -11.81
N ASP A 40 2.04 -8.91 -12.82
CA ASP A 40 3.01 -9.98 -12.64
C ASP A 40 4.42 -9.46 -12.83
N LYS A 41 4.54 -8.15 -13.05
CA LYS A 41 5.84 -7.53 -13.27
C LYS A 41 6.31 -6.77 -12.03
N ILE A 42 5.55 -6.84 -10.95
CA ILE A 42 5.91 -6.14 -9.71
C ILE A 42 6.27 -7.14 -8.63
N CYS A 43 7.32 -6.85 -7.87
CA CYS A 43 7.74 -7.75 -6.82
C CYS A 43 8.02 -9.13 -7.40
N ASP A 44 9.09 -9.23 -8.18
CA ASP A 44 9.46 -10.49 -8.83
C ASP A 44 9.65 -11.62 -7.81
N ALA A 45 8.82 -12.64 -7.94
CA ALA A 45 8.89 -13.82 -7.07
C ALA A 45 8.80 -15.05 -7.97
N ASP A 46 8.48 -16.20 -7.40
CA ASP A 46 8.35 -17.39 -8.24
C ASP A 46 7.20 -17.16 -9.22
N PRO A 47 7.39 -17.47 -10.47
CA PRO A 47 6.36 -17.23 -11.51
C PRO A 47 5.01 -17.88 -11.21
N PHE A 48 5.04 -19.05 -10.58
CA PHE A 48 3.80 -19.74 -10.24
C PHE A 48 2.96 -18.90 -9.29
N GLN A 49 3.62 -18.20 -8.38
CA GLN A 49 2.92 -17.35 -7.44
C GLN A 49 2.64 -15.97 -8.03
N MET A 50 3.08 -15.77 -9.27
CA MET A 50 2.86 -14.49 -9.93
C MET A 50 2.03 -14.67 -11.20
N GLU A 51 1.61 -15.89 -11.49
CA GLU A 51 0.83 -16.15 -12.69
C GLU A 51 -0.51 -15.42 -12.67
N ASN A 52 -1.20 -15.44 -11.53
CA ASN A 52 -2.51 -14.79 -11.41
C ASN A 52 -2.39 -13.28 -11.21
N VAL A 53 -2.90 -12.51 -12.18
CA VAL A 53 -2.86 -11.04 -12.07
C VAL A 53 -4.24 -10.48 -11.76
N GLN A 54 -5.02 -11.23 -10.98
CA GLN A 54 -6.36 -10.79 -10.62
C GLN A 54 -6.69 -11.16 -9.17
N CYS A 55 -6.25 -10.33 -8.23
CA CYS A 55 -6.52 -10.55 -6.81
C CYS A 55 -6.75 -9.21 -6.13
N TYR A 56 -7.89 -9.07 -5.44
CA TYR A 56 -8.20 -7.80 -4.79
C TYR A 56 -8.74 -7.98 -3.38
N LEU A 57 -8.54 -6.95 -2.55
CA LEU A 57 -9.04 -6.96 -1.18
C LEU A 57 -9.39 -5.52 -0.76
N PRO A 58 -10.62 -5.12 -0.94
CA PRO A 58 -11.08 -3.74 -0.60
C PRO A 58 -10.69 -3.31 0.81
N ASP A 59 -10.87 -4.20 1.79
CA ASP A 59 -10.56 -3.87 3.18
C ASP A 59 -9.14 -3.35 3.33
N ALA A 60 -8.29 -3.64 2.35
CA ALA A 60 -6.91 -3.18 2.39
C ALA A 60 -6.86 -1.66 2.55
N PHE A 61 -7.83 -0.98 1.94
CA PHE A 61 -7.92 0.48 1.99
C PHE A 61 -8.24 0.99 3.39
N LYS A 62 -9.22 0.37 4.05
CA LYS A 62 -9.61 0.82 5.37
C LYS A 62 -8.48 0.62 6.38
N ILE A 63 -7.78 -0.50 6.25
CA ILE A 63 -6.68 -0.82 7.16
C ILE A 63 -5.54 0.20 7.07
N MET A 64 -5.04 0.45 5.87
CA MET A 64 -3.94 1.39 5.69
C MET A 64 -4.40 2.80 6.02
N SER A 65 -5.64 3.10 5.66
CA SER A 65 -6.19 4.43 5.90
C SER A 65 -6.20 4.75 7.39
N GLN A 66 -6.65 3.80 8.19
CA GLN A 66 -6.69 3.98 9.64
C GLN A 66 -5.27 4.12 10.20
N ARG A 67 -4.35 3.36 9.60
CA ARG A 67 -2.96 3.34 10.04
C ARG A 67 -2.14 4.55 9.58
N CYS A 68 -2.43 5.09 8.40
CA CYS A 68 -1.64 6.21 7.89
C CYS A 68 -2.40 7.53 7.83
N ASN A 69 -3.73 7.51 7.88
CA ASN A 69 -4.48 8.75 7.80
C ASN A 69 -4.13 9.69 8.96
N ASN A 70 -3.90 10.94 8.62
CA ASN A 70 -3.58 11.98 9.59
C ASN A 70 -2.23 11.75 10.26
N ARG A 71 -1.44 10.82 9.73
CA ARG A 71 -0.12 10.56 10.27
C ARG A 71 0.95 11.00 9.31
N THR A 72 2.06 11.51 9.85
CA THR A 72 3.16 11.96 9.01
C THR A 72 3.81 10.76 8.35
N GLN A 73 3.85 9.64 9.07
CA GLN A 73 4.42 8.41 8.54
C GLN A 73 3.72 7.21 9.13
N CYS A 74 3.79 6.09 8.42
CA CYS A 74 3.16 4.86 8.89
C CYS A 74 3.86 3.64 8.34
N VAL A 75 4.02 2.64 9.20
CA VAL A 75 4.64 1.39 8.83
C VAL A 75 3.63 0.26 9.02
N VAL A 76 3.48 -0.58 8.01
CA VAL A 76 2.49 -1.67 8.09
C VAL A 76 3.03 -2.93 7.40
N VAL A 77 2.62 -4.09 7.89
CA VAL A 77 3.07 -5.34 7.29
C VAL A 77 2.16 -5.71 6.12
N ALA A 78 2.75 -5.72 4.93
CA ALA A 78 2.01 -6.03 3.72
C ALA A 78 1.65 -7.52 3.66
N GLY A 79 1.30 -8.12 4.80
CA GLY A 79 0.95 -9.54 4.81
C GLY A 79 0.58 -10.01 6.21
N SER A 80 1.29 -11.04 6.67
CA SER A 80 1.05 -11.61 7.99
C SER A 80 -0.41 -11.45 8.42
N ASP A 81 -0.63 -11.53 9.72
CA ASP A 81 -1.97 -11.42 10.28
C ASP A 81 -2.52 -10.00 10.05
N ALA A 82 -1.72 -9.17 9.38
CA ALA A 82 -2.11 -7.79 9.11
C ALA A 82 -2.97 -7.70 7.85
N PHE A 83 -3.03 -8.76 7.08
CA PHE A 83 -3.83 -8.76 5.85
C PHE A 83 -4.44 -10.13 5.58
N PRO A 84 -5.74 -10.20 5.36
CA PRO A 84 -6.43 -11.49 5.07
C PRO A 84 -5.72 -12.28 3.98
N ASP A 85 -6.48 -13.05 3.23
CA ASP A 85 -5.92 -13.87 2.17
C ASP A 85 -6.87 -13.92 0.96
N PRO A 86 -6.83 -12.91 0.13
CA PRO A 86 -7.71 -12.81 -1.08
C PRO A 86 -7.27 -13.69 -2.24
N CYS A 87 -6.10 -14.32 -2.10
CA CYS A 87 -5.58 -15.19 -3.16
C CYS A 87 -4.44 -16.07 -2.65
N PRO A 88 -4.75 -17.07 -1.86
CA PRO A 88 -3.73 -17.99 -1.30
C PRO A 88 -2.94 -18.69 -2.41
N GLY A 89 -1.69 -18.98 -2.14
CA GLY A 89 -0.86 -19.67 -3.11
C GLY A 89 -0.26 -18.72 -4.14
N THR A 90 -0.63 -17.44 -4.10
CA THR A 90 -0.08 -16.48 -5.05
C THR A 90 0.75 -15.43 -4.31
N TYR A 91 1.78 -14.89 -4.95
CA TYR A 91 2.59 -13.86 -4.31
C TYR A 91 1.90 -12.52 -4.50
N LYS A 92 1.45 -11.94 -3.40
CA LYS A 92 0.71 -10.69 -3.45
C LYS A 92 1.60 -9.45 -3.33
N TYR A 93 0.93 -8.37 -2.99
CA TYR A 93 1.58 -7.08 -2.74
C TYR A 93 0.60 -6.08 -2.19
N LEU A 94 1.11 -4.94 -1.76
CA LEU A 94 0.26 -3.88 -1.24
C LEU A 94 0.58 -2.58 -1.95
N GLU A 95 -0.44 -1.99 -2.56
CA GLU A 95 -0.26 -0.74 -3.28
C GLU A 95 -1.12 0.32 -2.63
N VAL A 96 -0.51 1.42 -2.21
CA VAL A 96 -1.28 2.48 -1.57
C VAL A 96 -0.97 3.84 -2.17
N GLN A 97 -2.02 4.52 -2.60
CA GLN A 97 -1.87 5.85 -3.19
C GLN A 97 -2.44 6.87 -2.22
N TYR A 98 -1.65 7.92 -1.94
CA TYR A 98 -2.10 8.94 -1.01
C TYR A 98 -1.46 10.29 -1.30
N ASP A 99 -1.94 11.30 -0.60
CA ASP A 99 -1.43 12.66 -0.75
C ASP A 99 -1.00 13.20 0.60
N CYS A 100 -0.14 14.21 0.58
CA CYS A 100 0.33 14.81 1.82
C CYS A 100 -0.30 16.19 1.98
N VAL A 101 -1.04 16.36 3.06
CA VAL A 101 -1.71 17.64 3.29
C VAL A 101 -1.30 18.23 4.64
N PRO A 102 -1.38 19.54 4.78
CA PRO A 102 -1.02 20.21 6.05
C PRO A 102 -1.79 19.61 7.21
N TYR A 103 -1.13 19.53 8.35
CA TYR A 103 -1.77 18.98 9.54
C TYR A 103 -2.73 20.03 10.10
N LYS A 104 -4.02 19.80 9.90
CA LYS A 104 -5.03 20.73 10.39
C LYS A 104 -5.53 20.31 11.75
N VAL A 105 -5.76 21.29 12.62
CA VAL A 105 -6.25 21.01 13.97
C VAL A 105 -7.76 20.88 13.98
N GLU A 106 -8.26 19.89 14.71
CA GLU A 106 -9.71 19.68 14.80
C GLU A 106 -10.32 19.55 13.41
C1 NAG B . -8.24 13.27 10.21
C2 NAG B . -9.34 12.26 10.44
C3 NAG B . -10.62 12.76 9.85
C4 NAG B . -10.98 14.08 10.46
C5 NAG B . -9.83 15.05 10.30
C6 NAG B . -10.08 16.37 11.04
C7 NAG B . -9.08 9.86 10.54
C8 NAG B . -8.69 8.56 9.87
N2 NAG B . -8.97 10.98 9.83
O3 NAG B . -11.67 11.81 10.08
O4 NAG B . -12.16 14.61 9.84
O5 NAG B . -8.60 14.50 10.81
O6 NAG B . -9.62 17.50 10.29
O7 NAG B . -9.49 9.84 11.70
H1 NAG B . -8.13 13.43 9.14
H2 NAG B . -9.47 12.13 11.51
H3 NAG B . -10.49 12.90 8.79
H4 NAG B . -11.15 13.93 11.53
H5 NAG B . -9.70 15.27 9.24
H61 NAG B . -9.57 16.33 11.99
H62 NAG B . -11.14 16.46 11.24
H81 NAG B . -8.37 8.75 8.86
H82 NAG B . -9.53 7.89 9.85
H83 NAG B . -7.88 8.09 10.40
HN2 NAG B . -8.65 10.94 8.91
HO3 NAG B . -12.08 11.57 9.25
HO4 NAG B . -12.55 15.28 10.41
HO6 NAG B . -9.21 18.13 10.87
N GLY A 1 9.67 6.66 -12.45
CA GLY A 1 8.99 6.13 -11.24
C GLY A 1 9.11 7.14 -10.09
N LEU A 2 10.34 7.34 -9.62
CA LEU A 2 10.57 8.28 -8.52
C LEU A 2 9.67 9.52 -8.66
N PRO A 3 9.86 10.28 -9.70
CA PRO A 3 9.06 11.52 -9.96
C PRO A 3 7.56 11.24 -9.99
N PHE A 4 6.77 12.25 -9.61
CA PHE A 4 5.32 12.08 -9.60
C PHE A 4 4.62 13.42 -9.83
N GLY A 5 4.83 14.37 -8.94
CA GLY A 5 4.20 15.67 -9.08
C GLY A 5 2.68 15.54 -9.04
N LEU A 6 2.22 14.32 -8.77
CA LEU A 6 0.79 14.07 -8.71
C LEU A 6 0.48 12.84 -7.85
N MET A 7 -0.06 13.08 -6.67
CA MET A 7 -0.39 12.01 -5.75
C MET A 7 0.81 11.11 -5.49
N ARG A 8 0.98 10.73 -4.23
CA ARG A 8 2.09 9.87 -3.85
C ARG A 8 1.68 8.41 -3.99
N ARG A 9 2.64 7.55 -4.26
CA ARG A 9 2.34 6.13 -4.41
C ARG A 9 3.46 5.24 -3.92
N GLU A 10 3.09 4.23 -3.16
CA GLU A 10 4.04 3.27 -2.61
C GLU A 10 3.57 1.85 -2.83
N LEU A 11 4.51 0.95 -3.07
CA LEU A 11 4.18 -0.44 -3.27
C LEU A 11 5.22 -1.32 -2.58
N ALA A 12 4.76 -2.37 -1.91
CA ALA A 12 5.68 -3.27 -1.22
C ALA A 12 5.29 -4.72 -1.44
N CYS A 13 6.30 -5.57 -1.61
CA CYS A 13 6.09 -6.98 -1.87
C CYS A 13 5.46 -7.67 -0.65
N GLU A 14 4.46 -8.51 -0.91
CA GLU A 14 3.77 -9.23 0.16
C GLU A 14 4.75 -9.85 1.14
N GLY A 15 4.45 -9.70 2.42
CA GLY A 15 5.28 -10.27 3.46
C GLY A 15 6.29 -9.28 4.04
N TYR A 16 6.53 -8.17 3.36
CA TYR A 16 7.48 -7.20 3.87
C TYR A 16 6.76 -5.96 4.39
N PRO A 17 7.37 -5.23 5.27
CA PRO A 17 6.77 -4.00 5.83
C PRO A 17 6.88 -2.84 4.85
N ILE A 18 5.91 -1.94 4.92
CA ILE A 18 5.90 -0.78 4.04
C ILE A 18 5.93 0.49 4.89
N GLU A 19 6.60 1.51 4.38
CA GLU A 19 6.72 2.76 5.13
C GLU A 19 6.32 3.96 4.29
N LEU A 20 5.42 4.76 4.84
CA LEU A 20 4.96 5.96 4.15
C LEU A 20 5.48 7.19 4.91
N ARG A 21 5.80 8.26 4.19
CA ARG A 21 6.29 9.47 4.85
C ARG A 21 5.90 10.72 4.10
N CYS A 22 5.39 11.71 4.84
CA CYS A 22 4.99 12.98 4.27
C CYS A 22 6.08 14.02 4.53
N PRO A 23 6.22 14.96 3.63
CA PRO A 23 7.23 16.05 3.78
C PRO A 23 6.81 17.10 4.81
N GLY A 24 7.78 17.85 5.32
CA GLY A 24 7.52 18.92 6.27
C GLY A 24 6.68 18.44 7.45
N SER A 25 5.59 19.17 7.72
CA SER A 25 4.70 18.84 8.83
C SER A 25 3.35 18.39 8.29
N ASP A 26 3.35 17.90 7.07
CA ASP A 26 2.14 17.42 6.43
C ASP A 26 1.77 16.03 6.97
N VAL A 27 0.56 15.58 6.68
CA VAL A 27 0.14 14.26 7.14
C VAL A 27 -0.39 13.43 5.97
N ILE A 28 -0.16 12.13 6.04
CA ILE A 28 -0.61 11.24 4.98
C ILE A 28 -2.13 11.12 5.00
N MET A 29 -2.72 11.13 3.82
CA MET A 29 -4.15 10.96 3.69
C MET A 29 -4.40 9.91 2.62
N VAL A 30 -4.71 8.71 3.08
CA VAL A 30 -4.92 7.59 2.17
C VAL A 30 -6.12 7.82 1.26
N GLU A 31 -5.87 7.72 -0.05
CA GLU A 31 -6.93 7.90 -1.03
C GLU A 31 -7.38 6.55 -1.56
N ASN A 32 -6.43 5.74 -2.01
CA ASN A 32 -6.74 4.42 -2.55
C ASN A 32 -5.61 3.45 -2.28
N ALA A 33 -5.98 2.20 -2.02
CA ALA A 33 -5.01 1.16 -1.74
C ALA A 33 -5.67 -0.20 -1.80
N ASN A 34 -4.89 -1.21 -2.16
CA ASN A 34 -5.41 -2.56 -2.25
C ASN A 34 -4.35 -3.59 -1.91
N TYR A 35 -4.79 -4.77 -1.52
CA TYR A 35 -3.86 -5.83 -1.19
C TYR A 35 -4.19 -7.09 -1.99
N GLY A 36 -3.21 -7.56 -2.76
CA GLY A 36 -3.41 -8.74 -3.59
C GLY A 36 -2.38 -8.78 -4.70
N ARG A 37 -2.85 -9.07 -5.91
CA ARG A 37 -1.98 -9.14 -7.09
C ARG A 37 -2.75 -8.95 -8.37
N THR A 38 -2.39 -7.90 -9.12
CA THR A 38 -3.04 -7.63 -10.39
C THR A 38 -1.98 -7.53 -11.48
N ASP A 39 -0.76 -7.92 -11.14
CA ASP A 39 0.34 -7.88 -12.10
C ASP A 39 1.36 -8.97 -11.77
N ASP A 40 2.16 -9.34 -12.76
CA ASP A 40 3.18 -10.37 -12.56
C ASP A 40 4.56 -9.76 -12.80
N LYS A 41 4.59 -8.45 -13.02
CA LYS A 41 5.83 -7.77 -13.28
C LYS A 41 6.34 -7.05 -12.02
N ILE A 42 5.65 -7.24 -10.90
CA ILE A 42 6.06 -6.59 -9.66
C ILE A 42 6.54 -7.62 -8.65
N CYS A 43 7.66 -7.33 -7.98
CA CYS A 43 8.21 -8.25 -7.00
C CYS A 43 8.48 -9.60 -7.67
N ASP A 44 9.42 -9.60 -8.60
CA ASP A 44 9.77 -10.80 -9.33
C ASP A 44 9.90 -12.02 -8.40
N ALA A 45 8.82 -12.77 -8.25
CA ALA A 45 8.82 -13.97 -7.42
C ALA A 45 8.64 -15.20 -8.32
N ASP A 46 8.27 -16.34 -7.73
CA ASP A 46 8.08 -17.56 -8.52
C ASP A 46 6.97 -17.40 -9.55
N PRO A 47 7.16 -17.97 -10.71
CA PRO A 47 6.16 -17.87 -11.81
C PRO A 47 4.78 -18.39 -11.41
N PHE A 48 4.76 -19.49 -10.64
CA PHE A 48 3.50 -20.08 -10.22
C PHE A 48 2.72 -19.14 -9.30
N GLN A 49 3.44 -18.38 -8.47
CA GLN A 49 2.78 -17.45 -7.57
C GLN A 49 2.53 -16.13 -8.28
N MET A 50 3.07 -16.01 -9.49
CA MET A 50 2.91 -14.81 -10.27
C MET A 50 1.95 -15.03 -11.45
N GLU A 51 1.46 -16.25 -11.62
CA GLU A 51 0.54 -16.57 -12.73
C GLU A 51 -0.76 -15.79 -12.63
N ASN A 52 -1.43 -15.81 -11.48
CA ASN A 52 -2.70 -15.11 -11.34
C ASN A 52 -2.50 -13.61 -11.17
N VAL A 53 -2.93 -12.84 -12.16
CA VAL A 53 -2.80 -11.39 -12.12
C VAL A 53 -4.15 -10.75 -11.82
N GLN A 54 -4.99 -11.47 -11.07
CA GLN A 54 -6.30 -10.96 -10.72
C GLN A 54 -6.65 -11.35 -9.29
N CYS A 55 -6.28 -10.48 -8.36
CA CYS A 55 -6.54 -10.69 -6.94
C CYS A 55 -6.80 -9.34 -6.28
N TYR A 56 -7.98 -9.15 -5.67
CA TYR A 56 -8.30 -7.87 -5.04
C TYR A 56 -8.86 -8.05 -3.64
N LEU A 57 -8.64 -7.05 -2.78
CA LEU A 57 -9.13 -7.07 -1.41
C LEU A 57 -9.47 -5.66 -0.96
N PRO A 58 -10.69 -5.23 -1.20
CA PRO A 58 -11.17 -3.86 -0.83
C PRO A 58 -10.85 -3.46 0.62
N ASP A 59 -11.15 -4.35 1.57
CA ASP A 59 -10.92 -4.03 2.98
C ASP A 59 -9.49 -3.54 3.23
N ALA A 60 -8.55 -4.02 2.41
CA ALA A 60 -7.16 -3.60 2.57
C ALA A 60 -7.06 -2.08 2.62
N PHE A 61 -7.97 -1.43 1.91
CA PHE A 61 -8.03 0.02 1.86
C PHE A 61 -8.31 0.63 3.23
N LYS A 62 -9.24 0.01 3.96
CA LYS A 62 -9.63 0.50 5.27
C LYS A 62 -8.47 0.37 6.26
N ILE A 63 -7.73 -0.74 6.17
CA ILE A 63 -6.61 -0.97 7.07
C ILE A 63 -5.55 0.12 6.94
N MET A 64 -5.12 0.37 5.72
CA MET A 64 -4.09 1.36 5.46
C MET A 64 -4.57 2.77 5.78
N SER A 65 -5.84 3.03 5.48
CA SER A 65 -6.41 4.34 5.72
C SER A 65 -6.41 4.70 7.21
N GLN A 66 -6.84 3.77 8.03
CA GLN A 66 -6.89 4.00 9.47
C GLN A 66 -5.49 4.05 10.09
N ARG A 67 -4.59 3.26 9.54
CA ARG A 67 -3.22 3.18 10.05
C ARG A 67 -2.35 4.39 9.67
N CYS A 68 -2.59 4.99 8.50
CA CYS A 68 -1.75 6.11 8.06
C CYS A 68 -2.48 7.46 8.01
N ASN A 69 -3.81 7.45 8.01
CA ASN A 69 -4.54 8.71 7.92
C ASN A 69 -4.20 9.66 9.07
N ASN A 70 -3.96 10.92 8.71
CA ASN A 70 -3.64 11.98 9.68
C ASN A 70 -2.27 11.79 10.35
N ARG A 71 -1.45 10.89 9.82
CA ARG A 71 -0.13 10.68 10.39
C ARG A 71 0.93 11.10 9.38
N THR A 72 2.06 11.58 9.88
CA THR A 72 3.15 12.01 9.02
C THR A 72 3.82 10.79 8.38
N GLN A 73 3.82 9.67 9.11
CA GLN A 73 4.42 8.44 8.60
C GLN A 73 3.74 7.22 9.22
N CYS A 74 3.84 6.08 8.54
CA CYS A 74 3.23 4.85 9.04
C CYS A 74 3.92 3.60 8.49
N VAL A 75 4.03 2.59 9.34
CA VAL A 75 4.66 1.32 8.95
C VAL A 75 3.67 0.17 9.12
N VAL A 76 3.45 -0.60 8.05
CA VAL A 76 2.51 -1.72 8.11
C VAL A 76 3.05 -2.94 7.39
N VAL A 77 2.73 -4.13 7.92
CA VAL A 77 3.17 -5.38 7.31
C VAL A 77 2.28 -5.73 6.11
N ALA A 78 2.87 -5.76 4.92
CA ALA A 78 2.12 -6.06 3.71
C ALA A 78 1.67 -7.51 3.64
N GLY A 79 1.30 -8.07 4.79
CA GLY A 79 0.85 -9.47 4.81
C GLY A 79 0.48 -9.91 6.23
N SER A 80 1.15 -10.96 6.69
CA SER A 80 0.90 -11.49 8.02
C SER A 80 -0.56 -11.32 8.43
N ASP A 81 -0.83 -11.40 9.73
CA ASP A 81 -2.19 -11.25 10.24
C ASP A 81 -2.69 -9.82 10.01
N ALA A 82 -1.85 -8.98 9.41
CA ALA A 82 -2.23 -7.60 9.16
C ALA A 82 -3.03 -7.48 7.86
N PHE A 83 -2.98 -8.54 7.05
CA PHE A 83 -3.73 -8.54 5.80
C PHE A 83 -4.28 -9.94 5.52
N PRO A 84 -5.55 -10.07 5.26
CA PRO A 84 -6.18 -11.38 4.97
C PRO A 84 -5.42 -12.16 3.89
N ASP A 85 -6.16 -12.96 3.13
CA ASP A 85 -5.56 -13.76 2.06
C ASP A 85 -6.55 -13.86 0.90
N PRO A 86 -6.59 -12.86 0.04
CA PRO A 86 -7.54 -12.82 -1.12
C PRO A 86 -7.10 -13.70 -2.29
N CYS A 87 -5.95 -14.34 -2.16
CA CYS A 87 -5.46 -15.21 -3.22
C CYS A 87 -4.28 -16.05 -2.72
N PRO A 88 -4.58 -16.96 -1.83
CA PRO A 88 -3.56 -17.86 -1.23
C PRO A 88 -2.77 -18.61 -2.30
N GLY A 89 -1.53 -18.95 -1.98
CA GLY A 89 -0.68 -19.67 -2.92
C GLY A 89 -0.15 -18.75 -4.02
N THR A 90 -0.54 -17.48 -3.98
CA THR A 90 -0.06 -16.52 -4.97
C THR A 90 0.72 -15.43 -4.25
N TYR A 91 1.77 -14.87 -4.87
CA TYR A 91 2.53 -13.82 -4.22
C TYR A 91 1.84 -12.48 -4.45
N LYS A 92 1.39 -11.88 -3.37
CA LYS A 92 0.63 -10.64 -3.45
C LYS A 92 1.49 -9.38 -3.31
N TYR A 93 0.80 -8.30 -2.97
CA TYR A 93 1.45 -7.02 -2.72
C TYR A 93 0.47 -5.97 -2.20
N LEU A 94 1.00 -4.78 -1.89
CA LEU A 94 0.18 -3.70 -1.40
C LEU A 94 0.56 -2.40 -2.07
N GLU A 95 -0.42 -1.74 -2.67
CA GLU A 95 -0.20 -0.48 -3.34
C GLU A 95 -1.02 0.59 -2.65
N VAL A 96 -0.39 1.69 -2.25
CA VAL A 96 -1.13 2.74 -1.55
C VAL A 96 -0.85 4.11 -2.13
N GLN A 97 -1.92 4.79 -2.54
CA GLN A 97 -1.79 6.14 -3.08
C GLN A 97 -2.39 7.12 -2.08
N TYR A 98 -1.63 8.16 -1.76
CA TYR A 98 -2.08 9.12 -0.80
C TYR A 98 -1.45 10.49 -1.04
N ASP A 99 -1.96 11.50 -0.34
CA ASP A 99 -1.46 12.85 -0.47
C ASP A 99 -1.00 13.39 0.87
N CYS A 100 -0.14 14.39 0.85
CA CYS A 100 0.36 15.00 2.08
C CYS A 100 -0.19 16.41 2.23
N VAL A 101 -1.07 16.61 3.21
CA VAL A 101 -1.65 17.92 3.45
C VAL A 101 -1.17 18.50 4.77
N PRO A 102 -1.15 19.80 4.93
CA PRO A 102 -0.69 20.45 6.18
C PRO A 102 -1.50 19.99 7.39
N TYR A 103 -0.84 19.90 8.55
CA TYR A 103 -1.53 19.50 9.76
C TYR A 103 -2.38 20.68 10.26
N LYS A 104 -3.61 20.40 10.67
CA LYS A 104 -4.49 21.46 11.14
C LYS A 104 -4.41 21.63 12.65
N VAL A 105 -4.56 22.86 13.14
CA VAL A 105 -4.50 23.12 14.57
C VAL A 105 -5.89 22.94 15.19
N GLU A 106 -5.93 22.22 16.31
CA GLU A 106 -7.20 21.94 17.00
C GLU A 106 -8.09 21.05 16.15
C1 NAG B . -8.11 13.72 10.54
C2 NAG B . -9.33 12.86 10.79
C3 NAG B . -10.55 13.56 10.29
C4 NAG B . -10.68 14.89 10.99
C5 NAG B . -9.43 15.71 10.78
C6 NAG B . -9.45 17.00 11.59
C7 NAG B . -8.73 10.50 10.79
C8 NAG B . -8.64 9.19 10.05
N2 NAG B . -9.20 11.55 10.12
O3 NAG B . -11.71 12.76 10.52
O4 NAG B . -11.82 15.60 10.47
O5 NAG B . -8.26 14.95 11.19
O6 NAG B . -10.40 17.94 11.03
O7 NAG B . -8.39 10.56 11.98
H1 NAG B . -8.03 13.90 9.47
H2 NAG B . -9.42 12.70 11.86
H3 NAG B . -10.45 13.74 9.22
H4 NAG B . -10.82 14.71 12.04
H5 NAG B . -9.31 15.93 9.73
H61 NAG B . -8.47 17.43 11.58
H62 NAG B . -9.72 16.77 12.61
H81 NAG B . -9.43 8.52 10.37
H82 NAG B . -7.69 8.72 10.23
H83 NAG B . -8.75 9.36 8.98
HN2 NAG B . -9.50 11.44 9.20
HO3 NAG B . -12.49 13.21 10.19
HO4 NAG B . -11.54 16.47 10.19
HO6 NAG B . -9.96 18.78 10.88
N GLY A 1 13.07 14.44 -1.12
CA GLY A 1 11.59 14.36 -1.34
C GLY A 1 11.30 13.45 -2.53
N LEU A 2 11.83 13.80 -3.70
CA LEU A 2 11.61 12.99 -4.89
C LEU A 2 10.11 12.85 -5.14
N PRO A 3 9.40 13.95 -5.13
CA PRO A 3 7.92 13.95 -5.34
C PRO A 3 7.55 13.40 -6.72
N PHE A 4 6.41 12.74 -6.79
CA PHE A 4 5.95 12.16 -8.04
C PHE A 4 5.32 13.23 -8.92
N GLY A 5 5.12 14.42 -8.35
CA GLY A 5 4.54 15.54 -9.09
C GLY A 5 3.06 15.28 -9.39
N LEU A 6 2.56 14.14 -8.94
CA LEU A 6 1.17 13.80 -9.14
C LEU A 6 0.76 12.66 -8.24
N MET A 7 0.32 12.99 -7.04
CA MET A 7 -0.10 11.99 -6.08
C MET A 7 1.06 11.06 -5.76
N ARG A 8 1.12 10.67 -4.50
CA ARG A 8 2.17 9.78 -4.03
C ARG A 8 1.74 8.32 -4.15
N ARG A 9 2.70 7.43 -4.40
CA ARG A 9 2.37 6.00 -4.50
C ARG A 9 3.51 5.14 -3.98
N GLU A 10 3.12 4.14 -3.21
CA GLU A 10 4.08 3.22 -2.62
C GLU A 10 3.61 1.78 -2.79
N LEU A 11 4.56 0.88 -2.97
CA LEU A 11 4.22 -0.51 -3.14
C LEU A 11 5.22 -1.40 -2.40
N ALA A 12 4.74 -2.46 -1.77
CA ALA A 12 5.63 -3.35 -1.04
C ALA A 12 5.24 -4.80 -1.32
N CYS A 13 6.24 -5.64 -1.54
CA CYS A 13 5.99 -7.05 -1.82
C CYS A 13 5.48 -7.76 -0.57
N GLU A 14 4.52 -8.63 -0.78
CA GLU A 14 3.90 -9.38 0.32
C GLU A 14 4.92 -10.00 1.25
N GLY A 15 4.65 -9.85 2.54
CA GLY A 15 5.50 -10.42 3.58
C GLY A 15 6.48 -9.41 4.15
N TYR A 16 6.74 -8.31 3.46
CA TYR A 16 7.65 -7.31 3.98
C TYR A 16 6.87 -6.06 4.38
N PRO A 17 7.34 -5.37 5.37
CA PRO A 17 6.68 -4.12 5.85
C PRO A 17 6.78 -2.99 4.82
N ILE A 18 5.82 -2.06 4.91
CA ILE A 18 5.79 -0.92 4.01
C ILE A 18 5.96 0.37 4.83
N GLU A 19 6.66 1.35 4.27
CA GLU A 19 6.89 2.60 5.00
C GLU A 19 6.40 3.81 4.21
N LEU A 20 5.57 4.63 4.85
CA LEU A 20 5.05 5.84 4.22
C LEU A 20 5.50 7.06 5.01
N ARG A 21 5.84 8.14 4.32
CA ARG A 21 6.27 9.34 5.02
C ARG A 21 5.90 10.61 4.26
N CYS A 22 5.38 11.60 4.99
CA CYS A 22 5.03 12.88 4.39
C CYS A 22 6.08 13.94 4.72
N PRO A 23 6.29 14.87 3.84
CA PRO A 23 7.30 15.96 4.02
C PRO A 23 6.81 17.03 5.00
N GLY A 24 7.77 17.76 5.60
CA GLY A 24 7.42 18.81 6.55
C GLY A 24 6.49 18.31 7.65
N SER A 25 5.42 19.07 7.90
CA SER A 25 4.44 18.69 8.92
C SER A 25 3.12 18.26 8.28
N ASP A 26 3.21 17.75 7.05
CA ASP A 26 2.03 17.27 6.35
C ASP A 26 1.65 15.90 6.90
N VAL A 27 0.44 15.44 6.62
CA VAL A 27 0.02 14.14 7.08
C VAL A 27 -0.49 13.32 5.90
N ILE A 28 -0.25 12.02 5.96
CA ILE A 28 -0.66 11.12 4.89
C ILE A 28 -2.17 10.99 4.82
N MET A 29 -2.71 11.00 3.61
CA MET A 29 -4.13 10.83 3.40
C MET A 29 -4.36 9.78 2.33
N VAL A 30 -4.63 8.56 2.78
CA VAL A 30 -4.85 7.46 1.87
C VAL A 30 -6.11 7.71 1.05
N GLU A 31 -5.95 7.66 -0.27
CA GLU A 31 -7.08 7.88 -1.16
C GLU A 31 -7.55 6.52 -1.65
N ASN A 32 -6.60 5.72 -2.08
CA ASN A 32 -6.89 4.39 -2.59
C ASN A 32 -5.72 3.45 -2.29
N ALA A 33 -6.05 2.19 -2.05
CA ALA A 33 -5.03 1.17 -1.75
C ALA A 33 -5.63 -0.21 -1.91
N ASN A 34 -4.80 -1.19 -2.25
CA ASN A 34 -5.30 -2.55 -2.43
C ASN A 34 -4.22 -3.57 -2.10
N TYR A 35 -4.65 -4.71 -1.57
CA TYR A 35 -3.73 -5.79 -1.23
C TYR A 35 -4.08 -7.01 -2.07
N GLY A 36 -3.12 -7.49 -2.86
CA GLY A 36 -3.39 -8.65 -3.72
C GLY A 36 -2.38 -8.73 -4.85
N ARG A 37 -2.89 -9.04 -6.04
CA ARG A 37 -2.06 -9.16 -7.22
C ARG A 37 -2.89 -8.93 -8.47
N THR A 38 -2.58 -7.83 -9.16
CA THR A 38 -3.29 -7.50 -10.38
C THR A 38 -2.30 -7.40 -11.52
N ASP A 39 -1.08 -7.86 -11.24
CA ASP A 39 -0.01 -7.82 -12.21
C ASP A 39 0.91 -9.02 -12.03
N ASP A 40 2.00 -9.04 -12.77
CA ASP A 40 2.98 -10.11 -12.68
C ASP A 40 4.37 -9.55 -12.90
N LYS A 41 4.45 -8.23 -13.11
CA LYS A 41 5.73 -7.58 -13.32
C LYS A 41 6.18 -6.88 -12.05
N ILE A 42 5.43 -7.04 -10.97
CA ILE A 42 5.79 -6.40 -9.73
C ILE A 42 6.20 -7.43 -8.68
N CYS A 43 7.28 -7.15 -7.97
CA CYS A 43 7.77 -8.07 -6.96
C CYS A 43 8.05 -9.42 -7.58
N ASP A 44 9.06 -9.45 -8.46
CA ASP A 44 9.44 -10.67 -9.15
C ASP A 44 9.69 -11.83 -8.19
N ALA A 45 8.93 -12.90 -8.40
CA ALA A 45 9.05 -14.11 -7.61
C ALA A 45 8.85 -15.33 -8.51
N ASP A 46 8.61 -16.49 -7.93
CA ASP A 46 8.40 -17.69 -8.75
C ASP A 46 7.21 -17.45 -9.66
N PRO A 47 7.32 -17.79 -10.92
CA PRO A 47 6.22 -17.57 -11.91
C PRO A 47 4.88 -18.15 -11.46
N PHE A 48 4.92 -19.25 -10.71
CA PHE A 48 3.68 -19.88 -10.26
C PHE A 48 2.90 -18.97 -9.32
N GLN A 49 3.60 -18.24 -8.48
CA GLN A 49 2.92 -17.34 -7.54
C GLN A 49 2.65 -16.00 -8.20
N MET A 50 3.07 -15.88 -9.46
CA MET A 50 2.87 -14.65 -10.21
C MET A 50 1.94 -14.87 -11.40
N GLU A 51 1.48 -16.11 -11.57
CA GLU A 51 0.58 -16.44 -12.69
C GLU A 51 -0.75 -15.69 -12.61
N ASN A 52 -1.38 -15.68 -11.45
CA ASN A 52 -2.67 -15.02 -11.29
C ASN A 52 -2.54 -13.51 -11.10
N VAL A 53 -3.10 -12.76 -12.04
CA VAL A 53 -3.05 -11.30 -11.97
C VAL A 53 -4.44 -10.75 -11.66
N GLN A 54 -5.22 -11.50 -10.89
CA GLN A 54 -6.57 -11.09 -10.52
C GLN A 54 -6.87 -11.42 -9.07
N CYS A 55 -6.48 -10.54 -8.17
CA CYS A 55 -6.69 -10.75 -6.76
C CYS A 55 -6.91 -9.40 -6.09
N TYR A 56 -8.09 -9.17 -5.50
CA TYR A 56 -8.38 -7.89 -4.87
C TYR A 56 -8.88 -8.04 -3.44
N LEU A 57 -8.70 -7.00 -2.63
CA LEU A 57 -9.16 -6.99 -1.25
C LEU A 57 -9.53 -5.56 -0.85
N PRO A 58 -10.71 -5.13 -1.18
CA PRO A 58 -11.17 -3.73 -0.89
C PRO A 58 -10.89 -3.26 0.54
N ASP A 59 -11.16 -4.09 1.54
CA ASP A 59 -10.95 -3.69 2.93
C ASP A 59 -9.49 -3.27 3.18
N ALA A 60 -8.58 -3.70 2.32
CA ALA A 60 -7.17 -3.35 2.50
C ALA A 60 -7.00 -1.83 2.55
N PHE A 61 -7.83 -1.11 1.81
CA PHE A 61 -7.78 0.34 1.78
C PHE A 61 -8.16 0.95 3.13
N LYS A 62 -9.20 0.42 3.74
CA LYS A 62 -9.65 0.94 5.02
C LYS A 62 -8.60 0.70 6.09
N ILE A 63 -7.97 -0.47 6.04
CA ILE A 63 -6.92 -0.80 7.00
C ILE A 63 -5.79 0.21 6.97
N MET A 64 -5.28 0.47 5.78
CA MET A 64 -4.18 1.40 5.59
C MET A 64 -4.60 2.81 5.93
N SER A 65 -5.82 3.17 5.55
CA SER A 65 -6.33 4.50 5.80
C SER A 65 -6.33 4.80 7.31
N GLN A 66 -6.80 3.85 8.09
CA GLN A 66 -6.83 4.02 9.54
C GLN A 66 -5.41 4.10 10.09
N ARG A 67 -4.53 3.31 9.49
CA ARG A 67 -3.14 3.23 9.93
C ARG A 67 -2.31 4.45 9.52
N CYS A 68 -2.58 5.03 8.36
CA CYS A 68 -1.78 6.16 7.89
C CYS A 68 -2.53 7.50 7.86
N ASN A 69 -3.86 7.47 7.91
CA ASN A 69 -4.62 8.72 7.85
C ASN A 69 -4.25 9.66 8.99
N ASN A 70 -4.04 10.93 8.64
CA ASN A 70 -3.70 11.96 9.61
C ASN A 70 -2.34 11.75 10.29
N ARG A 71 -1.53 10.86 9.74
CA ARG A 71 -0.21 10.62 10.30
C ARG A 71 0.87 11.03 9.31
N THR A 72 1.99 11.50 9.84
CA THR A 72 3.09 11.93 8.99
C THR A 72 3.81 10.71 8.41
N GLN A 73 3.78 9.62 9.16
CA GLN A 73 4.43 8.38 8.71
C GLN A 73 3.75 7.17 9.33
N CYS A 74 3.84 6.03 8.65
CA CYS A 74 3.22 4.81 9.14
C CYS A 74 3.91 3.55 8.59
N VAL A 75 4.05 2.53 9.43
CA VAL A 75 4.68 1.27 9.01
C VAL A 75 3.69 0.12 9.21
N VAL A 76 3.47 -0.67 8.17
CA VAL A 76 2.52 -1.78 8.24
C VAL A 76 3.06 -3.01 7.55
N VAL A 77 2.71 -4.17 8.07
CA VAL A 77 3.18 -5.42 7.45
C VAL A 77 2.34 -5.74 6.23
N ALA A 78 2.97 -5.71 5.05
CA ALA A 78 2.26 -5.99 3.82
C ALA A 78 1.88 -7.47 3.74
N GLY A 79 1.47 -8.05 4.88
CA GLY A 79 1.10 -9.46 4.89
C GLY A 79 0.62 -9.90 6.28
N SER A 80 1.26 -10.95 6.81
CA SER A 80 0.91 -11.49 8.13
C SER A 80 -0.55 -11.27 8.46
N ASP A 81 -0.83 -11.28 9.76
CA ASP A 81 -2.19 -11.08 10.26
C ASP A 81 -2.65 -9.67 9.97
N ALA A 82 -1.77 -8.87 9.37
CA ALA A 82 -2.13 -7.49 9.08
C ALA A 82 -2.96 -7.42 7.80
N PHE A 83 -2.95 -8.50 7.03
CA PHE A 83 -3.73 -8.56 5.79
C PHE A 83 -4.27 -9.97 5.56
N PRO A 84 -5.56 -10.12 5.35
CA PRO A 84 -6.16 -11.45 5.08
C PRO A 84 -5.44 -12.20 3.96
N ASP A 85 -6.20 -12.96 3.18
CA ASP A 85 -5.64 -13.75 2.08
C ASP A 85 -6.62 -13.83 0.92
N PRO A 86 -6.63 -12.84 0.05
CA PRO A 86 -7.56 -12.79 -1.12
C PRO A 86 -7.19 -13.77 -2.24
N CYS A 87 -6.04 -14.42 -2.10
CA CYS A 87 -5.59 -15.38 -3.11
C CYS A 87 -4.39 -16.17 -2.60
N PRO A 88 -4.62 -17.01 -1.66
CA PRO A 88 -3.54 -17.87 -1.06
C PRO A 88 -2.71 -18.56 -2.13
N GLY A 89 -1.46 -18.87 -1.80
CA GLY A 89 -0.59 -19.58 -2.72
C GLY A 89 -0.07 -18.67 -3.85
N THR A 90 -0.29 -17.38 -3.71
CA THR A 90 0.19 -16.43 -4.72
C THR A 90 1.06 -15.38 -4.04
N TYR A 91 2.07 -14.87 -4.75
CA TYR A 91 2.91 -13.83 -4.18
C TYR A 91 2.24 -12.50 -4.43
N LYS A 92 1.73 -11.91 -3.37
CA LYS A 92 0.98 -10.67 -3.47
C LYS A 92 1.83 -9.40 -3.33
N TYR A 93 1.13 -8.32 -3.06
CA TYR A 93 1.73 -7.01 -2.83
C TYR A 93 0.70 -6.02 -2.32
N LEU A 94 1.16 -4.85 -1.92
CA LEU A 94 0.28 -3.80 -1.43
C LEU A 94 0.61 -2.50 -2.14
N GLU A 95 -0.38 -1.87 -2.71
CA GLU A 95 -0.16 -0.61 -3.41
C GLU A 95 -1.07 0.45 -2.81
N VAL A 96 -0.49 1.57 -2.43
CA VAL A 96 -1.28 2.62 -1.81
C VAL A 96 -0.95 4.00 -2.38
N GLN A 97 -2.00 4.71 -2.77
CA GLN A 97 -1.85 6.05 -3.30
C GLN A 97 -2.42 7.04 -2.28
N TYR A 98 -1.64 8.07 -1.97
CA TYR A 98 -2.06 9.05 -0.98
C TYR A 98 -1.40 10.41 -1.24
N ASP A 99 -1.83 11.41 -0.48
CA ASP A 99 -1.26 12.76 -0.60
C ASP A 99 -0.82 13.28 0.75
N CYS A 100 0.01 14.31 0.75
CA CYS A 100 0.49 14.91 1.98
C CYS A 100 -0.12 16.30 2.14
N VAL A 101 -0.86 16.51 3.24
CA VAL A 101 -1.49 17.81 3.48
C VAL A 101 -1.11 18.32 4.86
N PRO A 102 -1.08 19.61 5.06
CA PRO A 102 -0.72 20.19 6.38
C PRO A 102 -1.57 19.63 7.51
N TYR A 103 -0.94 19.42 8.66
CA TYR A 103 -1.64 18.89 9.82
C TYR A 103 -2.54 19.95 10.47
N LYS A 104 -2.74 21.06 9.76
CA LYS A 104 -3.58 22.14 10.24
C LYS A 104 -5.01 21.95 9.73
N VAL A 105 -5.98 22.46 10.46
CA VAL A 105 -7.37 22.31 10.05
C VAL A 105 -7.84 23.51 9.22
N GLU A 106 -8.64 23.23 8.19
CA GLU A 106 -9.15 24.28 7.31
C GLU A 106 -8.00 25.08 6.72
C1 NAG B . -8.28 13.48 10.37
C2 NAG B . -9.43 12.61 10.77
C3 NAG B . -10.71 13.19 10.24
C4 NAG B . -10.89 14.58 10.77
C5 NAG B . -9.67 15.41 10.41
C6 NAG B . -9.74 16.79 11.05
C7 NAG B . -9.15 10.24 11.12
C8 NAG B . -8.96 8.85 10.57
N2 NAG B . -9.24 11.24 10.26
O3 NAG B . -11.82 12.35 10.64
O4 NAG B . -12.06 15.16 10.20
O5 NAG B . -8.47 14.78 10.89
O6 NAG B . -10.81 17.58 10.46
O7 NAG B . -9.24 10.41 12.35
H1 NAG B . -8.22 13.58 9.29
H2 NAG B . -9.49 12.59 11.85
H3 NAG B . -10.66 13.22 9.16
H4 NAG B . -10.99 14.54 11.85
H5 NAG B . -9.61 15.51 9.34
H61 NAG B . -8.79 17.29 10.90
H62 NAG B . -9.91 16.68 12.11
H81 NAG B . -9.26 8.12 11.30
H82 NAG B . -7.93 8.69 10.33
H83 NAG B . -9.55 8.72 9.68
HN2 NAG B . -9.36 11.05 9.30
HO3 NAG B . -12.13 12.64 11.50
HO4 NAG B . -12.27 15.97 10.67
HO6 NAG B . -11.20 18.12 11.14
N GLY A 1 12.26 14.79 -3.27
CA GLY A 1 13.27 15.03 -4.34
C GLY A 1 12.72 14.50 -5.66
N LEU A 2 12.42 13.20 -5.70
CA LEU A 2 11.88 12.60 -6.90
C LEU A 2 10.49 13.14 -7.19
N PRO A 3 10.27 13.71 -8.36
CA PRO A 3 8.94 14.26 -8.72
C PRO A 3 7.84 13.23 -8.49
N PHE A 4 6.76 13.66 -7.84
CA PHE A 4 5.65 12.75 -7.56
C PHE A 4 4.78 12.56 -8.78
N GLY A 5 5.03 13.34 -9.82
CA GLY A 5 4.23 13.23 -11.04
C GLY A 5 2.77 13.50 -10.72
N LEU A 6 2.17 12.61 -9.96
CA LEU A 6 0.77 12.77 -9.57
C LEU A 6 0.47 11.91 -8.34
N MET A 7 0.15 12.57 -7.22
CA MET A 7 -0.15 11.85 -5.99
C MET A 7 1.04 10.97 -5.63
N ARG A 8 1.11 10.62 -4.35
CA ARG A 8 2.19 9.77 -3.88
C ARG A 8 1.75 8.32 -3.97
N ARG A 9 2.68 7.43 -4.26
CA ARG A 9 2.35 6.03 -4.37
C ARG A 9 3.46 5.16 -3.82
N GLU A 10 3.07 4.14 -3.09
CA GLU A 10 4.02 3.20 -2.52
C GLU A 10 3.54 1.78 -2.73
N LEU A 11 4.47 0.90 -3.02
CA LEU A 11 4.14 -0.49 -3.23
C LEU A 11 5.18 -1.36 -2.54
N ALA A 12 4.73 -2.41 -1.87
CA ALA A 12 5.66 -3.29 -1.17
C ALA A 12 5.27 -4.75 -1.38
N CYS A 13 6.28 -5.60 -1.57
CA CYS A 13 6.04 -7.02 -1.81
C CYS A 13 5.44 -7.69 -0.57
N GLU A 14 4.43 -8.54 -0.80
CA GLU A 14 3.76 -9.24 0.29
C GLU A 14 4.75 -9.87 1.26
N GLY A 15 4.45 -9.73 2.55
CA GLY A 15 5.30 -10.32 3.57
C GLY A 15 6.32 -9.33 4.11
N TYR A 16 6.60 -8.25 3.38
CA TYR A 16 7.56 -7.28 3.85
C TYR A 16 6.86 -6.02 4.34
N PRO A 17 7.43 -5.31 5.28
CA PRO A 17 6.84 -4.06 5.83
C PRO A 17 6.94 -2.89 4.86
N ILE A 18 5.97 -1.98 4.94
CA ILE A 18 5.98 -0.80 4.07
C ILE A 18 6.06 0.45 4.93
N GLU A 19 6.70 1.47 4.40
CA GLU A 19 6.87 2.71 5.15
C GLU A 19 6.44 3.93 4.34
N LEU A 20 5.55 4.73 4.91
CA LEU A 20 5.09 5.96 4.25
C LEU A 20 5.55 7.18 5.04
N ARG A 21 5.80 8.27 4.33
CA ARG A 21 6.24 9.49 5.00
C ARG A 21 5.87 10.73 4.21
N CYS A 22 5.24 11.69 4.89
CA CYS A 22 4.86 12.94 4.25
C CYS A 22 5.93 14.00 4.51
N PRO A 23 6.14 14.89 3.59
CA PRO A 23 7.14 15.97 3.74
C PRO A 23 6.71 17.00 4.77
N GLY A 24 7.68 17.70 5.34
CA GLY A 24 7.39 18.75 6.32
C GLY A 24 6.45 18.28 7.43
N SER A 25 5.54 19.19 7.78
CA SER A 25 4.55 18.93 8.83
C SER A 25 3.25 18.46 8.23
N ASP A 26 3.31 17.93 7.01
CA ASP A 26 2.13 17.42 6.35
C ASP A 26 1.79 16.05 6.89
N VAL A 27 0.57 15.58 6.61
CA VAL A 27 0.16 14.27 7.07
C VAL A 27 -0.44 13.45 5.94
N ILE A 28 -0.24 12.14 6.01
CA ILE A 28 -0.71 11.23 4.98
C ILE A 28 -2.24 11.09 4.96
N MET A 29 -2.80 11.08 3.77
CA MET A 29 -4.24 10.89 3.60
C MET A 29 -4.46 9.83 2.54
N VAL A 30 -4.73 8.61 3.01
CA VAL A 30 -4.94 7.49 2.11
C VAL A 30 -6.16 7.71 1.26
N GLU A 31 -5.96 7.66 -0.06
CA GLU A 31 -7.05 7.87 -1.00
C GLU A 31 -7.52 6.54 -1.55
N ASN A 32 -6.58 5.76 -2.04
CA ASN A 32 -6.92 4.45 -2.59
C ASN A 32 -5.76 3.48 -2.42
N ALA A 33 -6.10 2.22 -2.20
CA ALA A 33 -5.08 1.19 -2.00
C ALA A 33 -5.70 -0.20 -2.12
N ASN A 34 -4.87 -1.18 -2.45
CA ASN A 34 -5.35 -2.54 -2.61
C ASN A 34 -4.27 -3.55 -2.26
N TYR A 35 -4.67 -4.67 -1.66
CA TYR A 35 -3.73 -5.73 -1.29
C TYR A 35 -4.08 -6.99 -2.08
N GLY A 36 -3.12 -7.48 -2.85
CA GLY A 36 -3.35 -8.67 -3.67
C GLY A 36 -2.34 -8.75 -4.79
N ARG A 37 -2.80 -9.16 -5.97
CA ARG A 37 -1.92 -9.27 -7.13
C ARG A 37 -2.69 -8.96 -8.41
N THR A 38 -2.28 -7.88 -9.08
CA THR A 38 -2.91 -7.47 -10.33
C THR A 38 -1.87 -7.35 -11.42
N ASP A 39 -0.65 -7.69 -11.05
CA ASP A 39 0.46 -7.63 -11.99
C ASP A 39 1.43 -8.76 -11.71
N ASP A 40 2.10 -9.23 -12.75
CA ASP A 40 3.09 -10.28 -12.61
C ASP A 40 4.48 -9.69 -12.83
N LYS A 41 4.50 -8.37 -13.00
CA LYS A 41 5.76 -7.67 -13.25
C LYS A 41 6.29 -7.02 -11.98
N ILE A 42 5.57 -7.16 -10.87
CA ILE A 42 6.00 -6.57 -9.61
C ILE A 42 6.37 -7.66 -8.60
N CYS A 43 7.48 -7.46 -7.89
CA CYS A 43 7.93 -8.44 -6.91
C CYS A 43 8.16 -9.78 -7.58
N ASP A 44 9.14 -9.80 -8.49
CA ASP A 44 9.46 -11.00 -9.25
C ASP A 44 9.74 -12.20 -8.34
N ALA A 45 8.69 -13.00 -8.12
CA ALA A 45 8.78 -14.19 -7.30
C ALA A 45 8.63 -15.42 -8.20
N ASP A 46 8.29 -16.56 -7.62
CA ASP A 46 8.12 -17.76 -8.42
C ASP A 46 7.01 -17.55 -9.46
N PRO A 47 7.22 -17.94 -10.69
CA PRO A 47 6.22 -17.74 -11.77
C PRO A 47 4.85 -18.31 -11.42
N PHE A 48 4.83 -19.42 -10.68
CA PHE A 48 3.58 -20.05 -10.29
C PHE A 48 2.74 -19.12 -9.43
N GLN A 49 3.41 -18.36 -8.58
CA GLN A 49 2.72 -17.42 -7.69
C GLN A 49 2.50 -16.09 -8.40
N MET A 50 3.15 -15.93 -9.55
CA MET A 50 3.01 -14.69 -10.32
C MET A 50 2.07 -14.87 -11.50
N GLU A 51 1.59 -16.08 -11.69
CA GLU A 51 0.70 -16.35 -12.83
C GLU A 51 -0.62 -15.59 -12.71
N ASN A 52 -1.24 -15.58 -11.53
CA ASN A 52 -2.53 -14.89 -11.37
C ASN A 52 -2.38 -13.39 -11.16
N VAL A 53 -2.94 -12.62 -12.09
CA VAL A 53 -2.90 -11.17 -12.03
C VAL A 53 -4.29 -10.59 -11.76
N GLN A 54 -5.12 -11.35 -11.04
CA GLN A 54 -6.46 -10.88 -10.69
C GLN A 54 -6.80 -11.27 -9.26
N CYS A 55 -6.32 -10.49 -8.30
CA CYS A 55 -6.57 -10.73 -6.89
C CYS A 55 -6.76 -9.39 -6.21
N TYR A 56 -7.92 -9.15 -5.63
CA TYR A 56 -8.17 -7.87 -4.98
C TYR A 56 -8.74 -8.03 -3.58
N LEU A 57 -8.54 -7.01 -2.75
CA LEU A 57 -9.04 -7.02 -1.36
C LEU A 57 -9.45 -5.61 -0.97
N PRO A 58 -10.68 -5.24 -1.22
CA PRO A 58 -11.19 -3.87 -0.90
C PRO A 58 -10.80 -3.41 0.51
N ASP A 59 -10.96 -4.29 1.50
CA ASP A 59 -10.65 -3.94 2.89
C ASP A 59 -9.21 -3.48 3.07
N ALA A 60 -8.36 -3.75 2.11
CA ALA A 60 -6.96 -3.33 2.20
C ALA A 60 -6.87 -1.81 2.38
N PHE A 61 -7.76 -1.10 1.70
CA PHE A 61 -7.78 0.36 1.75
C PHE A 61 -8.13 0.90 3.13
N LYS A 62 -9.14 0.32 3.74
CA LYS A 62 -9.57 0.79 5.05
C LYS A 62 -8.48 0.54 6.09
N ILE A 63 -7.80 -0.59 5.98
CA ILE A 63 -6.73 -0.92 6.91
C ILE A 63 -5.64 0.14 6.91
N MET A 64 -5.13 0.45 5.72
CA MET A 64 -4.08 1.45 5.61
C MET A 64 -4.62 2.83 5.97
N SER A 65 -5.88 3.05 5.65
CA SER A 65 -6.51 4.33 5.96
C SER A 65 -6.48 4.60 7.46
N GLN A 66 -6.92 3.62 8.25
CA GLN A 66 -6.94 3.77 9.70
C GLN A 66 -5.53 3.87 10.29
N ARG A 67 -4.63 3.07 9.73
CA ARG A 67 -3.25 3.03 10.23
C ARG A 67 -2.40 4.21 9.78
N CYS A 68 -2.64 4.76 8.59
CA CYS A 68 -1.79 5.85 8.11
C CYS A 68 -2.50 7.20 7.98
N ASN A 69 -3.82 7.24 7.99
CA ASN A 69 -4.52 8.51 7.85
C ASN A 69 -4.18 9.49 8.97
N ASN A 70 -3.90 10.74 8.58
CA ASN A 70 -3.56 11.82 9.52
C ASN A 70 -2.20 11.64 10.19
N ARG A 71 -1.36 10.75 9.65
CA ARG A 71 -0.02 10.55 10.22
C ARG A 71 1.06 11.05 9.28
N THR A 72 2.12 11.61 9.85
CA THR A 72 3.23 12.12 9.04
C THR A 72 3.95 10.94 8.41
N GLN A 73 3.87 9.81 9.09
CA GLN A 73 4.48 8.58 8.61
C GLN A 73 3.64 7.39 9.05
N CYS A 74 3.80 6.29 8.33
CA CYS A 74 3.03 5.09 8.64
C CYS A 74 3.78 3.83 8.22
N VAL A 75 3.70 2.82 9.07
CA VAL A 75 4.35 1.55 8.79
C VAL A 75 3.36 0.40 8.97
N VAL A 76 3.23 -0.43 7.95
CA VAL A 76 2.31 -1.55 8.03
C VAL A 76 2.88 -2.77 7.32
N VAL A 77 2.65 -3.94 7.90
CA VAL A 77 3.14 -5.17 7.29
C VAL A 77 2.25 -5.56 6.12
N ALA A 78 2.82 -5.54 4.93
CA ALA A 78 2.07 -5.88 3.72
C ALA A 78 1.75 -7.36 3.68
N GLY A 79 1.48 -7.96 4.85
CA GLY A 79 1.15 -9.37 4.89
C GLY A 79 0.83 -9.82 6.31
N SER A 80 1.51 -10.87 6.75
CA SER A 80 1.26 -11.41 8.09
C SER A 80 -0.20 -11.23 8.50
N ASP A 81 -0.43 -11.29 9.81
CA ASP A 81 -1.79 -11.15 10.34
C ASP A 81 -2.33 -9.74 10.11
N ALA A 82 -1.54 -8.90 9.45
CA ALA A 82 -1.96 -7.53 9.19
C ALA A 82 -2.85 -7.47 7.95
N PHE A 83 -2.86 -8.55 7.17
CA PHE A 83 -3.68 -8.60 5.96
C PHE A 83 -4.24 -10.01 5.74
N PRO A 84 -5.51 -10.14 5.45
CA PRO A 84 -6.12 -11.47 5.19
C PRO A 84 -5.39 -12.19 4.06
N ASP A 85 -6.15 -12.95 3.27
CA ASP A 85 -5.60 -13.71 2.15
C ASP A 85 -6.60 -13.75 1.00
N PRO A 86 -6.54 -12.79 0.10
CA PRO A 86 -7.47 -12.67 -1.06
C PRO A 86 -7.11 -13.58 -2.25
N CYS A 87 -5.99 -14.28 -2.14
CA CYS A 87 -5.56 -15.17 -3.22
C CYS A 87 -4.43 -16.07 -2.76
N PRO A 88 -4.73 -16.94 -1.84
CA PRO A 88 -3.74 -17.89 -1.28
C PRO A 88 -3.03 -18.68 -2.38
N GLY A 89 -1.77 -19.02 -2.13
CA GLY A 89 -1.01 -19.78 -3.11
C GLY A 89 -0.39 -18.85 -4.16
N THR A 90 -0.74 -17.58 -4.11
CA THR A 90 -0.21 -16.60 -5.05
C THR A 90 0.56 -15.53 -4.27
N TYR A 91 1.61 -14.98 -4.87
CA TYR A 91 2.38 -13.95 -4.19
C TYR A 91 1.74 -12.60 -4.42
N LYS A 92 1.36 -11.95 -3.34
CA LYS A 92 0.64 -10.69 -3.43
C LYS A 92 1.54 -9.45 -3.28
N TYR A 93 0.87 -8.38 -2.90
CA TYR A 93 1.52 -7.11 -2.64
C TYR A 93 0.55 -6.09 -2.10
N LEU A 94 1.07 -4.92 -1.78
CA LEU A 94 0.25 -3.86 -1.24
C LEU A 94 0.55 -2.56 -1.97
N GLU A 95 -0.48 -1.97 -2.56
CA GLU A 95 -0.32 -0.71 -3.27
C GLU A 95 -1.15 0.35 -2.59
N VAL A 96 -0.52 1.48 -2.28
CA VAL A 96 -1.23 2.55 -1.58
C VAL A 96 -0.90 3.92 -2.16
N GLN A 97 -1.95 4.66 -2.51
CA GLN A 97 -1.79 6.01 -3.05
C GLN A 97 -2.38 7.03 -2.08
N TYR A 98 -1.62 8.09 -1.79
CA TYR A 98 -2.09 9.10 -0.85
C TYR A 98 -1.45 10.46 -1.09
N ASP A 99 -1.98 11.48 -0.39
CA ASP A 99 -1.47 12.85 -0.52
C ASP A 99 -0.99 13.37 0.83
N CYS A 100 -0.16 14.41 0.77
CA CYS A 100 0.37 15.03 1.99
C CYS A 100 -0.19 16.44 2.17
N VAL A 101 -0.92 16.64 3.26
CA VAL A 101 -1.52 17.93 3.56
C VAL A 101 -1.09 18.40 4.96
N PRO A 102 -1.16 19.68 5.25
CA PRO A 102 -0.77 20.20 6.59
C PRO A 102 -1.50 19.51 7.74
N TYR A 103 -0.81 19.32 8.87
CA TYR A 103 -1.41 18.65 10.02
C TYR A 103 -2.38 19.59 10.77
N LYS A 104 -2.56 19.33 12.07
CA LYS A 104 -3.45 20.15 12.88
C LYS A 104 -2.67 21.20 13.66
N VAL A 105 -3.38 22.23 14.10
CA VAL A 105 -2.76 23.30 14.85
C VAL A 105 -2.85 23.04 16.36
N GLU A 106 -1.70 23.11 17.03
CA GLU A 106 -1.64 22.89 18.47
C GLU A 106 -2.13 21.48 18.82
C1 NAG B . -8.19 13.42 10.20
C2 NAG B . -9.33 12.48 10.42
C3 NAG B . -10.60 13.08 9.86
C4 NAG B . -10.85 14.40 10.51
C5 NAG B . -9.65 15.31 10.32
C6 NAG B . -9.82 16.64 11.06
C7 NAG B . -9.58 10.07 10.27
C8 NAG B . -9.25 8.78 9.57
N2 NAG B . -9.05 11.18 9.78
O3 NAG B . -11.71 12.19 10.10
O4 NAG B . -12.02 15.02 9.94
O5 NAG B . -8.45 14.66 10.82
O6 NAG B . -10.98 17.35 10.62
O7 NAG B . -10.33 10.05 11.25
H1 NAG B . -8.07 13.58 9.14
H2 NAG B . -9.46 12.33 11.49
H3 NAG B . -10.47 13.22 8.80
H4 NAG B . -11.01 14.25 11.57
H5 NAG B . -9.52 15.51 9.27
H61 NAG B . -8.93 17.24 10.90
H62 NAG B . -9.89 16.44 12.12
H81 NAG B . -8.24 8.48 9.79
H82 NAG B . -9.34 8.90 8.50
H83 NAG B . -9.92 8.00 9.88
HN2 NAG B . -8.47 11.14 9.00
HO3 NAG B . -12.27 12.56 10.78
HO4 NAG B . -12.81 14.55 10.24
HO6 NAG B . -10.72 18.14 10.14
#